data_1QZV
#
_entry.id   1QZV
#
_cell.length_a   182.283
_cell.length_b   190.376
_cell.length_c   220.253
_cell.angle_alpha   90.00
_cell.angle_beta   90.48
_cell.angle_gamma   90.00
#
_symmetry.space_group_name_H-M   'P 1 21 1'
#
loop_
_entity.id
_entity.type
_entity.pdbx_description
1 polymer 'PLANT PHOTOSYSTEM I: SUBUNIT PSAA'
2 polymer 'PLANT PHOTOSYSTEM I: SUBUNIT PSAB'
3 polymer 'PLANT PHOTOSYSTEM I: SUBUNIT PSAC'
4 polymer 'PLANT PHOTOSYSTEM I: SUBUNIT PSAD'
5 polymer 'PLANT PHOTOSYSTEM I: SUBUNIT PSAE'
6 polymer 'PLANT PHOTOSYSTEM I: SUBUNIT PSAF'
7 polymer 'PLANT PHOTOSYSTEM I: SUBUNIT PSAG'
8 polymer 'PLANT PHOTOSYSTEM I: SUBUNIT PSAH'
9 polymer 'PLANT PHOTOSYSTEM I: SUBUNIT PSAI'
10 polymer 'PLANT PHOTOSYSTEM I: SUBUNIT PSAJ'
11 polymer 'PLANT PHOTOSYSTEM I: SUBUNIT PSAK'
12 polymer 'PLANT PHOTOSYSTEM I: SUBUNIT PSAL'
13 polymer 'PLANT LIGHT HARVESTING COMPLEX I(LHCI): SUBUNIT LHCA1'
14 polymer 'PLANT LIGHT HARVESTING COMPLEX I(LHCI): SUBUNIT LHCA2'
15 polymer 'PLANT LIGHT HARVESTING COMPLEX I(LHCI): SUBUNIT LHCA3'
16 polymer 'PLANT LIGHT HARVESTING COMPLEX I(LHCI): SUBUNIT LHCA4'
17 non-polymer 'CHLOROPHYLL A'
18 non-polymer PHYLLOQUINONE
19 non-polymer 'IRON/SULFUR CLUSTER'
#
loop_
_entity_poly.entity_id
_entity_poly.type
_entity_poly.pdbx_seq_one_letter_code
_entity_poly.pdbx_strand_id
1 'polypeptide(L)'
;(UNK)(UNK)(UNK)(UNK)(UNK)(UNK)(UNK)(UNK)(UNK)(UNK)(UNK)(UNK)(UNK)(UNK)(UNK)(UNK)
(UNK)(UNK)(UNK)(UNK)(UNK)(UNK)(UNK)(UNK)(UNK)(UNK)(UNK)(UNK)(UNK)(UNK)(UNK)(UNK)
(UNK)(UNK)(UNK)(UNK)(UNK)(UNK)(UNK)(UNK)(UNK)(UNK)(UNK)(UNK)(UNK)(UNK)(UNK)(UNK)
(UNK)(UNK)(UNK)(UNK)(UNK)(UNK)(UNK)(UNK)(UNK)(UNK)(UNK)(UNK)(UNK)(UNK)(UNK)(UNK)
(UNK)(UNK)(UNK)(UNK)(UNK)(UNK)(UNK)(UNK)(UNK)(UNK)(UNK)(UNK)(UNK)(UNK)(UNK)(UNK)
(UNK)(UNK)(UNK)(UNK)(UNK)(UNK)(UNK)(UNK)(UNK)(UNK)(UNK)(UNK)(UNK)(UNK)(UNK)(UNK)
(UNK)(UNK)(UNK)(UNK)(UNK)(UNK)(UNK)(UNK)(UNK)(UNK)(UNK)(UNK)(UNK)(UNK)(UNK)(UNK)
(UNK)(UNK)(UNK)(UNK)(UNK)(UNK)(UNK)(UNK)(UNK)(UNK)(UNK)(UNK)(UNK)(UNK)(UNK)(UNK)
(UNK)(UNK)(UNK)(UNK)(UNK)(UNK)(UNK)(UNK)(UNK)(UNK)(UNK)(UNK)(UNK)(UNK)(UNK)(UNK)
(UNK)(UNK)(UNK)(UNK)(UNK)(UNK)(UNK)(UNK)(UNK)(UNK)(UNK)(UNK)(UNK)(UNK)(UNK)(UNK)
(UNK)(UNK)(UNK)(UNK)(UNK)(UNK)(UNK)(UNK)(UNK)(UNK)(UNK)(UNK)(UNK)(UNK)(UNK)(UNK)
(UNK)(UNK)(UNK)(UNK)(UNK)(UNK)(UNK)(UNK)(UNK)(UNK)(UNK)(UNK)(UNK)(UNK)(UNK)(UNK)
(UNK)(UNK)(UNK)(UNK)(UNK)(UNK)(UNK)(UNK)(UNK)(UNK)(UNK)(UNK)(UNK)(UNK)(UNK)(UNK)
(UNK)(UNK)(UNK)(UNK)(UNK)(UNK)(UNK)(UNK)(UNK)(UNK)(UNK)(UNK)(UNK)(UNK)(UNK)(UNK)
(UNK)(UNK)(UNK)(UNK)(UNK)(UNK)(UNK)(UNK)(UNK)(UNK)(UNK)(UNK)(UNK)(UNK)(UNK)(UNK)
(UNK)(UNK)(UNK)(UNK)(UNK)(UNK)(UNK)(UNK)(UNK)(UNK)(UNK)(UNK)(UNK)(UNK)(UNK)(UNK)
(UNK)(UNK)(UNK)(UNK)(UNK)(UNK)(UNK)(UNK)(UNK)(UNK)(UNK)(UNK)(UNK)(UNK)(UNK)(UNK)
(UNK)(UNK)(UNK)(UNK)(UNK)(UNK)(UNK)(UNK)(UNK)(UNK)(UNK)(UNK)(UNK)(UNK)(UNK)(UNK)
(UNK)(UNK)(UNK)(UNK)(UNK)(UNK)(UNK)(UNK)(UNK)(UNK)(UNK)(UNK)(UNK)(UNK)(UNK)(UNK)
(UNK)(UNK)(UNK)(UNK)(UNK)(UNK)(UNK)(UNK)(UNK)(UNK)(UNK)(UNK)(UNK)(UNK)(UNK)(UNK)
(UNK)(UNK)(UNK)(UNK)(UNK)(UNK)(UNK)(UNK)(UNK)(UNK)(UNK)(UNK)(UNK)(UNK)(UNK)(UNK)
(UNK)(UNK)(UNK)(UNK)(UNK)(UNK)(UNK)(UNK)(UNK)(UNK)(UNK)(UNK)(UNK)(UNK)(UNK)(UNK)
(UNK)(UNK)(UNK)(UNK)(UNK)(UNK)(UNK)(UNK)(UNK)(UNK)(UNK)(UNK)(UNK)(UNK)(UNK)(UNK)
(UNK)(UNK)(UNK)(UNK)(UNK)(UNK)(UNK)(UNK)(UNK)(UNK)(UNK)(UNK)(UNK)(UNK)(UNK)(UNK)
(UNK)(UNK)(UNK)(UNK)(UNK)(UNK)(UNK)(UNK)(UNK)(UNK)(UNK)(UNK)(UNK)(UNK)(UNK)(UNK)
(UNK)(UNK)(UNK)(UNK)(UNK)(UNK)(UNK)(UNK)(UNK)(UNK)(UNK)(UNK)(UNK)(UNK)(UNK)(UNK)
(UNK)(UNK)(UNK)(UNK)(UNK)(UNK)(UNK)(UNK)(UNK)(UNK)(UNK)(UNK)(UNK)(UNK)(UNK)(UNK)
(UNK)(UNK)(UNK)(UNK)(UNK)(UNK)(UNK)(UNK)(UNK)(UNK)(UNK)(UNK)(UNK)(UNK)(UNK)(UNK)
(UNK)(UNK)(UNK)(UNK)(UNK)(UNK)(UNK)(UNK)(UNK)(UNK)(UNK)(UNK)(UNK)(UNK)(UNK)(UNK)
(UNK)(UNK)(UNK)(UNK)(UNK)(UNK)(UNK)(UNK)(UNK)(UNK)(UNK)(UNK)(UNK)(UNK)(UNK)(UNK)
(UNK)(UNK)(UNK)(UNK)(UNK)(UNK)(UNK)(UNK)(UNK)(UNK)(UNK)(UNK)(UNK)(UNK)(UNK)(UNK)
(UNK)(UNK)(UNK)(UNK)(UNK)(UNK)(UNK)(UNK)(UNK)(UNK)(UNK)(UNK)(UNK)(UNK)(UNK)(UNK)
(UNK)(UNK)(UNK)(UNK)(UNK)(UNK)(UNK)(UNK)(UNK)(UNK)(UNK)(UNK)(UNK)(UNK)(UNK)(UNK)
(UNK)(UNK)(UNK)(UNK)(UNK)(UNK)(UNK)(UNK)(UNK)(UNK)(UNK)(UNK)(UNK)(UNK)(UNK)(UNK)
(UNK)(UNK)(UNK)(UNK)(UNK)(UNK)(UNK)(UNK)(UNK)(UNK)(UNK)(UNK)(UNK)(UNK)(UNK)(UNK)
(UNK)(UNK)(UNK)(UNK)(UNK)(UNK)(UNK)(UNK)(UNK)(UNK)(UNK)(UNK)(UNK)(UNK)(UNK)(UNK)
(UNK)(UNK)(UNK)(UNK)(UNK)(UNK)(UNK)(UNK)(UNK)(UNK)(UNK)(UNK)(UNK)(UNK)(UNK)(UNK)
(UNK)(UNK)(UNK)(UNK)(UNK)(UNK)(UNK)(UNK)(UNK)(UNK)(UNK)(UNK)(UNK)(UNK)(UNK)(UNK)
(UNK)(UNK)(UNK)(UNK)(UNK)(UNK)(UNK)(UNK)(UNK)(UNK)(UNK)(UNK)(UNK)(UNK)(UNK)(UNK)
(UNK)(UNK)(UNK)(UNK)(UNK)(UNK)(UNK)(UNK)(UNK)(UNK)(UNK)(UNK)(UNK)(UNK)(UNK)(UNK)
(UNK)(UNK)(UNK)(UNK)(UNK)(UNK)(UNK)(UNK)(UNK)(UNK)(UNK)(UNK)(UNK)(UNK)(UNK)(UNK)
(UNK)(UNK)(UNK)(UNK)(UNK)(UNK)(UNK)(UNK)(UNK)(UNK)(UNK)(UNK)(UNK)(UNK)(UNK)(UNK)
(UNK)(UNK)(UNK)(UNK)(UNK)(UNK)(UNK)(UNK)(UNK)(UNK)(UNK)(UNK)(UNK)(UNK)(UNK)(UNK)
(UNK)(UNK)(UNK)(UNK)(UNK)(UNK)(UNK)(UNK)(UNK)(UNK)(UNK)(UNK)(UNK)(UNK)(UNK)(UNK)
(UNK)(UNK)(UNK)(UNK)(UNK)(UNK)(UNK)(UNK)(UNK)(UNK)(UNK)(UNK)(UNK)(UNK)(UNK)(UNK)
(UNK)(UNK)(UNK)(UNK)(UNK)(UNK)
;
A,P
2 'polypeptide(L)'
;(UNK)(UNK)(UNK)(UNK)(UNK)(UNK)(UNK)(UNK)(UNK)(UNK)(UNK)(UNK)(UNK)(UNK)(UNK)(UNK)
(UNK)(UNK)(UNK)(UNK)(UNK)(UNK)(UNK)(UNK)(UNK)(UNK)(UNK)(UNK)(UNK)(UNK)(UNK)(UNK)
(UNK)(UNK)(UNK)(UNK)(UNK)(UNK)(UNK)(UNK)(UNK)(UNK)(UNK)(UNK)(UNK)(UNK)(UNK)(UNK)
(UNK)(UNK)(UNK)(UNK)(UNK)(UNK)(UNK)(UNK)(UNK)(UNK)(UNK)(UNK)(UNK)(UNK)(UNK)(UNK)
(UNK)(UNK)(UNK)(UNK)(UNK)(UNK)(UNK)(UNK)(UNK)(UNK)(UNK)(UNK)(UNK)(UNK)(UNK)(UNK)
(UNK)(UNK)(UNK)(UNK)(UNK)(UNK)(UNK)(UNK)(UNK)(UNK)(UNK)(UNK)(UNK)(UNK)(UNK)(UNK)
(UNK)(UNK)(UNK)(UNK)(UNK)(UNK)(UNK)(UNK)(UNK)(UNK)(UNK)(UNK)(UNK)(UNK)(UNK)(UNK)
(UNK)(UNK)(UNK)(UNK)(UNK)(UNK)(UNK)(UNK)(UNK)(UNK)(UNK)(UNK)(UNK)(UNK)(UNK)(UNK)
(UNK)(UNK)(UNK)(UNK)(UNK)(UNK)(UNK)(UNK)(UNK)(UNK)(UNK)(UNK)(UNK)(UNK)(UNK)(UNK)
(UNK)(UNK)(UNK)(UNK)(UNK)(UNK)(UNK)(UNK)(UNK)(UNK)(UNK)(UNK)(UNK)(UNK)(UNK)(UNK)
(UNK)(UNK)(UNK)(UNK)(UNK)(UNK)(UNK)(UNK)(UNK)(UNK)(UNK)(UNK)(UNK)(UNK)(UNK)(UNK)
(UNK)(UNK)(UNK)(UNK)(UNK)(UNK)(UNK)(UNK)(UNK)(UNK)(UNK)(UNK)(UNK)(UNK)(UNK)(UNK)
(UNK)(UNK)(UNK)(UNK)(UNK)(UNK)(UNK)(UNK)(UNK)(UNK)(UNK)(UNK)(UNK)(UNK)(UNK)(UNK)
(UNK)(UNK)(UNK)(UNK)(UNK)(UNK)(UNK)(UNK)(UNK)(UNK)(UNK)(UNK)(UNK)(UNK)(UNK)(UNK)
(UNK)(UNK)(UNK)(UNK)(UNK)(UNK)(UNK)(UNK)(UNK)(UNK)(UNK)(UNK)(UNK)(UNK)(UNK)(UNK)
(UNK)(UNK)(UNK)(UNK)(UNK)(UNK)(UNK)(UNK)(UNK)(UNK)(UNK)(UNK)(UNK)(UNK)(UNK)(UNK)
(UNK)(UNK)(UNK)(UNK)(UNK)(UNK)(UNK)(UNK)(UNK)(UNK)(UNK)(UNK)(UNK)(UNK)(UNK)(UNK)
(UNK)(UNK)(UNK)(UNK)(UNK)(UNK)(UNK)(UNK)(UNK)(UNK)(UNK)(UNK)(UNK)(UNK)(UNK)(UNK)
(UNK)(UNK)(UNK)(UNK)(UNK)(UNK)(UNK)(UNK)(UNK)(UNK)(UNK)(UNK)(UNK)(UNK)(UNK)(UNK)
(UNK)(UNK)(UNK)(UNK)(UNK)(UNK)(UNK)(UNK)(UNK)(UNK)(UNK)(UNK)(UNK)(UNK)(UNK)(UNK)
(UNK)(UNK)(UNK)(UNK)(UNK)(UNK)(UNK)(UNK)(UNK)(UNK)(UNK)(UNK)(UNK)(UNK)(UNK)(UNK)
(UNK)(UNK)(UNK)(UNK)(UNK)(UNK)(UNK)(UNK)(UNK)(UNK)(UNK)(UNK)(UNK)(UNK)(UNK)(UNK)
(UNK)(UNK)(UNK)(UNK)(UNK)(UNK)(UNK)(UNK)(UNK)(UNK)(UNK)(UNK)(UNK)(UNK)(UNK)(UNK)
(UNK)(UNK)(UNK)(UNK)(UNK)(UNK)(UNK)(UNK)(UNK)(UNK)(UNK)(UNK)(UNK)(UNK)(UNK)(UNK)
(UNK)(UNK)(UNK)(UNK)(UNK)(UNK)(UNK)(UNK)(UNK)(UNK)(UNK)(UNK)(UNK)(UNK)(UNK)(UNK)
(UNK)(UNK)(UNK)(UNK)(UNK)(UNK)(UNK)(UNK)(UNK)(UNK)(UNK)(UNK)(UNK)(UNK)(UNK)(UNK)
(UNK)(UNK)(UNK)(UNK)(UNK)(UNK)(UNK)(UNK)(UNK)(UNK)(UNK)(UNK)(UNK)(UNK)(UNK)(UNK)
(UNK)(UNK)(UNK)(UNK)(UNK)(UNK)(UNK)(UNK)(UNK)(UNK)(UNK)(UNK)(UNK)(UNK)(UNK)(UNK)
(UNK)(UNK)(UNK)(UNK)(UNK)(UNK)(UNK)(UNK)(UNK)(UNK)(UNK)(UNK)(UNK)(UNK)(UNK)(UNK)
(UNK)(UNK)(UNK)(UNK)(UNK)(UNK)(UNK)(UNK)(UNK)(UNK)(UNK)(UNK)(UNK)(UNK)(UNK)(UNK)
(UNK)(UNK)(UNK)(UNK)(UNK)(UNK)(UNK)(UNK)(UNK)(UNK)(UNK)(UNK)(UNK)(UNK)(UNK)(UNK)
(UNK)(UNK)(UNK)(UNK)(UNK)(UNK)(UNK)(UNK)(UNK)(UNK)(UNK)(UNK)(UNK)(UNK)(UNK)(UNK)
(UNK)(UNK)(UNK)(UNK)(UNK)(UNK)(UNK)(UNK)(UNK)(UNK)(UNK)(UNK)(UNK)(UNK)(UNK)(UNK)
(UNK)(UNK)(UNK)(UNK)(UNK)(UNK)(UNK)(UNK)(UNK)(UNK)(UNK)(UNK)(UNK)(UNK)(UNK)(UNK)
(UNK)(UNK)(UNK)(UNK)(UNK)(UNK)(UNK)(UNK)(UNK)(UNK)(UNK)(UNK)(UNK)(UNK)(UNK)(UNK)
(UNK)(UNK)(UNK)(UNK)(UNK)(UNK)(UNK)(UNK)(UNK)(UNK)(UNK)(UNK)(UNK)(UNK)(UNK)(UNK)
(UNK)(UNK)(UNK)(UNK)(UNK)(UNK)(UNK)(UNK)(UNK)(UNK)(UNK)(UNK)(UNK)(UNK)(UNK)(UNK)
(UNK)(UNK)(UNK)(UNK)(UNK)(UNK)(UNK)(UNK)(UNK)(UNK)(UNK)(UNK)(UNK)(UNK)(UNK)(UNK)
(UNK)(UNK)(UNK)(UNK)(UNK)(UNK)(UNK)(UNK)(UNK)(UNK)(UNK)(UNK)(UNK)(UNK)(UNK)(UNK)
(UNK)(UNK)(UNK)(UNK)(UNK)(UNK)(UNK)(UNK)(UNK)(UNK)(UNK)(UNK)(UNK)(UNK)(UNK)(UNK)
(UNK)(UNK)(UNK)(UNK)(UNK)(UNK)(UNK)(UNK)(UNK)(UNK)(UNK)(UNK)(UNK)(UNK)(UNK)(UNK)
(UNK)(UNK)(UNK)(UNK)(UNK)(UNK)(UNK)(UNK)(UNK)(UNK)(UNK)(UNK)(UNK)(UNK)(UNK)(UNK)
(UNK)(UNK)(UNK)(UNK)(UNK)(UNK)(UNK)(UNK)(UNK)(UNK)(UNK)(UNK)(UNK)(UNK)(UNK)(UNK)
(UNK)(UNK)(UNK)(UNK)(UNK)(UNK)(UNK)(UNK)(UNK)(UNK)(UNK)(UNK)(UNK)(UNK)(UNK)(UNK)
(UNK)(UNK)(UNK)(UNK)(UNK)(UNK)(UNK)(UNK)(UNK)(UNK)(UNK)(UNK)(UNK)(UNK)(UNK)(UNK)
(UNK)(UNK)(UNK)(UNK)(UNK)(UNK)(UNK)(UNK)(UNK)(UNK)(UNK)(UNK)
;
B,Q
3 'polypeptide(L)'
;(UNK)(UNK)(UNK)(UNK)(UNK)(UNK)(UNK)(UNK)(UNK)(UNK)(UNK)(UNK)(UNK)(UNK)(UNK)(UNK)
(UNK)(UNK)(UNK)(UNK)(UNK)(UNK)(UNK)(UNK)(UNK)(UNK)(UNK)(UNK)(UNK)(UNK)(UNK)(UNK)
(UNK)(UNK)(UNK)(UNK)(UNK)(UNK)(UNK)(UNK)(UNK)(UNK)(UNK)(UNK)(UNK)(UNK)(UNK)(UNK)
(UNK)(UNK)(UNK)(UNK)(UNK)(UNK)(UNK)(UNK)(UNK)(UNK)(UNK)(UNK)(UNK)(UNK)(UNK)(UNK)
(UNK)(UNK)(UNK)(UNK)(UNK)(UNK)(UNK)(UNK)(UNK)(UNK)(UNK)(UNK)(UNK)(UNK)(UNK)(UNK)
;
C,R
4 'polypeptide(L)'
;(UNK)(UNK)(UNK)(UNK)(UNK)(UNK)(UNK)(UNK)(UNK)(UNK)(UNK)(UNK)(UNK)(UNK)(UNK)(UNK)
(UNK)(UNK)(UNK)(UNK)(UNK)(UNK)(UNK)(UNK)(UNK)(UNK)(UNK)(UNK)(UNK)(UNK)(UNK)(UNK)
(UNK)(UNK)(UNK)(UNK)(UNK)(UNK)(UNK)(UNK)(UNK)(UNK)(UNK)(UNK)(UNK)(UNK)(UNK)(UNK)
(UNK)(UNK)(UNK)(UNK)(UNK)(UNK)(UNK)(UNK)(UNK)(UNK)(UNK)(UNK)(UNK)(UNK)(UNK)(UNK)
(UNK)(UNK)(UNK)(UNK)(UNK)(UNK)(UNK)(UNK)(UNK)(UNK)(UNK)(UNK)(UNK)(UNK)(UNK)(UNK)
(UNK)(UNK)(UNK)(UNK)(UNK)(UNK)(UNK)(UNK)(UNK)(UNK)(UNK)(UNK)(UNK)(UNK)(UNK)(UNK)
(UNK)(UNK)(UNK)(UNK)(UNK)(UNK)(UNK)(UNK)(UNK)(UNK)(UNK)(UNK)(UNK)(UNK)(UNK)(UNK)
(UNK)(UNK)(UNK)(UNK)(UNK)(UNK)(UNK)(UNK)(UNK)(UNK)(UNK)(UNK)(UNK)(UNK)(UNK)(UNK)
(UNK)(UNK)(UNK)(UNK)(UNK)(UNK)(UNK)(UNK)(UNK)(UNK)(UNK)(UNK)(UNK)(UNK)(UNK)(UNK)
(UNK)(UNK)(UNK)(UNK)(UNK)(UNK)(UNK)(UNK)(UNK)(UNK)
;
D,S
5 'polypeptide(L)'
;(UNK)(UNK)(UNK)(UNK)(UNK)(UNK)(UNK)(UNK)(UNK)(UNK)(UNK)(UNK)(UNK)(UNK)(UNK)(UNK)
(UNK)(UNK)(UNK)(UNK)(UNK)(UNK)(UNK)(UNK)(UNK)(UNK)(UNK)(UNK)(UNK)(UNK)(UNK)(UNK)
(UNK)(UNK)(UNK)(UNK)(UNK)(UNK)(UNK)(UNK)(UNK)(UNK)(UNK)(UNK)(UNK)(UNK)(UNK)(UNK)
(UNK)(UNK)(UNK)(UNK)(UNK)(UNK)(UNK)(UNK)(UNK)(UNK)(UNK)(UNK)(UNK)(UNK)(UNK)(UNK)
;
E,T
6 'polypeptide(L)'
;(UNK)(UNK)(UNK)(UNK)(UNK)(UNK)(UNK)(UNK)(UNK)(UNK)(UNK)(UNK)(UNK)(UNK)(UNK)(UNK)
(UNK)EKQALKKLQASLKLYADDSAPALAIKATME(UNK)(UNK)(UNK)(UNK)(UNK)(UNK)(UNK)(UNK)(UNK)
(UNK)(UNK)(UNK)(UNK)(UNK)(UNK)(UNK)(UNK)(UNK)(UNK)(UNK)(UNK)(UNK)(UNK)(UNK)(UNK)
(UNK)(UNK)(UNK)(UNK)(UNK)(UNK)(UNK)(UNK)(UNK)(UNK)(UNK)(UNK)(UNK)(UNK)(UNK)(UNK)
(UNK)(UNK)(UNK)(UNK)(UNK)(UNK)(UNK)(UNK)(UNK)(UNK)(UNK)(UNK)(UNK)(UNK)(UNK)(UNK)
(UNK)(UNK)(UNK)(UNK)(UNK)(UNK)(UNK)(UNK)(UNK)(UNK)(UNK)(UNK)(UNK)(UNK)(UNK)(UNK)
(UNK)(UNK)(UNK)(UNK)(UNK)(UNK)(UNK)(UNK)(UNK)(UNK)(UNK)(UNK)(UNK)(UNK)(UNK)(UNK)
(UNK)(UNK)(UNK)(UNK)(UNK)(UNK)(UNK)(UNK)(UNK)(UNK)(UNK)(UNK)(UNK)(UNK)(UNK)(UNK)
(UNK)(UNK)
;
F,U
7 'polypeptide(L)'
;(UNK)(UNK)(UNK)(UNK)(UNK)(UNK)(UNK)(UNK)(UNK)(UNK)(UNK)(UNK)(UNK)(UNK)(UNK)(UNK)
(UNK)(UNK)(UNK)(UNK)(UNK)(UNK)(UNK)(UNK)(UNK)(UNK)(UNK)(UNK)(UNK)(UNK)(UNK)(UNK)
(UNK)(UNK)(UNK)(UNK)(UNK)(UNK)(UNK)(UNK)(UNK)(UNK)(UNK)(UNK)(UNK)(UNK)(UNK)(UNK)
(UNK)(UNK)(UNK)(UNK)(UNK)(UNK)(UNK)(UNK)(UNK)(UNK)(UNK)(UNK)(UNK)(UNK)(UNK)(UNK)
(UNK)(UNK)(UNK)(UNK)(UNK)(UNK)(UNK)(UNK)(UNK)(UNK)
;
G,V
8 'polypeptide(L)'
;(UNK)(UNK)(UNK)(UNK)(UNK)(UNK)(UNK)(UNK)(UNK)(UNK)(UNK)(UNK)(UNK)(UNK)(UNK)(UNK)
(UNK)(UNK)(UNK)(UNK)(UNK)(UNK)(UNK)(UNK)(UNK)(UNK)(UNK)(UNK)(UNK)(UNK)(UNK)(UNK)
(UNK)(UNK)(UNK)(UNK)(UNK)(UNK)(UNK)(UNK)(UNK)(UNK)(UNK)(UNK)(UNK)(UNK)(UNK)(UNK)
(UNK)(UNK)(UNK)(UNK)
;
H,W
9 'polypeptide(L)'
;(UNK)(UNK)(UNK)(UNK)(UNK)(UNK)(UNK)(UNK)(UNK)(UNK)(UNK)(UNK)(UNK)(UNK)(UNK)(UNK)
(UNK)(UNK)(UNK)(UNK)(UNK)(UNK)(UNK)(UNK)(UNK)(UNK)(UNK)(UNK)(UNK)(UNK)
;
I,Y
10 'polypeptide(L)'
;(UNK)(UNK)(UNK)(UNK)(UNK)(UNK)(UNK)(UNK)(UNK)(UNK)(UNK)(UNK)(UNK)(UNK)(UNK)(UNK)
(UNK)(UNK)(UNK)(UNK)(UNK)(UNK)(UNK)(UNK)(UNK)(UNK)(UNK)(UNK)(UNK)(UNK)(UNK)(UNK)
(UNK)(UNK)(UNK)(UNK)(UNK)(UNK)(UNK)(UNK)(UNK)
;
J,Z
11 'polypeptide(L)'
;(UNK)(UNK)(UNK)(UNK)(UNK)(UNK)(UNK)(UNK)(UNK)(UNK)(UNK)(UNK)(UNK)(UNK)(UNK)(UNK)
(UNK)(UNK)(UNK)(UNK)(UNK)(UNK)(UNK)(UNK)(UNK)(UNK)(UNK)(UNK)(UNK)(UNK)(UNK)(UNK)
(UNK)(UNK)(UNK)(UNK)(UNK)(UNK)(UNK)(UNK)(UNK)(UNK)
;
K,5
12 'polypeptide(L)'
;(UNK)(UNK)(UNK)(UNK)(UNK)(UNK)(UNK)(UNK)(UNK)(UNK)(UNK)(UNK)(UNK)(UNK)(UNK)(UNK)
(UNK)(UNK)(UNK)(UNK)(UNK)(UNK)(UNK)(UNK)(UNK)(UNK)(UNK)(UNK)(UNK)(UNK)(UNK)(UNK)
(UNK)(UNK)(UNK)(UNK)(UNK)(UNK)(UNK)(UNK)(UNK)(UNK)(UNK)(UNK)(UNK)(UNK)(UNK)(UNK)
(UNK)(UNK)(UNK)(UNK)(UNK)(UNK)(UNK)(UNK)(UNK)(UNK)(UNK)(UNK)(UNK)(UNK)(UNK)(UNK)
(UNK)(UNK)(UNK)(UNK)(UNK)(UNK)(UNK)(UNK)(UNK)(UNK)(UNK)(UNK)(UNK)(UNK)(UNK)(UNK)
(UNK)(UNK)(UNK)(UNK)(UNK)(UNK)(UNK)(UNK)(UNK)(UNK)(UNK)(UNK)(UNK)(UNK)(UNK)(UNK)
(UNK)(UNK)(UNK)(UNK)(UNK)(UNK)(UNK)(UNK)(UNK)(UNK)(UNK)(UNK)(UNK)(UNK)(UNK)(UNK)
(UNK)(UNK)(UNK)(UNK)(UNK)(UNK)(UNK)(UNK)(UNK)(UNK)(UNK)(UNK)(UNK)(UNK)(UNK)(UNK)
(UNK)(UNK)(UNK)(UNK)(UNK)(UNK)(UNK)
;
L,6
13 'polypeptide(L)'
;(UNK)(UNK)(UNK)(UNK)(UNK)(UNK)(UNK)(UNK)(UNK)(UNK)(UNK)(UNK)(UNK)(UNK)(UNK)(UNK)
(UNK)(UNK)(UNK)(UNK)(UNK)(UNK)(UNK)(UNK)(UNK)(UNK)(UNK)(UNK)(UNK)(UNK)(UNK)(UNK)
(UNK)(UNK)(UNK)(UNK)(UNK)(UNK)(UNK)(UNK)(UNK)(UNK)(UNK)(UNK)(UNK)(UNK)(UNK)(UNK)
(UNK)(UNK)(UNK)(UNK)(UNK)(UNK)(UNK)(UNK)(UNK)(UNK)(UNK)(UNK)(UNK)(UNK)(UNK)(UNK)
(UNK)(UNK)(UNK)(UNK)(UNK)(UNK)(UNK)(UNK)(UNK)(UNK)(UNK)(UNK)(UNK)(UNK)(UNK)(UNK)
(UNK)(UNK)(UNK)(UNK)(UNK)(UNK)(UNK)(UNK)(UNK)(UNK)(UNK)(UNK)(UNK)(UNK)(UNK)(UNK)
(UNK)(UNK)(UNK)(UNK)(UNK)(UNK)(UNK)(UNK)(UNK)(UNK)(UNK)(UNK)(UNK)
;
1,7
14 'polypeptide(L)'
;(UNK)(UNK)(UNK)(UNK)(UNK)(UNK)(UNK)(UNK)(UNK)(UNK)(UNK)(UNK)(UNK)(UNK)(UNK)(UNK)
(UNK)(UNK)(UNK)(UNK)(UNK)(UNK)(UNK)(UNK)(UNK)(UNK)(UNK)(UNK)(UNK)(UNK)(UNK)(UNK)
(UNK)(UNK)(UNK)(UNK)(UNK)(UNK)(UNK)(UNK)(UNK)(UNK)(UNK)(UNK)(UNK)(UNK)(UNK)(UNK)
(UNK)(UNK)(UNK)(UNK)(UNK)(UNK)(UNK)(UNK)(UNK)(UNK)(UNK)(UNK)(UNK)(UNK)(UNK)(UNK)
(UNK)(UNK)(UNK)(UNK)(UNK)(UNK)(UNK)(UNK)(UNK)(UNK)(UNK)(UNK)(UNK)(UNK)(UNK)(UNK)
(UNK)(UNK)(UNK)(UNK)(UNK)(UNK)(UNK)(UNK)(UNK)(UNK)(UNK)(UNK)(UNK)(UNK)(UNK)(UNK)
(UNK)(UNK)(UNK)(UNK)(UNK)(UNK)(UNK)(UNK)(UNK)(UNK)(UNK)(UNK)(UNK)(UNK)(UNK)(UNK)
(UNK)(UNK)(UNK)
;
2,8
15 'polypeptide(L)'
;(UNK)(UNK)(UNK)(UNK)(UNK)(UNK)(UNK)(UNK)(UNK)(UNK)(UNK)(UNK)(UNK)(UNK)(UNK)(UNK)
(UNK)(UNK)(UNK)(UNK)(UNK)(UNK)(UNK)(UNK)(UNK)(UNK)(UNK)(UNK)(UNK)(UNK)(UNK)(UNK)
(UNK)(UNK)(UNK)(UNK)(UNK)(UNK)(UNK)(UNK)(UNK)(UNK)(UNK)(UNK)(UNK)(UNK)(UNK)(UNK)
(UNK)(UNK)(UNK)(UNK)(UNK)(UNK)(UNK)(UNK)(UNK)(UNK)(UNK)(UNK)(UNK)(UNK)(UNK)(UNK)
(UNK)(UNK)(UNK)(UNK)(UNK)(UNK)(UNK)(UNK)(UNK)(UNK)(UNK)(UNK)(UNK)(UNK)(UNK)(UNK)
(UNK)(UNK)(UNK)(UNK)(UNK)(UNK)(UNK)(UNK)(UNK)(UNK)(UNK)(UNK)(UNK)(UNK)(UNK)(UNK)
(UNK)(UNK)(UNK)(UNK)(UNK)(UNK)(UNK)(UNK)(UNK)(UNK)(UNK)(UNK)(UNK)(UNK)(UNK)(UNK)
(UNK)(UNK)(UNK)(UNK)(UNK)
;
3,9
16 'polypeptide(L)'
;(UNK)(UNK)(UNK)(UNK)(UNK)(UNK)(UNK)(UNK)(UNK)(UNK)(UNK)(UNK)(UNK)(UNK)(UNK)(UNK)
(UNK)(UNK)(UNK)(UNK)(UNK)(UNK)(UNK)(UNK)(UNK)(UNK)(UNK)(UNK)(UNK)(UNK)(UNK)(UNK)
(UNK)(UNK)(UNK)(UNK)(UNK)(UNK)(UNK)(UNK)(UNK)(UNK)(UNK)(UNK)(UNK)(UNK)(UNK)(UNK)
(UNK)(UNK)(UNK)(UNK)(UNK)(UNK)(UNK)(UNK)(UNK)(UNK)(UNK)(UNK)(UNK)(UNK)(UNK)(UNK)
(UNK)(UNK)(UNK)(UNK)(UNK)(UNK)(UNK)(UNK)(UNK)(UNK)(UNK)(UNK)(UNK)(UNK)(UNK)(UNK)
(UNK)(UNK)(UNK)(UNK)(UNK)(UNK)(UNK)(UNK)(UNK)(UNK)(UNK)(UNK)(UNK)(UNK)(UNK)(UNK)
(UNK)(UNK)(UNK)(UNK)(UNK)(UNK)(UNK)(UNK)(UNK)(UNK)(UNK)(UNK)(UNK)(UNK)(UNK)(UNK)
(UNK)(UNK)(UNK)(UNK)(UNK)(UNK)(UNK)
;
4,0
#
loop_
_chem_comp.id
_chem_comp.type
_chem_comp.name
_chem_comp.formula
CLA non-polymer 'CHLOROPHYLL A' 'C55 H72 Mg N4 O5'
PQN non-polymer PHYLLOQUINONE 'C31 H46 O2'
SF4 non-polymer 'IRON/SULFUR CLUSTER' 'Fe4 S4'
#
# COMPACT_ATOMS: atom_id res chain seq x y z
CA UNK A 1 48.03 16.23 -1.52
CA UNK A 2 44.53 15.75 -0.04
CA UNK A 3 41.89 17.81 1.82
CA UNK A 4 41.12 14.79 3.99
CA UNK A 5 43.13 16.19 6.90
CA UNK A 6 41.91 19.77 6.45
CA UNK A 7 38.65 18.21 7.63
CA UNK A 8 40.27 16.73 10.76
CA UNK A 9 41.22 19.59 13.12
CA UNK A 10 44.30 18.67 15.14
CA UNK A 11 45.19 15.58 13.10
CA UNK A 12 48.89 16.42 13.63
CA UNK A 13 49.09 15.62 17.37
CA UNK A 14 48.07 12.36 19.04
CA UNK A 15 47.20 14.23 22.25
CA UNK A 16 44.22 15.72 20.43
CA UNK A 17 42.95 12.38 19.02
CA UNK A 18 39.87 12.02 21.26
CA UNK A 19 38.58 15.42 20.13
CA UNK A 20 37.00 18.43 21.97
CA UNK A 21 36.04 16.96 25.35
CA UNK A 22 36.65 20.42 26.87
CA UNK A 23 37.49 23.93 25.60
CA UNK A 24 41.15 23.35 26.53
CA UNK A 25 41.38 21.23 23.35
CA UNK A 26 40.73 24.31 21.16
CA UNK A 27 43.58 26.32 22.66
CA UNK A 28 45.99 23.35 22.50
CA UNK A 29 45.17 22.94 18.82
CA UNK A 30 46.77 26.33 18.16
CA UNK A 31 49.43 26.18 20.85
CA UNK A 32 50.73 22.97 19.21
CA UNK A 33 50.23 23.89 15.57
CA UNK A 34 53.90 24.61 14.77
CA UNK A 35 55.52 22.53 17.49
CA UNK A 36 56.62 19.93 14.95
CA UNK A 37 58.57 17.91 17.59
CA UNK A 38 55.30 16.80 19.12
CA UNK A 39 53.89 15.84 15.72
CA UNK A 40 56.54 13.18 15.01
CA UNK A 41 59.82 11.83 16.33
CA UNK A 42 61.14 11.63 12.79
CA UNK A 43 63.80 14.30 12.38
CA UNK A 44 63.61 14.02 8.61
CA UNK A 45 59.90 14.75 8.39
CA UNK A 46 60.32 17.64 10.87
CA UNK A 47 63.10 19.23 8.78
CA UNK A 48 60.96 18.76 5.66
CA UNK A 49 58.12 20.55 7.44
CA UNK A 50 60.43 23.40 8.44
CA UNK A 51 61.81 23.89 4.91
CA UNK A 52 58.30 24.11 3.42
CA UNK A 53 57.01 26.30 6.24
CA UNK A 54 59.79 28.72 5.33
CA UNK A 55 58.56 28.86 1.73
CA UNK A 56 55.08 29.60 3.07
CA UNK A 57 56.57 32.37 5.23
CA UNK A 58 58.57 33.83 2.35
CA UNK A 59 55.33 33.94 0.35
CA UNK A 60 53.37 35.97 2.91
CA UNK A 61 56.27 38.40 3.16
CA UNK A 62 56.11 38.88 -0.62
CA UNK A 63 52.34 39.37 -0.51
CA UNK A 64 52.96 42.07 2.13
CA UNK A 65 55.83 43.68 0.25
CA UNK A 66 54.01 43.71 -3.09
CA UNK A 67 51.02 45.20 -1.28
CA UNK A 68 53.25 48.03 -0.11
CA UNK A 69 54.35 48.79 -3.65
CA UNK A 70 50.78 48.43 -4.95
CA UNK A 71 49.63 51.03 -2.44
CA UNK A 72 52.41 53.42 -3.40
CA UNK A 73 51.16 53.08 -6.97
CA UNK A 74 47.38 53.30 -6.58
CA UNK A 75 46.85 55.26 -3.36
CA UNK A 76 49.84 57.50 -2.70
CA UNK A 77 50.99 61.03 -3.38
CA UNK A 78 54.45 59.63 -4.12
CA UNK A 79 54.95 61.47 -7.46
CA UNK A 80 53.79 64.79 -5.98
CA UNK A 81 56.16 64.17 -3.05
CA UNK A 82 59.01 63.38 -5.43
CA UNK A 83 58.84 67.00 -6.65
CA UNK A 84 58.69 68.55 -3.17
CA UNK A 85 60.33 66.14 -0.64
CA UNK A 86 60.75 69.02 1.79
CA UNK A 87 57.14 70.21 1.63
CA UNK A 88 54.87 67.22 1.13
CA UNK A 89 54.01 64.63 3.78
CA UNK A 90 54.36 61.04 2.45
CA UNK A 91 51.14 59.06 2.22
CA UNK A 92 49.86 55.75 0.91
CA UNK A 93 46.72 54.24 2.48
CA UNK A 94 43.45 56.18 1.91
CA UNK A 95 40.29 55.74 3.99
CA UNK A 96 36.75 55.13 2.65
CA UNK A 97 34.28 57.84 3.75
CA UNK A 98 31.94 56.24 6.28
CA UNK A 99 30.77 56.56 9.90
CA UNK A 100 32.93 59.68 9.99
CA UNK A 101 36.30 57.96 9.60
CA UNK A 102 36.91 60.01 6.46
CA UNK A 103 38.29 62.70 8.74
CA UNK A 104 41.43 60.53 8.87
CA UNK A 105 42.32 61.58 5.31
CA UNK A 106 44.19 64.65 6.46
CA UNK A 107 45.76 67.18 4.14
CA UNK A 108 49.31 65.95 3.60
CA UNK A 109 49.79 68.63 0.98
CA UNK A 110 49.72 68.68 -2.81
CA UNK A 111 45.94 68.60 -2.62
CA UNK A 112 46.24 64.98 -1.55
CA UNK A 113 44.38 63.51 1.38
CA UNK A 114 45.31 60.40 3.31
CA UNK A 115 46.97 58.91 6.36
CA UNK A 116 50.54 60.14 6.81
CA UNK A 117 52.80 57.04 6.62
CA UNK A 118 56.04 56.72 8.62
CA UNK A 119 57.59 53.57 7.12
CA UNK A 120 59.93 55.54 4.88
CA UNK A 121 58.90 53.80 1.65
CA UNK A 122 59.04 57.03 -0.41
CA UNK A 123 62.64 57.80 0.53
CA UNK A 124 63.51 54.15 -0.14
CA UNK A 125 61.76 54.31 -3.56
CA UNK A 126 63.60 57.51 -4.42
CA UNK A 127 66.99 56.07 -3.48
CA UNK A 128 66.23 53.15 -5.81
CA UNK A 129 65.57 55.54 -8.68
CA UNK A 130 61.82 54.95 -8.86
CA UNK A 131 60.06 58.02 -10.26
CA UNK A 132 56.58 56.85 -11.30
CA UNK A 133 53.45 54.83 -10.45
CA UNK A 134 54.11 52.37 -13.24
CA UNK A 135 57.40 51.13 -11.77
CA UNK A 136 55.71 50.53 -8.40
CA UNK A 137 52.87 48.64 -10.03
CA UNK A 138 55.35 46.42 -11.86
CA UNK A 139 57.22 45.64 -8.66
CA UNK A 140 53.90 44.86 -7.02
CA UNK A 141 53.03 42.34 -9.73
CA UNK A 142 56.50 40.82 -9.59
CA UNK A 143 56.09 40.40 -5.85
CA UNK A 144 52.80 38.53 -6.20
CA UNK A 145 54.44 36.31 -8.83
CA UNK A 146 57.31 35.54 -6.43
CA UNK A 147 54.69 34.93 -3.70
CA UNK A 148 53.01 32.23 -5.77
CA UNK A 149 56.34 30.88 -6.94
CA UNK A 150 57.37 30.77 -3.26
CA UNK A 151 54.09 29.17 -2.25
CA UNK A 152 54.59 26.61 -5.01
CA UNK A 153 58.06 25.47 -3.83
CA UNK A 154 56.71 24.85 -0.35
CA UNK A 155 54.08 22.41 -1.58
CA UNK A 156 56.60 20.97 -4.01
CA UNK A 157 59.33 20.36 -1.48
CA UNK A 158 57.01 18.71 1.02
CA UNK A 159 54.66 16.68 -1.21
CA UNK A 160 56.60 16.20 -4.49
CA UNK A 161 60.37 16.23 -3.81
CA UNK A 162 61.22 16.27 -0.08
CA UNK A 163 64.96 16.46 0.68
CA UNK A 164 66.40 13.66 2.79
CA UNK A 165 67.65 14.53 6.30
CA UNK A 166 71.15 14.09 4.84
CA UNK A 167 70.58 17.02 2.47
CA UNK A 168 69.92 19.51 5.28
CA UNK A 169 72.97 18.46 7.32
CA UNK A 170 75.22 19.95 4.62
CA UNK A 171 76.23 22.91 6.74
CA UNK A 172 79.51 23.63 4.90
CA UNK A 173 77.70 23.75 1.57
CA UNK A 174 74.83 25.81 3.01
CA UNK A 175 77.31 28.32 4.46
CA UNK A 176 79.45 28.63 1.31
CA UNK A 177 76.24 29.22 -0.66
CA UNK A 178 74.60 31.64 1.74
CA UNK A 179 77.75 33.73 2.18
CA UNK A 180 78.99 33.88 -1.41
CA UNK A 181 75.64 33.17 -3.03
CA UNK A 182 72.81 34.80 -1.13
CA UNK A 183 74.83 37.59 0.52
CA UNK A 184 77.74 38.02 -1.87
CA UNK A 185 75.77 37.91 -5.14
CA UNK A 186 72.98 39.75 -3.40
CA UNK A 187 74.99 42.91 -2.85
CA UNK A 188 77.02 42.52 -6.07
CA UNK A 189 73.73 42.74 -7.93
CA UNK A 190 72.36 45.59 -5.85
CA UNK A 191 75.56 47.58 -6.37
CA UNK A 192 74.72 46.87 -9.99
CA UNK A 193 71.25 48.41 -9.86
CA UNK A 194 72.75 51.21 -7.82
CA UNK A 195 75.52 52.13 -10.25
CA UNK A 196 73.34 51.78 -13.33
CA UNK A 197 70.09 53.26 -12.00
CA UNK A 198 70.16 54.76 -8.49
CA UNK A 199 73.31 56.88 -8.81
CA UNK A 200 72.46 58.41 -12.26
CA UNK A 201 68.81 59.17 -11.62
CA UNK A 202 69.56 60.59 -8.17
CA UNK A 203 72.42 62.81 -9.31
CA UNK A 204 69.99 64.45 -11.74
CA UNK A 205 67.15 64.65 -9.20
CA UNK A 206 69.62 66.21 -6.77
CA UNK A 207 70.84 68.56 -9.51
CA UNK A 208 67.27 69.79 -9.93
CA UNK A 209 66.24 67.99 -13.09
CA UNK A 210 62.73 66.82 -12.06
CA UNK A 211 61.28 63.33 -12.61
CA UNK A 212 59.13 64.01 -15.70
CA UNK A 213 62.40 64.94 -17.43
CA UNK A 214 64.94 62.28 -16.49
CA UNK A 215 65.96 59.45 -18.82
CA UNK A 216 64.22 56.23 -17.80
CA UNK A 217 66.55 53.66 -16.16
CA UNK A 218 67.19 51.64 -19.35
CA UNK A 219 68.37 54.75 -21.21
CA UNK A 220 71.59 54.78 -19.17
CA UNK A 221 72.22 51.25 -20.42
CA UNK A 222 71.21 51.72 -24.08
CA UNK A 223 72.83 55.14 -24.31
CA UNK A 224 76.20 54.77 -22.46
CA UNK A 225 76.83 58.35 -23.54
CA UNK A 226 74.09 59.43 -21.15
CA UNK A 227 76.23 58.08 -18.31
CA UNK A 228 79.47 59.59 -19.64
CA UNK A 229 78.10 63.13 -19.06
CA UNK A 230 78.14 62.30 -15.35
CA UNK A 231 81.13 60.17 -14.31
CA UNK A 232 83.29 61.35 -17.29
CA UNK A 233 84.17 57.11 -18.62
CA UNK A 234 86.16 46.22 -22.22
CA UNK A 235 87.65 48.37 -19.43
CA UNK A 236 89.48 49.01 -16.17
CA UNK A 237 88.09 46.56 -13.61
CA UNK A 238 89.88 43.69 -15.36
CA UNK A 239 93.17 45.72 -15.40
CA UNK A 240 92.74 47.02 -11.67
CA UNK A 241 92.77 50.54 -13.08
CA UNK A 242 90.00 51.02 -10.45
CA UNK A 243 90.79 54.71 -9.91
CA UNK A 244 88.69 55.16 -13.11
CA UNK A 245 85.50 54.52 -11.18
CA UNK A 246 86.14 57.23 -8.58
CA UNK A 247 83.09 59.13 -9.89
CA UNK A 248 80.55 56.56 -8.81
CA UNK A 249 82.69 54.66 -6.27
CA UNK A 250 83.37 57.21 -3.54
CA UNK A 251 84.45 57.42 0.10
CA UNK A 252 83.14 60.87 0.89
CA UNK A 253 81.55 59.85 4.12
CA UNK A 254 79.17 62.53 5.27
CA UNK A 255 75.78 63.61 4.15
CA UNK A 256 74.70 64.74 0.71
CA UNK A 257 74.08 68.52 1.29
CA UNK A 258 70.92 68.38 -0.80
CA UNK A 259 69.15 65.27 0.51
CA UNK A 260 70.54 64.90 4.02
CA UNK A 261 71.22 61.24 3.31
CA UNK A 262 74.34 59.16 2.66
CA UNK A 263 76.09 59.66 -0.67
CA UNK A 264 74.56 56.96 -2.83
CA UNK A 265 77.94 56.56 -4.54
CA UNK A 266 79.25 55.69 -1.08
CA UNK A 267 76.56 53.04 -0.55
CA UNK A 268 77.33 51.48 -3.93
CA UNK A 269 81.06 51.38 -3.16
CA UNK A 270 79.99 49.93 0.15
CA UNK A 271 77.90 47.22 -1.51
CA UNK A 272 80.70 46.29 -3.88
CA UNK A 273 83.32 45.77 -1.15
CA UNK A 274 80.71 43.85 0.86
CA UNK A 275 80.10 41.52 -2.11
CA UNK A 276 83.83 40.89 -2.54
CA UNK A 277 84.22 39.96 1.13
CA UNK A 278 81.24 37.60 1.10
CA UNK A 279 82.16 35.79 -2.11
CA UNK A 280 85.61 35.28 -0.62
CA UNK A 281 84.06 34.10 2.66
CA UNK A 282 81.79 31.77 0.72
CA UNK A 283 84.86 29.75 -0.34
CA UNK A 284 86.02 28.73 3.12
CA UNK A 285 84.35 25.38 3.70
CA UNK A 286 85.13 21.99 2.20
CA UNK A 287 82.53 20.49 -0.10
CA UNK A 288 83.22 17.95 -2.87
CA UNK A 289 86.74 19.08 -3.80
CA UNK A 290 89.26 18.74 -0.98
CA UNK A 291 90.00 22.46 -0.67
CA UNK A 292 88.22 24.08 2.28
CA UNK A 293 87.76 23.71 6.05
CA UNK A 294 85.89 21.17 8.09
CA UNK A 295 83.75 23.02 10.62
CA UNK A 296 84.06 19.99 12.91
CA UNK A 297 87.85 20.25 12.72
CA UNK A 298 88.01 23.94 13.49
CA UNK A 299 85.65 23.55 16.43
CA UNK A 300 87.48 20.54 17.86
CA UNK A 301 90.85 22.29 17.60
CA UNK A 302 89.78 25.19 19.82
CA UNK A 303 90.19 24.04 23.41
CA UNK A 304 92.39 25.24 26.24
CA UNK A 305 93.60 24.48 29.80
CA UNK A 306 90.51 26.31 31.08
CA UNK A 307 87.91 24.80 28.88
CA UNK A 308 88.42 21.02 28.90
CA UNK A 309 87.32 19.52 25.60
CA UNK A 310 86.50 23.02 24.34
CA UNK A 311 84.14 22.99 21.34
CA UNK A 312 84.05 19.26 20.71
CA UNK A 313 80.47 18.11 20.24
CA UNK A 314 79.06 21.47 19.20
CA UNK A 315 79.18 20.38 15.56
CA UNK A 316 76.88 17.45 16.36
CA UNK A 317 74.70 19.72 18.45
CA UNK A 318 74.31 22.35 15.71
CA UNK A 319 73.85 19.53 13.21
CA UNK A 320 71.01 17.65 14.89
CA UNK A 321 69.10 20.31 16.87
CA UNK A 322 66.88 22.80 15.09
CA UNK A 323 66.26 24.66 18.36
CA UNK A 324 69.99 25.16 18.90
CA UNK A 325 70.20 26.81 15.47
CA UNK A 326 67.06 28.85 15.99
CA UNK A 327 68.49 29.99 19.36
CA UNK A 328 71.67 31.34 17.78
CA UNK A 329 69.98 32.71 14.67
CA UNK A 330 67.16 34.39 16.56
CA UNK A 331 69.68 35.92 18.96
CA UNK A 332 71.75 37.35 16.14
CA UNK A 333 68.80 38.50 14.02
CA UNK A 334 67.36 40.42 16.96
CA UNK A 335 70.76 41.91 17.78
CA UNK A 336 71.14 42.84 14.13
CA UNK A 337 67.74 44.58 14.05
CA UNK A 338 68.89 46.61 17.05
CA UNK A 339 72.17 47.44 15.29
CA UNK A 340 70.16 48.54 12.23
CA UNK A 341 68.10 50.84 14.41
CA UNK A 342 71.20 52.47 15.92
CA UNK A 343 73.02 52.81 12.63
CA UNK A 344 70.26 54.12 10.40
CA UNK A 345 69.30 57.15 12.50
CA UNK A 346 72.78 58.67 12.74
CA UNK A 347 73.84 57.76 9.18
CA UNK A 348 70.47 58.31 7.35
CA UNK A 349 70.79 55.98 4.38
CA UNK A 350 68.00 57.48 2.26
CA UNK A 351 67.25 60.88 0.69
CA UNK A 352 65.04 63.17 2.78
CA UNK A 353 64.83 60.63 5.59
CA UNK A 354 66.74 62.70 8.16
CA UNK A 355 64.37 65.65 7.95
CA UNK A 356 61.30 63.42 7.96
CA UNK A 357 61.23 63.15 11.76
CA UNK A 358 58.16 60.91 11.96
CA UNK A 359 60.02 58.39 9.84
CA UNK A 360 63.30 58.58 11.77
CA UNK A 361 61.45 58.02 15.07
CA UNK A 362 59.32 55.18 13.66
CA UNK A 363 62.14 53.28 12.02
CA UNK A 364 64.30 53.46 15.14
CA UNK A 365 61.74 52.32 17.63
CA UNK A 366 60.28 49.77 15.21
CA UNK A 367 63.57 47.93 14.75
CA UNK A 368 64.35 48.28 18.43
CA UNK A 369 61.12 46.42 19.24
CA UNK A 370 61.73 43.77 16.62
CA UNK A 371 65.21 43.19 17.98
CA UNK A 372 63.84 42.94 21.50
CA UNK A 373 61.39 40.19 20.62
CA UNK A 374 63.81 38.20 18.48
CA UNK A 375 66.43 38.30 21.29
CA UNK A 376 63.99 36.89 23.83
CA UNK A 377 63.11 34.23 21.22
CA UNK A 378 66.66 33.07 20.88
CA UNK A 379 66.72 32.63 24.64
CA UNK A 380 63.42 30.77 24.52
CA UNK A 381 64.76 28.30 21.96
CA UNK A 382 67.99 28.07 23.88
CA UNK A 383 65.98 26.71 26.80
CA UNK A 384 63.87 24.39 24.63
CA UNK A 385 67.14 23.01 23.33
CA UNK A 386 68.36 22.36 26.89
CA UNK A 387 65.25 20.40 27.72
CA UNK A 388 64.58 18.55 24.44
CA UNK A 389 67.76 18.08 22.45
CA UNK A 390 70.59 18.42 24.98
CA UNK A 391 72.40 15.13 25.33
CA UNK A 392 75.01 14.58 28.11
CA UNK A 393 77.09 12.06 26.16
CA UNK A 394 77.36 14.50 23.25
CA UNK A 395 78.70 17.23 25.57
CA UNK A 396 81.34 15.62 27.77
CA UNK A 397 83.47 18.28 29.38
CA UNK A 398 83.04 20.74 26.50
CA UNK A 399 82.27 24.45 26.98
CA UNK A 400 78.54 23.73 27.18
CA UNK A 401 78.94 21.08 29.92
CA UNK A 402 81.38 23.31 31.76
CA UNK A 403 79.13 26.39 31.93
CA UNK A 404 76.31 24.23 33.31
CA UNK A 405 78.76 23.05 35.96
CA UNK A 406 79.29 26.55 37.38
CA UNK A 407 75.80 27.92 36.70
CA UNK A 408 75.54 29.08 40.31
CA UNK A 409 78.74 31.09 40.02
CA UNK A 410 77.53 32.64 36.76
CA UNK A 411 74.03 33.47 37.98
CA UNK A 412 74.93 34.76 41.44
CA UNK A 413 77.53 37.10 39.88
CA UNK A 414 75.12 38.50 37.28
CA UNK A 415 72.62 38.84 40.10
CA UNK A 416 75.10 40.99 42.03
CA UNK A 417 75.99 43.14 39.01
CA UNK A 418 72.31 43.80 38.46
CA UNK A 419 71.82 45.03 42.02
CA UNK A 420 74.94 47.19 41.77
CA UNK A 421 73.77 48.67 38.42
CA UNK A 422 70.22 49.19 39.65
CA UNK A 423 71.36 51.10 42.70
CA UNK A 424 74.03 53.14 40.85
CA UNK A 425 71.84 54.17 37.89
CA UNK A 426 68.21 54.52 38.97
CA UNK A 427 69.35 55.34 42.48
CA UNK A 428 71.05 58.52 41.14
CA UNK A 429 67.74 59.71 39.65
CA UNK A 430 65.81 59.39 42.93
CA UNK A 431 68.72 60.95 44.82
CA UNK A 432 68.30 63.85 42.32
CA UNK A 433 64.53 64.13 42.72
CA UNK A 434 64.99 64.36 46.49
CA UNK A 435 67.85 66.89 46.41
CA UNK A 436 65.95 69.05 43.89
CA UNK A 437 62.79 68.89 45.98
CA UNK A 438 64.85 69.95 49.05
CA UNK A 439 66.07 72.99 47.15
CA UNK A 440 69.60 71.58 46.93
CA UNK A 441 70.50 71.69 43.21
CA UNK A 442 74.22 71.79 44.10
CA UNK A 443 73.90 68.32 45.70
CA UNK A 444 72.49 66.76 42.47
CA UNK A 445 74.31 64.61 39.96
CA UNK A 446 74.26 66.92 36.93
CA UNK A 447 76.23 69.08 34.52
CA UNK A 448 76.05 71.91 37.10
CA UNK A 449 76.31 69.91 40.34
CA UNK A 450 78.21 66.69 41.01
CA UNK A 451 79.05 65.86 37.36
CA UNK A 452 79.29 62.41 35.82
CA UNK A 453 80.75 62.93 32.38
CA UNK A 454 80.74 60.15 29.74
CA UNK A 455 84.43 60.80 29.38
CA UNK A 456 85.28 57.69 27.32
CA UNK A 457 82.38 58.25 24.91
CA UNK A 458 83.43 61.86 24.37
CA UNK A 459 87.00 60.64 23.74
CA UNK A 460 85.72 58.24 21.10
CA UNK A 461 83.52 60.90 19.46
CA UNK A 462 86.56 63.11 19.03
CA UNK A 463 88.69 60.36 17.51
CA UNK A 464 85.96 59.77 14.95
CA UNK A 465 85.63 63.46 14.15
CA UNK A 466 89.40 63.57 13.52
CA UNK A 467 89.54 60.34 11.50
CA UNK A 468 89.04 62.20 8.16
CA UNK A 469 92.51 63.00 6.88
CA UNK A 470 94.13 61.42 9.95
CA UNK A 471 93.32 57.76 10.75
CA UNK A 472 90.93 57.60 7.78
CA UNK A 473 93.06 59.63 5.23
CA UNK A 474 90.95 58.89 2.15
CA UNK A 475 87.67 59.70 3.86
CA UNK A 476 86.48 63.22 3.10
CA UNK A 477 84.21 63.39 6.15
CA UNK A 478 83.17 61.57 9.33
CA UNK A 479 81.25 58.32 9.14
CA UNK A 480 78.63 60.27 11.10
CA UNK A 481 77.79 63.88 11.84
CA UNK A 482 76.59 62.63 15.24
CA UNK A 483 80.19 62.12 16.43
CA UNK A 484 81.06 65.66 15.92
CA UNK A 485 82.24 69.45 16.36
CA UNK A 486 83.32 70.57 12.85
CA UNK A 487 81.09 73.14 11.05
CA UNK A 488 77.36 72.03 10.28
CA UNK A 489 74.42 70.32 8.09
CA UNK A 490 70.43 71.23 7.27
CA UNK A 491 67.86 70.34 4.60
CA UNK A 492 64.77 72.46 4.15
CA UNK A 493 64.85 74.65 7.23
CA UNK A 494 65.38 71.60 9.48
CA UNK A 495 68.32 69.83 11.09
CA UNK A 496 69.23 66.62 9.29
CA UNK A 497 72.04 65.81 11.73
CA UNK A 498 74.38 67.71 14.03
CA UNK A 499 76.82 66.56 16.69
CA UNK A 500 74.96 64.83 19.52
CA UNK A 501 76.60 66.02 22.73
CA UNK A 502 76.84 63.77 25.77
CA UNK A 503 76.71 65.01 29.35
CA UNK A 504 75.77 63.87 32.84
CA UNK A 505 72.19 63.15 31.81
CA UNK A 506 73.48 60.88 29.05
CA UNK A 507 75.84 59.09 31.45
CA UNK A 508 72.79 58.40 33.59
CA UNK A 509 70.49 56.77 30.94
CA UNK A 510 73.36 54.83 29.49
CA UNK A 511 73.79 53.10 32.79
CA UNK A 512 70.02 52.56 33.05
CA UNK A 513 70.42 50.71 29.73
CA UNK A 514 73.35 48.58 30.95
CA UNK A 515 71.09 47.81 33.90
CA UNK A 516 67.92 46.82 32.05
CA UNK A 517 69.89 44.68 29.63
CA UNK A 518 71.80 42.86 32.37
CA UNK A 519 68.55 42.03 34.21
CA UNK A 520 66.84 40.69 31.09
CA UNK A 521 69.93 38.52 30.49
CA UNK A 522 69.95 37.42 34.16
CA UNK A 523 66.37 36.20 33.83
CA UNK A 524 66.83 34.49 30.47
CA UNK A 525 70.27 33.02 31.13
CA UNK A 526 68.96 31.69 34.45
CA UNK A 527 66.09 30.09 32.54
CA UNK A 528 68.43 28.34 30.09
CA UNK A 529 71.02 27.29 32.71
CA UNK A 530 68.43 25.79 35.07
CA UNK A 531 65.95 24.39 32.56
CA UNK A 532 67.04 20.78 33.25
CA UNK A 533 67.39 20.99 37.01
CA UNK A 534 68.07 23.01 40.16
CA UNK A 535 68.67 22.33 43.84
CA UNK A 536 64.90 22.78 44.29
CA UNK A 537 63.61 20.60 41.36
CA UNK A 538 66.28 17.91 40.62
CA UNK A 539 64.24 16.34 37.75
CA UNK A 540 63.06 19.56 36.07
CA UNK A 541 63.93 18.40 32.53
CA UNK A 542 61.44 15.58 32.99
CA UNK A 543 58.75 18.14 33.77
CA UNK A 544 59.59 19.67 30.38
CA UNK A 545 60.21 23.15 28.95
CA UNK A 546 56.65 24.45 29.43
CA UNK A 547 54.82 23.55 32.66
CA UNK A 548 53.33 25.84 35.40
CA UNK A 549 55.21 24.67 38.48
CA UNK A 550 55.56 21.57 40.59
CA UNK A 551 53.01 22.43 43.25
CA UNK A 552 52.76 24.46 46.47
CA UNK A 553 55.36 22.25 48.15
CA UNK A 554 58.98 23.08 48.85
CA UNK A 555 57.56 26.47 49.89
CA UNK A 556 55.93 27.04 46.48
CA UNK A 557 57.37 26.26 43.01
CA UNK A 558 55.43 28.46 40.61
CA UNK A 559 57.27 29.52 37.52
CA UNK A 560 60.44 27.44 37.61
CA UNK A 561 60.13 26.33 33.95
CA UNK A 562 62.25 27.70 31.17
CA UNK A 563 59.02 28.92 29.60
CA UNK A 564 58.19 30.97 32.67
CA UNK A 565 61.67 32.52 32.52
CA UNK A 566 60.87 33.58 28.96
CA UNK A 567 57.55 34.93 30.24
CA UNK A 568 59.32 37.10 32.84
CA UNK A 569 62.09 37.99 30.41
CA UNK A 570 59.54 39.58 28.10
CA UNK A 571 58.49 42.13 30.70
CA UNK A 572 62.10 43.15 31.24
CA UNK A 573 62.83 43.41 27.52
CA UNK A 574 59.75 45.66 27.33
CA UNK A 575 61.04 47.79 30.19
CA UNK A 576 64.44 48.00 28.47
CA UNK A 577 63.28 48.88 24.97
CA UNK A 578 60.78 51.40 26.26
CA UNK A 579 63.49 53.36 28.05
CA UNK A 580 65.80 53.20 25.05
CA UNK A 581 63.15 54.68 22.72
CA UNK A 582 62.03 57.26 25.25
CA UNK A 583 65.73 58.14 25.58
CA UNK A 584 66.02 58.44 21.79
CA UNK A 585 62.81 60.41 21.36
CA UNK A 586 63.65 63.02 24.03
CA UNK A 587 67.32 63.34 23.14
CA UNK A 588 66.68 63.99 19.42
CA UNK A 589 63.79 66.46 19.98
CA UNK A 590 65.81 68.30 22.59
CA UNK A 591 69.37 68.43 21.31
CA UNK A 592 69.34 67.39 17.67
CA UNK A 593 66.12 67.98 15.68
CA UNK A 594 64.72 71.44 15.03
CA UNK A 595 64.77 74.46 12.73
CA UNK A 596 67.87 76.16 11.32
CA UNK A 597 67.73 79.94 10.83
CA UNK A 598 69.18 81.75 7.76
CA UNK A 599 72.22 82.64 9.85
CA UNK A 600 72.60 79.04 11.09
CA UNK A 601 71.08 79.44 14.55
CA UNK A 602 69.46 76.18 15.64
CA UNK A 603 66.15 75.97 17.49
CA UNK A 604 65.31 72.54 18.93
CA UNK A 605 61.84 71.06 19.20
CA UNK A 606 62.13 71.07 22.99
CA UNK A 607 64.90 73.63 23.37
CA UNK A 608 67.66 71.66 25.10
CA UNK A 609 65.58 70.84 28.17
CA UNK A 610 67.11 67.33 28.32
CA UNK A 611 70.26 68.08 30.34
CA UNK A 612 68.46 69.59 33.29
CA UNK A 613 65.18 67.74 33.03
CA UNK A 614 66.20 64.17 32.24
CA UNK A 615 68.10 63.79 35.50
CA UNK A 616 65.10 63.35 37.76
CA UNK A 617 62.11 61.07 37.39
CA UNK A 618 59.96 64.17 37.94
CA UNK A 619 61.54 65.66 34.80
CA UNK A 620 60.63 62.61 32.69
CA UNK A 621 57.13 62.65 34.14
CA UNK A 622 56.51 66.36 33.44
CA UNK A 623 58.71 67.51 30.54
CA UNK A 624 58.55 64.24 28.68
CA UNK A 625 55.31 62.28 29.23
CA UNK A 626 52.96 65.01 30.40
CA UNK A 627 54.20 67.68 27.97
CA UNK A 628 54.62 65.53 24.86
CA UNK A 629 51.40 63.58 25.38
CA UNK A 630 49.79 66.93 24.60
CA UNK A 631 49.37 66.04 20.94
CA UNK A 632 47.92 62.51 21.19
CA UNK A 633 45.29 63.62 23.72
CA UNK A 634 44.40 66.78 21.83
CA UNK A 635 44.08 64.94 18.52
CA UNK A 636 40.28 64.45 18.71
CA UNK A 637 38.51 66.25 15.87
CA UNK A 638 41.47 66.11 13.49
CA UNK A 639 43.07 63.53 11.21
CA UNK A 640 45.28 62.36 14.11
CA UNK A 641 42.22 61.47 16.18
CA UNK A 642 42.89 57.83 15.28
CA UNK A 643 46.02 58.01 17.46
CA UNK A 644 44.16 59.62 20.33
CA UNK A 645 41.66 56.75 20.06
CA UNK A 646 44.23 53.95 19.80
CA UNK A 647 46.06 55.68 22.70
CA UNK A 648 43.09 54.96 24.98
CA UNK A 649 42.58 51.59 23.31
CA UNK A 650 46.09 50.49 24.19
CA UNK A 651 45.80 51.76 27.79
CA UNK A 652 42.72 49.57 28.04
CA UNK A 653 44.26 46.44 26.67
CA UNK A 654 47.20 46.93 29.01
CA UNK A 655 45.04 47.17 32.14
CA UNK A 656 42.95 44.30 30.86
CA UNK A 657 46.06 42.07 30.88
CA UNK A 658 46.49 42.72 34.60
CA UNK A 659 43.39 40.56 35.18
CA UNK A 660 45.17 37.48 33.82
CA UNK A 661 48.54 38.23 35.43
CA UNK A 662 47.25 38.97 38.95
CA UNK A 663 44.77 36.09 39.29
CA UNK A 664 44.79 32.29 38.82
CA UNK A 665 42.60 29.66 37.07
CA UNK A 666 41.22 28.11 40.22
CA UNK A 667 39.04 31.15 40.82
CA UNK A 668 37.80 31.29 37.23
CA UNK A 669 37.00 27.60 36.89
CA UNK A 670 34.79 27.82 39.95
CA UNK A 671 33.04 30.94 38.58
CA UNK A 672 32.47 29.05 35.35
CA UNK A 673 30.88 26.29 37.46
CA UNK A 674 28.07 28.56 38.60
CA UNK A 675 27.69 29.80 35.05
CA UNK A 676 27.63 26.27 33.59
CA UNK A 677 24.87 25.51 36.10
CA UNK A 678 22.69 28.31 34.67
CA UNK A 679 23.10 26.87 31.19
CA UNK A 680 22.21 23.35 32.41
CA UNK A 681 19.13 24.87 34.00
CA UNK A 682 18.04 26.03 30.51
CA UNK A 683 19.34 23.05 28.60
CA UNK A 684 21.94 25.29 26.93
CA UNK A 685 25.20 23.82 28.21
CA UNK A 686 27.57 22.81 25.40
CA UNK A 687 29.06 19.33 25.05
CA UNK A 688 32.52 20.87 24.77
CA UNK A 689 32.84 21.63 28.50
CA UNK A 690 33.97 25.17 29.39
CA UNK A 691 37.33 25.19 31.18
CA UNK A 692 39.22 28.17 32.60
CA UNK A 693 42.48 28.78 30.64
CA UNK A 694 45.45 26.63 31.73
CA UNK A 695 47.94 28.15 34.18
CA UNK A 696 50.44 28.64 31.35
CA UNK A 697 47.84 30.17 29.03
CA UNK A 698 46.76 32.66 31.66
CA UNK A 699 50.35 33.88 31.62
CA UNK A 700 50.67 33.87 27.83
CA UNK A 701 47.41 35.83 27.54
CA UNK A 702 48.45 38.29 30.25
CA UNK A 703 51.89 38.98 28.81
CA UNK A 704 50.52 39.27 25.26
CA UNK A 705 47.96 41.90 26.24
CA UNK A 706 50.47 43.70 28.49
CA UNK A 707 52.83 43.92 25.53
CA UNK A 708 50.18 44.88 22.96
CA UNK A 709 48.77 47.57 25.20
CA UNK A 710 52.07 48.98 26.35
CA UNK A 711 53.73 49.09 22.99
CA UNK A 712 50.56 50.30 21.19
CA UNK A 713 50.25 53.07 23.74
CA UNK A 714 53.80 54.31 23.07
CA UNK A 715 53.04 54.01 19.35
CA UNK A 716 50.00 56.33 19.41
CA UNK A 717 51.89 58.72 21.68
CA UNK A 718 55.02 58.79 19.52
CA UNK A 719 53.34 59.24 16.13
CA UNK A 720 50.75 61.78 17.26
CA UNK A 721 53.64 63.68 18.80
CA UNK A 722 56.33 63.79 16.10
CA UNK A 723 53.98 64.00 13.10
CA UNK A 724 52.52 67.02 14.82
CA UNK A 725 55.85 68.78 15.65
CA UNK A 726 58.43 67.46 13.19
CA UNK B 1 63.14 25.88 68.23
CA UNK B 2 63.00 29.60 68.96
CA UNK B 3 60.95 31.31 71.64
CA UNK B 4 59.24 33.39 68.89
CA UNK B 5 56.40 33.04 68.06
CA UNK B 6 55.17 32.06 71.49
CA UNK B 7 51.75 31.14 70.14
CA UNK B 8 52.78 28.55 67.59
CA UNK B 9 55.20 25.66 67.91
CA UNK B 10 54.86 24.86 64.25
CA UNK B 11 56.23 28.29 63.38
CA UNK B 12 58.88 28.18 66.15
CA UNK B 13 60.22 25.04 64.53
CA UNK B 14 60.41 26.54 61.04
CA UNK B 15 64.21 27.00 60.46
CA UNK B 16 63.60 29.57 57.69
CA UNK B 17 62.84 33.29 57.27
CA UNK B 18 59.21 32.27 56.69
CA UNK B 19 58.96 31.87 60.45
CA UNK B 20 59.20 35.60 61.15
CA UNK B 21 56.87 36.67 58.33
CA UNK B 22 54.11 34.19 59.25
CA UNK B 23 54.48 34.91 62.99
CA UNK B 24 53.72 38.56 62.13
CA UNK B 25 50.78 37.61 59.84
CA UNK B 26 49.14 35.27 62.36
CA UNK B 27 49.72 37.25 65.49
CA UNK B 28 46.16 38.56 65.70
CA UNK B 29 44.42 35.38 64.56
CA UNK B 30 43.93 34.45 68.26
CA UNK B 31 41.71 31.48 67.40
CA UNK B 32 44.58 29.56 65.87
CA UNK B 33 47.08 30.06 68.69
CA UNK B 34 48.36 26.97 70.55
CA UNK B 35 46.09 26.09 73.44
CA UNK B 36 43.52 28.76 72.76
CA UNK B 37 40.26 28.19 74.67
CA UNK B 38 36.98 30.01 73.99
CA UNK B 39 36.96 31.89 77.26
CA UNK B 40 40.56 33.09 76.84
CA UNK B 41 39.76 34.18 73.30
CA UNK B 42 37.06 36.57 74.46
CA UNK B 43 39.14 37.90 77.32
CA UNK B 44 42.11 38.58 75.09
CA UNK B 45 39.84 40.37 72.54
CA UNK B 46 38.24 42.55 75.23
CA UNK B 47 41.64 43.66 76.45
CA UNK B 48 42.88 44.20 72.93
CA UNK B 49 39.88 46.53 72.45
CA UNK B 50 40.82 48.74 75.38
CA UNK B 51 44.28 49.02 73.85
CA UNK B 52 42.78 50.00 70.51
CA UNK B 53 40.52 52.55 72.24
CA UNK B 54 43.49 54.14 74.00
CA UNK B 55 45.33 54.60 70.71
CA UNK B 56 42.39 56.46 69.18
CA UNK B 57 42.27 58.75 72.23
CA UNK B 58 45.99 59.37 72.08
CA UNK B 59 45.70 60.11 68.34
CA UNK B 60 43.16 62.89 68.84
CA UNK B 61 45.17 64.17 71.77
CA UNK B 62 48.06 64.63 69.34
CA UNK B 63 46.03 66.58 66.76
CA UNK B 64 44.75 68.91 69.47
CA UNK B 65 48.18 69.27 71.03
CA UNK B 66 50.03 70.06 67.84
CA UNK B 67 47.38 72.52 66.71
CA UNK B 68 47.39 74.28 70.05
CA UNK B 69 51.18 74.26 70.16
CA UNK B 70 52.23 74.92 66.59
CA UNK B 71 49.01 75.82 64.78
CA UNK B 72 47.18 79.09 64.09
CA UNK B 73 43.82 78.25 65.58
CA UNK B 74 43.40 81.63 67.27
CA UNK B 75 44.26 83.51 64.09
CA UNK B 76 41.95 81.16 62.17
CA UNK B 77 39.10 81.67 64.64
CA UNK B 78 39.38 85.39 63.87
CA UNK B 79 39.17 84.92 60.10
CA UNK B 80 38.02 81.35 59.17
CA UNK B 81 37.85 82.14 55.47
CA UNK B 82 41.24 83.58 54.65
CA UNK B 83 43.44 81.75 57.15
CA UNK B 84 45.08 78.49 55.96
CA UNK B 85 44.83 76.05 58.99
CA UNK B 86 48.17 74.70 60.30
CA UNK B 87 48.67 70.96 61.06
CA UNK B 88 52.04 71.19 62.84
CA UNK B 89 55.63 72.37 62.50
CA UNK B 90 58.16 70.74 60.20
CA UNK B 91 61.61 69.59 61.30
CA UNK B 92 63.68 67.93 58.60
CA UNK B 93 67.48 68.46 58.75
CA UNK B 94 67.68 67.59 55.05
CA UNK B 95 65.79 70.65 53.73
CA UNK B 96 67.65 73.30 51.74
CA UNK B 97 66.94 77.01 52.36
CA UNK B 98 64.38 77.12 49.53
CA UNK B 99 62.46 74.24 51.01
CA UNK B 100 62.49 75.99 54.39
CA UNK B 101 61.15 79.13 52.69
CA UNK B 102 58.53 77.25 50.68
CA UNK B 103 57.01 75.68 53.76
CA UNK B 104 57.19 78.77 55.95
CA UNK B 105 53.63 79.56 54.87
CA UNK B 106 50.07 80.16 56.10
CA UNK B 107 51.52 83.16 57.93
CA UNK B 108 53.88 81.14 60.10
CA UNK B 109 57.46 82.06 61.09
CA UNK B 110 58.83 78.50 60.54
CA UNK B 111 58.15 75.56 58.16
CA UNK B 112 54.69 74.03 58.71
CA UNK B 113 52.12 71.77 57.06
CA UNK B 114 48.68 72.98 56.11
CA UNK B 115 45.92 70.79 57.63
CA UNK B 116 43.20 69.25 55.42
CA UNK B 117 41.41 67.12 58.02
CA UNK B 118 38.87 69.83 58.78
CA UNK B 119 39.66 69.72 62.48
CA UNK B 120 39.75 73.57 62.78
CA UNK B 121 36.22 73.85 61.35
CA UNK B 122 34.99 71.06 63.60
CA UNK B 123 36.53 72.37 66.82
CA UNK B 124 35.35 75.93 66.00
CA UNK B 125 31.79 74.84 65.39
CA UNK B 126 31.51 72.96 68.70
CA UNK B 127 32.84 75.90 70.66
CA UNK B 128 36.63 75.78 70.90
CA UNK B 129 38.13 79.28 70.73
CA UNK B 130 41.54 79.27 72.38
CA UNK B 131 44.74 77.29 72.38
CA UNK B 132 43.85 76.70 76.01
CA UNK B 133 40.54 75.04 75.07
CA UNK B 134 42.50 72.75 72.79
CA UNK B 135 45.23 72.01 75.37
CA UNK B 136 42.75 71.01 78.09
CA UNK B 137 41.12 68.68 75.62
CA UNK B 138 44.48 67.13 74.79
CA UNK B 139 45.31 66.56 78.45
CA UNK B 140 41.86 65.11 78.99
CA UNK B 141 42.33 62.57 76.18
CA UNK B 142 45.70 61.69 77.69
CA UNK B 143 43.68 60.81 80.82
CA UNK B 144 41.02 58.87 78.90
CA UNK B 145 43.69 56.85 77.11
CA UNK B 146 45.09 56.08 80.55
CA UNK B 147 41.70 54.89 81.81
CA UNK B 148 41.19 52.63 78.80
CA UNK B 149 44.72 51.24 79.13
CA UNK B 150 44.30 50.64 82.84
CA UNK B 151 40.91 48.99 82.27
CA UNK B 152 42.38 46.65 79.68
CA UNK B 153 45.09 45.67 82.12
CA UNK B 154 42.50 45.29 84.84
CA UNK B 155 40.16 42.91 83.07
CA UNK B 156 43.02 40.56 82.33
CA UNK B 157 43.55 40.12 86.10
CA UNK B 158 42.13 36.96 87.82
CA UNK B 159 39.54 38.73 89.95
CA UNK B 160 38.29 40.82 87.00
CA UNK B 161 38.30 38.59 83.92
CA UNK B 162 34.75 38.58 82.62
CA UNK B 163 33.30 35.07 82.30
CA UNK B 164 32.31 33.64 78.93
CA UNK B 165 28.58 33.81 79.73
CA UNK B 166 28.99 37.56 80.31
CA UNK B 167 30.46 38.00 76.85
CA UNK B 168 27.58 36.12 75.18
CA UNK B 169 24.84 38.11 76.88
CA UNK B 170 23.52 39.73 73.68
CA UNK B 171 20.32 41.36 74.95
CA UNK B 172 22.07 43.11 77.80
CA UNK B 173 24.60 44.64 75.40
CA UNK B 174 22.06 45.87 72.84
CA UNK B 175 20.00 47.52 75.60
CA UNK B 176 23.04 49.25 77.05
CA UNK B 177 24.39 50.22 73.68
CA UNK B 178 21.15 51.52 72.21
CA UNK B 179 20.11 53.43 75.32
CA UNK B 180 23.49 54.16 76.81
CA UNK B 181 26.30 54.29 74.31
CA UNK B 182 23.99 55.93 71.71
CA UNK B 183 21.05 57.35 73.65
CA UNK B 184 22.72 58.97 76.64
CA UNK B 185 25.75 60.02 74.65
CA UNK B 186 23.58 61.84 72.11
CA UNK B 187 21.58 63.41 74.93
CA UNK B 188 24.88 64.50 76.46
CA UNK B 189 26.09 65.96 73.18
CA UNK B 190 22.82 67.89 72.98
CA UNK B 191 23.69 69.32 76.39
CA UNK B 192 27.10 70.35 75.10
CA UNK B 193 25.79 71.94 71.91
CA UNK B 194 23.23 73.91 73.96
CA UNK B 195 25.41 74.98 76.91
CA UNK B 196 28.58 75.63 74.97
CA UNK B 197 28.56 75.45 71.18
CA UNK B 198 25.54 77.72 70.74
CA UNK B 199 26.51 80.32 73.34
CA UNK B 200 30.03 80.60 71.85
CA UNK B 201 28.66 80.89 68.32
CA UNK B 202 26.83 83.96 69.66
CA UNK B 203 29.99 85.53 71.09
CA UNK B 204 29.31 84.34 74.66
CA UNK B 205 31.95 82.32 76.48
CA UNK B 206 30.77 79.32 78.48
CA UNK B 207 33.38 77.17 80.22
CA UNK B 208 33.77 74.92 83.25
CA UNK B 209 34.47 78.16 85.08
CA UNK B 210 30.93 79.51 84.52
CA UNK B 211 28.68 76.91 82.93
CA UNK B 212 27.01 76.37 86.31
CA UNK B 213 26.11 80.04 86.73
CA UNK B 214 24.79 80.78 83.25
CA UNK B 215 21.56 79.57 81.72
CA UNK B 216 21.56 78.28 78.12
CA UNK B 217 18.21 80.01 77.75
CA UNK B 218 16.76 83.32 79.15
CA UNK B 219 14.04 81.66 81.22
CA UNK B 220 14.99 78.05 80.81
CA UNK B 221 13.89 74.76 82.35
CA UNK B 222 10.54 76.22 83.42
CA UNK B 223 8.98 75.92 79.94
CA UNK B 224 10.47 72.44 79.95
CA UNK B 225 8.43 71.14 82.86
CA UNK B 226 5.33 73.28 82.27
CA UNK B 227 5.21 71.81 78.75
CA UNK B 228 5.79 75.10 76.87
CA UNK B 229 8.58 73.57 74.80
CA UNK B 230 8.05 76.05 71.95
CA UNK B 231 9.67 78.85 73.92
CA UNK B 232 12.96 77.10 73.21
CA UNK B 233 12.36 77.53 69.50
CA UNK B 234 11.79 81.30 69.92
CA UNK B 235 13.94 83.84 68.15
CA UNK B 236 16.51 81.82 66.18
CA UNK B 237 19.61 83.48 64.91
CA UNK B 238 18.86 85.92 62.11
CA UNK B 239 19.83 85.56 58.47
CA UNK B 240 22.37 88.31 59.21
CA UNK B 241 24.09 86.66 62.19
CA UNK B 242 27.90 86.82 62.18
CA UNK B 243 29.11 83.47 63.53
CA UNK B 244 30.97 83.68 66.79
CA UNK B 245 29.55 87.13 67.54
CA UNK B 246 26.53 88.67 69.18
CA UNK B 247 25.67 90.41 65.88
CA UNK B 248 22.36 89.02 64.64
CA UNK B 249 22.29 86.42 67.39
CA UNK B 250 19.05 85.01 68.76
CA UNK B 251 18.27 83.04 71.90
CA UNK B 252 16.67 79.85 70.59
CA UNK B 253 18.33 76.59 71.68
CA UNK B 254 16.15 74.06 69.80
CA UNK B 255 14.85 74.67 66.29
CA UNK B 256 13.89 73.10 62.99
CA UNK B 257 14.89 75.67 60.38
CA UNK B 258 16.34 73.35 57.73
CA UNK B 259 18.85 74.57 55.19
CA UNK B 260 21.94 76.55 56.14
CA UNK B 261 23.13 79.49 58.19
CA UNK B 262 23.60 82.03 55.34
CA UNK B 263 27.06 83.11 56.46
CA UNK B 264 28.76 79.86 57.58
CA UNK B 265 26.95 77.89 54.81
CA UNK B 266 26.51 74.94 57.12
CA UNK B 267 23.71 73.50 59.25
CA UNK B 268 22.32 75.60 62.08
CA UNK B 269 23.72 74.75 65.50
CA UNK B 270 20.22 74.96 66.98
CA UNK B 271 18.95 72.48 64.36
CA UNK B 272 21.82 70.12 65.25
CA UNK B 273 21.16 70.37 68.97
CA UNK B 274 17.49 69.54 68.42
CA UNK B 275 18.55 66.59 66.21
CA UNK B 276 20.60 64.97 68.95
CA UNK B 277 17.95 65.52 71.62
CA UNK B 278 15.31 63.89 69.43
CA UNK B 279 17.62 61.04 68.46
CA UNK B 280 18.52 60.54 72.13
CA UNK B 281 14.88 59.89 73.06
CA UNK B 282 14.49 57.40 70.22
CA UNK B 283 17.56 55.41 71.33
CA UNK B 284 16.78 55.44 75.02
CA UNK B 285 13.37 54.00 74.16
CA UNK B 286 14.77 51.31 71.81
CA UNK B 287 17.23 50.43 74.56
CA UNK B 288 14.30 49.07 76.54
CA UNK B 289 13.35 46.34 74.10
CA UNK B 290 15.36 43.29 75.07
CA UNK B 291 15.10 41.00 78.08
CA UNK B 292 17.79 41.08 80.74
CA UNK B 293 17.45 40.17 84.45
CA UNK B 294 13.98 41.63 85.05
CA UNK B 295 11.91 38.98 83.28
CA UNK B 296 10.52 41.63 80.95
CA UNK B 297 11.51 42.25 77.35
CA UNK B 298 12.19 40.33 74.14
CA UNK B 299 14.40 37.29 73.70
CA UNK B 300 15.92 37.58 70.24
CA UNK B 301 16.22 33.78 70.44
CA UNK B 302 12.39 33.22 70.72
CA UNK B 303 11.78 35.76 67.86
CA UNK B 304 14.23 33.75 65.71
CA UNK B 305 12.71 30.45 66.34
CA UNK B 306 9.10 31.87 65.73
CA UNK B 307 10.37 34.97 63.95
CA UNK B 308 10.95 32.69 60.98
CA UNK B 309 7.52 31.03 61.44
CA UNK B 310 6.14 33.85 59.73
CA UNK B 311 8.22 33.45 56.63
CA UNK B 312 5.60 30.83 55.78
CA UNK B 313 6.12 28.15 53.67
CA UNK B 314 9.31 28.51 51.61
CA UNK B 315 12.38 29.12 53.77
CA UNK B 316 14.12 27.76 56.69
CA UNK B 317 13.43 28.37 60.33
CA UNK B 318 15.42 31.47 61.41
CA UNK B 319 15.51 29.29 64.33
CA UNK B 320 19.18 28.85 64.87
CA UNK B 321 20.20 32.22 63.38
CA UNK B 322 20.43 33.57 66.92
CA UNK B 323 22.99 30.94 67.87
CA UNK B 324 24.78 31.12 64.55
CA UNK B 325 25.21 34.87 64.98
CA UNK B 326 25.85 34.90 68.75
CA UNK B 327 28.38 32.03 68.72
CA UNK B 328 30.52 33.23 65.79
CA UNK B 329 32.84 36.20 66.29
CA UNK B 330 33.33 36.21 62.52
CA UNK B 331 29.62 36.46 61.72
CA UNK B 332 29.43 39.39 64.12
CA UNK B 333 32.54 41.07 62.76
CA UNK B 334 31.48 40.59 59.16
CA UNK B 335 28.01 41.85 59.95
CA UNK B 336 29.22 44.86 61.93
CA UNK B 337 31.75 45.74 59.24
CA UNK B 338 28.98 45.90 56.61
CA UNK B 339 26.89 48.17 58.81
CA UNK B 340 29.87 50.41 59.57
CA UNK B 341 30.96 50.47 55.93
CA UNK B 342 27.49 51.56 54.93
CA UNK B 343 27.24 54.44 57.31
CA UNK B 344 30.79 55.57 56.56
CA UNK B 345 29.70 56.05 52.97
CA UNK B 346 26.60 57.84 54.29
CA UNK B 347 28.88 60.14 56.30
CA UNK B 348 30.78 60.94 53.11
CA UNK B 349 27.60 61.47 51.03
CA UNK B 350 25.87 63.66 53.61
CA UNK B 351 28.79 65.78 54.74
CA UNK B 352 29.66 67.21 51.34
CA UNK B 353 26.04 68.03 50.51
CA UNK B 354 24.94 69.03 54.02
CA UNK B 355 28.04 70.77 55.47
CA UNK B 356 27.77 70.52 59.25
CA UNK B 357 30.76 72.73 60.09
CA UNK B 358 31.08 76.51 59.83
CA UNK B 359 32.87 77.71 56.67
CA UNK B 360 34.05 74.24 55.71
CA UNK B 361 32.26 74.48 52.33
CA UNK B 362 34.75 77.21 51.50
CA UNK B 363 37.78 75.01 52.21
CA UNK B 364 37.76 73.06 48.97
CA UNK B 365 40.84 70.97 49.63
CA UNK B 366 39.59 69.70 52.92
CA UNK B 367 36.11 68.89 51.60
CA UNK B 368 37.72 66.90 48.80
CA UNK B 369 39.98 65.09 51.34
CA UNK B 370 37.14 64.32 53.72
CA UNK B 371 35.00 62.76 51.02
CA UNK B 372 37.82 60.73 49.46
CA UNK B 373 39.07 59.59 52.87
CA UNK B 374 35.70 58.28 54.09
CA UNK B 375 34.85 56.59 50.83
CA UNK B 376 38.14 54.72 50.84
CA UNK B 377 37.54 53.77 54.47
CA UNK B 378 34.10 52.48 53.48
CA UNK B 379 35.54 50.31 50.72
CA UNK B 380 38.04 48.63 53.05
CA UNK B 381 35.27 48.01 55.58
CA UNK B 382 32.91 46.52 52.99
CA UNK B 383 35.64 44.19 51.76
CA UNK B 384 36.42 43.10 55.32
CA UNK B 385 32.74 42.47 56.02
CA UNK B 386 32.63 39.92 53.18
CA UNK B 387 36.04 38.53 54.15
CA UNK B 388 34.84 37.69 57.60
CA UNK B 389 31.60 36.34 56.17
CA UNK B 390 33.65 33.80 54.20
CA UNK B 391 35.75 33.09 57.30
CA UNK B 392 32.55 32.46 59.23
CA UNK B 393 31.40 29.98 56.61
CA UNK B 394 34.70 28.06 56.74
CA UNK B 395 35.48 28.10 60.46
CA UNK B 396 32.20 28.59 62.26
CA UNK B 397 29.22 27.54 60.17
CA UNK B 398 27.57 24.36 61.42
CA UNK B 399 25.16 22.95 58.79
CA UNK B 400 23.49 20.71 61.40
CA UNK B 401 22.42 23.69 63.51
CA UNK B 402 21.18 25.66 60.48
CA UNK B 403 19.48 22.99 58.40
CA UNK B 404 16.36 24.55 56.99
CA UNK B 405 16.91 28.22 57.87
CA UNK B 406 17.63 31.21 55.61
CA UNK B 407 21.40 30.74 55.71
CA UNK B 408 21.03 27.10 54.59
CA UNK B 409 18.50 28.15 52.00
CA UNK B 410 20.92 30.66 50.47
CA UNK B 411 23.69 28.06 50.31
CA UNK B 412 21.28 25.63 48.64
CA UNK B 413 20.98 27.96 45.63
CA UNK B 414 24.46 29.54 45.60
CA UNK B 415 25.03 28.95 41.89
CA UNK B 416 21.75 30.64 40.93
CA UNK B 417 22.87 33.66 43.00
CA UNK B 418 26.44 33.76 41.64
CA UNK B 419 25.47 33.21 37.98
CA UNK B 420 23.07 36.14 38.18
CA UNK B 421 25.60 38.53 39.81
CA UNK B 422 27.76 37.42 36.95
CA UNK B 423 25.02 38.41 34.45
CA UNK B 424 24.34 41.84 35.87
CA UNK B 425 28.05 42.64 35.91
CA UNK B 426 28.53 41.47 32.37
CA UNK B 427 25.37 43.40 31.43
CA UNK B 428 26.43 46.62 33.14
CA UNK B 429 29.98 46.41 31.82
CA UNK B 430 29.38 45.56 28.18
CA UNK B 431 26.94 48.48 27.79
CA UNK B 432 28.51 51.14 29.97
CA UNK B 433 31.88 50.57 28.42
CA UNK B 434 30.11 50.43 25.05
CA UNK B 435 28.45 53.82 25.35
CA UNK B 436 31.70 55.51 26.43
CA UNK B 437 33.57 54.01 23.51
CA UNK B 438 30.73 55.03 21.18
CA UNK B 439 30.98 58.61 22.44
CA UNK B 440 34.78 58.71 22.26
CA UNK B 441 34.79 57.61 18.62
CA UNK B 442 31.93 59.85 17.54
CA UNK B 443 33.44 62.88 19.36
CA UNK B 444 36.89 62.05 17.97
CA UNK B 445 35.47 62.12 14.44
CA UNK B 446 34.11 65.65 14.87
CA UNK B 447 30.52 64.64 15.47
CA UNK B 448 29.63 65.13 19.16
CA UNK B 449 25.95 65.36 18.25
CA UNK B 450 26.09 61.60 17.58
CA UNK B 451 26.88 60.72 21.23
CA UNK B 452 24.42 58.63 23.17
CA UNK B 453 23.58 60.86 26.11
CA UNK B 454 20.83 59.60 28.40
CA UNK B 455 19.18 61.99 30.85
CA UNK B 456 19.27 60.90 34.53
CA UNK B 457 15.55 61.52 34.60
CA UNK B 458 14.62 59.22 37.50
CA UNK B 459 17.38 60.91 39.55
CA UNK B 460 16.37 64.43 38.46
CA UNK B 461 12.76 63.52 39.26
CA UNK B 462 13.91 62.75 42.81
CA UNK B 463 15.71 66.10 43.10
CA UNK B 464 12.46 67.65 41.79
CA UNK B 465 10.45 65.72 44.40
CA UNK B 466 12.77 67.31 46.97
CA UNK B 467 11.91 70.85 45.87
CA UNK B 468 14.39 71.55 43.11
CA UNK B 469 12.43 73.60 40.53
CA UNK B 470 15.17 73.58 37.89
CA UNK B 471 13.91 70.41 36.10
CA UNK B 472 10.30 71.54 36.27
CA UNK B 473 8.72 68.23 37.22
CA UNK B 474 6.31 70.25 39.42
CA UNK B 475 5.50 67.47 41.93
CA UNK B 476 5.82 67.21 45.70
CA UNK B 477 7.67 70.13 47.34
CA UNK B 478 8.35 71.11 43.73
CA UNK B 479 4.58 71.76 43.66
CA UNK B 480 3.64 74.31 46.35
CA UNK B 481 0.07 73.03 46.29
CA UNK B 482 0.85 69.35 46.70
CA UNK B 483 -0.29 67.60 49.85
CA UNK B 484 3.34 67.09 50.61
CA UNK B 485 4.44 70.76 50.32
CA UNK B 486 1.21 71.96 52.03
CA UNK B 487 2.52 70.33 55.25
CA UNK B 488 6.10 71.46 54.45
CA UNK B 489 4.87 75.03 54.89
CA UNK B 490 5.62 75.50 58.70
CA UNK B 491 9.24 75.47 58.76
CA UNK B 492 11.73 73.10 57.85
CA UNK B 493 10.41 73.32 54.33
CA UNK B 494 11.10 76.99 53.55
CA UNK B 495 14.73 76.90 54.67
CA UNK B 496 15.25 73.61 52.89
CA UNK B 497 13.71 74.81 49.60
CA UNK B 498 15.81 77.91 49.85
CA UNK B 499 18.98 75.76 50.08
CA UNK B 500 18.08 73.22 47.41
CA UNK B 501 17.35 75.97 44.85
CA UNK B 502 20.17 78.48 45.44
CA UNK B 503 22.63 76.74 43.13
CA UNK B 504 25.51 78.05 45.29
CA UNK B 505 26.11 74.83 47.24
CA UNK B 506 26.26 71.02 46.88
CA UNK B 507 22.81 70.15 48.18
CA UNK B 508 21.70 67.96 45.23
CA UNK B 509 23.98 69.15 42.45
CA UNK B 510 22.44 69.42 38.99
CA UNK B 511 23.16 66.27 36.93
CA UNK B 512 23.06 65.21 33.28
CA UNK B 513 24.22 62.47 30.87
CA UNK B 514 27.77 62.66 32.23
CA UNK B 515 26.40 61.83 35.66
CA UNK B 516 24.36 59.03 34.11
CA UNK B 517 27.31 57.18 32.63
CA UNK B 518 29.51 57.26 35.78
CA UNK B 519 26.68 56.14 37.99
CA UNK B 520 26.42 53.00 35.90
CA UNK B 521 30.22 52.60 36.07
CA UNK B 522 29.79 52.76 39.82
CA UNK B 523 26.99 50.22 39.63
CA UNK B 524 29.32 47.98 37.61
CA UNK B 525 31.97 48.33 40.32
CA UNK B 526 29.63 47.55 43.18
CA UNK B 527 28.26 44.44 41.39
CA UNK B 528 31.57 42.94 40.27
CA UNK B 529 33.17 43.57 43.68
CA UNK B 530 30.17 41.96 45.29
CA UNK B 531 30.30 39.17 42.73
CA UNK B 532 33.89 38.32 43.62
CA UNK B 533 33.26 38.50 47.35
CA UNK B 534 29.99 36.57 47.31
CA UNK B 535 31.30 33.90 45.02
CA UNK B 536 34.42 33.68 47.18
CA UNK B 537 32.33 33.24 50.30
CA UNK B 538 29.75 30.81 48.87
CA UNK B 539 32.52 28.56 47.56
CA UNK B 540 34.69 28.83 50.70
CA UNK B 541 33.40 25.48 52.04
CA UNK B 542 33.72 23.77 48.64
CA UNK B 543 33.26 23.77 44.88
CA UNK B 544 33.20 21.14 42.13
CA UNK B 545 36.91 21.74 41.48
CA UNK B 546 37.59 21.41 45.20
CA UNK B 547 34.71 19.57 47.00
CA UNK B 548 36.49 19.49 50.39
CA UNK B 549 37.71 23.09 50.51
CA UNK B 550 36.51 23.59 54.08
CA UNK B 551 39.16 21.12 55.29
CA UNK B 552 41.90 23.48 54.12
CA UNK B 553 40.75 26.67 55.80
CA UNK B 554 40.27 30.22 54.57
CA UNK B 555 43.75 30.83 53.17
CA UNK B 556 46.14 28.45 51.43
CA UNK B 557 48.45 28.60 48.36
CA UNK B 558 46.33 26.48 46.10
CA UNK B 559 45.92 22.77 45.47
CA UNK B 560 48.55 22.23 42.81
CA UNK B 561 48.65 21.90 39.00
CA UNK B 562 46.46 18.81 39.13
CA UNK B 563 42.78 18.80 38.09
CA UNK B 564 43.61 21.41 35.45
CA UNK B 565 45.26 23.92 37.82
CA UNK B 566 44.09 25.50 41.03
CA UNK B 567 45.79 28.85 41.63
CA UNK B 568 43.80 31.47 43.52
CA UNK B 569 41.19 28.97 44.59
CA UNK B 570 40.85 29.85 48.28
CA UNK B 571 38.28 32.22 49.74
CA UNK B 572 41.25 34.31 50.85
CA UNK B 573 42.21 34.65 47.21
CA UNK B 574 38.74 36.02 46.45
CA UNK B 575 39.22 38.80 49.05
CA UNK B 576 42.61 39.47 47.41
CA UNK B 577 41.03 39.75 43.91
CA UNK B 578 38.05 41.74 45.17
CA UNK B 579 40.44 44.34 46.62
CA UNK B 580 41.60 45.33 43.18
CA UNK B 581 37.96 45.90 42.24
CA UNK B 582 37.14 47.82 45.38
CA UNK B 583 40.08 50.17 44.73
CA UNK B 584 38.92 50.55 41.12
CA UNK B 585 35.36 51.33 42.25
CA UNK B 586 36.23 53.87 44.92
CA UNK B 587 38.55 55.40 42.32
CA UNK B 588 35.70 55.89 39.87
CA UNK B 589 33.51 57.36 42.59
CA UNK B 590 36.18 59.76 43.88
CA UNK B 591 37.49 60.80 40.44
CA UNK B 592 33.85 61.59 39.74
CA UNK B 593 33.17 63.52 42.96
CA UNK B 594 36.32 65.53 42.47
CA UNK B 595 36.08 66.51 38.81
CA UNK B 596 32.44 67.50 39.25
CA UNK B 597 33.24 69.73 42.24
CA UNK B 598 36.23 71.15 40.39
CA UNK B 599 33.84 72.64 37.79
CA UNK B 600 31.29 73.68 40.41
CA UNK B 601 33.94 75.55 42.38
CA UNK B 602 35.42 77.32 39.36
CA UNK B 603 31.93 78.30 38.28
CA UNK B 604 32.43 76.26 35.10
CA UNK B 605 30.13 73.20 35.20
CA UNK B 606 30.18 72.98 31.40
CA UNK B 607 33.58 71.31 31.47
CA UNK B 608 32.36 68.27 33.39
CA UNK B 609 28.96 68.30 31.64
CA UNK B 610 30.47 68.24 28.17
CA UNK B 611 33.75 66.39 28.78
CA UNK B 612 32.58 63.50 31.04
CA UNK B 613 30.62 61.54 28.40
CA UNK B 614 33.68 60.20 26.54
CA UNK B 615 36.75 58.76 28.28
CA UNK B 616 39.36 60.93 26.56
CA UNK B 617 37.68 63.76 28.45
CA UNK B 618 38.50 62.25 31.84
CA UNK B 619 42.05 61.51 30.77
CA UNK B 620 42.62 64.96 29.28
CA UNK B 621 40.44 67.46 31.15
CA UNK B 622 40.58 65.87 34.54
CA UNK B 623 43.92 64.06 34.99
CA UNK B 624 46.30 65.67 32.52
CA UNK B 625 44.93 69.21 32.96
CA UNK B 626 44.90 69.08 36.77
CA UNK B 627 48.34 67.57 37.31
CA UNK B 628 49.96 70.80 36.06
CA UNK B 629 50.86 72.63 39.29
CA UNK B 630 51.45 69.39 41.26
CA UNK B 631 54.02 68.26 38.73
CA UNK B 632 55.94 71.52 39.18
CA UNK B 633 56.08 71.23 42.98
CA UNK B 634 59.77 71.18 42.17
CA UNK B 635 61.57 71.52 38.82
CA UNK B 636 64.85 72.79 37.35
CA UNK B 637 63.93 76.29 38.45
CA UNK B 638 62.99 75.85 42.08
CA UNK B 639 60.65 74.22 44.59
CA UNK B 640 57.47 75.43 46.22
CA UNK B 641 55.16 74.22 48.97
CA UNK B 642 53.78 71.49 46.71
CA UNK B 643 57.19 69.83 46.43
CA UNK B 644 56.09 67.26 49.06
CA UNK B 645 53.02 66.22 47.17
CA UNK B 646 54.96 66.10 43.95
CA UNK B 647 57.55 63.79 45.54
CA UNK B 648 54.80 61.76 47.23
CA UNK B 649 53.05 61.58 43.85
CA UNK B 650 56.11 59.94 42.32
CA UNK B 651 56.54 57.82 45.43
CA UNK B 652 53.03 56.41 45.04
CA UNK B 653 53.71 55.52 41.43
CA UNK B 654 56.88 53.69 42.46
CA UNK B 655 55.29 51.68 45.28
CA UNK B 656 52.38 50.77 43.03
CA UNK B 657 54.58 49.45 40.27
CA UNK B 658 56.76 47.66 42.84
CA UNK B 659 53.65 45.69 43.85
CA UNK B 660 53.38 44.43 40.26
CA UNK B 661 56.65 42.52 40.86
CA UNK B 662 55.10 40.33 43.58
CA UNK B 663 51.79 39.98 41.72
CA UNK B 664 53.21 38.95 38.33
CA UNK B 665 56.37 36.98 39.03
CA UNK B 666 55.77 33.93 41.24
CA UNK B 667 57.67 31.96 43.91
CA UNK B 668 59.63 29.29 42.07
CA UNK B 669 61.61 31.80 40.03
CA UNK B 670 62.84 33.54 43.20
CA UNK B 671 63.52 30.53 45.39
CA UNK B 672 65.94 29.23 42.75
CA UNK B 673 67.67 32.63 42.43
CA UNK B 674 68.04 32.79 46.20
CA UNK B 675 69.75 29.39 46.12
CA UNK B 676 72.51 30.75 43.89
CA UNK B 677 72.93 33.54 46.44
CA UNK B 678 73.20 31.02 49.32
CA UNK B 679 75.89 29.24 47.31
CA UNK B 680 77.83 32.54 46.74
CA UNK B 681 77.68 33.61 50.36
CA UNK B 682 79.01 30.26 51.66
CA UNK B 683 81.81 30.31 49.08
CA UNK B 684 82.92 33.92 49.62
CA UNK B 685 85.83 34.34 52.09
CA UNK B 686 85.49 36.99 54.82
CA UNK B 687 81.71 37.14 54.11
CA UNK B 688 82.03 33.40 55.03
CA UNK B 689 82.75 34.33 58.61
CA UNK B 690 79.15 35.13 59.23
CA UNK B 691 76.04 33.11 58.68
CA UNK B 692 72.35 33.67 58.76
CA UNK B 693 70.53 32.21 61.73
CA UNK B 694 67.28 31.74 59.68
CA UNK B 695 67.76 30.06 56.29
CA UNK B 696 66.78 32.51 53.52
CA UNK B 697 63.84 31.39 51.41
CA UNK B 698 61.61 33.09 48.87
CA UNK B 699 58.34 34.63 50.20
CA UNK B 700 55.43 32.19 50.22
CA UNK B 701 52.69 31.95 47.56
CA UNK B 702 50.03 33.63 49.70
CA UNK B 703 52.58 36.09 51.16
CA UNK B 704 53.47 37.53 47.73
CA UNK B 705 49.80 38.06 46.91
CA UNK B 706 49.50 39.94 50.19
CA UNK B 707 52.74 41.97 49.79
CA UNK B 708 52.02 42.74 46.14
CA UNK B 709 48.48 43.81 46.97
CA UNK B 710 49.80 45.95 49.86
CA UNK B 711 52.28 47.78 47.65
CA UNK B 712 49.61 48.19 44.93
CA UNK B 713 47.21 49.57 47.55
CA UNK B 714 49.63 51.92 49.29
CA UNK B 715 50.79 53.37 45.97
CA UNK B 716 47.25 53.62 44.67
CA UNK B 717 46.21 55.72 47.64
CA UNK B 718 49.34 57.85 47.98
CA UNK B 719 49.39 58.68 44.29
CA UNK B 720 45.79 59.85 44.35
CA UNK B 721 46.03 61.70 47.64
CA UNK B 722 48.99 63.73 46.38
CA UNK B 723 47.06 64.61 43.21
CA UNK B 724 43.77 65.28 44.96
CA UNK B 725 45.32 67.56 47.55
CA UNK B 726 47.81 69.41 45.37
CA UNK B 727 45.49 69.88 42.39
CA UNK B 728 42.85 71.47 44.60
CA UNK B 729 45.22 73.47 46.83
CA UNK B 730 46.91 75.04 43.79
CA UNK B 731 43.46 76.41 42.69
CA UNK B 732 40.16 75.81 44.45
CA UNK C 1 55.56 18.13 58.40
CA UNK C 2 52.85 17.93 55.80
CA UNK C 3 50.00 15.46 56.44
CA UNK C 4 49.23 12.80 53.83
CA UNK C 5 46.01 10.78 54.18
CA UNK C 6 44.73 7.81 52.16
CA UNK C 7 40.96 7.33 52.03
CA UNK C 8 39.12 4.02 51.52
CA UNK C 9 38.13 4.82 47.95
CA UNK C 10 41.68 3.84 47.02
CA UNK C 11 41.74 1.34 44.14
CA UNK C 12 45.33 0.26 44.75
CA UNK C 13 46.65 1.42 41.35
CA UNK C 14 50.10 2.44 42.81
CA UNK C 15 50.30 5.70 40.74
CA UNK C 16 50.71 8.04 43.71
CA UNK C 17 53.54 5.90 45.04
CA UNK C 18 55.42 5.98 41.73
CA UNK C 19 54.82 9.70 41.30
CA UNK C 20 56.30 10.69 44.68
CA UNK C 21 59.73 12.32 44.23
CA UNK C 22 60.81 11.65 47.81
CA UNK C 23 59.48 8.15 48.58
CA UNK C 24 56.92 9.10 51.19
CA UNK C 25 54.50 6.39 50.08
CA UNK C 26 54.31 2.61 49.62
CA UNK C 27 51.71 -0.05 48.78
CA UNK C 28 50.59 -2.32 51.64
CA UNK C 29 48.24 -5.37 51.78
CA UNK C 30 44.54 -4.47 51.88
CA UNK C 31 41.23 -6.30 51.36
CA UNK C 32 39.15 -3.17 50.60
CA UNK C 33 39.67 -3.30 46.85
CA UNK C 34 40.18 -5.71 43.99
CA UNK C 35 43.93 -5.01 43.78
CA UNK C 36 44.31 -6.07 47.43
CA UNK C 37 46.39 -3.06 48.36
CA UNK C 38 46.11 0.45 49.62
CA UNK C 39 48.62 3.31 49.33
CA UNK C 40 50.35 4.26 52.59
CA UNK C 41 52.29 7.33 53.78
CA UNK C 42 54.79 5.98 56.36
CA UNK C 43 57.52 8.63 55.68
CA UNK C 44 55.75 12.00 55.69
CA UNK C 45 58.76 13.63 57.37
CA UNK C 46 60.24 13.50 53.83
CA UNK C 47 57.10 14.95 52.18
CA UNK C 48 57.69 18.20 50.24
CA UNK C 49 53.98 18.80 49.43
CA UNK C 50 54.48 18.88 45.65
CA UNK C 51 51.12 17.10 45.26
CA UNK C 52 52.35 15.03 42.32
CA UNK C 53 50.61 12.19 44.22
CA UNK C 54 47.07 13.69 44.04
CA UNK C 55 47.81 14.67 40.46
CA UNK C 56 48.30 10.98 39.66
CA UNK C 57 45.25 9.66 41.64
CA UNK C 58 42.41 8.47 39.27
CA UNK C 59 39.53 8.24 41.74
CA UNK C 60 36.68 10.74 41.54
CA UNK C 61 37.86 12.81 44.24
CA UNK C 62 41.12 11.90 45.57
CA UNK C 63 41.78 8.83 47.62
CA UNK C 64 45.11 10.42 48.63
CA UNK C 65 45.05 13.92 50.13
CA UNK C 66 47.89 16.30 51.07
CA UNK C 67 47.38 18.94 53.81
CA UNK C 68 50.38 21.31 54.03
CA UNK C 69 51.60 21.76 57.60
CA UNK C 70 54.61 22.88 59.72
CA UNK C 71 57.58 23.64 57.49
CA UNK C 72 61.06 22.16 57.86
CA UNK C 73 64.30 22.09 55.92
CA UNK C 74 62.95 18.89 54.30
CA UNK C 75 59.40 20.04 53.54
CA UNK C 76 60.80 23.32 52.11
CA UNK C 77 63.08 21.31 49.83
CA UNK C 78 66.27 23.04 50.85
CA UNK C 79 69.66 21.73 49.64
CA UNK C 80 71.09 23.93 52.18
CA UNK D 1 65.47 -7.77 57.80
CA UNK D 2 68.67 -5.59 57.43
CA UNK D 3 70.11 -3.82 54.52
CA UNK D 4 73.38 -2.45 55.56
CA UNK D 5 76.82 -0.68 55.24
CA UNK D 6 77.98 0.32 51.69
CA UNK D 7 80.12 2.85 53.64
CA UNK D 8 83.29 0.94 53.38
CA UNK D 9 86.02 3.60 52.86
CA UNK D 10 84.44 6.49 54.77
CA UNK D 11 85.99 8.97 57.26
CA UNK D 12 85.30 11.46 60.02
CA UNK D 13 84.46 14.69 58.87
CA UNK D 14 82.70 15.59 55.94
CA UNK D 15 85.40 17.86 54.58
CA UNK D 16 85.54 20.59 57.27
CA UNK D 17 88.86 22.07 56.16
CA UNK D 18 92.45 21.41 55.27
CA UNK D 19 95.24 19.42 57.02
CA UNK D 20 94.84 18.32 60.67
CA UNK D 21 98.50 17.47 61.33
CA UNK D 22 100.21 18.87 58.19
CA UNK D 23 83.61 4.13 43.34
CA UNK D 24 82.74 7.74 42.56
CA UNK D 25 81.59 8.22 38.96
CA UNK D 26 84.04 10.13 36.78
CA UNK D 27 82.95 13.74 37.39
CA UNK D 28 84.79 17.07 37.41
CA UNK D 29 82.55 18.57 40.09
CA UNK D 30 80.22 21.57 39.93
CA UNK D 31 78.87 24.48 41.93
CA UNK D 32 75.60 22.60 42.42
CA UNK D 33 76.70 19.97 44.94
CA UNK D 34 76.83 19.82 48.73
CA UNK D 35 76.76 22.95 50.90
CA UNK D 36 77.52 23.29 54.56
CA UNK D 37 74.27 21.65 55.70
CA UNK D 38 75.73 18.39 54.36
CA UNK D 39 78.25 18.43 57.21
CA UNK D 40 76.20 19.91 59.99
CA UNK D 41 72.74 18.49 59.40
CA UNK D 42 72.40 15.58 57.05
CA UNK D 43 73.58 14.30 53.74
CA UNK D 44 72.58 11.49 51.37
CA UNK D 45 74.26 8.72 49.45
CA UNK D 46 73.12 6.48 46.66
CA UNK D 47 74.92 3.28 45.62
CA UNK D 48 74.38 1.03 42.64
CA UNK D 49 76.30 -1.34 40.34
CA UNK D 50 76.58 -0.97 36.61
CA UNK D 51 77.52 -3.59 33.97
CA UNK D 52 79.79 -1.15 32.13
CA UNK D 53 81.28 2.33 32.10
CA UNK D 54 78.52 4.62 30.81
CA UNK D 55 77.66 8.33 30.58
CA UNK D 56 74.75 9.79 32.57
CA UNK D 57 73.55 13.14 33.88
CA UNK D 58 74.02 14.52 37.40
CA UNK D 59 70.98 16.35 38.84
CA UNK D 60 73.64 18.79 40.09
CA UNK D 61 74.44 19.44 36.44
CA UNK D 62 76.65 18.00 33.77
CA UNK D 63 77.73 14.72 32.30
CA UNK D 64 79.28 12.01 34.46
CA UNK D 65 80.61 8.52 33.68
CA UNK D 66 79.50 5.72 35.95
CA UNK D 67 82.12 3.10 36.66
CA UNK D 68 81.77 -0.58 35.88
CA UNK D 69 81.03 -2.23 39.20
CA UNK D 70 79.90 -0.41 42.30
CA UNK D 71 79.27 3.38 42.28
CA UNK D 72 78.77 5.79 45.22
CA UNK D 73 77.51 9.39 45.06
CA UNK D 74 76.59 11.91 47.77
CA UNK D 75 73.74 14.43 47.45
CA UNK D 76 72.32 17.11 49.69
CA UNK D 77 68.74 15.91 49.39
CA UNK D 78 66.80 12.63 49.33
CA UNK D 79 65.02 13.97 46.28
CA UNK D 80 68.29 14.28 44.36
CA UNK D 81 69.07 10.64 45.05
CA UNK D 82 65.60 9.55 43.88
CA UNK D 83 65.81 11.73 40.77
CA UNK D 84 69.09 10.07 39.78
CA UNK D 85 67.47 6.61 40.30
CA UNK D 86 65.18 7.62 37.76
CA UNK D 87 68.57 7.79 35.55
CA UNK D 88 69.58 4.33 36.48
CA UNK D 89 66.04 2.84 36.05
CA UNK D 90 66.19 3.73 32.35
CA UNK D 91 69.48 1.83 31.71
CA UNK D 92 67.92 -1.15 33.55
CA UNK D 93 69.82 -0.60 36.99
CA UNK D 94 67.58 -1.46 39.93
CA UNK D 95 70.00 -2.49 42.66
CA UNK D 96 70.40 1.09 43.88
CA UNK D 97 70.28 1.93 47.60
CA UNK D 98 69.80 5.26 49.33
CA UNK D 99 71.19 6.32 52.69
CA UNK D 100 70.78 9.20 55.11
CA UNK D 101 74.08 10.18 56.73
CA UNK D 102 74.35 12.17 59.91
CA UNK D 103 77.32 14.35 61.10
CA UNK D 104 78.01 11.37 63.44
CA UNK D 105 78.88 9.16 60.56
CA UNK D 106 75.74 7.18 61.29
CA UNK D 107 74.48 5.80 57.98
CA UNK D 108 70.90 4.55 57.66
CA UNK D 109 69.35 2.74 54.68
CA UNK D 110 66.08 4.44 53.75
CA UNK D 111 65.21 3.20 50.27
CA UNK D 112 64.19 0.46 49.38
CA UNK D 113 63.24 0.73 53.02
CA UNK D 114 62.43 -3.02 53.25
CA UNK D 115 64.36 -4.50 50.32
CA UNK D 116 61.31 -4.27 48.15
CA UNK D 117 60.44 -1.18 46.11
CA UNK D 118 57.48 0.77 47.51
CA UNK D 119 55.49 0.43 44.23
CA UNK D 120 55.10 -3.32 44.80
CA UNK D 121 52.97 -4.49 47.74
CA UNK D 122 54.89 -6.40 50.33
CA UNK D 123 53.79 -8.38 53.38
CA UNK D 124 55.01 -6.94 56.65
CA UNK D 125 54.07 -3.36 55.77
CA UNK D 126 51.33 -1.82 57.88
CA UNK D 127 49.02 0.90 56.59
CA UNK D 128 49.98 4.35 57.87
CA UNK D 129 47.43 7.19 57.71
CA UNK D 130 44.35 5.31 56.44
CA UNK D 131 40.98 6.91 56.82
CA UNK D 132 38.03 4.40 56.87
CA UNK D 133 35.69 6.57 54.76
CA UNK D 134 35.41 8.47 51.46
CA UNK D 135 36.80 12.01 51.60
CA UNK D 136 33.35 13.62 51.29
CA UNK D 137 32.48 12.17 54.68
CA UNK D 138 35.00 14.12 56.82
CA UNK D 139 33.38 16.05 59.70
CA UNK D 140 33.09 19.87 59.41
CA UNK D 141 35.79 21.90 61.13
CA UNK D 142 32.99 23.92 62.75
CA UNK D 143 32.22 20.65 64.53
CA UNK D 144 35.80 20.22 65.73
CA UNK D 145 36.28 23.68 67.24
CA UNK D 146 38.23 23.57 70.49
CA UNK D 147 38.82 19.83 70.34
CA UNK D 148 42.17 19.27 68.71
CA UNK D 149 40.71 16.92 66.14
CA UNK D 150 41.32 17.27 62.41
CA UNK D 151 38.70 16.69 59.63
CA UNK D 152 40.90 13.92 58.22
CA UNK D 153 41.50 12.21 61.59
CA UNK D 154 40.26 8.54 61.42
CA UNK E 1 20.47 -10.79 44.83
CA UNK E 2 22.90 -9.41 41.97
CA UNK E 3 23.04 -5.32 40.71
CA UNK E 4 23.61 -4.72 37.19
CA UNK E 5 25.99 -4.33 34.24
CA UNK E 6 24.20 -1.88 32.01
CA UNK E 7 21.97 -0.11 34.56
CA UNK E 8 21.49 3.68 34.58
CA UNK E 9 22.37 5.34 37.89
CA UNK E 10 22.11 8.76 39.50
CA UNK E 11 25.19 9.61 41.59
CA UNK E 12 24.53 10.45 45.25
CA UNK E 13 28.17 10.94 46.35
CA UNK E 14 28.37 14.78 47.04
CA UNK E 15 32.06 15.26 46.25
CA UNK E 16 31.51 13.59 42.90
CA UNK E 17 32.02 15.51 39.70
CA UNK E 18 28.85 13.76 38.50
CA UNK E 19 26.71 14.29 41.55
CA UNK E 20 23.02 14.36 40.48
CA UNK E 21 23.98 13.05 37.06
CA UNK E 22 23.41 9.70 35.44
CA UNK E 23 25.98 7.15 34.43
CA UNK E 24 25.88 3.58 33.20
CA UNK E 25 27.14 0.62 35.23
CA UNK E 26 29.94 -1.15 33.37
CA UNK E 27 29.99 -3.93 35.94
CA UNK E 28 29.82 -4.85 39.61
CA UNK E 29 32.71 -6.64 41.28
CA UNK E 30 31.41 -9.28 43.68
CA UNK E 31 34.80 -10.00 45.22
CA UNK E 32 34.01 -10.10 48.94
CA UNK E 33 35.26 -7.10 50.91
CA UNK E 34 35.52 -4.70 47.97
CA UNK E 35 34.17 -1.36 49.31
CA UNK E 36 33.11 0.38 46.04
CA UNK E 37 31.89 -2.45 43.71
CA UNK E 38 29.87 -0.45 41.22
CA UNK E 39 32.02 0.58 38.24
CA UNK E 40 30.23 3.49 36.50
CA UNK E 41 31.04 5.19 33.18
CA UNK E 42 29.97 8.72 32.17
CA UNK E 43 29.32 10.83 29.09
CA UNK E 44 31.42 13.81 30.16
CA UNK E 45 34.96 13.76 31.65
CA UNK E 46 35.75 15.34 35.00
CA UNK E 47 38.68 17.61 35.98
CA UNK E 48 41.42 14.97 36.43
CA UNK E 49 39.79 12.02 35.90
CA UNK E 50 38.51 10.35 33.15
CA UNK E 51 34.90 9.37 32.56
CA UNK E 52 34.88 6.42 34.98
CA UNK E 53 34.72 5.90 38.75
CA UNK E 54 33.64 3.26 41.33
CA UNK E 55 30.84 3.70 43.85
CA UNK E 56 29.10 1.96 46.72
CA UNK E 57 25.54 0.74 46.25
CA UNK E 58 24.20 3.29 48.70
CA UNK E 59 25.85 6.00 46.56
CA UNK E 60 23.94 5.17 43.39
CA UNK E 61 20.25 5.24 42.52
CA UNK E 62 19.01 3.04 39.69
CA UNK E 63 16.71 5.00 37.37
CA UNK E 64 15.52 3.81 33.90
CA UNK F 1 10.57 70.26 27.97
CA UNK F 2 11.30 67.04 29.94
CA UNK F 3 13.89 67.54 32.68
CA UNK F 4 14.50 71.09 31.48
CA UNK F 5 15.61 69.89 28.06
CA UNK F 6 14.62 71.87 24.97
CA UNK F 7 13.80 70.86 21.38
CA UNK F 8 17.01 70.84 19.37
CA UNK F 9 15.22 72.92 16.73
CA UNK F 10 14.59 75.57 19.42
CA UNK F 11 18.17 75.37 20.78
CA UNK F 12 20.56 78.24 20.07
CA UNK F 13 23.59 75.97 20.77
CA UNK F 14 22.26 73.26 18.44
CA UNK F 15 22.32 75.72 15.58
CA UNK F 16 25.87 76.81 16.35
CA UNK F 17 27.01 73.18 16.26
CA GLU F 18 25.14 72.60 13.00
CA LYS F 19 26.88 75.76 11.72
CA GLN F 20 30.34 74.87 13.18
CA ALA F 21 30.19 71.43 11.73
CA LEU F 22 29.43 73.08 8.41
CA LYS F 23 32.12 75.66 9.18
CA LYS F 24 34.67 73.03 10.02
CA LEU F 25 33.80 71.05 6.88
CA GLN F 26 34.48 74.18 4.72
CA ALA F 27 37.69 74.80 6.68
CA SER F 28 39.74 71.93 5.23
CA LEU F 29 38.31 72.38 1.76
CA LYS F 30 40.98 75.00 1.40
CA LEU F 31 43.27 73.03 -0.61
CA TYR F 32 44.34 72.67 -4.22
CA ALA F 33 41.30 70.59 -5.15
CA ASP F 34 39.96 72.75 -7.87
CA ASP F 35 37.93 70.02 -9.66
CA SER F 36 39.37 67.08 -7.62
CA ALA F 37 37.78 63.95 -6.10
CA PRO F 38 38.03 65.33 -2.51
CA ALA F 39 35.54 67.97 -3.46
CA LEU F 40 33.02 65.19 -4.25
CA ALA F 41 33.60 63.95 -0.72
CA ILE F 42 33.46 67.50 0.67
CA LYS F 43 30.09 68.10 -0.92
CA ALA F 44 28.79 64.75 0.37
CA THR F 45 30.10 65.53 3.86
CA MET F 46 28.22 68.82 3.86
CA GLU F 47 24.99 67.10 2.82
CA UNK F 48 25.35 64.33 5.40
CA UNK F 49 25.99 67.10 7.89
CA UNK F 50 22.85 69.12 7.21
CA UNK F 51 20.74 66.00 6.79
CA UNK F 52 21.92 64.63 10.12
CA UNK F 53 20.25 67.44 12.02
CA UNK F 54 17.35 67.36 9.61
CA UNK F 55 16.56 63.83 10.73
CA UNK F 56 17.08 64.42 14.46
CA UNK F 57 15.48 67.97 14.57
CA UNK F 58 12.64 65.69 13.10
CA UNK F 59 12.43 63.14 15.90
CA UNK F 60 13.40 66.39 17.70
CA UNK F 61 15.43 64.65 20.20
CA UNK F 62 15.81 66.84 23.24
CA UNK F 63 18.99 68.81 23.52
CA UNK F 64 20.56 70.11 26.64
CA UNK F 65 22.64 73.21 27.20
CA UNK F 66 25.52 71.86 25.05
CA UNK F 67 23.14 71.88 22.10
CA UNK F 68 23.42 68.07 21.75
CA UNK F 69 20.65 65.49 21.60
CA UNK F 70 19.85 63.91 24.99
CA UNK F 71 17.91 60.70 24.44
CA UNK F 72 14.41 60.13 25.62
CA UNK F 73 14.33 56.51 26.69
CA UNK F 74 12.14 56.62 29.77
CA UNK F 75 9.28 54.99 27.81
CA UNK F 76 7.43 58.26 27.32
CA UNK F 77 5.60 57.31 24.06
CA UNK F 78 6.33 60.62 22.43
CA UNK F 79 10.01 59.82 22.64
CA UNK F 80 9.65 56.06 21.78
CA UNK F 81 12.22 56.24 18.87
CA UNK F 82 14.94 57.07 21.41
CA UNK F 83 15.12 53.75 23.25
CA UNK F 84 11.82 51.84 23.21
CA UNK F 85 11.96 51.09 19.46
CA UNK F 86 15.69 50.15 19.48
CA UNK F 87 15.02 47.96 22.52
CA UNK F 88 12.25 45.93 20.90
CA UNK F 89 14.40 45.47 17.82
CA UNK F 90 17.40 44.26 19.85
CA UNK F 91 15.48 41.84 22.00
CA UNK F 92 13.86 40.37 18.93
CA UNK F 93 17.16 39.73 17.15
CA UNK F 94 19.06 38.71 20.28
CA UNK F 95 16.36 36.29 21.42
CA UNK F 96 16.44 34.95 17.89
CA UNK F 97 20.19 34.29 17.89
CA UNK F 98 19.81 32.90 21.40
CA UNK F 99 16.90 30.53 20.79
CA UNK F 100 18.34 29.29 17.48
CA UNK F 101 21.75 28.51 18.97
CA UNK F 102 20.00 26.62 21.78
CA UNK F 103 17.98 24.60 19.26
CA UNK F 104 21.10 23.60 17.37
CA UNK F 105 22.66 22.60 20.69
CA UNK F 106 19.62 20.51 21.76
CA UNK F 107 19.53 18.86 18.34
CA UNK F 108 23.14 17.79 18.29
CA UNK F 109 23.30 17.03 22.02
CA UNK F 110 21.81 13.56 21.87
CA UNK F 111 23.13 12.28 18.56
CA UNK F 112 26.45 10.84 19.66
CA UNK F 113 28.47 13.56 17.93
CA UNK F 114 27.59 16.68 19.94
CA UNK F 115 31.25 17.41 20.57
CA UNK F 116 32.40 17.12 16.96
CA UNK F 117 29.35 19.04 15.70
CA UNK F 118 30.10 22.02 17.91
CA UNK F 119 33.50 22.66 16.25
CA UNK F 120 32.67 21.24 12.80
CA UNK F 121 29.19 22.67 12.27
CA UNK F 122 26.51 20.73 10.42
CA UNK F 123 25.60 23.67 8.15
CA UNK F 124 22.29 22.18 6.91
CA UNK F 125 21.01 21.43 10.40
CA UNK F 126 22.24 24.91 11.40
CA UNK F 127 20.35 26.78 8.67
CA UNK F 128 17.21 24.79 9.54
CA UNK F 129 17.29 25.95 13.18
CA UNK F 130 18.04 29.53 12.15
CA UNK F 131 14.89 29.75 10.04
CA UNK F 132 12.95 28.80 13.19
CA UNK F 133 14.24 32.10 14.52
CA UNK F 134 11.45 34.56 13.75
CA UNK F 135 8.98 32.51 15.80
CA UNK F 136 11.18 32.31 18.89
CA UNK F 137 8.87 34.27 21.21
CA UNK F 138 6.06 31.76 20.66
CA UNK F 139 8.37 28.73 20.62
CA UNK F 140 9.81 29.90 23.96
CA UNK F 141 6.34 30.45 25.42
CA UNK F 142 5.24 26.98 24.37
CA UNK F 143 8.35 25.42 25.91
CA UNK F 144 7.92 27.38 29.11
CA UNK F 145 4.28 26.28 29.43
CA UNK F 146 4.99 22.61 28.71
CA UNK F 147 7.97 22.42 31.09
CA UNK F 148 10.55 21.78 28.36
CA UNK F 149 12.34 25.09 28.74
CA UNK F 150 14.17 24.29 31.96
CA UNK F 151 15.64 21.15 33.53
CA UNK F 152 14.90 20.02 37.10
CA UNK F 153 17.15 21.19 39.91
CA UNK F 154 17.96 17.67 41.07
CA UNK G 1 -2.21 71.27 83.76
CA UNK G 2 1.00 69.23 83.85
CA UNK G 3 -0.07 67.37 87.08
CA UNK G 4 -3.62 66.73 85.71
CA UNK G 5 -2.32 65.67 82.29
CA UNK G 6 0.49 63.51 83.85
CA UNK G 7 -1.93 61.96 86.42
CA UNK G 8 -4.64 61.41 83.81
CA UNK G 9 -2.10 60.05 81.22
CA UNK G 10 -0.40 57.81 83.86
CA UNK G 11 -3.75 56.66 85.26
CA UNK G 12 -5.23 56.10 81.80
CA UNK G 13 -2.04 54.38 80.64
CA UNK G 14 -2.08 52.02 83.66
CA UNK G 15 -5.69 51.03 83.01
CA UNK G 16 -5.06 50.33 79.34
CA UNK G 17 -1.99 48.17 80.10
CA UNK G 18 -3.95 46.15 82.70
CA UNK G 19 -6.86 45.58 80.27
CA UNK G 20 -4.40 44.39 77.78
CA UNK G 21 -2.93 41.52 79.70
CA UNK G 22 0.56 40.12 79.49
CA UNK G 23 1.90 36.94 80.94
CA UNK G 24 2.21 34.71 77.85
CA UNK G 25 5.70 35.92 76.95
CA UNK G 26 7.11 34.35 80.22
CA UNK G 27 10.26 32.49 78.72
CA UNK G 28 13.49 34.22 79.38
CA UNK G 29 15.61 32.93 76.50
CA UNK G 30 18.64 30.79 77.43
CA UNK G 31 17.66 30.66 81.12
CA UNK G 32 20.16 29.08 83.60
CA UNK G 33 23.02 29.68 81.16
CA UNK G 34 22.11 33.31 80.93
CA UNK G 35 21.72 33.71 84.68
CA UNK G 36 24.93 31.95 85.65
CA UNK G 37 27.23 33.41 83.01
CA UNK G 38 25.60 36.63 83.33
CA UNK G 39 25.09 35.83 87.01
CA UNK G 40 26.04 39.46 87.66
CA UNK G 41 22.77 40.48 88.62
CA UNK G 42 20.95 38.27 86.14
CA UNK G 43 18.19 37.01 88.48
CA UNK G 44 16.17 38.81 90.94
CA UNK G 45 13.61 36.38 92.33
CA UNK G 46 12.61 38.91 94.98
CA UNK G 47 12.72 42.36 93.27
CA UNK G 48 11.12 40.86 90.17
CA UNK G 49 8.22 39.05 91.81
CA UNK G 50 6.14 42.26 91.86
CA UNK G 51 4.56 43.51 88.66
CA UNK G 52 4.28 47.07 90.15
CA UNK G 53 7.67 48.54 89.37
CA UNK G 54 7.26 47.38 85.77
CA UNK G 55 3.64 48.53 85.61
CA UNK G 56 4.47 51.88 87.25
CA UNK G 57 7.55 52.25 85.06
CA UNK G 58 5.88 51.29 81.78
CA UNK G 59 2.71 53.19 82.68
CA UNK G 60 4.67 56.40 83.54
CA UNK G 61 6.84 56.12 80.36
CA UNK G 62 3.85 55.25 78.17
CA UNK G 63 1.66 58.02 79.77
CA UNK G 64 4.51 60.60 79.57
CA UNK G 65 5.45 59.55 76.04
CA UNK G 66 1.75 59.48 74.90
CA UNK G 67 0.98 62.84 76.64
CA UNK G 68 4.22 64.35 75.39
CA UNK G 69 3.54 62.96 71.93
CA UNK G 70 -0.12 63.99 71.74
CA UNK G 71 0.66 67.23 73.53
CA UNK G 72 3.23 68.15 70.89
CA UNK G 73 0.76 67.49 68.11
CA UNK G 74 -2.09 69.33 69.83
CA UNK H 1 98.65 19.45 44.82
CA UNK H 2 99.27 21.49 48.10
CA UNK H 3 102.12 23.88 49.04
CA UNK H 4 103.41 25.25 52.31
CA UNK H 5 102.42 28.70 51.28
CA UNK H 6 103.84 32.16 50.64
CA UNK H 7 106.46 33.33 52.95
CA UNK H 8 105.68 36.18 55.47
CA UNK H 9 107.23 37.31 58.74
CA UNK H 10 105.82 35.89 61.95
CA UNK H 11 103.91 38.38 64.72
CA UNK H 12 105.20 41.66 66.09
CA UNK H 13 102.80 42.48 68.89
CA UNK H 14 103.18 42.50 72.70
CA UNK H 15 103.32 46.31 72.16
CA UNK H 16 99.52 46.39 71.46
CA UNK H 17 98.85 44.82 74.71
CA UNK H 18 100.50 47.72 76.53
CA UNK H 19 98.70 50.17 74.24
CA UNK H 20 95.86 47.81 73.62
CA UNK H 21 95.82 46.56 77.23
CA UNK H 22 95.56 50.10 78.72
CA UNK H 23 93.09 51.26 76.15
CA UNK H 24 91.53 47.83 75.71
CA UNK H 25 88.01 48.19 77.10
CA UNK H 26 87.31 44.82 75.86
CA UNK H 27 84.65 44.52 78.64
CA UNK H 28 81.79 45.01 76.15
CA UNK H 29 79.54 42.20 76.85
CA UNK H 30 75.74 42.57 77.12
CA UNK H 31 75.76 45.33 79.75
CA UNK H 32 78.99 46.93 78.54
CA UNK H 33 78.00 46.78 74.90
CA UNK H 34 74.51 48.13 75.59
CA UNK H 35 75.85 50.81 78.05
CA UNK H 36 78.68 51.83 75.64
CA UNK H 37 76.36 51.86 72.61
CA UNK H 38 73.56 53.69 74.57
CA UNK H 39 76.06 56.22 76.08
CA UNK H 40 77.83 56.74 72.76
CA UNK H 41 74.49 56.97 70.82
CA UNK H 42 72.94 59.32 73.47
CA UNK H 43 76.10 61.44 73.70
CA UNK H 44 76.53 61.51 69.86
CA UNK H 45 72.79 62.28 69.29
CA UNK H 46 72.74 64.84 72.11
CA UNK H 47 76.05 66.44 70.93
CA UNK H 48 74.93 66.41 67.23
CA UNK H 49 71.44 67.60 68.24
CA UNK H 50 72.96 70.16 70.53
CA UNK H 51 75.46 71.45 67.99
CA UNK H 52 72.32 71.99 65.95
CA UNK I 1 63.19 76.10 75.58
CA UNK I 2 62.00 75.71 72.55
CA UNK I 3 64.12 73.27 71.25
CA UNK I 4 62.37 69.93 71.61
CA UNK I 5 62.21 68.87 67.86
CA UNK I 6 65.99 69.26 67.68
CA UNK I 7 66.23 66.26 69.95
CA UNK I 8 62.93 64.39 69.45
CA UNK I 9 63.37 63.82 65.74
CA UNK I 10 66.73 62.05 66.27
CA UNK I 11 65.20 60.13 69.17
CA UNK I 12 62.10 59.02 67.26
CA UNK I 13 63.86 58.40 63.96
CA UNK I 14 67.26 57.09 64.90
CA UNK I 15 67.61 55.99 68.52
CA UNK I 16 64.19 54.47 69.17
CA UNK I 17 64.11 52.43 65.96
CA UNK I 18 67.66 51.15 66.50
CA UNK I 19 66.77 50.13 70.03
CA UNK I 20 63.52 48.38 69.18
CA UNK I 21 64.80 46.66 66.04
CA UNK I 22 67.78 45.63 68.21
CA UNK I 23 65.53 44.33 70.99
CA UNK I 24 63.10 42.67 68.55
CA UNK I 25 66.08 41.09 66.79
CA UNK I 26 67.32 39.52 70.05
CA UNK I 27 63.84 38.41 70.99
CA UNK I 28 62.93 36.78 67.64
CA UNK I 29 66.35 35.15 67.39
CA UNK I 30 66.43 33.64 70.90
CA UNK J 1 35.29 17.95 -1.85
CA UNK J 2 33.26 16.30 0.90
CA UNK J 3 36.33 17.14 2.98
CA UNK J 4 37.05 20.63 1.65
CA UNK J 5 33.40 21.33 2.43
CA UNK J 6 33.82 19.83 5.91
CA UNK J 7 36.79 22.20 6.27
CA UNK J 8 34.69 25.27 5.37
CA UNK J 9 32.31 23.98 8.06
CA UNK J 10 34.84 24.37 10.87
CA UNK J 11 33.98 26.93 13.56
CA UNK J 12 36.66 29.54 12.62
CA UNK J 13 35.80 29.56 8.88
CA UNK J 14 32.05 29.88 9.43
CA UNK J 15 32.76 32.57 12.02
CA UNK J 16 34.96 34.52 9.63
CA UNK J 17 32.31 34.21 6.88
CA UNK J 18 29.28 34.92 9.06
CA UNK J 19 30.96 37.89 10.73
CA UNK J 20 32.09 39.33 7.38
CA UNK J 21 28.49 39.18 6.18
CA UNK J 22 27.14 40.75 9.37
CA UNK J 23 29.71 43.54 9.13
CA UNK J 24 28.98 44.22 5.45
CA UNK J 25 25.28 44.56 6.17
CA UNK J 26 25.94 47.02 9.00
CA UNK J 27 28.51 48.93 6.95
CA UNK J 28 26.33 49.12 3.80
CA UNK J 29 23.24 50.03 5.81
CA UNK J 30 25.14 52.90 7.43
CA UNK J 31 26.48 54.08 4.08
CA UNK J 32 22.97 54.69 2.71
CA UNK J 33 21.31 55.65 6.00
CA UNK J 34 24.00 57.39 8.15
CA UNK J 35 23.78 58.99 11.62
CA UNK J 36 20.79 57.26 13.02
CA UNK J 37 20.72 58.06 16.84
CA UNK J 38 17.04 57.28 17.33
CA UNK J 39 14.69 54.76 15.77
CA UNK J 40 13.53 54.24 12.23
CA UNK J 41 16.63 52.32 11.52
CA UNK K 1 98.60 48.42 -20.68
CA UNK K 2 100.85 48.10 -17.92
CA UNK K 3 102.89 45.43 -19.46
CA UNK K 4 105.03 45.70 -16.33
CA UNK K 5 101.90 45.50 -14.12
CA UNK K 6 100.49 42.43 -15.92
CA UNK K 7 103.55 40.38 -15.41
CA UNK K 8 103.07 41.44 -11.84
CA UNK K 9 99.83 39.56 -11.53
CA UNK K 10 101.43 36.16 -12.48
CA UNK K 11 104.12 36.62 -9.80
CA UNK K 12 101.55 35.39 -7.28
CA UNK K 13 99.88 32.97 -9.61
CA UNK K 14 103.30 31.38 -10.12
CA UNK K 15 103.80 30.95 -6.46
CA UNK K 16 100.41 29.31 -6.07
CA UNK K 17 101.36 26.88 -8.82
CA UNK K 18 104.40 26.02 -6.73
CA UNK K 19 102.38 25.71 -3.50
CA UNK K 20 99.79 23.52 -5.27
CA UNK K 21 102.58 21.28 -6.66
CA UNK K 22 91.44 21.60 -11.50
CA UNK K 23 90.34 21.69 -7.88
CA UNK K 24 93.87 22.37 -6.55
CA UNK K 25 94.21 24.94 -9.38
CA UNK K 26 92.36 27.22 -6.93
CA UNK K 27 95.83 28.52 -6.09
CA UNK K 28 95.09 30.83 -9.03
CA UNK K 29 92.13 32.31 -7.15
CA UNK K 30 94.04 33.04 -3.88
CA UNK K 31 96.65 34.29 -6.33
CA UNK K 32 94.49 36.95 -7.92
CA UNK K 33 93.20 38.02 -4.48
CA UNK K 34 96.69 38.33 -3.02
CA UNK K 35 97.68 40.14 -6.22
CA UNK K 36 94.69 42.51 -6.24
CA UNK K 37 96.14 44.06 -3.12
CA UNK K 38 99.89 43.80 -3.60
CA UNK K 39 98.99 45.63 -6.86
CA UNK K 40 97.50 48.54 -4.92
CA UNK K 41 101.19 49.19 -4.04
CA UNK K 42 100.57 52.87 -4.86
CA UNK L 1 95.49 15.49 30.37
CA UNK L 2 96.31 19.20 31.82
CA UNK L 3 95.93 20.93 35.17
CA UNK L 4 93.18 23.46 35.62
CA UNK L 5 89.73 23.83 37.23
CA UNK L 6 88.84 20.83 39.38
CA UNK L 7 86.69 19.50 42.22
CA UNK L 8 87.17 21.61 45.31
CA UNK L 9 89.49 19.87 47.79
CA UNK L 10 89.43 16.68 45.74
CA UNK L 11 85.71 16.07 46.34
CA UNK L 12 83.68 15.95 43.10
CA UNK L 13 80.38 16.13 44.97
CA UNK L 14 80.90 19.14 47.20
CA UNK L 15 79.28 22.30 45.73
CA UNK L 16 82.36 24.26 44.70
CA UNK L 17 85.25 24.22 42.26
CA UNK L 18 88.95 24.78 42.77
CA UNK L 19 90.06 27.52 40.32
CA UNK L 20 92.89 30.13 40.19
CA UNK L 21 90.58 32.65 41.92
CA UNK L 22 89.12 30.35 44.58
CA UNK L 23 92.06 28.12 45.22
CA UNK L 24 95.42 29.30 43.93
CA UNK L 25 98.36 29.41 46.30
CA UNK L 26 98.69 33.21 46.21
CA UNK L 27 95.03 33.65 46.94
CA UNK L 28 95.22 31.24 49.84
CA UNK L 29 98.30 32.87 51.36
CA UNK L 30 96.80 36.29 50.97
CA UNK L 31 93.29 35.54 52.32
CA UNK L 32 94.61 33.25 55.04
CA UNK L 33 96.89 36.04 56.31
CA UNK L 34 94.24 38.76 56.48
CA UNK L 35 93.57 39.44 60.24
CA UNK L 36 90.27 37.61 60.09
CA UNK L 37 92.25 34.36 59.46
CA UNK L 38 95.94 34.83 60.30
CA UNK L 39 97.03 31.81 62.37
CA UNK L 40 97.60 32.27 66.09
CA UNK L 41 95.99 35.62 66.85
CA UNK L 42 93.54 36.13 69.64
CA UNK L 43 90.23 37.68 68.47
CA UNK L 44 91.01 41.06 70.10
CA UNK L 45 93.99 41.79 67.84
CA UNK L 46 92.08 40.52 64.78
CA UNK L 47 89.36 43.03 65.67
CA UNK L 48 91.84 45.86 66.24
CA UNK L 49 93.46 45.40 62.81
CA UNK L 50 90.12 44.99 61.00
CA UNK L 51 88.75 48.04 62.83
CA UNK L 52 91.77 50.22 61.99
CA UNK L 53 91.54 49.35 58.28
CA UNK L 54 87.80 50.18 58.12
CA UNK L 55 87.48 53.23 60.37
CA UNK L 56 90.30 54.94 58.49
CA UNK L 57 88.68 54.95 55.04
CA UNK L 58 85.10 55.21 56.31
CA UNK L 59 85.07 58.97 56.69
CA UNK L 60 86.45 59.53 53.20
CA UNK L 61 83.21 59.48 51.25
CA UNK L 62 81.44 62.04 53.45
CA UNK L 63 84.43 64.34 53.60
CA UNK L 64 84.38 64.57 49.78
CA UNK L 65 80.76 63.95 48.76
CA UNK L 66 78.75 64.68 51.86
CA UNK L 67 76.55 67.70 52.59
CA UNK L 68 79.38 69.54 54.39
CA UNK L 69 81.92 68.83 51.66
CA UNK L 70 81.57 72.47 50.55
CA UNK L 71 81.78 74.09 53.97
CA UNK L 72 84.80 74.84 56.12
CA UNK L 73 83.88 71.84 58.31
CA UNK L 74 83.96 69.01 55.75
CA UNK L 75 86.34 66.93 57.86
CA UNK L 76 84.13 67.25 60.92
CA UNK L 77 81.22 66.06 58.81
CA UNK L 78 83.07 62.92 57.76
CA UNK L 79 84.18 62.23 61.35
CA UNK L 80 80.74 62.71 62.90
CA UNK L 81 79.23 60.53 60.20
CA UNK L 82 81.95 57.88 60.50
CA UNK L 83 81.53 57.70 64.25
CA UNK L 84 77.78 57.09 63.86
CA UNK L 85 78.27 54.46 61.17
CA UNK L 86 80.85 52.74 63.39
CA UNK L 87 78.47 52.68 66.40
CA UNK L 88 75.92 50.99 64.13
CA UNK L 89 78.48 48.53 62.76
CA UNK L 90 79.50 47.78 66.33
CA UNK L 91 75.91 47.18 67.45
CA UNK L 92 75.61 44.84 64.44
CA UNK L 93 78.67 42.85 65.54
CA UNK L 94 77.50 42.69 69.14
CA UNK L 95 73.96 41.69 68.21
CA UNK L 96 75.24 39.02 65.87
CA UNK L 97 77.33 37.66 68.74
CA UNK L 98 74.39 37.58 71.09
CA UNK L 99 72.34 35.25 68.91
CA UNK L 100 74.74 33.18 66.84
CA UNK L 101 81.37 26.82 64.36
CA UNK L 102 83.92 28.59 65.70
CA UNK L 103 84.44 31.73 66.95
CA UNK L 104 82.20 31.56 70.18
CA UNK L 105 80.16 34.04 72.16
CA UNK L 106 83.26 35.11 74.06
CA UNK L 107 85.70 35.28 71.19
CA UNK L 108 83.26 37.14 68.97
CA UNK L 109 82.74 39.72 71.72
CA UNK L 110 86.55 40.15 72.02
CA UNK L 111 86.61 40.68 68.26
CA UNK L 112 83.78 43.24 68.59
CA UNK L 113 85.64 45.16 71.31
CA UNK L 114 88.77 45.31 69.17
CA UNK L 115 86.85 46.45 66.07
CA UNK L 116 85.21 49.33 67.96
CA UNK L 117 88.45 50.61 69.40
CA UNK L 118 90.44 50.33 66.16
CA UNK L 119 87.63 51.77 64.00
CA UNK L 120 86.91 54.77 66.25
CA UNK L 121 90.60 55.41 66.74
CA UNK L 122 91.46 55.17 63.05
CA UNK L 123 88.52 57.28 61.92
CA UNK L 124 89.83 59.94 64.29
CA UNK L 125 93.42 59.65 63.12
CA UNK L 126 92.21 60.11 59.54
CA UNK L 127 90.23 63.18 60.59
CA UNK L 128 93.22 64.49 62.51
CA UNK L 129 95.64 64.19 59.43
CA UNK L 130 92.89 65.78 57.46
CA UNK L 131 92.88 68.74 59.56
CA UNK L 132 96.70 69.60 58.35
CA UNK L 133 96.84 67.88 54.91
CA UNK L 134 98.37 68.10 51.39
CA UNK L 135 95.68 66.58 48.86
CA UNK M 1 -10.71 24.03 43.96
CA UNK M 2 -9.82 20.91 46.09
CA UNK M 3 -10.32 21.87 49.70
CA UNK M 4 -8.94 23.95 52.73
CA UNK M 5 -4.92 24.57 53.03
CA UNK M 6 -1.56 25.15 55.16
CA UNK M 7 -2.21 26.57 58.43
CA UNK M 8 -5.50 26.16 58.17
CA UNK M 9 -6.73 27.38 61.26
CA UNK M 10 -4.77 30.64 61.14
CA UNK M 11 -5.74 31.36 57.52
CA UNK M 12 -9.41 30.34 58.14
CA UNK M 13 -9.57 32.35 61.44
CA UNK M 14 -7.78 35.37 59.92
CA UNK M 15 -9.92 35.20 56.70
CA UNK M 16 -13.18 34.70 58.71
CA UNK M 17 -12.26 37.40 61.24
CA UNK M 18 -11.08 39.82 58.46
CA UNK M 19 -14.18 39.08 56.29
CA UNK M 20 -16.56 39.29 59.26
CA UNK M 21 -14.86 42.48 60.61
CA UNK M 22 -14.74 44.08 57.11
CA UNK M 23 -18.32 43.03 56.35
CA UNK M 24 -19.57 44.13 59.75
CA UNK M 25 -17.66 47.41 59.59
CA UNK M 26 -19.01 48.16 56.14
CA UNK M 27 -22.58 47.94 57.40
CA UNK M 28 -22.49 51.15 59.44
CA UNK M 29 -20.66 53.08 56.72
CA UNK M 30 -23.10 51.76 54.14
CA UNK M 31 -26.21 52.32 56.26
CA UNK M 32 -24.84 55.77 57.14
CA UNK M 33 -23.87 56.48 53.49
CA UNK M 34 -27.29 55.49 52.12
CA UNK M 35 -29.23 57.00 55.08
CA UNK M 36 -27.04 60.17 54.83
CA UNK M 37 -27.40 60.51 51.08
CA UNK M 38 -27.43 64.04 51.35
CA UNK M 39 -7.38 68.48 72.35
CA UNK M 40 -10.17 67.31 74.70
CA UNK M 41 -12.38 66.17 71.79
CA UNK M 42 -9.46 64.47 69.99
CA UNK M 43 -8.19 62.86 73.23
CA UNK M 44 -11.71 61.79 74.28
CA UNK M 45 -12.56 60.52 70.77
CA UNK M 46 -9.19 58.75 70.41
CA UNK M 47 -9.38 57.28 73.94
CA UNK M 48 -13.04 56.26 73.50
CA UNK M 49 -12.40 54.83 70.00
CA UNK M 50 -9.21 53.05 71.14
CA UNK M 51 -10.86 51.74 74.33
CA UNK M 52 -14.03 50.69 72.47
CA UNK M 53 -12.04 49.10 69.61
CA UNK M 54 -9.61 47.38 72.02
CA UNK M 55 -12.45 46.22 74.32
CA UNK M 56 -14.60 45.08 71.37
CA UNK M 57 -11.63 43.38 69.65
CA UNK M 58 -10.44 41.77 72.90
CA UNK M 59 -13.99 40.70 73.89
CA UNK M 60 -8.21 31.86 72.19
CA UNK M 61 -11.19 30.14 73.83
CA UNK M 62 -13.48 33.18 73.18
CA UNK M 63 -12.25 33.53 69.54
CA UNK M 64 -12.47 29.72 69.06
CA UNK M 65 -15.82 29.77 70.85
CA UNK M 66 -16.90 33.07 69.28
CA UNK M 67 -15.58 32.09 65.81
CA UNK M 68 -16.27 28.36 66.20
CA UNK M 69 -19.81 28.99 67.38
CA UNK M 70 -20.60 31.41 64.68
CA UNK M 71 -19.74 29.21 61.81
CA UNK M 72 -25.40 32.01 56.90
CA UNK M 73 -25.19 32.91 53.20
CA UNK M 74 -27.01 36.22 53.85
CA UNK M 75 -24.41 37.36 56.35
CA UNK M 76 -21.62 36.38 54.00
CA UNK M 77 -23.47 37.98 50.97
CA UNK M 78 -24.36 41.14 52.98
CA UNK M 79 -20.88 41.41 54.49
CA UNK M 80 -19.18 40.71 51.08
CA UNK M 81 -21.54 43.14 49.24
CA UNK M 82 -21.22 45.81 51.94
CA UNK M 83 -17.39 45.33 52.17
CA UNK M 84 -17.03 45.27 48.35
CA UNK M 85 -19.36 48.23 47.94
CA UNK M 86 -17.42 50.35 50.43
CA UNK M 87 -13.86 49.45 49.31
CA UNK M 88 -15.29 49.59 46.08
CA UNK M 89 -16.86 53.07 46.24
CA UNK M 90 -13.93 54.50 48.18
CA UNK M 91 -11.45 53.27 45.55
CA UNK M 92 -13.58 54.68 42.71
CA UNK M 93 -14.20 57.95 44.61
CA UNK M 94 -10.54 58.13 45.61
CA UNK M 95 -9.30 57.30 42.12
CA UNK M 96 -11.72 59.95 41.09
CA UNK M 97 -13.53 62.31 43.47
CA UNK M 98 -21.83 61.21 45.14
CA UNK M 99 -24.27 58.38 44.31
CA UNK M 100 -26.94 60.87 43.10
CA UNK M 101 -24.41 62.90 41.10
CA UNK M 102 -22.77 59.79 39.66
CA UNK M 103 -26.17 58.13 38.89
CA UNK M 104 -27.63 61.34 37.41
CA UNK M 105 -24.47 61.87 35.40
CA UNK M 106 -24.06 58.27 34.17
CA UNK M 107 -26.61 58.90 31.43
CA UNK M 108 -24.66 61.79 29.90
CA UNK M 109 -22.80 58.88 28.61
CA UNK N 1 33.34 14.30 -6.23
CA UNK N 2 29.89 12.60 -5.58
CA UNK N 3 27.15 10.93 -7.70
CA UNK N 4 24.44 12.94 -5.86
CA UNK N 5 25.44 16.51 -5.76
CA UNK N 6 27.89 16.56 -8.63
CA UNK N 7 25.53 14.73 -11.01
CA UNK N 8 22.67 17.05 -10.01
CA UNK N 9 24.88 20.12 -10.62
CA UNK N 10 26.02 18.81 -14.02
CA UNK N 11 22.40 18.05 -14.98
CA UNK N 12 21.33 21.58 -13.92
CA UNK N 13 24.21 23.07 -15.84
CA UNK N 14 22.83 21.95 -19.23
CA UNK N 15 19.78 24.26 -18.89
CA UNK N 16 22.09 27.19 -18.09
CA UNK N 17 24.36 26.37 -21.05
CA UNK N 18 21.33 26.06 -23.34
CA UNK N 19 19.96 29.40 -22.14
CA UNK N 20 23.38 31.05 -22.59
CA UNK N 21 23.66 29.62 -26.14
CA UNK N 22 20.16 30.82 -27.05
CA UNK N 23 20.89 34.28 -25.63
CA UNK N 24 24.15 34.45 -27.63
CA UNK N 25 22.41 33.34 -30.83
CA UNK N 26 19.63 35.89 -30.28
CA UNK N 27 22.21 38.66 -29.72
CA UNK N 28 24.16 37.68 -32.84
CA UNK N 29 20.95 37.57 -34.90
CA UNK N 30 19.96 41.04 -33.60
CA UNK N 31 23.42 42.45 -34.35
CA UNK N 32 23.34 40.99 -37.86
CA UNK N 33 20.04 42.60 -38.61
CA UNK N 34 18.86 45.48 -36.43
CA UNK N 35 15.31 45.84 -35.28
CA UNK N 36 13.02 46.80 -32.32
CA UNK N 37 9.29 46.50 -32.29
CA UNK N 38 6.15 47.65 -30.53
CA UNK N 39 6.95 44.72 -28.49
CA UNK N 40 8.21 47.78 -26.60
CA UNK N 41 5.31 49.96 -27.57
CA UNK N 42 2.69 47.36 -26.72
CA UNK N 43 1.89 49.34 -23.64
CA UNK N 44 -0.02 51.77 -21.43
CA UNK N 45 9.01 50.12 -12.84
CA UNK N 46 10.72 48.01 -15.52
CA UNK N 47 13.20 46.49 -12.99
CA UNK N 48 10.40 45.80 -10.42
CA UNK N 49 8.06 44.39 -13.09
CA UNK N 50 10.90 42.35 -14.74
CA UNK N 51 12.18 41.08 -11.33
CA UNK N 52 8.66 40.32 -10.11
CA UNK N 53 7.65 38.69 -13.46
CA UNK N 54 10.94 36.68 -13.64
CA UNK N 55 10.73 35.72 -9.95
CA UNK N 56 7.04 34.92 -10.35
CA UNK N 57 7.36 32.91 -13.56
CA UNK N 58 10.53 31.26 -12.38
CA UNK N 59 9.12 30.16 -9.03
CA UNK N 60 7.16 27.21 -10.43
CA UNK N 61 10.29 26.31 -12.50
CA UNK N 62 12.73 27.22 -9.65
CA UNK N 63 10.65 25.30 -7.03
CA UNK N 64 10.21 22.28 -9.36
CA UNK N 65 13.90 22.37 -10.49
CA UNK N 66 15.19 22.78 -6.92
CA UNK N 67 12.76 20.11 -5.61
CA UNK N 68 13.11 18.42 -9.11
CA UNK N 69 13.29 15.13 -7.39
CA UNK N 70 15.36 15.54 -4.20
CA UNK N 71 13.34 14.02 -1.30
CA UNK N 72 15.12 15.32 1.83
CA UNK N 73 23.47 6.60 -28.37
CA UNK N 74 20.80 9.25 -27.58
CA UNK N 75 22.30 9.74 -24.06
CA UNK N 76 25.67 10.35 -25.70
CA UNK N 77 24.26 12.77 -28.31
CA UNK N 78 22.35 14.65 -25.57
CA UNK N 79 25.55 14.89 -23.47
CA UNK N 80 27.59 16.13 -26.45
CA UNK N 81 24.89 18.69 -27.30
CA UNK N 82 24.84 19.91 -23.66
CA UNK N 83 28.64 20.16 -23.57
CA UNK N 84 28.70 21.92 -26.94
CA UNK N 85 26.02 24.38 -25.75
CA UNK N 86 27.93 25.15 -22.54
CA UNK N 87 31.15 25.66 -24.52
CA UNK N 88 29.35 28.02 -26.95
CA UNK N 89 27.79 30.00 -24.08
CA UNK N 90 31.18 30.24 -22.33
CA UNK N 91 32.82 31.46 -25.57
CA UNK N 92 30.07 34.04 -26.16
CA UNK N 93 30.35 35.25 -22.55
CA UNK N 94 34.15 35.58 -22.91
CA UNK N 95 33.83 37.47 -26.20
CA UNK N 96 31.20 39.79 -24.69
CA UNK N 97 33.49 40.45 -21.67
CA UNK N 98 36.49 41.14 -23.91
CA UNK N 99 34.41 43.47 -26.09
CA UNK N 100 33.21 45.36 -22.95
CA UNK N 101 36.77 45.61 -21.32
CA UNK N 102 37.94 46.78 -24.77
CA UNK N 103 35.12 49.34 -25.14
CA UNK N 104 33.85 46.23 -26.91
CA UNK N 105 32.41 45.02 -30.13
CA UNK N 106 30.90 41.90 -31.65
CA UNK N 107 29.74 41.41 -35.00
CA UNK N 108 31.84 44.40 -36.02
CA UNK N 109 34.88 43.20 -34.07
CA UNK N 110 34.49 39.68 -35.57
CA UNK N 111 33.91 40.99 -39.06
CA UNK N 112 37.07 43.06 -39.01
CA UNK N 113 39.07 40.48 -36.92
CA UNK N 114 41.63 39.76 -39.46
CA UNK N 115 44.26 42.11 -38.88
CA UNK O 1 67.21 12.94 -12.33
CA UNK O 2 69.96 10.85 -13.96
CA UNK O 3 68.50 9.18 -17.09
CA UNK O 4 65.41 11.41 -17.08
CA UNK O 5 67.47 14.60 -16.49
CA UNK O 6 70.05 13.57 -19.09
CA UNK O 7 67.32 12.48 -21.57
CA UNK O 8 65.23 15.64 -20.96
CA UNK O 9 68.30 17.87 -21.09
CA UNK O 10 69.69 16.18 -24.20
CA UNK O 11 66.24 16.08 -25.79
CA UNK O 12 65.58 19.75 -24.91
CA UNK O 13 69.28 20.49 -25.34
CA UNK O 14 69.74 18.12 -28.29
CA UNK O 15 66.49 19.38 -29.85
CA UNK O 16 66.97 23.10 -29.28
CA UNK O 17 70.59 23.03 -30.14
CA UNK O 18 69.62 21.83 -33.59
CA UNK O 19 66.64 24.16 -33.80
CA UNK O 20 68.83 27.02 -32.51
CA UNK O 21 71.81 26.30 -34.73
CA UNK O 22 69.61 25.71 -37.81
CA UNK O 23 67.49 28.83 -37.12
CA UNK O 24 70.58 30.98 -36.38
CA UNK O 25 72.34 29.76 -39.58
CA UNK O 26 69.19 30.19 -41.70
CA UNK O 27 68.51 33.64 -40.15
CA UNK O 28 72.13 34.64 -40.43
CA UNK O 29 73.96 47.93 -30.90
CA UNK O 30 70.16 47.85 -31.11
CA UNK O 31 67.34 46.15 -29.28
CA UNK O 32 65.97 43.42 -31.75
CA UNK O 33 62.86 43.74 -29.53
CA UNK O 34 62.41 46.61 -31.98
CA UNK O 35 62.56 44.85 -35.44
CA UNK O 36 59.06 46.10 -36.54
CA UNK O 37 58.51 44.07 -39.68
CA UNK O 38 56.58 41.19 -38.14
CA UNK O 39 53.10 41.39 -36.53
CA UNK O 40 49.84 41.92 -38.58
CA UNK O 41 47.21 41.56 -35.81
CA UNK O 42 49.10 37.34 -31.39
CA UNK O 43 51.26 35.57 -33.93
CA UNK O 44 53.98 34.75 -31.39
CA UNK O 45 51.43 33.57 -28.80
CA UNK O 46 49.50 31.59 -31.42
CA UNK O 47 52.67 30.13 -32.93
CA UNK O 48 54.14 29.35 -29.52
CA UNK O 49 51.00 27.76 -28.11
CA UNK O 50 50.34 25.89 -31.35
CA UNK O 51 53.89 24.57 -31.16
CA UNK O 52 54.01 24.30 -27.34
CA UNK O 53 50.88 22.23 -26.72
CA UNK O 54 52.03 19.62 -29.23
CA UNK O 55 55.54 19.44 -27.70
CA UNK O 56 54.29 19.39 -24.12
CA UNK O 57 51.60 16.77 -24.87
CA UNK O 58 54.03 14.60 -26.88
CA UNK O 59 56.78 15.00 -24.24
CA UNK O 60 54.41 14.39 -21.33
CA UNK O 61 52.82 11.43 -23.16
CA UNK O 62 56.20 9.96 -24.18
CA UNK O 63 57.68 10.55 -20.75
CA UNK O 64 54.62 9.19 -19.03
CA UNK O 65 66.17 -3.32 -35.37
CA UNK O 66 69.46 -5.08 -34.97
CA UNK O 67 70.72 -3.33 -38.05
CA UNK O 68 69.73 0.11 -36.86
CA UNK O 69 71.01 -0.38 -33.30
CA UNK O 70 74.54 -0.60 -34.70
CA UNK O 71 74.07 2.45 -36.77
CA UNK O 72 72.22 4.20 -33.93
CA UNK O 73 74.89 3.71 -31.22
CA UNK O 74 77.81 5.09 -33.16
CA UNK O 75 75.44 7.06 -35.38
CA UNK O 76 73.50 8.32 -32.37
CA UNK O 77 76.66 8.86 -30.34
CA UNK O 78 78.21 10.99 -33.11
CA UNK O 79 75.03 13.07 -33.59
CA UNK O 80 74.61 13.74 -29.85
CA UNK O 81 78.36 14.48 -29.41
CA UNK O 82 78.45 16.69 -32.53
CA UNK O 83 75.20 18.46 -31.62
CA UNK O 84 76.24 18.94 -27.98
CA UNK O 85 79.61 20.29 -29.20
CA UNK O 86 77.71 22.54 -31.70
CA UNK O 87 74.66 23.43 -29.63
CA UNK O 88 76.84 24.44 -26.68
CA UNK O 89 79.45 26.22 -28.76
CA UNK O 90 76.75 28.07 -30.67
CA UNK O 91 74.79 28.82 -27.44
CA UNK O 92 77.95 29.84 -25.52
CA UNK O 93 79.19 31.90 -28.47
CA UNK O 94 75.82 33.52 -29.04
CA UNK O 95 75.25 34.23 -25.37
CA UNK O 96 78.79 35.54 -24.87
CA UNK O 97 78.62 37.65 -28.10
CA UNK O 98 75.09 38.97 -27.24
CA UNK O 99 76.07 39.52 -23.55
CA UNK O 100 79.28 41.24 -24.74
CA UNK O 101 78.67 44.76 -26.28
CA UNK O 102 77.79 37.11 -35.75
CA UNK O 103 78.72 37.31 -39.45
CA UNK O 104 79.50 41.03 -39.23
CA UNK O 105 81.51 40.63 -36.00
CA UNK O 106 83.35 37.56 -37.31
CA UNK O 107 83.97 39.20 -40.72
CA UNK O 108 85.06 42.53 -39.16
CA UNK O 109 87.22 40.72 -36.56
CA UNK O 110 88.70 38.40 -39.20
CA UNK O 111 89.03 41.18 -41.89
CA UNK O 112 90.55 43.56 -39.24
CA UNK O 113 92.68 40.96 -37.35
CA UNK O 114 90.82 41.73 -34.26
CA UNK O 115 92.77 44.30 -32.31
CA UNK O 116 91.36 43.42 -29.17
CA UNK O 117 92.11 44.33 -25.77
CA UNK P 1 5.96 17.79 16.16
CA UNK P 2 4.33 19.97 18.71
CA UNK P 3 2.53 19.78 22.14
CA UNK P 4 -0.78 19.42 20.32
CA UNK P 5 -3.43 20.86 22.44
CA UNK P 6 -1.62 24.20 22.72
CA UNK P 7 -0.82 24.39 19.00
CA UNK P 8 -4.35 23.21 18.06
CA UNK P 9 -6.07 25.49 20.56
CA UNK P 10 -3.89 28.47 19.62
CA UNK P 11 -4.27 27.77 15.86
CA UNK P 12 -8.05 27.16 16.12
CA UNK P 13 -8.52 30.25 18.41
CA UNK P 14 -6.29 32.45 16.18
CA UNK P 15 -7.91 31.17 13.02
CA UNK P 16 -11.44 31.57 14.40
CA UNK P 17 -10.56 34.94 15.94
CA UNK P 18 -8.93 36.19 12.70
CA UNK P 19 -11.73 34.76 10.56
CA UNK P 20 -14.51 36.03 12.86
CA UNK P 21 -12.91 39.45 12.65
CA UNK P 22 -11.58 39.03 9.13
CA UNK P 23 -15.02 39.11 7.54
CA UNK P 24 -16.17 42.13 9.51
CA UNK P 25 -12.84 43.95 8.83
CA UNK P 26 -13.42 43.29 5.12
CA UNK P 27 -16.96 44.79 5.03
CA UNK P 28 -15.68 48.15 4.10
CA UNK P 29 -14.99 46.48 0.76
CA UNK P 30 -18.42 44.67 1.14
CA UNK P 31 -19.82 48.06 1.70
CA UNK P 32 -18.27 49.44 -1.49
CA UNK P 33 -15.17 51.15 0.00
CA UNK P 34 -14.33 53.92 2.33
CA UNK P 35 -11.34 55.09 4.42
CA UNK P 36 -9.55 54.31 7.63
CA UNK P 37 -10.77 57.26 9.46
CA UNK P 38 -12.63 57.18 12.74
CA UNK P 39 -14.27 59.28 15.36
CA UNK P 40 -16.71 59.38 17.73
CA UNK P 41 -19.26 57.53 15.60
CA UNK P 42 -21.73 60.34 16.05
CA UNK P 43 -21.15 60.30 19.68
CA UNK P 44 -20.55 56.83 21.19
CA UNK P 45 -23.41 57.78 23.37
CA UNK P 46 -14.06 57.69 28.78
CA UNK P 47 -17.10 56.49 26.56
CA UNK P 48 -18.15 53.87 24.06
CA UNK P 49 -15.69 51.45 25.84
CA UNK P 50 -18.09 50.33 28.54
CA UNK P 51 -20.00 48.14 26.04
CA UNK P 52 -16.75 46.94 24.33
CA UNK P 53 -15.05 46.23 27.72
CA UNK P 54 -18.19 44.53 29.08
CA UNK P 55 -18.78 42.58 25.79
CA UNK P 56 -15.08 41.54 25.54
CA UNK P 57 -14.96 40.66 29.26
CA UNK P 58 -18.28 38.82 29.19
CA UNK P 59 -17.43 36.98 25.91
CA UNK P 60 -13.90 36.12 27.10
CA UNK P 61 -15.16 35.06 30.60
CA UNK P 62 -18.05 33.00 29.10
CA UNK P 63 -15.73 31.47 26.46
CA UNK P 64 -12.68 31.20 28.68
CA UNK P 65 -14.56 28.80 31.01
CA UNK P 66 -16.10 26.99 28.05
CA UNK P 67 -12.68 26.82 26.40
CA UNK P 68 -10.81 25.83 29.56
CA UNK P 69 -13.52 23.27 30.26
CA UNK P 70 -13.75 21.92 26.66
CA UNK P 71 -12.42 23.86 23.72
CA UNK P 72 -13.96 22.24 21.04
CA UNK P 73 -12.16 20.63 18.44
CA UNK P 74 -8.52 19.79 17.54
CA UNK P 75 -8.51 16.01 17.88
CA UNK P 76 -10.73 16.43 14.83
CA UNK P 77 -8.29 18.96 13.28
CA UNK P 78 -5.22 16.83 14.06
CA UNK P 79 -5.08 13.17 12.93
CA UNK P 80 -7.73 15.78 7.64
CA UNK P 81 -9.05 19.43 7.94
CA UNK P 82 -12.59 20.09 6.51
CA UNK P 83 -12.09 21.80 3.15
CA UNK P 84 -14.78 24.50 3.94
CA UNK P 85 -13.02 25.24 7.24
CA UNK P 86 -9.58 25.19 5.56
CA UNK P 87 -10.84 27.28 2.68
CA UNK P 88 -12.71 29.83 4.84
CA UNK P 89 -9.83 29.93 7.37
CA UNK P 90 -7.30 30.43 4.61
CA UNK P 91 -9.37 32.91 2.61
CA UNK P 92 -10.16 34.89 5.77
CA UNK P 93 -6.57 34.71 7.01
CA UNK P 94 -5.13 35.60 3.58
CA UNK P 95 -7.75 38.26 3.17
CA UNK P 96 -7.20 39.61 6.67
CA UNK P 97 -3.47 39.42 6.62
CA UNK P 98 -4.03 40.46 3.27
CA UNK P 99 -5.81 43.73 3.96
CA UNK P 100 -4.17 44.66 7.26
CA UNK P 101 -0.69 44.51 5.60
CA UNK P 102 -1.97 46.59 2.63
CA UNK P 103 -3.85 49.00 4.88
CA UNK P 104 -0.90 49.37 7.26
CA UNK P 105 1.53 49.64 4.35
CA UNK P 106 -0.68 52.17 2.78
CA UNK P 107 -3.64 54.36 3.06
CA UNK P 108 -6.14 54.36 0.21
CA UNK P 109 -8.90 52.12 -1.48
CA UNK P 110 -10.21 49.80 -4.36
CA UNK P 111 -10.73 52.79 -6.59
CA UNK P 112 -6.93 53.29 -6.36
CA UNK P 113 -6.20 49.62 -7.32
CA UNK P 114 -9.01 49.57 -9.87
CA UNK P 115 -7.61 52.76 -11.39
CA UNK P 116 -3.98 51.91 -10.65
CA UNK P 117 -4.08 48.18 -11.32
CA UNK P 118 -3.35 48.34 -14.92
CA UNK P 119 -0.43 50.48 -15.13
CA UNK Q 1 -18.97 -59.83 -62.18
CA UNK Q 2 -22.18 -61.93 -62.11
CA UNK Q 3 -25.91 -61.44 -61.43
CA UNK Q 4 -25.99 -64.76 -59.61
CA UNK Q 5 -25.97 -63.04 -56.20
CA UNK Q 6 -28.39 -60.29 -57.21
CA UNK Q 7 -30.81 -63.22 -57.29
CA UNK Q 8 -29.93 -64.28 -53.73
CA UNK Q 9 -31.24 -61.63 -51.30
CA UNK Q 10 -29.00 -61.43 -48.24
CA UNK Q 11 -26.19 -63.55 -49.67
CA UNK Q 12 -23.69 -61.33 -47.83
CA UNK Q 13 -24.49 -62.46 -44.25
CA UNK Q 14 -24.48 -66.04 -42.96
CA UNK Q 15 -27.15 -65.15 -40.39
CA UNK Q 16 -29.63 -64.81 -43.25
CA UNK Q 17 -28.72 -68.16 -44.90
CA UNK Q 18 -31.89 -70.07 -43.97
CA UNK Q 19 -34.06 -67.41 -45.64
CA UNK Q 20 -37.33 -65.63 -44.64
CA UNK Q 21 -38.67 -67.79 -41.80
CA UNK Q 22 -40.22 -64.63 -40.30
CA UNK Q 23 -40.62 -60.96 -41.29
CA UNK Q 24 -37.67 -60.06 -39.03
CA UNK Q 25 -35.44 -61.45 -41.82
CA UNK Q 26 -36.54 -58.67 -44.20
CA UNK Q 27 -35.60 -55.87 -41.82
CA UNK Q 28 -32.25 -57.50 -40.96
CA UNK Q 29 -31.45 -57.73 -44.65
CA UNK Q 30 -31.38 -53.92 -44.81
CA UNK Q 31 -30.07 -53.30 -41.30
CA UNK Q 32 -27.00 -55.42 -42.21
CA UNK Q 33 -26.54 -54.32 -45.81
CA UNK Q 34 -23.54 -52.02 -45.20
CA UNK Q 35 -22.24 -53.57 -41.98
CA UNK Q 36 -19.29 -55.11 -43.83
CA UNK Q 37 -17.73 -56.45 -40.59
CA UNK Q 38 -20.48 -59.02 -40.36
CA UNK Q 39 -20.04 -60.02 -44.00
CA UNK Q 40 -16.42 -61.21 -43.56
CA UNK Q 41 -13.58 -61.22 -41.05
CA UNK Q 42 -11.16 -60.37 -43.83
CA UNK Q 43 -9.99 -56.80 -43.32
CA UNK Q 44 -8.69 -56.62 -46.86
CA UNK Q 45 -12.00 -57.51 -48.48
CA UNK Q 46 -13.80 -55.06 -46.14
CA UNK Q 47 -11.46 -52.20 -47.09
CA UNK Q 48 -11.93 -53.09 -50.77
CA UNK Q 49 -15.68 -52.91 -50.26
CA UNK Q 50 -15.38 -49.52 -48.57
CA UNK Q 51 -13.21 -48.03 -51.34
CA UNK Q 52 -15.68 -49.11 -54.04
CA UNK Q 53 -18.70 -48.05 -52.00
CA UNK Q 54 -17.14 -44.60 -51.89
CA UNK Q 55 -16.96 -44.51 -55.69
CA UNK Q 56 -20.63 -45.48 -55.79
CA UNK Q 57 -21.37 -42.66 -53.32
CA UNK Q 58 -19.35 -40.12 -55.30
CA UNK Q 59 -21.38 -41.12 -58.36
CA UNK Q 60 -24.78 -40.46 -56.80
CA UNK Q 61 -23.54 -37.09 -55.58
CA UNK Q 62 -22.54 -36.24 -59.16
CA UNK Q 63 -25.92 -37.38 -60.49
CA UNK Q 64 -27.54 -35.04 -57.91
CA UNK Q 65 -25.20 -32.14 -58.64
CA UNK Q 66 -25.54 -32.44 -62.42
CA UNK Q 67 -29.31 -32.59 -61.92
CA UNK Q 68 -29.11 -29.27 -60.10
CA UNK Q 69 -27.29 -27.66 -63.00
CA UNK Q 70 -29.62 -29.31 -65.53
CA UNK Q 71 -32.60 -27.80 -63.73
CA UNK Q 72 -31.02 -24.35 -63.67
CA UNK Q 73 -30.64 -24.70 -67.43
CA UNK Q 74 -34.00 -26.15 -68.50
CA UNK Q 75 -36.43 -25.04 -65.78
CA UNK Q 76 -35.18 -21.87 -64.14
CA UNK Q 77 -35.53 -18.11 -64.47
CA UNK Q 78 -31.80 -17.82 -63.81
CA UNK Q 79 -31.02 -15.52 -66.77
CA UNK Q 80 -33.95 -13.22 -65.96
CA UNK Q 81 -32.76 -13.18 -62.33
CA UNK Q 82 -29.21 -12.38 -63.45
CA UNK Q 83 -30.51 -9.03 -64.77
CA UNK Q 84 -32.54 -8.16 -61.67
CA UNK Q 85 -31.02 -9.99 -58.62
CA UNK Q 86 -32.79 -7.55 -56.32
CA UNK Q 87 -36.24 -7.97 -57.86
CA UNK Q 88 -36.63 -11.54 -59.07
CA UNK Q 89 -37.14 -14.58 -56.83
CA UNK Q 90 -34.81 -17.48 -57.80
CA UNK Q 91 -36.51 -20.56 -59.15
CA UNK Q 92 -35.67 -23.90 -60.73
CA UNK Q 93 -38.15 -26.79 -60.38
CA UNK Q 94 -41.51 -26.35 -62.21
CA UNK Q 95 -44.66 -28.35 -61.45
CA UNK Q 96 -46.84 -30.20 -64.00
CA UNK Q 97 -50.45 -28.94 -64.00
CA UNK Q 98 -52.57 -31.71 -62.48
CA UNK Q 99 -54.97 -32.39 -59.57
CA UNK Q 100 -54.57 -28.70 -58.80
CA UNK Q 101 -50.91 -28.76 -57.84
CA UNK Q 102 -50.19 -26.26 -60.59
CA UNK Q 103 -51.04 -23.57 -58.05
CA UNK Q 104 -47.53 -24.22 -56.69
CA UNK Q 105 -45.99 -22.42 -59.69
CA UNK Q 106 -46.21 -19.03 -58.04
CA UNK Q 107 -45.21 -15.80 -59.69
CA UNK Q 108 -41.53 -15.34 -58.82
CA UNK Q 109 -41.39 -12.38 -61.17
CA UNK Q 110 -40.14 -11.85 -64.70
CA UNK Q 111 -43.29 -13.55 -65.94
CA UNK Q 112 -41.85 -16.82 -64.70
CA UNK Q 113 -43.77 -19.30 -62.62
CA UNK Q 114 -42.30 -21.96 -60.38
CA UNK Q 115 -41.37 -23.02 -56.87
CA UNK Q 116 -39.10 -20.48 -55.17
CA UNK Q 117 -35.82 -22.28 -54.37
CA UNK Q 118 -33.70 -21.47 -51.30
CA UNK Q 119 -30.50 -23.44 -51.99
CA UNK Q 120 -28.64 -20.40 -53.26
CA UNK Q 121 -27.59 -21.95 -56.57
CA UNK Q 122 -28.17 -18.72 -58.55
CA UNK Q 123 -25.86 -16.65 -56.36
CA UNK Q 124 -23.30 -19.47 -56.51
CA UNK Q 125 -23.62 -19.61 -60.34
CA UNK Q 126 -23.19 -15.85 -60.55
CA UNK Q 127 -20.10 -15.85 -58.37
CA UNK Q 128 -18.63 -18.47 -60.70
CA UNK Q 129 -19.21 -16.22 -63.70
CA UNK Q 130 -21.99 -18.30 -65.25
CA UNK Q 131 -24.29 -16.10 -67.32
CA UNK Q 132 -26.28 -18.48 -69.55
CA UNK Q 133 -28.29 -21.71 -69.86
CA UNK Q 134 -25.68 -23.27 -72.11
CA UNK Q 135 -22.93 -23.20 -69.46
CA UNK Q 136 -25.25 -24.89 -66.95
CA UNK Q 137 -26.21 -27.56 -69.46
CA UNK Q 138 -22.53 -28.27 -70.14
CA UNK Q 139 -21.76 -28.62 -66.44
CA UNK Q 140 -24.75 -30.92 -66.14
CA UNK Q 141 -23.40 -33.19 -68.89
CA UNK Q 142 -19.92 -33.11 -67.41
CA UNK Q 143 -21.40 -34.16 -64.07
CA UNK Q 144 -23.17 -37.18 -65.57
CA UNK Q 145 -19.91 -38.13 -67.29
CA UNK Q 146 -18.06 -37.95 -63.97
CA UNK Q 147 -20.91 -39.95 -62.39
CA UNK Q 148 -20.38 -42.81 -64.84
CA UNK Q 149 -16.62 -42.47 -64.63
CA UNK Q 150 -17.02 -42.62 -60.83
CA UNK Q 151 -19.39 -45.57 -61.06
CA UNK Q 152 -16.87 -47.29 -63.33
CA UNK Q 153 -13.93 -47.02 -60.90
CA UNK Q 154 -16.00 -48.60 -58.15
CA UNK Q 155 -16.66 -51.74 -60.19
CA UNK Q 156 -13.10 -51.64 -61.45
CA UNK Q 157 -11.46 -51.39 -58.05
CA UNK Q 158 -13.54 -54.18 -56.55
CA UNK Q 159 -13.80 -56.68 -59.41
CA UNK Q 160 -10.83 -55.86 -61.71
CA UNK Q 161 -7.97 -54.35 -59.67
CA UNK Q 162 -8.60 -54.46 -55.90
CA UNK Q 163 -5.86 -52.81 -53.80
CA UNK Q 164 -4.18 -55.00 -51.21
CA UNK Q 165 -4.76 -54.17 -47.52
CA UNK Q 166 -1.16 -52.90 -47.53
CA UNK Q 167 -2.09 -50.20 -50.05
CA UNK Q 168 -4.70 -48.61 -47.79
CA UNK Q 169 -2.44 -48.55 -44.73
CA UNK Q 170 -0.29 -45.90 -46.43
CA UNK Q 171 -1.51 -43.11 -44.20
CA UNK Q 172 1.54 -40.83 -44.70
CA UNK Q 173 1.17 -41.03 -48.48
CA UNK Q 174 -2.62 -40.59 -48.28
CA UNK Q 175 -2.19 -37.48 -46.11
CA UNK Q 176 0.55 -35.89 -48.23
CA UNK Q 177 -1.66 -36.44 -51.28
CA UNK Q 178 -4.92 -35.28 -49.76
CA UNK Q 179 -3.39 -32.14 -48.26
CA UNK Q 180 -1.16 -31.00 -51.13
CA UNK Q 181 -3.06 -32.83 -53.85
CA UNK Q 182 -6.78 -32.81 -53.20
CA UNK Q 183 -6.91 -29.67 -51.04
CA UNK Q 184 -3.85 -27.75 -52.18
CA UNK Q 185 -4.28 -28.25 -55.93
CA UNK Q 186 -8.01 -27.99 -55.44
CA UNK Q 187 -7.93 -24.38 -54.30
CA UNK Q 188 -4.94 -23.46 -56.50
CA UNK Q 189 -7.10 -24.39 -59.46
CA UNK Q 190 -10.23 -22.68 -58.16
CA UNK Q 191 -8.27 -19.49 -57.52
CA UNK Q 192 -7.38 -20.00 -61.17
CA UNK Q 193 -10.96 -20.08 -62.40
CA UNK Q 194 -11.68 -17.20 -60.06
CA UNK Q 195 -8.92 -14.89 -61.29
CA UNK Q 196 -9.49 -15.71 -64.96
CA UNK Q 197 -13.31 -15.92 -64.99
CA UNK Q 198 -15.13 -15.02 -61.77
CA UNK Q 199 -13.35 -11.75 -60.98
CA UNK Q 200 -13.50 -10.28 -64.54
CA UNK Q 201 -17.08 -11.21 -65.36
CA UNK Q 202 -18.30 -10.08 -61.92
CA UNK Q 203 -16.51 -6.74 -61.98
CA UNK Q 204 -18.38 -5.96 -65.22
CA UNK Q 205 -21.71 -7.31 -63.93
CA UNK Q 206 -21.21 -5.20 -60.81
CA UNK Q 207 -20.27 -2.21 -62.98
CA UNK Q 208 -23.62 -2.55 -64.75
CA UNK Q 209 -22.56 -4.18 -68.01
CA UNK Q 210 -25.31 -6.84 -68.32
CA UNK Q 211 -24.78 -10.50 -69.24
CA UNK Q 212 -25.77 -10.37 -72.95
CA UNK Q 213 -22.87 -7.95 -73.35
CA UNK Q 214 -19.93 -9.39 -71.43
CA UNK Q 215 -17.02 -11.20 -73.10
CA UNK Q 216 -17.41 -14.95 -72.69
CA UNK Q 217 -14.94 -16.50 -70.20
CA UNK Q 218 -12.40 -17.62 -72.84
CA UNK Q 219 -12.13 -14.07 -74.22
CA UNK Q 220 -10.21 -12.99 -71.13
CA UNK Q 221 -7.69 -15.72 -71.93
CA UNK Q 222 -7.44 -15.23 -75.71
CA UNK Q 223 -7.52 -11.43 -75.44
CA UNK Q 224 -5.22 -10.60 -72.46
CA UNK Q 225 -5.89 -6.99 -73.36
CA UNK Q 226 -9.48 -7.49 -72.20
CA UNK Q 227 -8.11 -8.19 -68.72
CA UNK Q 228 -5.62 -5.29 -68.80
CA UNK Q 229 -8.53 -2.76 -68.91
CA UNK Q 230 -9.43 -3.99 -65.42
CA UNK Q 231 -6.39 -4.78 -63.25
CA UNK Q 232 -4.07 -2.42 -65.25
CA UNK Q 233 -1.03 -5.68 -66.00
CA UNK Q 234 6.68 -14.13 -68.17
CA UNK Q 235 5.99 -11.95 -65.12
CA UNK Q 236 6.07 -11.05 -61.44
CA UNK Q 237 5.08 -14.17 -59.50
CA UNK Q 238 8.44 -15.77 -60.34
CA UNK Q 239 10.29 -12.56 -59.20
CA UNK Q 240 8.05 -12.07 -55.96
CA UNK Q 241 7.03 -8.70 -57.39
CA UNK Q 242 3.59 -9.79 -56.01
CA UNK Q 243 2.45 -6.23 -55.35
CA UNK Q 244 1.63 -6.26 -59.11
CA UNK Q 245 -1.40 -8.43 -58.52
CA UNK Q 246 -2.98 -6.07 -55.97
CA UNK Q 247 -5.87 -5.47 -58.38
CA UNK Q 248 -7.22 -9.00 -58.24
CA UNK Q 249 -5.51 -10.15 -55.02
CA UNK Q 250 -7.03 -7.94 -52.34
CA UNK Q 251 -7.52 -7.79 -48.56
CA UNK Q 252 -10.40 -5.34 -48.45
CA UNK Q 253 -12.40 -7.36 -46.01
CA UNK Q 254 -15.94 -6.10 -45.94
CA UNK Q 255 -18.83 -6.40 -48.30
CA UNK Q 256 -19.01 -5.38 -51.94
CA UNK Q 257 -21.38 -2.33 -51.76
CA UNK Q 258 -23.19 -3.50 -54.87
CA UNK Q 259 -23.75 -7.21 -54.21
CA UNK Q 260 -23.68 -7.43 -50.43
CA UNK Q 261 -21.26 -10.33 -50.69
CA UNK Q 262 -17.54 -10.81 -50.05
CA UNK Q 263 -15.13 -9.17 -52.49
CA UNK Q 264 -14.46 -11.96 -54.97
CA UNK Q 265 -10.89 -10.67 -55.27
CA UNK Q 266 -10.65 -11.36 -51.54
CA UNK Q 267 -11.89 -14.93 -51.96
CA UNK Q 268 -9.38 -15.56 -54.75
CA UNK Q 269 -6.53 -14.20 -52.63
CA UNK Q 270 -7.93 -16.39 -49.90
CA UNK Q 271 -7.89 -19.47 -52.13
CA UNK Q 272 -4.33 -18.81 -53.23
CA UNK Q 273 -2.91 -18.55 -49.72
CA UNK Q 274 -4.92 -21.63 -48.75
CA UNK Q 275 -3.36 -23.59 -51.65
CA UNK Q 276 0.16 -22.52 -50.62
CA UNK Q 277 -0.41 -23.70 -47.04
CA UNK Q 278 -1.82 -27.05 -48.10
CA UNK Q 279 0.86 -27.86 -50.66
CA UNK Q 280 3.42 -27.07 -47.96
CA UNK Q 281 1.49 -29.22 -45.47
CA UNK Q 282 1.33 -32.01 -48.02
CA UNK Q 283 5.12 -32.39 -47.78
CA UNK Q 284 5.31 -33.28 -44.10
CA UNK Q 285 5.19 -37.06 -44.07
CA UNK Q 286 7.85 -39.58 -45.03
CA UNK Q 287 7.17 -41.71 -48.08
CA UNK Q 288 9.82 -43.33 -50.29
CA UNK Q 289 12.58 -40.72 -49.88
CA UNK Q 290 13.81 -40.35 -46.30
CA UNK Q 291 12.68 -36.73 -45.88
CA UNK Q 292 9.46 -36.42 -43.88
CA UNK Q 293 7.92 -37.45 -40.55
CA UNK Q 294 6.77 -40.78 -39.26
CA UNK Q 295 3.30 -40.36 -37.79
CA UNK Q 296 4.08 -43.26 -35.44
CA UNK Q 297 7.16 -41.42 -34.20
CA UNK Q 298 5.40 -38.13 -33.57
CA UNK Q 299 2.58 -39.86 -31.71
CA UNK Q 300 4.92 -41.99 -29.59
CA UNK Q 301 7.03 -38.97 -28.64
CA UNK Q 302 4.08 -37.11 -27.09
CA UNK Q 303 3.66 -38.45 -23.57
CA UNK Q 304 3.95 -36.84 -20.16
CA UNK Q 305 4.04 -37.48 -16.38
CA UNK Q 306 0.23 -37.31 -16.43
CA UNK Q 307 -0.48 -39.46 -19.39
CA UNK Q 308 1.59 -42.63 -19.03
CA UNK Q 309 2.50 -44.02 -22.46
CA UNK Q 310 0.74 -41.04 -24.05
CA UNK Q 311 -0.14 -41.65 -27.71
CA UNK Q 312 1.65 -44.96 -28.19
CA UNK Q 313 -0.65 -47.42 -29.93
CA UNK Q 314 -2.93 -44.87 -31.55
CA UNK Q 315 -1.06 -45.31 -34.83
CA UNK Q 316 -1.96 -49.00 -34.85
CA UNK Q 317 -5.50 -48.17 -33.81
CA UNK Q 318 -6.01 -45.61 -36.59
CA UNK Q 319 -4.28 -48.00 -38.97
CA UNK Q 320 -6.38 -51.11 -38.41
CA UNK Q 321 -9.82 -49.78 -37.40
CA UNK Q 322 -12.14 -48.24 -39.97
CA UNK Q 323 -14.61 -47.27 -37.24
CA UNK Q 324 -11.94 -45.32 -35.36
CA UNK Q 325 -11.27 -43.30 -38.51
CA UNK Q 326 -14.95 -42.85 -39.29
CA UNK Q 327 -15.45 -41.68 -35.68
CA UNK Q 328 -12.86 -38.92 -36.00
CA UNK Q 329 -13.77 -37.98 -39.57
CA UNK Q 330 -17.50 -37.91 -38.93
CA UNK Q 331 -16.94 -35.80 -35.83
CA UNK Q 332 -14.87 -33.27 -37.71
CA UNK Q 333 -17.05 -33.20 -40.82
CA UNK Q 334 -20.12 -32.47 -38.71
CA UNK Q 335 -18.25 -29.81 -36.73
CA UNK Q 336 -17.06 -28.32 -40.01
CA UNK Q 337 -20.61 -28.18 -41.43
CA UNK Q 338 -21.60 -26.27 -38.29
CA UNK Q 339 -18.64 -23.92 -38.72
CA UNK Q 340 -19.71 -23.37 -42.35
CA UNK Q 341 -23.19 -22.46 -41.19
CA UNK Q 342 -21.88 -19.90 -38.70
CA UNK Q 343 -19.35 -18.38 -41.07
CA UNK Q 344 -21.43 -18.08 -44.23
CA UNK Q 345 -24.30 -16.04 -42.75
CA UNK Q 346 -22.17 -13.24 -41.28
CA UNK Q 347 -19.64 -13.14 -44.14
CA UNK Q 348 -22.03 -13.82 -47.12
CA UNK Q 349 -19.69 -15.38 -49.67
CA UNK Q 350 -21.90 -14.92 -52.73
CA UNK Q 351 -23.47 -11.98 -54.60
CA UNK Q 352 -27.04 -11.11 -53.58
CA UNK Q 353 -27.08 -13.87 -50.95
CA UNK Q 354 -27.31 -11.54 -47.93
CA UNK Q 355 -30.50 -9.87 -49.13
CA UNK Q 356 -32.05 -13.17 -50.19
CA UNK Q 357 -33.33 -13.94 -46.69
CA UNK Q 358 -34.96 -17.27 -47.56
CA UNK Q 359 -31.58 -18.46 -48.73
CA UNK Q 360 -29.62 -17.18 -45.72
CA UNK Q 361 -32.07 -18.89 -43.34
CA UNK Q 362 -32.08 -22.14 -45.33
CA UNK Q 363 -28.35 -22.45 -45.74
CA UNK Q 364 -27.73 -21.80 -42.04
CA UNK Q 365 -30.23 -24.23 -40.64
CA UNK Q 366 -29.47 -26.81 -43.33
CA UNK Q 367 -25.77 -27.02 -42.46
CA UNK Q 368 -26.57 -26.88 -38.77
CA UNK Q 369 -28.72 -30.00 -39.17
CA UNK Q 370 -26.13 -31.78 -41.27
CA UNK Q 371 -23.47 -31.02 -38.68
CA UNK Q 372 -25.74 -32.28 -35.93
CA UNK Q 373 -26.25 -35.67 -37.56
CA UNK Q 374 -22.62 -36.15 -38.55
CA UNK Q 375 -21.48 -35.35 -34.97
CA UNK Q 376 -23.77 -37.97 -33.47
CA UNK Q 377 -22.42 -40.37 -36.14
CA UNK Q 378 -18.85 -39.89 -35.08
CA UNK Q 379 -19.94 -40.75 -31.54
CA UNK Q 380 -21.81 -43.80 -32.82
CA UNK Q 381 -18.71 -45.10 -34.60
CA UNK Q 382 -16.62 -44.21 -31.60
CA UNK Q 383 -18.71 -46.67 -29.60
CA UNK Q 384 -18.67 -49.36 -32.31
CA UNK Q 385 -14.91 -49.04 -32.24
CA UNK Q 386 -14.87 -49.59 -28.46
CA UNK Q 387 -16.88 -52.76 -28.78
CA UNK Q 388 -15.46 -54.27 -32.00
CA UNK Q 389 -11.93 -53.08 -32.64
CA UNK Q 390 -10.62 -51.94 -29.26
CA UNK Q 391 -7.80 -54.17 -28.13
CA UNK Q 392 -6.40 -53.94 -24.55
CA UNK Q 393 -2.87 -55.08 -25.48
CA UNK Q 394 -2.70 -52.39 -28.16
CA UNK Q 395 -3.61 -49.68 -25.63
CA UNK Q 396 -1.49 -50.30 -22.54
CA UNK Q 397 -1.47 -47.23 -20.33
CA UNK Q 398 -1.88 -44.82 -23.26
CA UNK Q 399 -4.31 -41.89 -23.24
CA UNK Q 400 -7.15 -44.12 -24.43
CA UNK Q 401 -6.63 -46.70 -21.65
CA UNK Q 402 -6.25 -43.92 -19.11
CA UNK Q 403 -9.52 -42.12 -19.91
CA UNK Q 404 -11.38 -45.42 -19.61
CA UNK Q 405 -9.78 -45.82 -16.18
CA UNK Q 406 -11.37 -42.63 -14.81
CA UNK Q 407 -14.61 -42.79 -16.80
CA UNK Q 408 -16.62 -42.33 -13.59
CA UNK Q 409 -14.74 -39.15 -12.74
CA UNK Q 410 -15.28 -37.83 -16.27
CA UNK Q 411 -18.97 -38.72 -16.49
CA UNK Q 412 -20.01 -37.64 -12.99
CA UNK Q 413 -18.34 -34.25 -13.54
CA UNK Q 414 -20.03 -33.65 -16.91
CA UNK Q 415 -23.24 -34.77 -15.25
CA UNK Q 416 -22.81 -32.06 -12.61
CA UNK Q 417 -21.95 -29.34 -15.16
CA UNK Q 418 -25.10 -30.22 -17.07
CA UNK Q 419 -27.29 -29.80 -14.01
CA UNK Q 420 -25.57 -26.52 -13.15
CA UNK Q 421 -26.01 -25.23 -16.75
CA UNK Q 422 -29.60 -26.43 -16.95
CA UNK Q 423 -30.57 -24.64 -13.78
CA UNK Q 424 -28.60 -21.44 -14.56
CA UNK Q 425 -29.83 -21.04 -18.16
CA UNK Q 426 -33.36 -22.39 -18.53
CA UNK Q 427 -34.02 -21.64 -14.88
CA UNK Q 428 -33.54 -17.91 -15.61
CA UNK Q 429 -36.27 -18.02 -18.28
CA UNK Q 430 -38.88 -19.55 -15.95
CA UNK Q 431 -37.82 -17.19 -13.18
CA UNK Q 432 -38.57 -14.43 -15.75
CA UNK Q 433 -41.94 -15.81 -16.80
CA UNK Q 434 -42.99 -15.91 -13.15
CA UNK Q 435 -41.71 -12.44 -12.25
CA UNK Q 436 -43.35 -10.95 -15.37
CA UNK Q 437 -46.61 -12.70 -14.62
CA UNK Q 438 -46.47 -11.29 -11.03
CA UNK Q 439 -46.12 -7.81 -12.45
CA UNK Q 440 -42.51 -7.55 -11.28
CA UNK Q 441 -40.50 -6.58 -14.40
CA UNK Q 442 -37.78 -5.06 -12.18
CA UNK Q 443 -37.09 -8.52 -10.68
CA UNK Q 444 -36.42 -10.07 -14.14
CA UNK Q 445 -33.10 -10.91 -15.71
CA UNK Q 446 -33.08 -8.45 -18.61
CA UNK Q 447 -31.55 -5.36 -20.19
CA UNK Q 448 -33.85 -3.25 -17.98
CA UNK Q 449 -33.91 -5.36 -14.81
CA UNK Q 450 -31.15 -7.54 -13.36
CA UNK Q 451 -28.81 -7.45 -16.38
CA UNK Q 452 -26.56 -10.24 -17.59
CA UNK Q 453 -24.37 -8.69 -20.25
CA UNK Q 454 -22.23 -10.84 -22.61
CA UNK Q 455 -19.34 -8.67 -21.58
CA UNK Q 456 -16.54 -10.83 -23.05
CA UNK Q 457 -18.34 -11.22 -26.38
CA UNK Q 458 -18.85 -7.46 -26.62
CA UNK Q 459 -15.16 -6.98 -25.83
CA UNK Q 460 -14.23 -9.32 -28.66
CA UNK Q 461 -16.64 -7.63 -31.10
CA UNK Q 462 -14.94 -4.31 -30.45
CA UNK Q 463 -11.43 -5.68 -30.95
CA UNK Q 464 -12.54 -7.02 -34.33
CA UNK Q 465 -14.15 -3.73 -35.32
CA UNK Q 466 -10.86 -1.97 -34.51
CA UNK Q 467 -8.60 -4.55 -36.21
CA UNK Q 468 -8.67 -2.63 -39.55
CA UNK Q 469 -5.69 -0.29 -39.47
CA UNK Q 470 -4.75 -1.44 -35.96
CA UNK Q 471 -4.09 -5.17 -35.38
CA UNK Q 472 -4.94 -5.92 -39.02
CA UNK Q 473 -3.18 -2.87 -40.66
CA UNK Q 474 -3.51 -4.01 -44.28
CA UNK Q 475 -7.18 -4.88 -43.96
CA UNK Q 476 -9.44 -2.12 -45.24
CA UNK Q 477 -12.46 -3.34 -43.28
CA UNK Q 478 -13.64 -5.82 -40.64
CA UNK Q 479 -13.75 -9.53 -41.42
CA UNK Q 480 -17.45 -9.13 -40.66
CA UNK Q 481 -20.00 -6.34 -40.42
CA UNK Q 482 -21.63 -8.43 -37.68
CA UNK Q 483 -18.86 -7.53 -35.22
CA UNK Q 484 -19.51 -3.93 -35.49
CA UNK Q 485 -20.36 -0.08 -34.78
CA UNK Q 486 -18.71 1.85 -37.67
CA UNK Q 487 -21.05 3.46 -40.27
CA UNK Q 488 -23.38 1.00 -42.34
CA UNK Q 489 -24.29 -1.48 -45.41
CA UNK Q 490 -27.69 -2.23 -47.70
CA UNK Q 491 -28.49 -3.76 -51.09
CA UNK Q 492 -31.82 -3.08 -52.75
CA UNK Q 493 -33.78 -1.50 -49.95
CA UNK Q 494 -32.81 -4.31 -47.56
CA UNK Q 495 -30.17 -4.88 -44.90
CA UNK Q 496 -27.37 -7.13 -46.11
CA UNK Q 497 -25.57 -7.01 -42.76
CA UNK Q 498 -25.26 -4.62 -39.82
CA UNK Q 499 -23.68 -4.99 -36.40
CA UNK Q 500 -25.45 -7.71 -34.40
CA UNK Q 501 -25.75 -6.37 -30.87
CA UNK Q 502 -25.64 -8.70 -27.87
CA UNK Q 503 -27.56 -8.12 -24.66
CA UNK Q 504 -29.05 -10.01 -21.72
CA UNK Q 505 -31.34 -12.02 -24.00
CA UNK Q 506 -28.31 -13.14 -25.99
CA UNK Q 507 -26.41 -14.08 -22.82
CA UNK Q 508 -29.39 -16.27 -21.95
CA UNK Q 509 -29.64 -18.34 -25.20
CA UNK Q 510 -25.90 -18.68 -25.40
CA UNK Q 511 -25.96 -20.50 -22.11
CA UNK Q 512 -28.92 -22.61 -23.27
CA UNK Q 513 -26.61 -23.64 -26.12
CA UNK Q 514 -23.69 -24.49 -23.82
CA UNK Q 515 -26.25 -26.53 -21.91
CA UNK Q 516 -27.78 -28.50 -24.77
CA UNK Q 517 -24.37 -29.28 -26.20
CA UNK Q 518 -22.96 -30.46 -22.86
CA UNK Q 519 -25.92 -32.83 -22.35
CA UNK Q 520 -25.65 -34.34 -25.84
CA UNK Q 521 -21.93 -34.90 -25.14
CA UNK Q 522 -22.72 -36.37 -21.70
CA UNK Q 523 -25.03 -38.91 -23.30
CA UNK Q 524 -22.71 -39.82 -26.18
CA UNK Q 525 -19.46 -39.78 -24.22
CA UNK Q 526 -21.12 -41.97 -21.59
CA UNK Q 527 -22.12 -44.35 -24.37
CA UNK Q 528 -18.57 -44.62 -25.70
CA UNK Q 529 -16.88 -44.82 -22.26
CA UNK Q 530 -19.20 -47.57 -20.99
CA UNK Q 531 -19.75 -49.54 -24.19
CA UNK Q 532 -17.51 -52.41 -23.01
CA UNK Q 533 -18.63 -52.57 -19.40
CA UNK Q 534 -20.07 -50.90 -16.31
CA UNK Q 535 -20.57 -51.75 -12.65
CA UNK Q 536 -24.05 -52.98 -13.67
CA UNK Q 537 -23.11 -55.09 -16.77
CA UNK Q 538 -19.47 -56.30 -16.36
CA UNK Q 539 -19.46 -58.17 -19.72
CA UNK Q 540 -21.25 -55.55 -21.84
CA UNK Q 541 -18.78 -55.76 -24.75
CA UNK Q 542 -19.76 -59.40 -25.15
CA UNK Q 543 -23.39 -58.32 -25.53
CA UNK Q 544 -22.17 -56.14 -28.41
CA UNK Q 545 -22.68 -52.57 -29.64
CA UNK Q 546 -26.36 -52.96 -30.58
CA UNK Q 547 -28.62 -54.97 -28.24
CA UNK Q 548 -31.82 -53.90 -26.34
CA UNK Q 549 -30.83 -54.59 -22.75
CA UNK Q 550 -29.93 -57.50 -20.54
CA UNK Q 551 -33.35 -58.15 -19.06
CA UNK Q 552 -35.58 -56.87 -16.25
CA UNK Q 553 -33.07 -57.99 -13.65
CA UNK Q 554 -30.68 -55.81 -11.66
CA UNK Q 555 -33.72 -53.51 -11.36
CA UNK Q 556 -34.09 -53.22 -15.15
CA UNK Q 557 -31.35 -52.86 -17.80
CA UNK Q 558 -33.08 -51.38 -20.83
CA UNK Q 559 -30.93 -49.23 -23.04
CA UNK Q 560 -27.42 -49.79 -21.69
CA UNK Q 561 -25.91 -50.41 -25.16
CA UNK Q 562 -23.76 -47.93 -26.99
CA UNK Q 563 -26.42 -47.98 -29.69
CA UNK Q 564 -29.10 -46.89 -27.25
CA UNK Q 565 -26.84 -44.03 -26.13
CA UNK Q 566 -26.72 -42.94 -29.78
CA UNK Q 567 -30.50 -43.29 -29.88
CA UNK Q 568 -30.91 -40.95 -26.90
CA UNK Q 569 -28.16 -38.66 -28.14
CA UNK Q 570 -30.14 -38.01 -31.30
CA UNK Q 571 -33.04 -36.49 -29.39
CA UNK Q 572 -30.70 -34.13 -27.56
CA UNK Q 573 -28.90 -33.10 -30.74
CA UNK Q 574 -32.36 -32.34 -32.16
CA UNK Q 575 -33.25 -30.27 -29.11
CA UNK Q 576 -29.92 -28.43 -29.43
CA UNK Q 577 -30.02 -27.65 -33.14
CA UNK Q 578 -33.66 -26.61 -32.99
CA UNK Q 579 -32.91 -23.96 -30.38
CA UNK Q 580 -29.87 -22.73 -32.29
CA UNK Q 581 -31.89 -22.20 -35.48
CA UNK Q 582 -34.84 -20.69 -33.66
CA UNK Q 583 -32.29 -18.39 -32.00
CA UNK Q 584 -30.84 -17.49 -35.41
CA UNK Q 585 -34.20 -17.02 -37.09
CA UNK Q 586 -35.59 -14.68 -34.40
CA UNK Q 587 -32.40 -12.72 -33.87
CA UNK Q 588 -31.90 -11.92 -37.58
CA UNK Q 589 -35.56 -11.00 -38.24
CA UNK Q 590 -35.63 -8.84 -35.12
CA UNK Q 591 -32.29 -7.05 -34.98
CA UNK Q 592 -30.57 -7.52 -38.33
CA UNK Q 593 -32.79 -8.07 -41.41
CA UNK Q 594 -35.24 -5.47 -42.65
CA UNK Q 595 -35.71 -2.43 -44.88
CA UNK Q 596 -33.39 0.59 -45.09
CA UNK Q 597 -35.00 3.99 -45.74
CA UNK Q 598 -33.51 6.63 -48.11
CA UNK Q 599 -32.12 8.42 -45.06
CA UNK Q 600 -30.67 5.19 -43.64
CA UNK Q 601 -33.32 4.45 -41.01
CA UNK Q 602 -33.61 0.69 -40.48
CA UNK Q 603 -36.91 -1.12 -40.01
CA UNK Q 604 -36.61 -4.76 -38.86
CA UNK Q 605 -38.93 -7.57 -39.86
CA UNK Q 606 -40.03 -7.95 -36.24
CA UNK Q 607 -38.99 -4.54 -34.94
CA UNK Q 608 -36.45 -5.38 -32.24
CA UNK Q 609 -38.90 -7.40 -30.14
CA UNK Q 610 -36.15 -9.93 -29.28
CA UNK Q 611 -34.58 -8.20 -26.27
CA UNK Q 612 -37.77 -8.00 -24.26
CA UNK Q 613 -39.58 -11.00 -25.67
CA UNK Q 614 -36.89 -13.68 -25.89
CA UNK Q 615 -36.29 -13.65 -22.14
CA UNK Q 616 -39.38 -15.61 -21.15
CA UNK Q 617 -40.73 -18.85 -22.54
CA UNK Q 618 -44.05 -17.05 -22.94
CA UNK Q 619 -42.29 -14.63 -25.32
CA UNK Q 620 -40.97 -17.47 -27.49
CA UNK Q 621 -44.39 -19.10 -27.47
CA UNK Q 622 -46.28 -15.93 -28.50
CA UNK Q 623 -43.95 -13.59 -30.39
CA UNK Q 624 -41.99 -16.34 -32.06
CA UNK Q 625 -44.00 -19.54 -32.69
CA UNK Q 626 -47.56 -18.22 -32.58
CA UNK Q 627 -46.85 -14.98 -34.48
CA UNK Q 628 -44.46 -16.31 -37.12
CA UNK Q 629 -46.45 -19.49 -37.77
CA UNK Q 630 -48.98 -17.06 -39.22
CA UNK Q 631 -47.64 -17.56 -42.74
CA UNK Q 632 -47.37 -21.35 -42.91
CA UNK Q 633 -50.93 -21.80 -41.60
CA UNK Q 634 -52.38 -19.09 -43.80
CA UNK Q 635 -50.68 -20.44 -46.92
CA UNK Q 636 -53.67 -22.49 -48.15
CA UNK Q 637 -54.93 -21.25 -51.51
CA UNK Q 638 -51.57 -19.81 -52.60
CA UNK Q 639 -48.31 -21.15 -54.01
CA UNK Q 640 -46.99 -21.66 -50.46
CA UNK Q 641 -49.86 -24.02 -49.65
CA UNK Q 642 -47.39 -26.88 -50.09
CA UNK Q 643 -45.66 -25.69 -46.91
CA UNK Q 644 -48.91 -25.42 -45.01
CA UNK Q 645 -49.62 -29.01 -46.09
CA UNK Q 646 -46.18 -30.41 -45.26
CA UNK Q 647 -46.45 -28.47 -41.96
CA UNK Q 648 -49.39 -30.67 -40.93
CA UNK Q 649 -47.76 -33.69 -42.54
CA UNK Q 650 -44.66 -33.31 -40.37
CA UNK Q 651 -46.74 -32.78 -37.19
CA UNK Q 652 -48.42 -36.08 -38.03
CA UNK Q 653 -45.28 -38.06 -38.60
CA UNK Q 654 -43.89 -36.69 -35.36
CA UNK Q 655 -46.88 -37.80 -33.27
CA UNK Q 656 -46.90 -41.09 -35.14
CA UNK Q 657 -43.36 -41.79 -33.87
CA UNK Q 658 -44.59 -41.52 -30.28
CA UNK Q 659 -46.41 -44.84 -30.83
CA UNK Q 660 -43.12 -46.67 -31.31
CA UNK Q 661 -41.23 -44.80 -28.59
CA UNK Q 662 -43.86 -45.15 -25.83
CA UNK Q 663 -44.76 -48.82 -26.34
CA UNK Q 664 -42.92 -52.16 -26.63
CA UNK Q 665 -42.95 -55.20 -28.97
CA UNK Q 666 -44.53 -57.59 -26.52
CA UNK Q 667 -47.87 -55.86 -26.88
CA UNK Q 668 -47.69 -55.79 -30.68
CA UNK Q 669 -46.62 -59.39 -31.15
CA UNK Q 670 -49.62 -60.53 -29.16
CA UNK Q 671 -51.95 -58.27 -31.20
CA UNK Q 672 -50.45 -59.77 -34.33
CA UNK Q 673 -51.30 -63.21 -32.87
CA UNK Q 674 -55.03 -62.50 -32.95
CA UNK Q 675 -54.63 -61.06 -36.44
CA UNK Q 676 -52.61 -64.06 -37.67
CA UNK Q 677 -55.45 -66.25 -36.36
CA UNK Q 678 -57.97 -64.45 -38.60
CA UNK Q 679 -55.77 -65.12 -41.62
CA UNK Q 680 -55.39 -68.80 -40.69
CA UNK Q 681 -59.17 -68.95 -40.44
CA UNK Q 682 -59.36 -67.90 -44.12
CA UNK Q 683 -56.29 -69.77 -45.29
CA UNK Q 684 -54.54 -66.45 -45.95
CA UNK Q 685 -51.65 -66.57 -43.48
CA UNK Q 686 -48.26 -66.11 -45.16
CA UNK Q 687 -45.38 -68.56 -44.79
CA UNK Q 688 -43.09 -65.69 -43.81
CA UNK Q 689 -44.48 -65.36 -40.26
CA UNK Q 690 -45.41 -61.84 -39.15
CA UNK Q 691 -43.27 -60.64 -36.23
CA UNK Q 692 -43.52 -57.37 -34.32
CA UNK Q 693 -40.40 -55.18 -34.92
CA UNK Q 694 -37.38 -56.02 -32.73
CA UNK Q 695 -36.86 -53.93 -29.58
CA UNK Q 696 -34.01 -52.07 -31.29
CA UNK Q 697 -36.01 -51.49 -34.47
CA UNK Q 698 -38.92 -50.04 -32.52
CA UNK Q 699 -36.47 -47.43 -31.27
CA UNK Q 700 -34.87 -46.81 -34.66
CA UNK Q 701 -38.33 -46.39 -36.23
CA UNK Q 702 -39.50 -44.10 -33.42
CA UNK Q 703 -36.45 -41.85 -33.48
CA UNK Q 704 -36.46 -41.68 -37.30
CA UNK Q 705 -40.08 -40.52 -37.46
CA UNK Q 706 -39.59 -38.16 -34.50
CA UNK Q 707 -36.69 -36.57 -36.35
CA UNK Q 708 -38.39 -36.47 -39.77
CA UNK Q 709 -41.53 -34.94 -38.33
CA UNK Q 710 -39.82 -32.45 -36.08
CA UNK Q 711 -37.31 -31.22 -38.57
CA UNK Q 712 -39.83 -31.21 -41.47
CA UNK Q 713 -42.21 -29.19 -39.32
CA UNK Q 714 -39.58 -26.52 -38.66
CA UNK Q 715 -38.77 -26.59 -42.37
CA UNK Q 716 -42.33 -25.79 -43.55
CA UNK Q 717 -42.61 -23.16 -40.83
CA UNK Q 718 -39.28 -21.50 -41.66
CA UNK Q 719 -39.68 -21.34 -45.44
CA UNK Q 720 -43.33 -20.31 -45.47
CA UNK Q 721 -42.32 -17.59 -43.02
CA UNK Q 722 -39.19 -16.00 -44.52
CA UNK Q 723 -40.17 -16.40 -48.19
CA UNK Q 724 -43.31 -14.54 -47.25
CA UNK Q 725 -41.62 -11.66 -45.31
CA UNK Q 726 -38.03 -11.44 -46.56
CA UNK R 1 -35.29 -54.13 7.75
CA UNK R 2 -37.30 -50.95 8.22
CA UNK R 3 -40.69 -50.64 9.87
CA UNK R 4 -42.05 -49.11 6.61
CA UNK R 5 -43.94 -50.52 4.78
CA UNK R 6 -45.75 -52.37 7.54
CA UNK R 7 -47.69 -54.45 5.03
CA UNK R 8 -44.81 -56.01 3.16
CA UNK R 9 -41.65 -57.62 4.48
CA UNK R 10 -40.29 -58.00 0.98
CA UNK R 11 -40.35 -54.23 0.57
CA UNK R 12 -39.08 -53.59 4.13
CA UNK R 13 -36.03 -55.63 3.25
CA UNK R 14 -35.31 -53.74 0.03
CA UNK R 15 -32.17 -51.64 0.90
CA UNK R 16 -32.82 -49.23 -1.99
CA UNK R 17 -34.93 -46.15 -2.81
CA UNK R 18 -37.27 -48.52 -4.67
CA UNK R 19 -38.64 -49.48 -1.25
CA UNK R 20 -40.33 -46.12 -0.66
CA UNK R 21 -41.73 -45.76 -4.19
CA UNK R 22 -43.24 -49.27 -4.28
CA UNK R 23 -44.57 -48.97 -0.71
CA UNK R 24 -46.50 -45.89 -1.91
CA UNK R 25 -47.70 -47.68 -5.11
CA UNK R 26 -48.92 -50.81 -3.30
CA UNK R 27 -50.42 -49.20 -0.26
CA UNK R 28 -54.01 -49.55 -1.45
CA UNK R 29 -53.65 -52.99 -3.04
CA UNK R 30 -54.95 -54.51 0.25
CA UNK R 31 -55.17 -57.99 -1.27
CA UNK R 32 -51.42 -58.32 -1.54
CA UNK R 33 -50.56 -57.18 1.99
CA UNK R 34 -48.81 -59.67 4.30
CA UNK R 35 -51.31 -61.81 6.17
CA UNK R 36 -54.37 -60.39 4.48
CA UNK R 37 -57.49 -62.54 5.04
CA UNK R 38 -60.75 -62.18 3.11
CA UNK R 39 -62.76 -60.93 6.06
CA UNK R 40 -60.15 -58.30 6.98
CA UNK R 41 -60.05 -57.18 3.36
CA UNK R 42 -63.74 -56.32 3.33
CA UNK R 43 -63.61 -54.64 6.71
CA UNK R 44 -60.67 -52.48 5.74
CA UNK R 45 -62.43 -51.49 2.45
CA UNK R 46 -65.66 -50.57 4.26
CA UNK R 47 -63.77 -48.29 6.63
CA UNK R 48 -61.74 -46.82 3.81
CA UNK R 49 -65.08 -45.92 2.15
CA UNK R 50 -66.30 -43.94 5.13
CA UNK R 51 -63.02 -42.03 5.01
CA UNK R 52 -63.52 -41.33 1.31
CA UNK R 53 -67.11 -40.23 1.98
CA UNK R 54 -65.98 -37.79 4.66
CA UNK R 55 -63.50 -36.16 2.29
CA UNK R 56 -66.20 -35.52 -0.30
CA UNK R 57 -68.38 -33.93 2.39
CA UNK R 58 -65.52 -31.78 3.62
CA UNK R 59 -64.77 -30.74 0.01
CA UNK R 60 -68.27 -29.39 -0.57
CA UNK R 61 -68.19 -27.78 2.85
CA UNK R 62 -65.15 -25.82 1.66
CA UNK R 63 -66.79 -24.59 -1.56
CA UNK R 64 -69.82 -23.40 0.39
CA UNK R 65 -67.70 -21.84 3.10
CA UNK R 66 -65.39 -19.93 0.80
CA UNK R 67 -68.27 -18.68 -1.34
CA UNK R 68 -70.20 -17.54 1.70
CA UNK R 69 -67.10 -15.98 3.23
CA UNK R 70 -65.26 -14.48 0.29
CA UNK R 71 -67.68 -14.77 -2.62
CA UNK R 72 -70.38 -12.51 -4.07
CA UNK R 73 -73.31 -14.89 -3.92
CA UNK R 74 -75.75 -12.25 -2.64
CA UNK R 75 -74.74 -9.78 -5.34
CA UNK R 76 -74.94 -12.59 -7.90
CA UNK R 77 -78.39 -13.67 -6.70
CA UNK R 78 -79.51 -10.11 -7.43
CA UNK R 79 -78.15 -10.11 -10.99
CA UNK R 80 -77.21 -13.67 -12.15
CA UNK R 81 -76.41 -12.54 -15.68
CA UNK R 82 -73.94 -9.71 -15.21
CA UNK R 83 -72.19 -10.76 -12.01
CA UNK R 84 -69.00 -12.85 -12.36
CA UNK R 85 -69.19 -15.55 -9.56
CA UNK R 86 -66.30 -15.53 -7.05
CA UNK R 87 -64.51 -18.79 -6.02
CA UNK R 88 -62.46 -17.40 -3.12
CA UNK R 89 -59.89 -14.80 -2.12
CA UNK R 90 -56.27 -14.88 -3.25
CA UNK R 91 -53.30 -14.61 -0.89
CA UNK R 92 -49.91 -14.87 -2.55
CA UNK R 93 -47.06 -12.82 -1.01
CA UNK R 94 -45.21 -13.02 -4.33
CA UNK R 95 -47.64 -10.90 -6.38
CA UNK R 96 -46.57 -7.48 -7.62
CA UNK R 97 -49.01 -4.53 -7.45
CA UNK R 98 -50.18 -5.12 -11.04
CA UNK R 99 -51.01 -8.72 -10.28
CA UNK R 100 -52.95 -7.58 -7.21
CA UNK R 101 -54.84 -5.09 -9.39
CA UNK R 102 -55.47 -7.62 -12.17
CA UNK R 103 -57.12 -10.07 -9.82
CA UNK R 104 -59.10 -7.52 -7.85
CA UNK R 105 -62.02 -8.16 -10.22
CA UNK R 106 -65.65 -9.27 -10.44
CA UNK R 107 -66.40 -6.22 -8.30
CA UNK R 108 -64.34 -7.33 -5.34
CA UNK R 109 -62.12 -5.14 -3.11
CA UNK R 110 -59.25 -7.68 -2.98
CA UNK R 111 -57.67 -10.29 -5.32
CA UNK R 112 -60.05 -13.19 -6.06
CA UNK R 113 -60.61 -16.08 -8.45
CA UNK R 114 -63.64 -16.31 -10.68
CA UNK R 115 -65.51 -19.63 -10.22
CA UNK R 116 -66.29 -21.87 -13.23
CA UNK R 117 -67.76 -24.87 -11.41
CA UNK R 118 -71.32 -23.62 -11.76
CA UNK R 119 -71.92 -23.87 -8.04
CA UNK R 120 -73.64 -20.42 -7.87
CA UNK R 121 -76.18 -21.46 -10.52
CA UNK R 122 -76.76 -24.78 -8.80
CA UNK R 123 -77.20 -23.38 -5.29
CA UNK R 124 -79.44 -20.58 -6.62
CA UNK R 125 -81.70 -22.97 -8.49
CA UNK R 126 -82.26 -25.20 -5.46
CA UNK R 127 -83.15 -22.28 -3.25
CA UNK R 128 -80.05 -20.82 -1.60
CA UNK R 129 -80.27 -17.03 -1.33
CA UNK R 130 -78.04 -15.84 1.47
CA UNK R 131 -74.53 -16.27 2.76
CA UNK R 132 -76.28 -17.65 5.80
CA UNK R 133 -77.96 -20.40 3.76
CA UNK R 134 -74.54 -21.32 2.46
CA UNK R 135 -72.86 -21.20 5.91
CA UNK R 136 -75.43 -23.50 7.54
CA UNK R 137 -74.88 -25.95 4.72
CA UNK R 138 -71.14 -25.82 5.27
CA UNK R 139 -71.49 -26.47 8.99
CA UNK R 140 -73.89 -29.30 8.26
CA UNK R 141 -71.41 -31.00 5.92
CA UNK R 142 -68.75 -30.56 8.61
CA UNK R 143 -71.14 -32.64 10.79
CA UNK R 144 -71.82 -35.23 8.09
CA UNK R 145 -68.10 -35.68 7.50
CA UNK R 146 -67.81 -36.24 11.24
CA UNK R 147 -70.54 -38.92 11.19
CA UNK R 148 -68.91 -40.75 8.30
CA UNK R 149 -65.49 -40.56 9.98
CA UNK R 150 -66.89 -41.77 13.28
CA UNK R 151 -68.76 -44.61 11.55
CA UNK R 152 -65.60 -45.74 9.78
CA UNK R 153 -63.80 -45.80 13.10
CA UNK R 154 -66.73 -47.60 14.65
CA UNK R 155 -67.00 -50.48 12.22
CA UNK R 156 -63.34 -51.28 12.70
CA UNK R 157 -64.03 -51.96 16.40
CA UNK R 158 -64.43 -55.63 17.59
CA UNK R 159 -68.10 -55.42 18.52
CA UNK R 160 -69.01 -53.67 15.25
CA UNK R 161 -66.93 -55.24 12.48
CA UNK R 162 -69.41 -56.57 9.95
CA UNK R 163 -68.95 -60.30 9.23
CA UNK R 164 -67.96 -61.54 5.79
CA UNK R 165 -71.39 -63.06 5.14
CA UNK R 166 -72.91 -59.59 5.69
CA UNK R 167 -70.66 -58.13 3.01
CA UNK R 168 -71.63 -60.79 0.46
CA UNK R 169 -75.37 -60.39 0.93
CA UNK R 170 -76.04 -59.06 -2.58
CA UNK R 171 -79.86 -59.11 -2.68
CA UNK R 172 -80.18 -57.19 0.56
CA UNK R 173 -77.91 -54.43 -0.77
CA UNK R 174 -79.65 -54.05 -4.15
CA UNK R 175 -83.05 -53.81 -2.42
CA UNK R 176 -81.80 -51.18 0.00
CA UNK R 177 -79.92 -49.28 -2.66
CA UNK R 178 -82.66 -49.28 -5.28
CA UNK R 179 -85.46 -48.41 -2.86
CA UNK R 180 -83.50 -46.55 -0.23
CA UNK R 181 -80.36 -44.91 -1.51
CA UNK R 182 -82.07 -44.07 -4.84
CA UNK R 183 -85.80 -44.29 -4.20
CA UNK R 184 -86.19 -42.52 -0.86
CA UNK R 185 -83.44 -40.05 -1.61
CA UNK R 186 -85.15 -38.98 -4.84
CA UNK R 187 -88.48 -38.79 -3.04
CA UNK R 188 -86.76 -36.62 -0.44
CA UNK R 189 -85.25 -34.37 -3.07
CA UNK R 190 -88.74 -33.98 -4.55
CA UNK R 191 -89.84 -32.80 -1.11
CA UNK R 192 -87.03 -30.26 -1.08
CA UNK R 193 -87.69 -28.96 -4.58
CA UNK R 194 -91.38 -28.54 -3.71
CA UNK R 195 -91.08 -27.05 -0.21
CA UNK R 196 -88.07 -24.88 -0.83
CA UNK R 197 -86.68 -24.55 -4.35
CA UNK R 198 -90.01 -23.73 -5.98
CA UNK R 199 -91.27 -21.31 -3.30
CA UNK R 200 -87.95 -19.39 -3.37
CA UNK R 201 -87.98 -19.24 -7.18
CA UNK R 202 -91.30 -17.43 -6.72
CA UNK R 203 -89.89 -14.89 -4.28
CA UNK R 204 -91.19 -16.71 -1.18
CA UNK R 205 -88.75 -17.67 1.57
CA UNK R 206 -89.12 -21.12 3.09
CA UNK R 207 -86.63 -22.18 5.76
CA UNK R 208 -86.39 -24.44 8.80
CA UNK R 209 -87.88 -21.49 10.64
CA UNK R 210 -91.19 -21.69 8.75
CA UNK R 211 -91.35 -24.75 6.52
CA UNK R 212 -93.69 -26.40 9.05
CA UNK R 213 -96.19 -23.52 8.96
CA UNK R 214 -96.38 -22.95 5.22
CA UNK R 215 -97.98 -25.19 2.62
CA UNK R 216 -96.15 -25.86 -0.64
CA UNK R 217 -99.54 -25.67 -2.32
CA UNK R 218 -102.69 -23.49 -1.69
CA UNK R 219 -104.94 -26.41 -0.73
CA UNK R 220 -102.42 -29.21 -0.61
CA UNK R 221 -102.44 -32.81 0.53
CA UNK R 222 -106.21 -33.06 0.20
CA UNK R 223 -106.15 -33.51 -3.60
CA UNK R 224 -103.40 -36.01 -2.89
CA UNK R 225 -105.54 -38.43 -0.93
CA UNK R 226 -108.82 -37.73 -2.71
CA UNK R 227 -107.05 -38.63 -5.96
CA UNK R 228 -107.34 -35.17 -7.60
CA UNK R 229 -103.64 -35.11 -8.43
CA UNK R 230 -104.17 -32.71 -11.35
CA UNK R 231 -104.74 -29.78 -9.02
CA UNK R 232 -101.00 -29.89 -8.38
CA UNK R 233 -100.38 -29.25 -12.05
CA UNK R 234 -102.66 -26.17 -12.03
CA UNK R 235 -101.38 -22.75 -12.95
CA UNK R 236 -97.67 -23.22 -13.74
CA UNK R 237 -95.38 -20.25 -13.82
CA UNK R 238 -96.08 -18.00 -16.79
CA UNK R 239 -93.85 -17.43 -19.77
CA UNK R 240 -93.22 -14.01 -18.24
CA UNK R 241 -92.12 -15.16 -14.78
CA UNK R 242 -89.04 -13.42 -13.36
CA UNK R 243 -87.05 -16.09 -11.54
CA UNK R 244 -86.76 -15.55 -7.82
CA UNK R 245 -89.70 -13.16 -7.79
CA UNK R 246 -93.46 -13.27 -7.46
CA UNK R 247 -93.76 -11.62 -10.91
CA UNK R 248 -95.44 -14.09 -13.25
CA UNK R 249 -95.33 -16.82 -10.62
CA UNK R 250 -97.88 -19.63 -10.52
CA UNK R 251 -98.76 -22.14 -7.82
CA UNK R 252 -98.22 -25.51 -9.52
CA UNK R 253 -95.80 -27.89 -7.77
CA UNK R 254 -95.84 -30.82 -10.24
CA UNK R 255 -95.94 -30.36 -14.00
CA UNK R 256 -94.89 -31.72 -17.36
CA UNK R 257 -94.26 -28.64 -19.50
CA UNK R 258 -91.12 -29.76 -21.32
CA UNK R 259 -88.67 -27.28 -22.77
CA UNK R 260 -87.32 -24.33 -20.81
CA UNK R 261 -88.36 -21.46 -18.58
CA UNK R 262 -88.08 -18.61 -21.13
CA UNK R 263 -86.08 -16.34 -18.84
CA UNK R 264 -83.65 -18.69 -17.04
CA UNK R 265 -83.31 -20.84 -20.20
CA UNK R 266 -83.19 -24.00 -18.14
CA UNK R 267 -85.63 -26.74 -17.14
CA UNK R 268 -88.69 -25.82 -15.13
CA UNK R 269 -88.36 -26.45 -11.40
CA UNK R 270 -91.88 -27.92 -11.35
CA UNK R 271 -90.91 -30.34 -14.16
CA UNK R 272 -87.82 -31.37 -12.18
CA UNK R 273 -89.78 -31.92 -8.99
CA UNK R 274 -92.26 -34.14 -10.83
CA UNK R 275 -89.31 -36.04 -12.38
CA UNK R 276 -87.87 -37.01 -9.00
CA UNK R 277 -91.25 -37.98 -7.56
CA UNK R 278 -91.94 -40.25 -10.51
CA UNK R 279 -88.43 -41.70 -10.44
CA UNK R 280 -88.77 -42.26 -6.68
CA UNK R 281 -91.82 -44.52 -7.16
CA UNK R 282 -90.04 -46.54 -9.84
CA UNK R 283 -87.02 -47.18 -7.59
CA UNK R 284 -88.98 -47.96 -4.46
CA UNK R 285 -90.86 -50.58 -6.48
CA UNK R 286 -87.70 -52.09 -8.03
CA UNK R 287 -86.24 -52.21 -4.53
CA UNK R 288 -88.78 -54.93 -3.75
CA UNK R 289 -87.50 -57.45 -6.27
CA UNK R 290 -84.84 -59.48 -4.49
CA UNK R 291 -85.11 -62.04 -1.72
CA UNK R 292 -83.87 -61.20 1.75
CA UNK R 293 -85.05 -62.66 5.09
CA UNK R 294 -88.77 -62.87 4.29
CA UNK R 295 -88.70 -65.89 1.98
CA UNK R 296 -90.18 -63.78 -0.79
CA UNK R 297 -88.37 -62.33 -3.79
CA UNK R 298 -85.83 -63.34 -6.43
CA UNK R 299 -82.51 -65.08 -5.90
CA UNK R 300 -80.17 -63.72 -8.54
CA UNK R 301 -78.33 -67.04 -8.10
CA UNK R 302 -81.35 -69.18 -9.27
CA UNK R 303 -81.95 -66.78 -12.23
CA UNK R 304 -78.29 -67.27 -13.23
CA UNK R 305 -78.32 -70.95 -13.08
CA UNK R 306 -81.71 -71.12 -15.07
CA UNK R 307 -81.39 -67.56 -16.35
CA UNK R 308 -78.87 -68.96 -18.80
CA UNK R 309 -81.14 -71.96 -19.61
CA UNK R 310 -82.91 -69.77 -21.81
CA UNK R 311 -79.93 -68.85 -23.88
CA UNK R 312 -80.64 -72.18 -25.54
CA UNK R 313 -78.30 -74.09 -27.21
CA UNK R 314 -75.09 -72.15 -27.94
CA UNK R 315 -73.58 -70.61 -24.82
CA UNK R 316 -72.56 -71.49 -21.40
CA UNK R 317 -74.70 -71.72 -18.30
CA UNK R 318 -74.80 -68.24 -16.68
CA UNK R 319 -74.79 -70.54 -13.86
CA UNK R 320 -71.75 -69.47 -11.96
CA UNK R 321 -71.86 -65.83 -13.09
CA UNK R 322 -73.52 -64.99 -9.78
CA UNK R 323 -70.57 -66.40 -7.85
CA UNK R 324 -68.01 -65.04 -10.25
CA UNK R 325 -69.44 -61.55 -9.83
CA UNK R 326 -70.26 -61.76 -6.10
CA UNK R 327 -66.90 -63.27 -5.07
CA UNK R 328 -64.62 -60.91 -7.02
CA UNK R 329 -64.19 -57.34 -5.81
CA UNK R 330 -62.46 -56.62 -9.12
CA UNK R 331 -65.36 -57.84 -11.26
CA UNK R 332 -67.63 -55.61 -9.22
CA UNK R 333 -65.32 -52.63 -9.37
CA UNK R 334 -64.73 -53.01 -13.09
CA UNK R 335 -68.43 -53.45 -13.71
CA UNK R 336 -69.45 -50.50 -11.51
CA UNK R 337 -66.79 -48.28 -13.11
CA UNK R 338 -68.23 -48.96 -16.58
CA UNK R 339 -71.73 -48.09 -15.41
CA UNK R 340 -70.51 -44.93 -13.67
CA UNK R 341 -68.36 -43.93 -16.65
CA UNK R 342 -71.35 -44.27 -18.91
CA UNK R 343 -73.66 -42.11 -16.91
CA UNK R 344 -70.95 -39.50 -16.32
CA UNK R 345 -70.81 -39.04 -20.07
CA UNK R 346 -74.61 -38.92 -20.07
CA UNK R 347 -74.45 -36.18 -17.44
CA UNK R 348 -72.10 -34.23 -19.72
CA UNK R 349 -74.23 -34.81 -22.85
CA UNK R 350 -77.54 -33.91 -21.19
CA UNK R 351 -76.44 -30.94 -19.14
CA UNK R 352 -75.16 -28.83 -22.00
CA UNK R 353 -78.22 -29.50 -24.16
CA UNK R 354 -80.79 -29.54 -21.36
CA UNK R 355 -79.51 -26.87 -18.92
CA UNK R 356 -80.97 -27.70 -15.52
CA UNK R 357 -79.75 -24.58 -13.71
CA UNK R 358 -81.05 -21.02 -13.96
CA UNK R 359 -78.99 -18.77 -16.26
CA UNK R 360 -76.15 -21.26 -16.58
CA UNK R 361 -76.54 -21.34 -20.39
CA UNK R 362 -75.39 -17.74 -20.33
CA UNK R 363 -72.17 -18.53 -18.45
CA UNK R 364 -70.19 -19.86 -21.39
CA UNK R 365 -66.97 -20.54 -19.55
CA UNK R 366 -68.60 -22.64 -16.91
CA UNK R 367 -70.65 -24.65 -19.41
CA UNK R 368 -67.47 -25.41 -21.33
CA UNK R 369 -65.69 -26.40 -18.07
CA UNK R 370 -68.54 -28.59 -16.89
CA UNK R 371 -68.68 -30.55 -20.14
CA UNK R 372 -64.91 -30.97 -20.45
CA UNK R 373 -64.58 -31.93 -16.78
CA UNK R 374 -67.21 -34.68 -16.87
CA UNK R 375 -66.04 -36.12 -20.14
CA UNK R 376 -62.49 -36.43 -18.83
CA UNK R 377 -63.85 -38.01 -15.65
CA UNK R 378 -65.77 -40.48 -17.81
CA UNK R 379 -62.65 -41.46 -19.74
CA UNK R 380 -60.68 -42.22 -16.58
CA UNK R 381 -63.59 -44.29 -15.26
CA UNK R 382 -63.96 -46.26 -18.49
CA UNK R 383 -60.26 -47.04 -18.52
CA UNK R 384 -60.39 -48.17 -14.89
CA UNK R 385 -63.39 -50.38 -15.59
CA UNK R 386 -61.37 -52.33 -18.17
CA UNK R 387 -58.29 -52.28 -15.93
CA UNK R 388 -60.12 -54.01 -13.16
CA UNK R 389 -61.70 -56.38 -15.65
CA UNK R 390 -58.20 -57.54 -16.62
CA UNK R 391 -57.24 -57.71 -12.93
CA UNK R 392 -60.30 -59.86 -12.31
CA UNK R 393 -59.23 -62.24 -15.08
CA UNK R 394 -55.71 -62.57 -13.64
CA UNK R 395 -56.39 -62.71 -9.91
CA UNK R 396 -59.95 -63.90 -9.49
CA UNK R 397 -61.23 -65.81 -12.51
CA UNK R 398 -61.64 -69.52 -11.86
CA UNK R 399 -62.07 -71.46 -15.13
CA UNK R 400 -63.40 -74.50 -13.26
CA UNK R 401 -66.33 -72.57 -11.82
CA UNK R 402 -67.15 -70.91 -15.16
CA UNK R 403 -66.65 -73.75 -17.64
CA UNK R 404 -69.42 -73.47 -20.17
CA UNK R 405 -70.88 -70.06 -19.28
CA UNK R 406 -70.80 -66.76 -21.21
CA UNK R 407 -67.52 -65.63 -19.69
CA UNK R 408 -65.83 -68.90 -20.73
CA UNK R 409 -67.47 -68.67 -24.13
CA UNK R 410 -66.03 -65.19 -24.72
CA UNK R 411 -62.55 -66.35 -23.74
CA UNK R 412 -62.89 -69.32 -26.09
CA UNK R 413 -63.09 -66.96 -29.08
CA UNK R 414 -60.91 -64.07 -27.86
CA UNK R 415 -58.85 -63.86 -31.06
CA UNK R 416 -61.98 -63.59 -33.24
CA UNK R 417 -63.11 -60.68 -31.03
CA UNK R 418 -59.71 -58.92 -30.95
CA UNK R 419 -59.00 -59.33 -34.68
CA UNK R 420 -62.33 -57.74 -35.50
CA UNK R 421 -61.86 -54.75 -33.14
CA UNK R 422 -58.59 -54.44 -34.93
CA UNK R 423 -60.40 -54.39 -38.32
CA UNK R 424 -62.97 -51.78 -37.38
CA UNK R 425 -60.27 -49.50 -35.98
CA UNK R 426 -58.11 -49.88 -39.04
CA UNK R 427 -61.24 -49.35 -41.17
CA UNK R 428 -62.38 -46.24 -39.30
CA UNK R 429 -58.89 -44.77 -39.19
CA UNK R 430 -57.73 -45.28 -42.75
CA UNK R 431 -60.89 -43.65 -44.15
CA UNK R 432 -61.52 -40.89 -41.64
CA UNK R 433 -57.94 -39.78 -41.78
CA UNK R 434 -58.16 -40.20 -45.56
CA UNK R 435 -61.13 -37.89 -46.03
CA UNK R 436 -59.56 -35.15 -43.88
CA UNK R 437 -56.32 -35.32 -45.82
CA UNK R 438 -58.29 -35.29 -49.09
CA UNK R 439 -60.10 -32.13 -47.96
CA UNK R 440 -56.95 -30.43 -46.71
CA UNK R 441 -55.18 -30.93 -50.03
CA UNK R 442 -58.15 -29.98 -52.19
CA UNK R 443 -58.87 -26.87 -50.05
CA UNK R 444 -55.15 -25.97 -50.02
CA UNK R 445 -55.12 -26.03 -53.82
CA UNK R 446 -57.95 -23.49 -54.06
CA UNK R 447 -60.69 -26.00 -54.82
CA UNK R 448 -62.93 -26.42 -51.75
CA UNK R 449 -65.75 -27.63 -53.98
CA UNK R 450 -63.75 -30.86 -54.41
CA UNK R 451 -63.99 -31.80 -50.69
CA UNK R 452 -65.80 -34.98 -49.74
CA UNK R 453 -68.51 -33.72 -47.41
CA UNK R 454 -71.03 -36.31 -46.27
CA UNK R 455 -74.30 -35.18 -44.72
CA UNK R 456 -75.04 -36.61 -41.24
CA UNK R 457 -78.43 -37.63 -42.60
CA UNK R 458 -79.20 -40.46 -40.17
CA UNK R 459 -78.39 -38.07 -37.30
CA UNK R 460 -80.38 -35.19 -38.82
CA UNK R 461 -83.24 -37.62 -39.39
CA UNK R 462 -83.21 -38.31 -35.65
CA UNK R 463 -83.30 -34.59 -34.83
CA UNK R 464 -86.20 -34.39 -37.32
CA UNK R 465 -87.94 -37.31 -35.59
CA UNK R 466 -87.62 -35.25 -32.40
CA UNK R 467 -89.50 -32.28 -33.86
CA UNK R 468 -86.78 -30.25 -35.53
CA UNK R 469 -88.40 -28.89 -38.72
CA UNK R 470 -85.19 -27.40 -40.15
CA UNK R 471 -84.21 -30.54 -42.14
CA UNK R 472 -87.75 -31.06 -43.39
CA UNK R 473 -87.94 -34.82 -42.98
CA UNK R 474 -91.59 -34.32 -41.92
CA UNK R 475 -91.93 -37.49 -39.80
CA UNK R 476 -92.88 -38.09 -36.17
CA UNK R 477 -93.21 -34.91 -34.07
CA UNK R 478 -91.80 -33.26 -37.20
CA UNK R 479 -95.17 -34.25 -38.70
CA UNK R 480 -98.03 -32.72 -36.66
CA UNK R 481 -100.39 -35.37 -38.00
CA UNK R 482 -98.27 -38.38 -37.19
CA UNK R 483 -99.56 -40.85 -34.63
CA UNK R 484 -96.59 -39.89 -32.55
CA UNK R 485 -97.20 -36.10 -32.55
CA UNK R 486 -100.99 -36.60 -32.21
CA UNK R 487 -100.34 -37.95 -28.68
CA UNK R 488 -97.59 -35.32 -28.13
CA UNK R 489 -100.33 -32.68 -28.31
CA UNK R 490 -101.26 -32.46 -24.52
CA UNK R 491 -98.28 -30.98 -23.10
CA UNK R 492 -94.86 -31.94 -22.92
CA UNK R 493 -94.81 -31.83 -26.69
CA UNK R 494 -95.58 -28.13 -27.29
CA UNK R 495 -92.92 -26.84 -24.88
CA UNK R 496 -90.42 -29.34 -26.22
CA UNK R 497 -91.07 -28.47 -29.89
CA UNK R 498 -90.78 -24.83 -28.98
CA UNK R 499 -87.30 -25.47 -27.50
CA UNK R 500 -85.98 -27.78 -30.21
CA UNK R 501 -86.89 -25.27 -32.96
CA UNK R 502 -85.88 -21.91 -31.45
CA UNK R 503 -82.25 -22.13 -32.61
CA UNK R 504 -81.21 -20.03 -29.57
CA UNK R 505 -79.99 -22.94 -27.43
CA UNK R 506 -78.07 -26.24 -27.56
CA UNK R 507 -81.00 -28.65 -27.61
CA UNK R 508 -79.92 -30.69 -30.68
CA UNK R 509 -77.57 -28.28 -32.45
CA UNK R 510 -77.75 -28.23 -36.24
CA UNK R 511 -75.04 -30.48 -37.75
CA UNK R 512 -73.38 -30.99 -41.14
CA UNK R 513 -70.37 -32.64 -42.83
CA UNK R 514 -67.98 -31.17 -40.25
CA UNK R 515 -69.96 -32.94 -37.55
CA UNK R 516 -69.88 -36.11 -39.65
CA UNK R 517 -66.10 -36.33 -39.84
CA UNK R 518 -65.43 -35.74 -36.10
CA UNK R 519 -68.07 -38.23 -35.07
CA UNK R 520 -66.16 -40.89 -36.99
CA UNK R 521 -62.91 -39.67 -35.40
CA UNK R 522 -64.65 -40.20 -32.10
CA UNK R 523 -65.78 -43.64 -33.22
CA UNK R 524 -62.16 -44.40 -34.13
CA UNK R 525 -61.08 -43.35 -30.65
CA UNK R 526 -63.67 -45.41 -28.84
CA UNK R 527 -62.82 -48.53 -30.88
CA UNK R 528 -59.03 -48.34 -30.64
CA UNK R 529 -59.18 -47.56 -26.90
CA UNK R 530 -61.52 -50.48 -26.48
CA UNK R 531 -59.29 -52.59 -28.69
CA UNK R 532 -56.26 -51.96 -26.49
CA UNK R 533 -58.18 -52.57 -23.28
CA UNK R 534 -60.01 -55.67 -24.47
CA UNK R 535 -56.95 -57.21 -26.00
CA UNK R 536 -55.04 -56.38 -22.83
CA UNK R 537 -57.67 -58.06 -20.70
CA UNK R 538 -58.23 -61.14 -22.90
CA UNK R 539 -54.49 -61.83 -22.99
CA UNK R 540 -53.93 -61.09 -19.28
CA UNK R 541 -54.00 -64.82 -18.40
CA UNK R 542 -51.79 -65.77 -21.36
CA UNK R 543 -50.84 -65.46 -25.02
CA UNK R 544 -48.76 -67.47 -27.48
CA UNK R 545 -45.73 -65.29 -26.71
CA UNK R 546 -46.34 -65.80 -23.00
CA UNK R 547 -48.54 -68.91 -22.34
CA UNK R 548 -48.24 -68.68 -18.54
CA UNK R 549 -48.85 -64.95 -18.11
CA UNK R 550 -51.32 -65.48 -15.26
CA UNK R 551 -48.47 -66.75 -13.06
CA UNK R 552 -46.82 -63.32 -13.21
CA UNK R 553 -49.77 -61.17 -12.20
CA UNK R 554 -51.29 -58.02 -13.66
CA UNK R 555 -48.19 -55.82 -13.66
CA UNK R 556 -44.56 -56.72 -14.29
CA UNK R 557 -41.63 -55.22 -16.28
CA UNK R 558 -41.65 -57.70 -19.09
CA UNK R 559 -40.15 -61.12 -19.67
CA UNK R 560 -36.80 -60.15 -21.14
CA UNK R 561 -35.22 -59.89 -24.61
CA UNK R 562 -35.73 -63.60 -25.20
CA UNK R 563 -38.41 -65.02 -27.55
CA UNK R 564 -37.92 -61.97 -29.78
CA UNK R 565 -38.51 -59.34 -27.06
CA UNK R 566 -41.30 -58.84 -24.59
CA UNK R 567 -41.56 -55.20 -23.52
CA UNK R 568 -45.03 -53.94 -22.61
CA UNK R 569 -46.46 -57.43 -22.50
CA UNK R 570 -48.44 -57.26 -19.25
CA UNK R 571 -52.11 -56.42 -18.94
CA UNK R 572 -50.97 -53.43 -16.89
CA UNK R 573 -49.04 -52.23 -19.91
CA UNK R 574 -52.24 -52.37 -21.97
CA UNK R 575 -53.97 -50.02 -19.48
CA UNK R 576 -50.89 -47.78 -19.75
CA UNK R 577 -51.09 -47.72 -23.61
CA UNK R 578 -54.86 -47.35 -23.62
CA UNK R 579 -54.55 -44.21 -21.48
CA UNK R 580 -52.81 -42.37 -24.28
CA UNK R 581 -55.74 -43.26 -26.52
CA UNK R 582 -58.37 -42.31 -24.00
CA UNK R 583 -56.74 -38.87 -23.58
CA UNK R 584 -56.59 -38.53 -27.37
CA UNK R 585 -60.27 -39.49 -27.70
CA UNK R 586 -61.61 -37.19 -25.00
CA UNK R 587 -59.44 -34.49 -26.59
CA UNK R 588 -61.15 -34.94 -29.94
CA UNK R 589 -64.56 -34.89 -28.30
CA UNK R 590 -63.87 -31.79 -26.20
CA UNK R 591 -62.03 -29.84 -28.93
CA UNK R 592 -65.14 -30.57 -30.97
CA UNK R 593 -67.69 -29.56 -28.32
CA UNK R 594 -65.79 -26.36 -27.67
CA UNK R 595 -65.13 -25.10 -31.19
CA UNK R 596 -68.72 -25.79 -32.18
CA UNK R 597 -70.10 -23.87 -29.19
CA UNK R 598 -67.60 -21.07 -29.84
CA UNK R 599 -69.31 -20.39 -33.20
CA UNK R 600 -72.80 -20.88 -31.76
CA UNK R 601 -72.13 -18.35 -29.01
CA UNK R 602 -70.62 -15.75 -31.33
CA UNK R 603 -73.55 -16.19 -33.67
CA UNK R 604 -71.12 -17.38 -36.35
CA UNK R 605 -71.71 -21.10 -37.00
CA UNK R 606 -70.24 -20.77 -40.50
CA UNK R 607 -66.72 -20.85 -39.09
CA UNK R 608 -67.06 -24.35 -37.67
CA UNK R 609 -69.28 -25.52 -40.56
CA UNK R 610 -66.78 -24.46 -43.21
CA UNK R 611 -63.47 -24.84 -41.34
CA UNK R 612 -63.96 -28.23 -39.58
CA UNK R 613 -63.80 -30.46 -42.68
CA UNK R 614 -60.02 -30.13 -43.21
CA UNK R 615 -57.47 -30.36 -40.39
CA UNK R 616 -55.65 -27.09 -41.09
CA UNK R 617 -58.96 -25.51 -40.08
CA UNK R 618 -58.81 -26.97 -36.56
CA UNK R 619 -55.16 -25.99 -36.20
CA UNK R 620 -55.68 -22.47 -37.49
CA UNK R 621 -59.25 -21.39 -36.69
CA UNK R 622 -59.63 -23.20 -33.43
CA UNK R 623 -56.24 -23.49 -31.68
CA UNK R 624 -54.09 -20.72 -33.15
CA UNK R 625 -56.94 -18.18 -33.39
CA UNK R 626 -58.25 -18.81 -29.86
CA UNK R 627 -54.94 -18.80 -28.02
CA UNK R 628 -54.57 -15.04 -28.68
CA UNK R 629 -55.77 -13.45 -25.43
CA UNK R 630 -54.56 -16.39 -23.25
CA UNK R 631 -51.04 -15.98 -24.60
CA UNK R 632 -51.04 -12.30 -23.58
CA UNK R 633 -52.14 -13.03 -20.00
CA UNK R 634 -48.78 -11.41 -19.36
CA UNK R 635 -46.26 -9.89 -21.81
CA UNK R 636 -43.59 -7.19 -21.99
CA UNK R 637 -46.27 -4.58 -21.45
CA UNK R 638 -48.14 -5.84 -18.42
CA UNK R 639 -50.23 -8.63 -16.91
CA UNK R 640 -53.98 -9.10 -16.64
CA UNK R 641 -56.31 -11.51 -14.91
CA UNK R 642 -55.47 -14.25 -17.42
CA UNK R 643 -51.83 -14.28 -16.33
CA UNK R 644 -52.53 -17.40 -14.22
CA UNK R 645 -53.94 -19.35 -17.08
CA UNK R 646 -51.15 -18.22 -19.33
CA UNK R 647 -48.55 -19.42 -16.79
CA UNK R 648 -50.53 -22.63 -16.19
CA UNK R 649 -50.71 -23.06 -19.96
CA UNK R 650 -46.92 -23.05 -20.17
CA UNK R 651 -46.73 -25.20 -17.05
CA UNK R 652 -48.87 -27.88 -18.68
CA UNK R 653 -46.65 -27.91 -21.74
CA UNK R 654 -43.59 -28.36 -19.52
CA UNK R 655 -45.02 -31.20 -17.43
CA UNK R 656 -46.23 -32.96 -20.57
CA UNK R 657 -42.86 -32.83 -22.26
CA UNK R 658 -41.18 -33.87 -18.99
CA UNK R 659 -43.24 -37.09 -19.14
CA UNK R 660 -41.64 -37.85 -22.52
CA UNK R 661 -38.33 -38.27 -20.67
CA UNK R 662 -39.60 -41.25 -18.66
CA UNK R 663 -41.53 -42.70 -21.61
CA UNK R 664 -38.70 -42.57 -24.17
CA UNK R 665 -35.47 -43.11 -22.26
CA UNK R 666 -35.42 -46.40 -20.33
CA UNK R 667 -33.92 -47.73 -17.07
CA UNK R 668 -30.47 -49.05 -17.93
CA UNK R 669 -29.22 -45.70 -19.18
CA UNK R 670 -30.09 -44.05 -15.84
CA UNK R 671 -28.98 -46.76 -13.45
CA UNK R 672 -25.47 -46.55 -14.93
CA UNK R 673 -25.41 -42.73 -14.71
CA UNK R 674 -26.51 -42.94 -11.09
CA UNK R 675 -23.58 -45.26 -10.38
CA UNK R 676 -21.11 -42.59 -11.47
CA UNK R 677 -22.90 -40.24 -9.06
CA UNK R 678 -22.58 -42.78 -6.20
CA UNK R 679 -18.85 -42.98 -6.98
CA UNK R 680 -18.50 -39.12 -6.91
CA UNK R 681 -20.38 -38.71 -3.65
CA UNK R 682 -18.27 -41.34 -1.83
CA UNK R 683 -15.06 -39.77 -3.16
CA UNK R 684 -15.91 -36.13 -2.38
CA UNK R 685 -14.56 -34.86 0.98
CA UNK R 686 -16.98 -33.00 3.28
CA UNK R 687 -19.91 -34.36 1.20
CA UNK R 688 -18.32 -37.70 2.32
CA UNK R 689 -19.40 -37.03 5.87
CA UNK R 690 -22.96 -37.91 5.05
CA UNK R 691 -24.43 -40.96 3.46
CA UNK R 692 -27.77 -42.01 2.13
CA UNK R 693 -29.68 -44.49 4.26
CA UNK R 694 -31.43 -46.00 1.16
CA UNK R 695 -29.11 -46.86 -1.75
CA UNK R 696 -30.02 -44.70 -4.77
CA UNK R 697 -31.22 -46.65 -7.79
CA UNK R 698 -32.90 -45.72 -11.04
CA UNK R 699 -36.75 -45.89 -11.09
CA UNK R 700 -38.08 -49.31 -12.07
CA UNK R 701 -39.31 -50.31 -15.55
CA UNK R 702 -43.01 -50.22 -14.63
CA UNK R 703 -42.49 -47.13 -12.41
CA UNK R 704 -41.18 -45.00 -15.31
CA UNK R 705 -44.16 -45.97 -17.47
CA UNK R 706 -46.39 -44.83 -14.61
CA UNK R 707 -44.46 -41.60 -13.83
CA UNK R 708 -44.11 -40.72 -17.51
CA UNK R 709 -47.79 -41.37 -18.12
CA UNK R 710 -48.65 -39.27 -15.03
CA UNK R 711 -46.64 -36.28 -16.21
CA UNK R 712 -48.07 -36.69 -19.75
CA UNK R 713 -51.57 -36.79 -18.27
CA UNK R 714 -51.21 -33.91 -15.85
CA UNK R 715 -49.73 -31.67 -18.55
CA UNK R 716 -52.31 -32.77 -21.07
CA UNK R 717 -55.13 -31.71 -18.80
CA UNK R 718 -53.60 -28.53 -17.39
CA UNK R 719 -52.63 -27.27 -20.82
CA UNK R 720 -56.13 -27.73 -22.17
CA UNK R 721 -57.90 -26.42 -19.10
CA UNK R 722 -55.89 -23.19 -19.22
CA UNK R 723 -56.77 -22.78 -22.92
CA UNK R 724 -60.40 -23.79 -22.56
CA UNK R 725 -61.04 -21.43 -19.66
CA UNK R 726 -59.02 -18.43 -20.82
CA UNK R 727 -60.09 -18.59 -24.46
CA UNK R 728 -63.76 -18.57 -23.47
CA UNK R 729 -63.46 -16.08 -20.59
CA UNK R 730 -61.67 -13.56 -22.83
CA UNK R 731 -64.73 -13.63 -25.19
CA UNK R 732 -67.82 -15.79 -24.78
CA UNK S 1 -34.70 -62.97 -3.92
CA UNK S 2 -35.93 -63.93 -7.34
CA UNK S 3 -37.42 -67.44 -7.71
CA UNK S 4 -35.98 -69.81 -10.32
CA UNK S 5 -37.88 -73.00 -11.13
CA UNK S 6 -36.92 -75.95 -13.37
CA UNK S 7 -39.78 -77.94 -14.89
CA UNK S 8 -39.67 -81.62 -15.92
CA UNK S 9 -39.58 -80.83 -19.63
CA UNK S 10 -35.90 -80.11 -19.12
CA UNK S 11 -33.73 -81.93 -21.69
CA UNK S 12 -30.50 -81.48 -19.73
CA UNK S 13 -28.73 -79.43 -22.43
CA UNK S 14 -26.83 -77.26 -19.81
CA UNK S 15 -27.36 -73.98 -21.78
CA UNK S 16 -29.09 -72.09 -18.96
CA UNK S 17 -26.28 -73.01 -16.60
CA UNK S 18 -23.61 -71.70 -18.95
CA UNK S 19 -25.58 -68.56 -19.72
CA UNK S 20 -25.98 -67.51 -16.07
CA UNK S 21 -23.70 -64.53 -15.26
CA UNK S 22 -23.78 -65.16 -11.51
CA UNK S 23 -23.62 -68.98 -11.17
CA UNK S 24 -27.06 -69.54 -9.75
CA UNK S 25 -27.49 -72.84 -11.59
CA UNK S 26 -25.82 -76.24 -11.94
CA UNK S 27 -26.52 -79.61 -13.59
CA UNK S 28 -27.45 -82.51 -11.27
CA UNK S 29 -28.10 -86.25 -11.91
CA UNK S 30 -31.58 -87.00 -13.25
CA UNK S 31 -33.34 -89.97 -14.90
CA UNK S 32 -36.17 -87.93 -16.49
CA UNK S 33 -34.35 -87.34 -19.77
CA UNK S 34 -31.86 -88.90 -22.14
CA UNK S 35 -29.01 -86.67 -20.95
CA UNK S 36 -29.50 -87.95 -17.40
CA UNK S 37 -29.44 -84.50 -15.87
CA UNK S 38 -31.65 -81.64 -14.92
CA UNK S 39 -30.74 -77.97 -14.36
CA UNK S 40 -30.86 -76.82 -10.73
CA UNK S 41 -31.03 -73.41 -9.02
CA UNK S 42 -29.28 -73.93 -5.64
CA UNK S 43 -27.95 -70.32 -5.34
CA UNK S 44 -30.90 -68.03 -6.12
CA UNK S 45 -29.72 -65.53 -3.50
CA UNK S 46 -27.19 -64.55 -6.21
CA UNK S 47 -29.85 -64.35 -8.98
CA UNK S 48 -30.09 -60.92 -10.68
CA UNK S 49 -33.13 -61.84 -12.84
CA UNK S 50 -31.43 -61.04 -16.17
CA UNK S 51 -33.29 -64.00 -17.71
CA UNK S 52 -30.32 -64.95 -19.90
CA UNK S 53 -31.18 -68.48 -18.68
CA UNK S 54 -34.71 -68.59 -20.24
CA UNK S 55 -33.26 -66.93 -23.30
CA UNK S 56 -30.95 -69.94 -23.73
CA UNK S 57 -33.60 -72.65 -22.99
CA UNK S 58 -34.59 -74.62 -26.21
CA UNK S 59 -37.74 -76.36 -24.99
CA UNK S 60 -41.11 -75.28 -26.34
CA UNK S 61 -42.01 -73.28 -23.47
CA UNK S 62 -39.38 -72.89 -20.98
CA UNK S 63 -38.21 -75.65 -18.72
CA UNK S 64 -36.50 -72.97 -16.59
CA UNK S 65 -38.62 -70.06 -15.36
CA UNK S 66 -37.66 -66.85 -13.51
CA UNK S 67 -40.19 -65.07 -11.27
CA UNK S 68 -38.83 -61.70 -10.03
CA UNK S 69 -39.28 -61.26 -6.27
CA UNK S 70 -38.03 -59.27 -3.24
CA UNK S 71 -35.12 -57.04 -4.21
CA UNK S 72 -31.72 -56.98 -2.52
CA UNK S 73 -28.34 -55.41 -3.08
CA UNK S 74 -27.48 -58.63 -4.97
CA UNK S 75 -30.65 -58.99 -7.05
CA UNK S 76 -30.42 -55.26 -7.97
CA UNK S 77 -26.85 -55.81 -9.15
CA UNK S 78 -25.33 -53.06 -7.08
CA UNK S 79 -21.53 -52.64 -6.88
CA UNK S 80 -22.22 -50.41 -4.08
CA UNK T 1 -14.92 -81.98 0.21
CA UNK T 2 -13.10 -78.63 0.99
CA UNK T 3 -11.67 -76.05 -1.24
CA UNK T 4 -9.94 -73.58 0.91
CA UNK T 5 -7.75 -70.50 1.82
CA UNK T 6 -5.98 -68.64 -1.06
CA UNK T 7 -6.02 -65.74 1.45
CA UNK T 8 -2.48 -66.09 2.47
CA UNK T 9 -1.19 -62.49 2.92
CA UNK T 10 -4.43 -60.81 3.98
CA UNK T 11 -5.12 -58.26 6.78
CA UNK T 12 -7.76 -56.68 8.99
CA UNK T 13 -9.47 -53.98 7.48
CA UNK T 14 -10.28 -53.53 4.07
CA UNK T 15 -8.57 -50.17 3.74
CA UNK T 16 -10.59 -48.02 6.18
CA UNK T 17 -8.12 -45.15 6.34
CA UNK T 18 -4.55 -44.11 6.90
CA UNK T 19 -1.98 -44.97 9.64
CA UNK T 20 -3.11 -46.61 12.91
CA UNK T 21 0.04 -45.93 14.91
CA UNK T 22 1.95 -43.54 12.61
CA UNK T 23 -0.05 -61.75 -6.82
CA UNK T 24 -2.09 -58.76 -8.02
CA UNK T 25 -1.98 -58.34 -11.78
CA UNK T 26 -0.03 -55.31 -12.96
CA UNK T 27 -2.73 -52.61 -12.94
CA UNK T 28 -2.68 -48.85 -12.37
CA UNK T 29 -6.13 -48.79 -10.78
CA UNK T 30 -9.31 -47.06 -11.91
CA UNK T 31 -12.41 -45.27 -10.67
CA UNK T 32 -14.46 -48.41 -11.38
CA UNK T 33 -13.29 -50.64 -8.53
CA UNK T 34 -14.46 -51.23 -4.96
CA UNK T 35 -16.65 -48.74 -3.09
CA UNK T 36 -17.45 -48.61 0.57
CA UNK T 37 -19.82 -51.59 0.46
CA UNK T 38 -16.72 -53.73 -0.10
CA UNK T 39 -15.64 -53.01 3.48
CA UNK T 40 -18.98 -52.92 5.23
CA UNK T 41 -21.00 -55.57 3.44
CA UNK T 42 -19.19 -58.00 1.25
CA UNK T 43 -16.48 -58.21 -1.34
CA UNK T 44 -15.23 -60.85 -3.80
CA UNK T 45 -11.96 -62.37 -4.84
CA UNK T 46 -10.93 -64.49 -7.78
CA UNK T 47 -7.68 -66.47 -7.94
CA UNK T 48 -6.08 -68.31 -10.82
CA UNK T 49 -2.65 -69.32 -12.13
CA UNK T 50 -1.27 -68.39 -15.50
CA UNK T 51 1.60 -69.98 -17.50
CA UNK T 52 3.06 -66.60 -18.44
CA UNK T 53 2.76 -62.84 -18.05
CA UNK T 54 -0.06 -61.77 -20.36
CA UNK T 55 -2.34 -58.77 -21.04
CA UNK T 56 -6.07 -58.96 -20.34
CA UNK T 57 -9.00 -56.62 -19.69
CA UNK T 58 -10.45 -55.66 -16.31
CA UNK T 59 -14.28 -55.49 -16.19
CA UNK T 60 -13.59 -52.33 -14.12
CA UNK T 61 -11.92 -50.93 -17.23
CA UNK T 62 -8.53 -50.94 -18.82
CA UNK T 63 -5.68 -53.23 -19.66
CA UNK T 64 -3.96 -55.30 -16.97
CA UNK T 65 -1.07 -57.78 -17.06
CA UNK T 66 -1.55 -61.06 -15.26
CA UNK T 67 1.51 -62.42 -13.54
CA UNK T 68 3.12 -65.76 -14.24
CA UNK T 69 2.06 -67.98 -11.39
CA UNK T 70 -0.77 -67.24 -9.01
CA UNK T 71 -2.94 -64.10 -9.40
CA UNK T 72 -5.44 -62.54 -6.95
CA UNK T 73 -8.02 -59.82 -7.71
CA UNK T 74 -10.83 -58.30 -5.65
CA UNK T 75 -14.19 -57.20 -7.11
CA UNK T 76 -17.33 -55.67 -5.67
CA UNK T 77 -19.65 -58.23 -7.24
CA UNK T 78 -19.80 -61.97 -7.89
CA UNK T 79 -20.78 -61.11 -11.45
CA UNK T 80 -17.54 -59.20 -12.01
CA UNK T 81 -15.54 -62.24 -10.93
CA UNK T 82 -17.52 -64.52 -13.28
CA UNK T 83 -17.21 -62.05 -16.16
CA UNK T 84 -13.41 -62.04 -15.79
CA UNK T 85 -13.42 -65.89 -15.79
CA UNK T 86 -14.85 -65.61 -19.03
CA UNK T 87 -11.36 -63.73 -19.82
CA UNK T 88 -9.32 -66.55 -18.44
CA UNK T 89 -11.46 -69.31 -20.11
CA UNK T 90 -10.42 -67.96 -23.52
CA UNK T 91 -6.63 -68.19 -22.81
CA UNK T 92 -7.27 -71.77 -21.57
CA UNK T 93 -7.15 -70.93 -17.71
CA UNK T 94 -9.66 -73.04 -15.79
CA UNK T 95 -8.17 -73.31 -12.31
CA UNK T 96 -9.84 -70.10 -11.17
CA UNK T 97 -11.62 -69.90 -7.80
CA UNK T 98 -14.09 -67.33 -6.50
CA UNK T 99 -14.59 -66.24 -2.91
CA UNK T 100 -17.04 -64.16 -0.92
CA UNK T 101 -15.30 -62.11 1.78
CA UNK T 102 -17.08 -60.62 4.75
CA UNK T 103 -16.01 -57.58 6.88
CA UNK T 104 -14.95 -60.28 9.42
CA UNK T 105 -12.23 -61.52 7.17
CA UNK T 106 -14.24 -64.71 6.73
CA UNK T 107 -13.50 -66.04 3.25
CA UNK T 108 -15.79 -68.62 1.65
CA UNK T 109 -15.24 -70.50 -1.62
CA UNK T 110 -18.34 -70.21 -3.77
CA UNK T 111 -17.30 -71.24 -7.27
CA UNK T 112 -16.62 -74.01 -8.38
CA UNK T 113 -18.82 -74.64 -5.37
CA UNK T 114 -17.92 -78.39 -5.33
CA UNK T 115 -14.63 -78.51 -7.25
CA UNK T 116 -16.50 -79.29 -10.43
CA UNK T 117 -17.86 -76.61 -12.76
CA UNK T 118 -21.65 -76.29 -12.63
CA UNK T 119 -21.99 -76.99 -16.40
CA UNK T 120 -20.86 -80.61 -15.87
CA UNK T 121 -23.15 -82.94 -13.92
CA UNK T 122 -21.63 -84.20 -10.72
CA UNK T 123 -22.75 -86.84 -8.24
CA UNK T 124 -23.52 -85.48 -4.81
CA UNK T 125 -25.58 -82.53 -6.11
CA UNK T 126 -29.25 -82.58 -5.23
CA UNK T 127 -31.91 -80.93 -7.41
CA UNK T 128 -33.07 -77.62 -5.99
CA UNK T 129 -36.37 -76.11 -7.20
CA UNK T 130 -37.64 -78.93 -9.46
CA UNK T 131 -41.27 -78.95 -10.43
CA UNK T 132 -42.62 -82.44 -11.41
CA UNK T 133 -44.77 -81.20 -14.30
CA UNK T 134 -44.66 -79.16 -17.53
CA UNK T 135 -45.12 -75.41 -17.02
CA UNK T 136 -48.57 -75.38 -18.67
CA UNK T 137 -49.85 -77.51 -15.79
CA UNK T 138 -49.37 -74.99 -12.93
CA UNK T 139 -52.57 -74.32 -10.95
CA UNK T 140 -54.40 -70.97 -11.48
CA UNK T 141 -53.66 -68.24 -8.95
CA UNK T 142 -57.42 -67.82 -8.57
CA UNK T 143 -57.26 -71.33 -7.08
CA UNK T 144 -54.54 -70.36 -4.62
CA UNK T 145 -56.18 -67.25 -3.17
CA UNK T 146 -55.68 -66.97 0.58
CA UNK T 147 -53.49 -70.07 0.81
CA UNK T 148 -49.89 -68.94 0.57
CA UNK T 149 -49.17 -71.32 -2.27
CA UNK T 150 -47.50 -70.25 -5.51
CA UNK T 151 -48.43 -71.51 -9.06
CA UNK T 152 -44.91 -72.87 -9.42
CA UNK T 153 -44.85 -74.62 -6.02
CA UNK T 154 -44.18 -78.40 -6.51
CA UNK U 1 -46.23 -101.86 -28.55
CA UNK U 2 -43.82 -99.20 -30.35
CA UNK U 3 -45.05 -95.31 -31.61
CA UNK U 4 -43.60 -94.05 -34.69
CA UNK U 5 -40.77 -92.32 -36.54
CA UNK U 6 -42.54 -90.57 -39.38
CA UNK U 7 -46.06 -90.25 -37.91
CA UNK U 8 -48.12 -87.05 -38.22
CA UNK U 9 -49.29 -85.64 -34.88
CA UNK U 10 -51.57 -82.90 -33.62
CA UNK U 11 -50.14 -81.12 -30.56
CA UNK U 12 -52.34 -81.13 -27.44
CA UNK U 13 -49.95 -79.30 -25.08
CA UNK U 14 -51.70 -75.88 -24.51
CA UNK U 15 -48.58 -73.79 -23.87
CA UNK U 16 -47.12 -75.07 -27.11
CA UNK U 17 -46.42 -72.70 -29.97
CA UNK U 18 -47.85 -75.44 -32.20
CA UNK U 19 -50.92 -76.27 -30.19
CA UNK U 20 -53.63 -77.62 -32.58
CA UNK U 21 -51.05 -77.93 -35.33
CA UNK U 22 -49.48 -80.96 -36.92
CA UNK U 23 -45.89 -82.04 -36.80
CA UNK U 24 -43.97 -85.12 -37.84
CA UNK U 25 -42.33 -87.53 -35.37
CA UNK U 26 -38.59 -87.68 -35.98
CA UNK U 27 -38.24 -90.51 -33.48
CA UNK U 28 -39.26 -91.89 -30.11
CA UNK U 29 -36.68 -92.51 -27.41
CA UNK U 30 -37.45 -95.74 -25.58
CA UNK U 31 -34.86 -95.18 -22.85
CA UNK U 32 -36.78 -96.10 -19.71
CA UNK U 33 -37.77 -93.14 -17.52
CA UNK U 34 -37.57 -90.48 -20.24
CA UNK U 35 -40.62 -88.23 -19.64
CA UNK U 36 -41.11 -86.68 -23.13
CA UNK U 37 -40.05 -89.42 -25.63
CA UNK U 38 -41.71 -88.14 -28.76
CA UNK U 39 -39.35 -85.91 -30.76
CA UNK U 40 -41.50 -83.82 -33.16
CA UNK U 41 -40.40 -81.51 -35.98
CA UNK U 42 -42.47 -78.66 -37.46
CA UNK U 43 -42.85 -76.62 -40.63
CA UNK U 44 -42.81 -73.21 -38.97
CA UNK U 45 -40.37 -71.96 -36.25
CA UNK U 46 -41.60 -70.66 -32.91
CA UNK U 47 -40.51 -67.53 -31.00
CA UNK U 48 -37.26 -68.80 -29.46
CA UNK U 49 -37.12 -72.06 -30.44
CA UNK U 50 -36.48 -73.73 -33.41
CA UNK U 51 -38.82 -76.05 -35.28
CA UNK U 52 -38.40 -79.04 -32.92
CA UNK U 53 -39.64 -80.08 -29.48
CA UNK U 54 -40.27 -83.24 -27.39
CA UNK U 55 -43.67 -84.37 -26.12
CA UNK U 56 -45.35 -87.03 -24.04
CA UNK U 57 -47.60 -89.55 -25.78
CA UNK U 58 -50.69 -88.16 -24.11
CA UNK U 59 -49.76 -84.74 -25.58
CA UNK U 60 -49.86 -85.87 -29.20
CA UNK U 61 -52.63 -87.24 -31.38
CA UNK U 62 -51.69 -89.36 -34.39
CA UNK U 63 -53.63 -88.25 -37.47
CA UNK U 64 -52.87 -89.36 -41.08
CA UNK V 1 -84.05 -30.98 -50.93
CA UNK V 2 -82.71 -33.83 -48.71
CA UNK V 3 -81.75 -32.66 -45.22
CA UNK V 4 -82.39 -29.06 -46.23
CA UNK V 5 -79.75 -29.21 -48.94
CA UNK V 6 -80.35 -27.43 -52.25
CA UNK V 7 -79.31 -28.22 -55.84
CA UNK V 8 -75.94 -26.62 -56.50
CA UNK V 9 -77.41 -25.14 -59.70
CA UNK V 10 -80.04 -23.38 -57.54
CA UNK V 11 -77.47 -22.25 -54.94
CA UNK V 12 -76.49 -18.56 -54.80
CA UNK V 13 -73.25 -19.43 -52.94
CA UNK V 14 -72.34 -22.11 -55.48
CA UNK V 15 -72.35 -19.49 -58.20
CA UNK V 16 -70.18 -17.12 -56.20
CA UNK V 17 -67.60 -19.88 -55.72
CA GLU V 18 -67.75 -20.77 -59.41
CA LYS V 19 -67.25 -17.03 -60.08
CA GLN V 20 -64.51 -16.57 -57.38
CA ALA V 21 -62.62 -19.54 -58.66
CA LEU V 22 -62.80 -17.93 -62.08
CA LYS V 23 -61.97 -14.59 -60.46
CA LYS V 24 -59.01 -16.00 -58.61
CA LEU V 25 -57.75 -17.71 -61.79
CA GLN V 26 -57.80 -14.33 -63.64
CA ALA V 27 -56.10 -12.68 -60.66
CA SER V 28 -52.64 -14.21 -61.12
CA LEU V 29 -52.81 -13.94 -64.89
CA LYS V 30 -51.62 -10.42 -64.31
CA LEU V 31 -48.15 -10.96 -65.23
CA TYR V 32 -45.84 -10.34 -68.17
CA ALA V 33 -47.11 -13.36 -70.08
CA ASP V 34 -48.22 -11.62 -73.21
CA ASP V 35 -48.07 -14.69 -75.51
CA SER V 36 -46.30 -17.00 -72.99
CA ALA V 37 -46.77 -20.68 -72.04
CA PRO V 38 -48.44 -19.82 -68.68
CA ALA V 39 -51.32 -18.36 -70.60
CA LEU V 40 -51.92 -21.81 -72.16
CA ALA V 41 -52.12 -23.14 -68.62
CA ILE V 42 -54.28 -20.21 -67.53
CA LYS V 43 -56.79 -20.87 -70.29
CA ALA V 44 -56.84 -24.60 -69.46
CA THR V 45 -57.34 -23.81 -65.76
CA MET V 46 -60.31 -21.65 -66.59
CA GLU V 47 -61.87 -24.40 -68.70
CA UNK V 48 -61.27 -27.09 -66.06
CA UNK V 49 -62.83 -24.67 -63.62
CA UNK V 50 -66.08 -24.08 -65.50
CA UNK V 51 -66.30 -27.71 -66.57
CA UNK V 52 -65.90 -28.89 -62.99
CA UNK V 53 -69.18 -27.33 -61.96
CA UNK V 54 -70.69 -28.28 -65.29
CA UNK V 55 -70.19 -31.94 -64.40
CA UNK V 56 -71.34 -31.69 -60.78
CA UNK V 57 -74.26 -29.20 -61.42
CA UNK V 58 -75.08 -32.23 -63.75
CA UNK V 59 -75.13 -34.97 -61.14
CA UNK V 60 -76.38 -31.91 -59.23
CA UNK V 61 -74.83 -32.94 -56.10
CA UNK V 62 -76.54 -31.22 -53.22
CA UNK V 63 -74.88 -28.16 -51.84
CA UNK V 64 -75.25 -26.75 -48.40
CA UNK V 65 -75.09 -23.16 -47.24
CA UNK V 66 -71.37 -22.88 -48.08
CA UNK V 67 -72.30 -23.48 -51.72
CA UNK V 68 -70.27 -26.73 -51.79
CA UNK V 69 -71.36 -30.18 -52.87
CA UNK V 70 -72.54 -32.39 -49.97
CA UNK V 71 -72.53 -36.02 -51.09
CA UNK V 72 -75.59 -38.16 -51.29
CA UNK V 73 -74.44 -41.58 -50.18
CA UNK V 74 -77.40 -42.81 -48.15
CA UNK V 75 -78.35 -45.21 -50.98
CA UNK V 76 -81.14 -42.99 -52.25
CA UNK V 77 -81.09 -44.17 -55.93
CA UNK V 78 -81.36 -40.68 -57.28
CA UNK V 79 -78.04 -39.89 -55.69
CA UNK V 80 -76.39 -43.29 -56.47
CA UNK V 81 -73.33 -41.67 -58.22
CA UNK V 82 -72.33 -40.12 -54.87
CA UNK V 83 -71.37 -43.27 -52.97
CA UNK V 84 -73.25 -46.36 -54.18
CA UNK V 85 -71.47 -46.47 -57.56
CA UNK V 86 -67.99 -45.76 -56.12
CA UNK V 87 -68.65 -48.41 -53.47
CA UNK V 88 -69.49 -51.18 -55.93
CA UNK V 89 -66.42 -50.27 -57.96
CA UNK V 90 -64.12 -50.38 -54.92
CA UNK V 91 -65.41 -53.65 -53.55
CA UNK V 92 -65.02 -55.24 -56.95
CA UNK V 93 -61.38 -54.18 -57.34
CA UNK V 94 -60.47 -54.72 -53.69
CA UNK V 95 -62.03 -58.17 -53.55
CA UNK V 96 -60.14 -58.88 -56.73
CA UNK V 97 -56.76 -57.89 -55.30
CA UNK V 98 -57.69 -59.77 -52.16
CA UNK V 99 -58.84 -63.04 -53.73
CA UNK V 100 -55.94 -63.10 -56.20
CA UNK V 101 -53.31 -62.57 -53.51
CA UNK V 102 -54.90 -65.38 -51.49
CA UNK V 103 -54.81 -67.71 -54.50
CA UNK V 104 -51.12 -67.03 -55.05
CA UNK V 105 -50.56 -67.72 -51.35
CA UNK V 106 -52.54 -71.02 -51.42
CA UNK V 107 -50.69 -72.08 -54.57
CA UNK V 108 -47.21 -71.52 -53.22
CA UNK V 109 -48.06 -72.63 -49.67
CA UNK V 110 -47.72 -76.36 -50.23
CA UNK V 111 -44.89 -76.51 -52.76
CA UNK V 112 -41.91 -76.56 -50.44
CA UNK V 113 -40.83 -73.04 -51.38
CA UNK V 114 -43.62 -70.87 -49.98
CA UNK V 115 -41.14 -68.76 -48.04
CA UNK V 116 -38.79 -68.07 -50.95
CA UNK V 117 -41.71 -67.45 -53.34
CA UNK V 118 -43.18 -64.75 -51.11
CA UNK V 119 -40.08 -62.53 -51.41
CA UNK V 120 -38.91 -63.69 -54.86
CA UNK V 121 -42.23 -63.80 -56.71
CA UNK V 122 -42.95 -66.42 -59.36
CA UNK V 123 -44.19 -63.86 -61.90
CA UNK V 124 -45.82 -66.42 -64.25
CA UNK V 125 -47.78 -68.10 -61.46
CA UNK V 126 -48.65 -64.59 -60.21
CA UNK V 127 -50.06 -63.34 -63.51
CA UNK V 128 -52.10 -66.56 -63.81
CA UNK V 129 -53.83 -65.97 -60.44
CA UNK V 130 -54.42 -62.31 -61.25
CA UNK V 131 -56.37 -63.14 -64.40
CA UNK V 132 -58.67 -65.24 -62.17
CA UNK V 133 -59.52 -61.91 -60.59
CA UNK V 134 -62.64 -60.77 -62.42
CA UNK V 135 -64.50 -63.92 -61.38
CA UNK V 136 -63.68 -63.58 -57.68
CA UNK V 137 -67.26 -63.11 -56.48
CA UNK V 138 -68.30 -66.46 -57.95
CA UNK V 139 -65.04 -68.20 -57.00
CA UNK V 140 -65.54 -67.01 -53.42
CA UNK V 141 -69.16 -68.16 -53.38
CA UNK V 142 -68.18 -71.60 -54.64
CA UNK V 143 -65.47 -71.89 -51.98
CA UNK V 144 -67.81 -70.74 -49.26
CA UNK V 145 -70.46 -73.30 -50.28
CA UNK V 146 -67.99 -76.20 -50.55
CA UNK V 147 -66.29 -75.44 -47.22
CA UNK V 148 -62.92 -74.58 -48.76
CA UNK V 149 -63.02 -70.90 -47.85
CA UNK V 150 -62.29 -71.28 -44.16
CA UNK V 151 -60.26 -73.69 -42.04
CA UNK V 152 -61.62 -75.50 -38.97
CA UNK V 153 -61.27 -73.87 -35.57
CA UNK V 154 -59.47 -76.85 -34.06
CA UNK W 1 -114.72 -42.91 -4.08
CA UNK W 2 -111.18 -43.40 -2.72
CA UNK W 3 -112.40 -45.94 -0.07
CA UNK W 4 -114.57 -47.81 -2.63
CA UNK W 5 -111.81 -47.77 -5.27
CA UNK W 6 -109.10 -48.74 -2.69
CA UNK W 7 -111.32 -51.49 -1.15
CA UNK W 8 -112.40 -52.78 -4.58
CA UNK W 9 -108.79 -52.59 -5.96
CA UNK W 10 -107.33 -54.24 -2.80
CA UNK W 11 -110.09 -56.86 -2.72
CA UNK W 12 -109.86 -57.52 -6.45
CA UNK W 13 -106.05 -57.57 -6.27
CA UNK W 14 -106.11 -60.11 -3.40
CA UNK W 15 -108.43 -62.41 -5.32
CA UNK W 16 -106.31 -62.30 -8.46
CA UNK W 17 -103.10 -63.06 -6.52
CA UNK W 18 -104.74 -66.03 -4.78
CA UNK W 19 -106.04 -67.45 -8.10
CA UNK W 20 -102.62 -67.14 -9.44
CA UNK W 21 -100.81 -69.37 -7.00
CA UNK W 22 -97.24 -69.12 -5.83
CA UNK W 23 -95.25 -71.61 -3.86
CA UNK W 24 -92.92 -73.07 -6.53
CA UNK W 25 -90.25 -70.39 -6.10
CA UNK W 26 -89.55 -71.66 -2.48
CA UNK W 27 -85.60 -71.81 -2.62
CA UNK W 28 -83.93 -68.98 -0.86
CA UNK W 29 -80.60 -68.87 -2.69
CA UNK W 30 -77.47 -69.63 -0.60
CA UNK W 31 -79.53 -70.66 2.44
CA UNK W 32 -77.64 -71.36 5.74
CA UNK W 33 -74.69 -69.29 4.52
CA UNK W 34 -76.94 -66.39 3.84
CA UNK W 35 -78.77 -66.70 7.15
CA UNK W 36 -75.68 -67.06 9.31
CA UNK W 37 -73.49 -64.42 7.69
CA UNK W 38 -76.36 -62.26 7.25
CA UNK W 39 -77.73 -63.68 10.50
CA UNK W 40 -78.77 -60.12 11.32
CA UNK W 41 -82.26 -60.70 10.94
CA UNK W 42 -81.91 -63.11 8.04
CA UNK W 43 -84.47 -65.72 9.23
CA UNK W 44 -87.79 -65.28 10.68
CA UNK W 45 -89.34 -68.72 11.10
CA UNK W 46 -92.21 -67.23 13.08
CA UNK W 47 -93.02 -63.85 11.41
CA UNK W 48 -92.61 -65.45 7.99
CA UNK W 49 -94.78 -68.52 8.50
CA UNK W 50 -97.93 -66.52 7.63
CA UNK W 51 -98.65 -65.63 4.03
CA UNK W 52 -100.97 -62.75 5.19
CA UNK W 53 -98.55 -59.90 5.68
CA UNK W 54 -97.10 -60.63 2.23
CA UNK W 55 -100.55 -61.10 0.68
CA UNK W 56 -101.91 -57.96 2.38
CA UNK W 57 -98.74 -56.05 1.49
CA UNK W 58 -98.55 -57.17 -2.13
CA UNK W 59 -102.32 -56.92 -2.55
CA UNK W 60 -102.42 -53.32 -1.15
CA UNK W 61 -99.38 -52.24 -3.27
CA UNK W 62 -100.70 -53.98 -6.39
CA UNK W 63 -104.28 -52.64 -5.83
CA UNK W 64 -102.99 -49.09 -5.04
CA UNK W 65 -100.52 -49.17 -7.92
CA UNK W 66 -103.13 -50.64 -10.36
CA UNK W 67 -105.86 -48.17 -9.16
CA UNK W 68 -103.40 -45.29 -9.16
CA UNK W 69 -102.14 -46.36 -12.58
CA UNK W 70 -105.55 -46.95 -14.16
CA UNK W 71 -106.94 -43.94 -12.33
CA UNK W 72 -104.31 -41.69 -13.85
CA UNK W 73 -105.08 -42.96 -17.32
CA UNK W 74 -108.84 -42.73 -16.86
CA UNK X 1 5.13 -41.88 -0.38
CA UNK X 2 3.59 -40.23 2.80
CA UNK X 3 4.56 -37.01 4.65
CA UNK X 4 3.88 -35.68 8.12
CA UNK X 5 1.91 -32.85 6.66
CA UNK X 6 1.78 -29.07 6.47
CA UNK X 7 2.63 -27.22 9.55
CA UNK X 8 -0.16 -25.34 11.49
CA UNK X 9 -0.52 -24.10 15.05
CA UNK X 10 -2.19 -26.41 17.55
CA UNK X 11 -5.84 -25.34 19.30
CA UNK X 12 -6.70 -22.03 20.93
CA UNK X 13 -10.02 -22.68 22.61
CA UNK X 14 -11.06 -23.01 26.28
CA UNK X 15 -12.43 -19.46 25.68
CA UNK X 16 -15.35 -20.88 23.59
CA UNK X 17 -16.37 -23.01 26.42
CA UNK X 18 -16.92 -19.96 28.62
CA UNK X 19 -18.68 -18.22 25.73
CA UNK X 20 -19.77 -21.43 24.18
CA UNK X 21 -20.53 -23.06 27.55
CA UNK X 22 -22.82 -20.19 28.71
CA UNK X 23 -24.46 -19.85 25.35
CA UNK X 24 -24.10 -23.52 24.48
CA UNK X 25 -27.65 -24.85 24.44
CA UNK X 26 -26.31 -28.01 23.16
CA UNK X 27 -29.37 -29.76 24.75
CA UNK X 28 -31.07 -30.19 21.35
CA UNK X 29 -31.94 -33.76 21.26
CA UNK X 30 -35.33 -35.05 20.07
CA UNK X 31 -37.46 -32.91 22.42
CA UNK X 32 -35.07 -29.97 22.45
CA UNK X 33 -34.54 -30.03 18.70
CA UNK X 34 -38.26 -30.37 17.99
CA UNK X 35 -39.19 -27.74 20.66
CA UNK X 36 -36.45 -25.32 19.46
CA UNK X 37 -37.32 -25.85 15.79
CA UNK X 38 -41.12 -25.64 16.48
CA UNK X 39 -40.69 -22.54 18.72
CA UNK X 40 -38.29 -20.87 16.28
CA UNK X 41 -40.48 -21.80 13.23
CA UNK X 42 -43.71 -20.71 15.01
CA UNK X 43 -42.13 -17.50 16.33
CA UNK X 44 -40.44 -16.74 12.93
CA UNK X 45 -43.67 -17.56 10.98
CA UNK X 46 -45.84 -15.64 13.47
CA UNK X 47 -43.37 -12.66 13.56
CA UNK X 48 -42.99 -12.67 9.72
CA UNK X 49 -46.75 -13.20 9.30
CA UNK X 50 -47.42 -10.57 11.89
CA UNK X 51 -45.02 -8.02 10.42
CA UNK X 52 -47.13 -8.58 7.33
CA UNK Y 1 -59.89 -10.02 12.68
CA UNK Y 2 -59.63 -10.45 9.44
CA UNK Y 3 -56.34 -11.58 9.12
CA UNK Y 4 -56.46 -15.37 8.93
CA UNK Y 5 -54.80 -15.88 5.44
CA UNK Y 6 -51.78 -13.93 6.68
CA UNK Y 7 -51.08 -16.82 8.98
CA UNK Y 8 -52.80 -19.82 7.34
CA UNK Y 9 -50.89 -19.65 4.10
CA UNK Y 10 -47.52 -19.90 5.92
CA UNK Y 11 -48.95 -22.65 8.10
CA UNK Y 12 -50.36 -24.69 5.21
CA UNK Y 13 -47.46 -24.08 2.83
CA UNK Y 14 -44.41 -23.95 5.03
CA UNK Y 15 -44.92 -25.27 8.55
CA UNK Y 16 -47.31 -28.15 7.94
CA UNK Y 17 -45.34 -29.59 5.00
CA UNK Y 18 -42.05 -29.32 6.89
CA UNK Y 19 -43.58 -31.08 9.86
CA UNK Y 20 -45.19 -33.91 7.92
CA UNK Y 21 -42.27 -34.49 5.54
CA UNK Y 22 -40.13 -34.45 8.72
CA UNK Y 23 -42.39 -36.94 10.50
CA UNK Y 24 -42.81 -39.12 7.39
CA UNK Y 25 -39.04 -39.06 6.93
CA UNK Y 26 -38.46 -40.39 10.48
CA UNK Y 27 -41.18 -42.97 10.09
CA UNK Y 28 -40.04 -44.37 6.70
CA UNK Y 29 -36.41 -44.36 7.81
CA UNK Y 30 -36.93 -46.15 11.14
CA UNK Z 1 -30.15 -63.59 -67.32
CA UNK Z 2 -32.07 -66.29 -65.47
CA UNK Z 3 -30.62 -64.53 -62.42
CA UNK Z 4 -31.09 -60.92 -63.51
CA UNK Z 5 -34.69 -61.92 -64.19
CA UNK Z 6 -34.91 -63.55 -60.75
CA UNK Z 7 -33.63 -60.23 -59.39
CA UNK Z 8 -36.40 -58.24 -61.13
CA UNK Z 9 -38.75 -60.75 -59.49
CA UNK Z 10 -37.80 -59.72 -55.95
CA UNK Z 11 -40.59 -58.13 -53.87
CA UNK Z 12 -39.20 -54.54 -53.85
CA UNK Z 13 -38.59 -54.39 -57.62
CA UNK Z 14 -42.04 -55.74 -58.53
CA UNK Z 15 -43.54 -53.38 -55.98
CA UNK Z 16 -41.73 -50.38 -57.44
CA UNK Z 17 -42.82 -51.41 -60.96
CA UNK Z 18 -46.40 -52.33 -60.10
CA UNK Z 19 -46.91 -49.17 -58.04
CA UNK Z 20 -45.42 -46.97 -60.78
CA UNK Z 21 -47.91 -48.45 -63.23
CA UNK Z 22 -50.84 -48.04 -60.84
CA UNK Z 23 -49.86 -44.43 -60.20
CA UNK Z 24 -49.45 -43.64 -63.91
CA UNK Z 25 -52.92 -44.98 -64.64
CA UNK Z 26 -54.44 -42.86 -61.87
CA UNK Z 27 -52.45 -39.80 -62.87
CA UNK Z 28 -53.22 -40.11 -66.62
CA UNK Z 29 -56.88 -40.88 -65.94
CA UNK Z 30 -57.15 -37.72 -63.84
CA UNK Z 31 -55.37 -35.64 -66.49
CA UNK Z 32 -58.06 -36.39 -69.10
CA UNK Z 33 -61.01 -36.66 -66.70
CA UNK Z 34 -60.30 -34.25 -63.77
CA UNK Z 35 -62.41 -33.37 -60.70
CA UNK Z 36 -64.63 -36.37 -60.46
CA UNK Z 37 -66.38 -36.19 -56.97
CA UNK Z 38 -69.25 -38.51 -57.87
CA UNK Z 39 -69.53 -41.54 -60.10
CA UNK Z 40 -69.02 -42.03 -63.80
CA UNK Z 41 -65.37 -42.36 -63.21
CA UNK AA 1 15.46 -7.15 -62.17
CA UNK AA 2 16.47 -6.86 -58.75
CA UNK AA 3 19.87 -8.20 -59.31
CA UNK AA 4 20.43 -7.47 -55.63
CA UNK AA 5 17.15 -9.27 -54.75
CA UNK AA 6 17.97 -12.37 -56.83
CA UNK AA 7 21.21 -12.99 -55.13
CA UNK AA 8 19.09 -12.71 -52.04
CA UNK AA 9 17.13 -15.81 -52.89
CA UNK AA 10 20.28 -18.06 -53.05
CA UNK AA 11 21.36 -16.87 -49.57
CA UNK AA 12 18.89 -19.41 -48.16
CA UNK AA 13 19.39 -21.96 -50.86
CA UNK AA 14 23.09 -21.88 -49.99
CA UNK AA 15 22.39 -22.55 -46.39
CA UNK AA 16 20.18 -25.49 -47.24
CA UNK AA 17 23.01 -26.91 -49.33
CA UNK AA 18 25.16 -26.69 -46.23
CA UNK AA 19 22.49 -28.25 -43.99
CA UNK AA 20 21.93 -31.06 -46.51
CA UNK AA 21 25.71 -31.72 -46.67
CA UNK AA 22 18.08 -35.45 -55.35
CA UNK AA 23 15.85 -36.33 -52.40
CA UNK AA 24 17.99 -34.41 -49.87
CA UNK AA 25 18.14 -31.57 -52.47
CA UNK AA 26 14.75 -30.64 -50.97
CA UNK AA 27 16.76 -28.12 -48.94
CA UNK AA 28 16.16 -25.97 -52.03
CA UNK AA 29 12.41 -26.13 -51.45
CA UNK AA 30 12.51 -25.11 -47.74
CA UNK AA 31 14.99 -22.57 -49.08
CA UNK AA 32 12.59 -20.87 -51.46
CA UNK AA 33 9.85 -20.92 -48.80
CA UNK AA 34 12.07 -19.36 -46.14
CA UNK AA 35 13.24 -16.89 -48.82
CA UNK AA 36 9.72 -16.02 -50.03
CA UNK AA 37 9.15 -14.45 -46.65
CA UNK AA 38 12.53 -13.03 -45.69
CA UNK AA 39 12.12 -11.33 -49.10
CA UNK AA 40 8.94 -9.60 -47.99
CA UNK AA 41 11.39 -7.59 -45.81
CA UNK AA 42 9.55 -4.44 -46.94
CA UNK BA 1 9.34 -44.83 -14.82
CA UNK BA 2 7.89 -41.35 -13.29
CA UNK BA 3 5.62 -40.40 -10.41
CA UNK BA 4 2.08 -39.36 -11.11
CA UNK BA 5 -1.51 -40.67 -10.93
CA UNK BA 6 -1.66 -44.05 -9.15
CA UNK BA 7 -3.87 -46.51 -7.29
CA UNK BA 8 -5.49 -44.83 -4.33
CA UNK BA 9 -3.67 -45.75 -1.09
CA UNK BA 10 -1.61 -48.36 -2.89
CA UNK BA 11 -4.62 -50.55 -3.71
CA UNK BA 12 -5.11 -51.07 -7.46
CA UNK BA 13 -8.57 -52.55 -6.98
CA UNK BA 14 -10.24 -49.93 -4.83
CA UNK BA 15 -12.46 -47.57 -6.91
CA UNK BA 16 -10.40 -44.38 -6.80
CA UNK BA 17 -7.14 -42.88 -7.96
CA UNK BA 18 -4.51 -40.89 -6.13
CA UNK BA 19 -3.93 -37.64 -8.07
CA UNK BA 20 -2.69 -34.09 -7.25
CA UNK BA 21 -6.31 -33.04 -6.59
CA UNK BA 22 -7.45 -36.05 -4.60
CA UNK BA 23 -4.26 -36.93 -2.82
CA UNK BA 24 -1.55 -34.27 -2.79
CA UNK BA 25 0.00 -33.26 0.49
CA UNK BA 26 -1.36 -29.70 0.40
CA UNK BA 27 -4.85 -30.94 -0.32
CA UNK BA 28 -4.65 -33.41 2.53
CA UNK BA 29 -3.35 -30.85 5.03
CA UNK BA 30 -5.97 -28.36 3.98
CA UNK BA 31 -9.01 -30.70 3.95
CA UNK BA 32 -7.87 -32.55 7.04
CA UNK BA 33 -7.66 -29.27 8.97
CA UNK BA 34 -11.11 -27.96 8.03
CA UNK BA 35 -13.27 -28.12 11.24
CA UNK BA 36 -15.14 -31.13 9.93
CA UNK BA 37 -11.87 -33.14 10.21
CA UNK BA 38 -9.31 -31.28 12.36
CA UNK BA 39 -7.82 -33.81 14.79
CA UNK BA 40 -8.86 -33.65 18.44
CA UNK BA 41 -11.93 -31.42 18.42
CA UNK BA 42 -15.16 -32.35 20.06
CA UNK BA 43 -18.16 -32.22 17.67
CA UNK BA 44 -19.58 -29.06 19.34
CA UNK BA 45 -16.64 -26.85 18.36
CA UNK BA 46 -16.59 -28.39 14.85
CA UNK BA 47 -20.25 -27.40 14.55
CA UNK BA 48 -19.64 -23.88 15.91
CA UNK BA 49 -16.89 -23.16 13.36
CA UNK BA 50 -18.84 -24.69 10.45
CA UNK BA 51 -21.95 -22.77 11.50
CA UNK BA 52 -20.10 -19.44 11.78
CA UNK BA 53 -18.62 -19.83 8.29
CA UNK BA 54 -22.01 -20.63 6.71
CA UNK BA 55 -24.41 -18.32 8.56
CA UNK BA 56 -22.16 -15.35 7.81
CA UNK BA 57 -22.30 -15.57 4.01
CA UNK BA 58 -25.81 -17.01 3.83
CA UNK BA 59 -27.63 -13.69 4.03
CA UNK BA 60 -25.49 -12.14 1.29
CA UNK BA 61 -27.47 -13.28 -1.72
CA UNK BA 62 -30.83 -12.02 -0.44
CA UNK BA 63 -29.42 -8.72 0.74
CA UNK BA 64 -28.22 -8.02 -2.83
CA UNK BA 65 -30.57 -9.97 -5.12
CA UNK BA 66 -33.66 -10.57 -3.03
CA UNK BA 67 -37.05 -8.89 -3.28
CA UNK BA 68 -36.16 -6.28 -0.63
CA UNK BA 69 -32.78 -5.48 -2.17
CA UNK BA 70 -34.28 -2.22 -3.48
CA UNK BA 71 -36.02 -1.13 -0.29
CA UNK BA 72 -34.61 0.52 2.81
CA UNK BA 73 -34.83 -2.85 4.60
CA UNK BA 74 -32.62 -5.02 2.37
CA UNK BA 75 -30.49 -6.16 5.30
CA UNK BA 76 -33.53 -7.21 7.28
CA UNK BA 77 -34.66 -9.22 4.29
CA UNK BA 78 -31.39 -11.12 4.13
CA UNK BA 79 -31.43 -11.76 7.90
CA UNK BA 80 -35.04 -12.97 8.02
CA UNK BA 81 -34.38 -15.21 5.03
CA UNK BA 82 -31.07 -16.48 6.43
CA UNK BA 83 -32.66 -17.32 9.75
CA UNK BA 84 -35.34 -19.40 8.01
CA UNK BA 85 -32.85 -21.19 5.80
CA UNK BA 86 -30.75 -21.94 8.88
CA UNK BA 87 -33.73 -23.40 10.79
CA UNK BA 88 -34.30 -25.68 7.79
CA UNK BA 89 -30.63 -26.64 7.57
CA UNK BA 90 -30.72 -27.36 11.29
CA UNK BA 91 -33.82 -29.55 11.00
CA UNK BA 92 -31.97 -31.38 8.20
CA UNK BA 93 -28.96 -32.02 10.44
CA UNK BA 94 -31.13 -33.14 13.34
CA UNK BA 95 -33.28 -35.40 11.20
CA UNK BA 96 -30.23 -36.95 9.60
CA UNK BA 97 -28.93 -37.68 13.09
CA UNK BA 98 -32.15 -39.29 14.17
CA UNK BA 99 -32.04 -41.96 11.47
CA UNK BA 100 -28.42 -42.53 10.53
CA UNK BA 101 -19.27 -45.13 10.95
CA UNK BA 102 -18.42 -42.64 13.09
CA UNK BA 103 -19.80 -39.78 14.31
CA UNK BA 104 -22.73 -41.31 16.47
CA UNK BA 105 -26.19 -40.20 17.45
CA UNK BA 106 -24.77 -38.19 20.34
CA UNK BA 107 -21.80 -36.63 18.58
CA UNK BA 108 -23.87 -35.69 15.55
CA UNK BA 109 -26.39 -33.95 17.80
CA UNK BA 110 -23.56 -32.01 19.49
CA UNK BA 111 -22.40 -31.00 16.02
CA UNK BA 112 -25.98 -29.94 15.17
CA UNK BA 113 -26.24 -27.79 18.31
CA UNK BA 114 -22.97 -26.06 17.49
CA UNK BA 115 -23.96 -25.44 13.86
CA UNK BA 116 -27.26 -23.79 14.88
CA UNK BA 117 -25.64 -21.47 17.39
CA UNK BA 118 -22.73 -20.45 15.15
CA UNK BA 119 -24.93 -20.05 12.04
CA UNK BA 120 -27.62 -17.95 13.73
CA UNK BA 121 -25.03 -15.91 15.54
CA UNK BA 122 -22.92 -15.27 12.47
CA UNK BA 123 -25.88 -14.45 10.23
CA UNK BA 124 -26.80 -11.84 12.82
CA UNK BA 125 -23.29 -10.43 13.09
CA UNK BA 126 -23.23 -10.04 9.30
CA UNK BA 127 -26.58 -8.26 9.42
CA UNK BA 128 -25.36 -6.08 12.27
CA UNK BA 129 -22.14 -4.94 10.34
CA UNK BA 130 -24.42 -4.39 7.41
CA UNK BA 131 -26.47 -2.02 9.25
CA UNK BA 132 -23.26 0.52 9.54
CA UNK BA 133 -21.18 -0.51 6.46
CA UNK BA 134 -18.76 0.81 3.76
CA UNK BA 135 -19.44 -1.35 0.47
CA UNK CA 1 -86.98 -83.55 -42.36
CA UNK CA 2 -85.62 -86.27 -39.94
CA UNK CA 3 -87.72 -86.09 -36.83
CA UNK CA 4 -88.57 -84.05 -33.57
CA UNK CA 5 -85.62 -81.85 -31.81
CA UNK CA 6 -83.86 -80.20 -28.60
CA UNK CA 7 -86.16 -79.64 -25.88
CA UNK CA 8 -88.61 -81.36 -27.33
CA UNK CA 9 -91.25 -81.20 -24.97
CA UNK CA 10 -91.02 -77.42 -24.47
CA UNK CA 11 -90.86 -76.70 -28.21
CA UNK CA 12 -93.68 -79.23 -28.97
CA UNK CA 13 -95.84 -77.95 -26.06
CA UNK CA 14 -95.15 -74.28 -26.90
CA UNK CA 15 -95.71 -74.90 -30.68
CA UNK CA 16 -98.89 -76.98 -30.03
CA UNK CA 17 -100.22 -74.52 -27.44
CA UNK CA 18 -99.33 -71.48 -29.66
CA UNK CA 19 -100.79 -73.15 -32.81
CA UNK CA 20 -103.90 -74.37 -30.96
CA UNK CA 21 -104.37 -70.96 -29.18
CA UNK CA 22 -103.74 -69.00 -32.45
CA UNK CA 23 -105.96 -71.34 -34.45
CA UNK CA 24 -108.68 -71.34 -31.81
CA UNK CA 25 -108.49 -67.57 -31.36
CA UNK CA 26 -108.71 -67.01 -35.09
CA UNK CA 27 -112.02 -68.87 -35.26
CA UNK CA 28 -114.06 -66.23 -33.46
CA UNK CA 29 -112.44 -63.36 -35.35
CA UNK CA 30 -112.97 -65.23 -38.63
CA UNK CA 31 -116.53 -66.30 -37.84
CA UNK CA 32 -117.24 -62.75 -36.64
CA UNK CA 33 -115.45 -61.22 -39.68
CA UNK CA 34 -117.37 -63.36 -42.20
CA UNK CA 35 -120.67 -63.22 -40.24
CA UNK CA 36 -120.17 -59.42 -39.77
CA UNK CA 37 -119.30 -58.76 -43.39
CA UNK CA 38 -120.96 -55.64 -43.29
CA UNK CA 39 -113.73 -46.05 -16.49
CA UNK CA 40 -116.35 -48.57 -15.31
CA UNK CA 41 -116.65 -50.15 -18.79
CA UNK CA 42 -112.87 -50.20 -19.29
CA UNK CA 43 -112.25 -51.55 -15.76
CA UNK CA 44 -115.06 -54.13 -16.07
CA UNK CA 45 -113.97 -55.15 -19.60
CA UNK CA 46 -110.27 -55.28 -18.60
CA UNK CA 47 -111.04 -57.15 -15.34
CA UNK CA 48 -113.46 -59.55 -17.08
CA UNK CA 49 -111.06 -60.09 -20.03
CA UNK CA 50 -108.04 -60.50 -17.72
CA UNK CA 51 -109.96 -62.79 -15.31
CA UNK CA 52 -111.47 -64.82 -18.20
CA UNK CA 53 -108.12 -65.03 -20.04
CA UNK CA 54 -106.20 -65.88 -16.83
CA UNK CA 55 -108.85 -68.42 -15.72
CA UNK CA 56 -109.08 -69.95 -19.22
CA UNK CA 57 -105.28 -70.01 -19.65
CA UNK CA 58 -104.73 -71.39 -16.12
CA UNK CA 59 -107.54 -73.96 -16.50
CA UNK CA 60 -98.29 -79.25 -15.58
CA UNK CA 61 -100.57 -82.27 -15.10
CA UNK CA 62 -103.57 -80.41 -16.68
CA UNK CA 63 -101.43 -79.10 -19.59
CA UNK CA 64 -99.76 -82.54 -19.99
CA UNK CA 65 -103.20 -84.14 -19.59
CA UNK CA 66 -104.98 -81.42 -21.56
CA UNK CA 67 -102.23 -81.28 -24.26
CA UNK CA 68 -101.31 -84.97 -24.01
CA UNK CA 69 -104.92 -86.05 -24.26
CA UNK CA 70 -105.69 -83.85 -27.15
CA UNK CA 71 -103.00 -85.08 -29.41
CA UNK CA 72 -107.17 -84.29 -36.18
CA UNK CA 73 -106.10 -82.89 -39.56
CA UNK CA 74 -109.28 -80.78 -39.77
CA UNK CA 75 -108.52 -79.00 -36.52
CA UNK CA 76 -104.94 -78.39 -37.62
CA UNK CA 77 -106.11 -77.33 -41.19
CA UNK CA 78 -108.95 -75.13 -39.77
CA UNK CA 79 -106.72 -73.63 -37.07
CA UNK CA 80 -103.80 -73.09 -39.57
CA UNK CA 81 -106.17 -71.65 -42.25
CA UNK CA 82 -108.03 -69.48 -39.72
CA UNK CA 83 -104.73 -68.33 -38.05
CA UNK CA 84 -103.07 -67.72 -41.46
CA UNK CA 85 -106.14 -65.99 -42.82
CA UNK CA 86 -106.36 -63.61 -39.86
CA UNK CA 87 -102.63 -62.78 -39.54
CA UNK CA 88 -102.72 -62.80 -43.07
CA UNK CA 89 -105.60 -60.37 -43.64
CA UNK CA 90 -104.49 -58.11 -40.81
CA UNK CA 91 -100.97 -57.83 -42.26
CA UNK CA 92 -102.36 -57.08 -45.74
CA UNK CA 93 -104.98 -54.66 -44.35
CA UNK CA 94 -102.39 -53.10 -42.05
CA UNK CA 95 -99.76 -52.85 -44.79
CA UNK CA 96 -102.57 -51.35 -46.74
CA UNK CA 97 -105.93 -50.31 -45.31
CA UNK CA 98 -112.89 -55.01 -46.83
CA UNK CA 99 -113.38 -58.46 -48.40
CA UNK CA 100 -116.26 -57.19 -50.62
CA UNK CA 101 -114.35 -54.03 -51.60
CA UNK CA 102 -111.12 -55.94 -52.21
CA UNK CA 103 -112.93 -58.75 -54.13
CA UNK CA 104 -115.03 -56.30 -56.17
CA UNK CA 105 -111.94 -54.22 -56.87
CA UNK CA 106 -109.59 -57.12 -57.72
CA UNK CA 107 -111.01 -57.25 -61.24
CA UNK CA 108 -110.13 -53.63 -62.03
CA UNK CA 109 -106.85 -55.30 -62.42
CA UNK DA 1 -28.61 -67.11 -71.97
CA UNK DA 2 -30.95 -70.16 -72.60
CA UNK DA 3 -31.73 -72.53 -75.53
CA UNK DA 4 -35.50 -72.10 -74.91
CA UNK DA 5 -36.28 -68.49 -74.58
CA UNK DA 6 -33.25 -67.03 -76.32
CA UNK DA 7 -33.57 -69.35 -79.35
CA UNK DA 8 -37.31 -68.61 -79.57
CA UNK DA 9 -36.60 -64.84 -79.42
CA UNK DA 10 -33.90 -65.09 -82.10
CA UNK DA 11 -36.21 -67.16 -84.32
CA UNK DA 12 -39.02 -64.58 -83.88
CA UNK DA 13 -36.62 -61.77 -84.62
CA UNK DA 14 -36.08 -62.91 -88.24
CA UNK DA 15 -39.73 -62.15 -89.15
CA UNK DA 16 -39.38 -58.67 -87.66
CA UNK DA 17 -36.11 -58.05 -89.52
CA UNK DA 18 -37.67 -59.29 -92.76
CA UNK DA 19 -40.69 -57.03 -92.30
CA UNK DA 20 -38.43 -54.05 -91.48
CA UNK DA 21 -36.32 -54.74 -94.61
CA UNK DA 22 -39.42 -55.03 -96.82
CA UNK DA 23 -40.83 -51.80 -95.36
CA UNK DA 24 -37.51 -50.00 -96.00
CA UNK DA 25 -37.32 -51.30 -99.58
CA UNK DA 26 -40.94 -50.26 -100.20
CA UNK DA 27 -40.22 -46.76 -98.81
CA UNK DA 28 -37.07 -46.41 -100.94
CA UNK DA 29 -38.97 -47.58 -104.04
CA UNK DA 30 -41.76 -45.06 -103.34
CA UNK DA 31 -39.26 -42.24 -102.79
CA UNK DA 32 -37.44 -43.10 -106.02
CA UNK DA 33 -40.60 -42.95 -108.01
CA UNK DA 34 -43.62 -41.15 -106.54
CA UNK DA 35 -47.12 -42.48 -106.83
CA UNK DA 36 -50.47 -42.96 -104.99
CA UNK DA 37 -53.44 -44.81 -106.34
CA UNK DA 38 -57.16 -45.33 -105.92
CA UNK DA 39 -55.92 -47.88 -103.62
CA UNK DA 40 -56.89 -44.88 -101.52
CA UNK DA 41 -59.91 -44.00 -103.59
CA UNK DA 42 -61.24 -47.55 -103.69
CA UNK DA 43 -63.85 -46.53 -101.21
CA UNK DA 44 -67.27 -45.44 -99.97
CA UNK DA 45 -62.11 -44.27 -88.56
CA UNK DA 46 -58.83 -45.09 -90.33
CA UNK DA 47 -57.00 -45.76 -86.99
CA UNK DA 48 -59.92 -47.89 -85.64
CA UNK DA 49 -60.29 -49.79 -88.93
CA UNK DA 50 -56.46 -50.21 -89.32
CA UNK DA 51 -56.05 -51.26 -85.64
CA UNK DA 52 -59.07 -53.58 -85.79
CA UNK DA 53 -58.00 -55.03 -89.22
CA UNK DA 54 -54.33 -55.42 -88.08
CA UNK DA 55 -55.38 -56.86 -84.70
CA UNK DA 56 -57.94 -59.07 -86.42
CA UNK DA 57 -55.67 -60.33 -89.20
CA UNK DA 58 -52.74 -60.62 -86.85
CA UNK DA 59 -54.61 -62.65 -84.24
CA UNK DA 60 -54.43 -65.93 -86.16
CA UNK DA 61 -50.72 -65.17 -86.87
CA UNK DA 62 -50.11 -63.69 -83.34
CA UNK DA 63 -51.91 -66.64 -81.64
CA UNK DA 64 -50.13 -69.23 -83.84
CA UNK DA 65 -46.71 -67.44 -83.51
CA UNK DA 66 -47.09 -67.02 -79.73
CA UNK DA 67 -48.39 -70.61 -79.34
CA UNK DA 68 -46.12 -71.51 -82.37
CA UNK DA 69 -45.14 -74.61 -80.59
CA UNK DA 70 -44.72 -73.80 -76.88
CA UNK DA 71 -46.76 -76.41 -74.90
CA UNK DA 72 -46.96 -74.90 -71.37
CA UNK DA 73 -25.58 -75.20 -95.89
CA UNK DA 74 -29.24 -74.04 -96.26
CA UNK DA 75 -29.45 -73.44 -92.46
CA UNK DA 76 -26.35 -71.26 -92.74
CA UNK DA 77 -27.67 -69.34 -95.78
CA UNK DA 78 -31.02 -68.82 -94.02
CA UNK DA 79 -29.23 -67.53 -90.88
CA UNK DA 80 -27.04 -65.16 -92.93
CA UNK DA 81 -30.09 -63.88 -94.82
CA UNK DA 82 -31.95 -63.30 -91.51
CA UNK DA 83 -28.96 -61.50 -90.01
CA UNK DA 84 -28.49 -59.43 -93.18
CA UNK DA 85 -32.20 -58.51 -93.17
CA UNK DA 86 -32.09 -57.45 -89.51
CA UNK DA 87 -28.95 -55.37 -90.16
CA UNK DA 88 -30.63 -53.69 -93.17
CA UNK DA 89 -33.79 -52.95 -91.18
CA UNK DA 90 -31.72 -51.55 -88.30
CA UNK DA 91 -29.76 -49.32 -90.73
CA UNK DA 92 -32.95 -48.09 -92.40
CA UNK DA 93 -34.53 -47.37 -88.99
CA UNK DA 94 -31.40 -45.43 -87.92
CA UNK DA 95 -31.34 -43.42 -91.16
CA UNK DA 96 -35.05 -42.65 -90.82
CA UNK DA 97 -34.53 -41.49 -87.20
CA UNK DA 98 -31.56 -39.32 -88.17
CA UNK DA 99 -33.53 -37.81 -91.07
CA UNK DA 100 -36.46 -37.04 -88.67
CA UNK DA 101 -34.21 -35.54 -85.84
CA UNK DA 102 -32.53 -33.54 -88.64
CA UNK DA 103 -35.87 -32.36 -90.13
CA UNK DA 104 -34.91 -35.47 -92.13
CA UNK DA 105 -34.44 -36.72 -95.61
CA UNK DA 106 -33.78 -39.96 -97.46
CA UNK DA 107 -33.34 -40.44 -101.00
CA UNK DA 108 -32.56 -36.73 -101.26
CA UNK DA 109 -30.21 -36.79 -98.27
CA UNK DA 110 -28.46 -39.91 -99.67
CA UNK DA 111 -28.28 -38.52 -103.16
CA UNK DA 112 -26.59 -35.33 -102.02
CA UNK DA 113 -24.54 -37.09 -99.24
CA UNK DA 114 -21.22 -36.33 -100.60
CA UNK DA 115 -20.27 -33.20 -99.16
CA UNK EA 1 2.13 -53.29 -64.87
CA UNK EA 2 5.89 -53.80 -65.27
CA UNK EA 3 6.52 -55.48 -68.66
CA UNK EA 4 3.00 -54.77 -69.88
CA UNK EA 5 3.09 -51.14 -68.68
CA UNK EA 6 6.59 -50.62 -70.10
CA UNK EA 7 5.68 -52.42 -73.37
CA UNK EA 8 2.35 -50.54 -73.71
CA UNK EA 9 3.96 -47.24 -72.76
CA UNK EA 10 6.95 -47.75 -75.06
CA UNK EA 11 4.69 -49.09 -77.82
CA UNK EA 12 2.23 -46.18 -77.39
CA UNK EA 13 5.12 -43.90 -76.43
CA UNK EA 14 7.57 -45.44 -78.90
CA UNK EA 15 4.89 -45.47 -81.61
CA UNK EA 16 3.45 -42.00 -81.04
CA UNK EA 17 6.77 -40.44 -80.49
CA UNK EA 18 7.72 -41.45 -83.99
CA UNK EA 19 4.31 -40.59 -85.40
CA UNK EA 20 4.40 -37.27 -83.48
CA UNK EA 21 7.97 -36.37 -84.40
CA UNK EA 22 7.50 -37.41 -88.06
CA UNK EA 23 4.13 -35.59 -88.33
CA UNK EA 24 5.48 -32.47 -86.56
CA UNK EA 25 8.60 -32.40 -88.83
CA UNK EA 26 6.55 -33.05 -91.98
CA UNK EA 27 3.91 -30.44 -90.93
CA UNK EA 28 6.58 -27.98 -89.86
CA UNK EA 29 -1.10 -16.57 -80.85
CA UNK EA 30 -4.13 -18.20 -82.46
CA UNK EA 31 -6.37 -21.16 -81.77
CA UNK EA 32 -5.43 -23.85 -84.46
CA UNK EA 33 -8.92 -25.17 -83.60
CA UNK EA 34 -9.69 -22.45 -86.15
CA UNK EA 35 -7.57 -23.51 -89.22
CA UNK EA 36 -10.62 -23.71 -91.59
CA UNK EA 37 -9.08 -25.35 -94.64
CA UNK EA 38 -9.96 -28.94 -93.82
CA UNK EA 39 -13.50 -30.44 -93.65
CA UNK EA 40 -15.69 -31.06 -96.79
CA UNK EA 41 -18.69 -32.86 -95.19
CA UNK EA 42 -16.83 -36.45 -90.23
CA UNK EA 43 -13.37 -36.78 -91.72
CA UNK EA 44 -11.65 -36.72 -88.30
CA UNK EA 45 -14.16 -39.20 -86.82
CA UNK EA 46 -13.97 -41.43 -89.89
CA UNK EA 47 -10.17 -41.21 -90.06
CA UNK EA 48 -9.82 -41.75 -86.30
CA UNK EA 49 -12.22 -44.69 -86.11
CA UNK EA 50 -10.79 -46.21 -89.29
CA UNK EA 51 -7.34 -45.92 -87.75
CA UNK EA 52 -8.47 -46.63 -84.15
CA UNK EA 53 -10.37 -49.89 -84.67
CA UNK EA 54 -7.39 -51.42 -86.47
CA UNK EA 55 -4.95 -50.29 -83.73
CA UNK EA 56 -7.23 -51.34 -80.88
CA UNK EA 57 -8.04 -54.73 -82.48
CA UNK EA 58 -4.36 -55.39 -83.35
CA UNK EA 59 -3.20 -54.23 -79.89
CA UNK EA 60 -5.91 -56.16 -78.07
CA UNK EA 61 -5.28 -59.25 -80.24
CA UNK EA 62 -1.49 -59.00 -79.87
CA UNK EA 63 -1.72 -58.31 -76.15
CA UNK EA 64 -4.27 -61.04 -75.66
CA UNK EA 65 16.53 -65.25 -85.99
CA UNK EA 66 19.87 -65.51 -84.32
CA UNK EA 67 21.25 -62.99 -86.78
CA UNK EA 68 18.48 -60.47 -86.16
CA UNK EA 69 18.52 -60.85 -82.38
CA UNK EA 70 22.02 -59.37 -82.33
CA UNK EA 71 21.02 -56.56 -84.55
CA UNK EA 72 17.73 -56.14 -82.67
CA UNK EA 73 19.19 -55.84 -79.14
CA UNK EA 74 21.69 -53.11 -79.89
CA UNK EA 75 19.63 -52.04 -82.92
CA UNK EA 76 16.43 -52.12 -80.90
CA UNK EA 77 18.08 -50.59 -77.85
CA UNK EA 78 19.40 -47.64 -79.91
CA UNK EA 79 16.03 -47.06 -81.64
CA UNK EA 80 14.07 -47.12 -78.36
CA UNK EA 81 16.69 -44.94 -76.56
CA UNK EA 82 16.91 -42.50 -79.51
CA UNK EA 83 13.11 -42.40 -79.96
CA UNK EA 84 12.48 -42.02 -76.21
CA UNK EA 85 15.11 -39.23 -76.13
CA UNK EA 86 13.42 -37.67 -79.23
CA UNK EA 87 9.78 -38.43 -78.50
CA UNK EA 88 10.10 -37.01 -74.98
CA UNK EA 89 12.22 -34.04 -76.00
CA UNK EA 90 9.84 -33.26 -78.86
CA UNK EA 91 6.75 -33.84 -76.63
CA UNK EA 92 8.24 -31.84 -73.69
CA UNK EA 93 9.41 -29.08 -76.04
CA UNK EA 94 6.10 -28.96 -77.89
CA UNK EA 95 4.02 -29.06 -74.73
CA UNK EA 96 6.21 -26.47 -72.99
CA UNK EA 97 6.28 -24.21 -76.13
CA UNK EA 98 2.49 -24.62 -76.70
CA UNK EA 99 1.74 -24.22 -72.94
CA UNK EA 100 4.07 -21.16 -72.90
CA UNK EA 101 2.55 -18.05 -74.69
CA UNK EA 102 8.53 -24.02 -83.50
CA UNK EA 103 10.51 -22.96 -86.59
CA UNK EA 104 9.45 -19.33 -86.24
CA UNK EA 105 10.14 -19.26 -82.47
CA UNK EA 106 13.48 -21.08 -82.88
CA UNK EA 107 14.47 -18.88 -85.87
CA UNK EA 108 13.35 -15.65 -84.14
CA UNK EA 109 15.02 -16.71 -80.86
CA UNK EA 110 18.19 -17.83 -82.66
CA UNK EA 111 18.20 -14.83 -85.13
CA UNK EA 112 17.48 -12.40 -82.20
CA UNK EA 113 19.71 -14.11 -79.55
CA UNK EA 114 16.73 -14.61 -77.42
CA UNK EA 115 16.53 -11.73 -74.96
CA UNK EA 116 14.65 -13.53 -72.56
CA UNK EA 117 13.67 -12.86 -69.16
CA UNK FA 1 -60.66 -78.45 -61.63
CA UNK FA 2 -63.87 -77.51 -59.96
CA UNK FA 3 -66.48 -78.90 -57.45
CA UNK FA 4 -68.42 -80.37 -60.37
CA UNK FA 5 -71.99 -80.47 -59.45
CA UNK FA 6 -72.05 -76.75 -58.64
CA UNK FA 7 -70.16 -75.76 -61.79
CA UNK FA 8 -72.23 -78.16 -63.94
CA UNK FA 9 -75.54 -77.18 -62.35
CA UNK FA 10 -74.71 -73.46 -62.51
CA UNK FA 11 -73.40 -73.75 -66.11
CA UNK FA 12 -76.35 -75.91 -67.27
CA UNK FA 13 -78.90 -73.64 -65.44
CA UNK FA 14 -77.22 -70.43 -66.75
CA UNK FA 15 -76.90 -71.84 -70.24
CA UNK FA 16 -80.47 -73.15 -70.30
CA UNK FA 17 -81.77 -69.96 -68.67
CA UNK FA 18 -79.82 -67.72 -71.11
CA UNK FA 19 -80.76 -69.89 -74.09
CA UNK FA 20 -84.43 -70.22 -73.05
CA UNK FA 21 -84.53 -66.45 -72.77
CA UNK FA 22 -82.01 -65.80 -75.51
CA UNK FA 23 -84.32 -66.96 -78.28
CA UNK FA 24 -87.29 -65.00 -77.00
CA UNK FA 25 -85.10 -61.87 -76.45
CA UNK FA 26 -83.99 -62.22 -80.07
CA UNK FA 27 -87.53 -62.35 -81.55
CA UNK FA 28 -87.63 -58.67 -82.05
CA UNK FA 29 -85.14 -59.43 -84.83
CA UNK FA 30 -87.32 -62.54 -85.69
CA UNK FA 31 -90.15 -60.18 -85.83
CA UNK FA 32 -88.35 -57.84 -88.25
CA UNK FA 33 -87.07 -55.21 -85.77
CA UNK FA 34 -88.42 -52.69 -83.41
CA UNK FA 35 -87.18 -50.65 -80.39
CA UNK FA 36 -86.51 -51.03 -76.72
CA UNK FA 37 -89.44 -49.14 -75.59
CA UNK FA 38 -92.12 -50.44 -73.24
CA UNK FA 39 -95.31 -49.59 -71.51
CA UNK FA 40 -98.20 -50.84 -70.23
CA UNK FA 41 -98.75 -53.29 -73.09
CA UNK FA 42 -102.17 -51.85 -73.71
CA UNK FA 43 -102.97 -52.13 -70.12
CA UNK FA 44 -101.48 -55.20 -68.37
CA UNK FA 45 -105.03 -55.84 -67.46
CA UNK FA 46 -99.16 -52.72 -58.94
CA UNK FA 47 -100.38 -54.77 -62.09
CA UNK FA 48 -99.22 -57.24 -64.71
CA UNK FA 49 -96.74 -58.62 -62.04
CA UNK FA 50 -99.19 -60.99 -60.40
CA UNK FA 51 -98.92 -63.41 -63.35
CA UNK FA 52 -95.10 -62.90 -63.67
CA UNK FA 53 -94.58 -63.28 -59.87
CA UNK FA 54 -96.91 -66.31 -59.72
CA UNK FA 55 -95.39 -67.88 -62.92
CA UNK FA 56 -91.79 -67.22 -61.72
CA UNK FA 57 -92.61 -68.46 -58.20
CA UNK FA 58 -94.51 -71.48 -59.44
CA UNK FA 59 -91.85 -72.34 -62.09
CA UNK FA 60 -88.98 -71.79 -59.63
CA UNK FA 61 -90.79 -73.74 -56.83
CA UNK FA 62 -91.74 -76.61 -59.21
CA UNK FA 63 -88.23 -76.65 -60.73
CA UNK FA 64 -86.36 -75.91 -57.53
CA UNK FA 65 -87.70 -79.16 -55.98
CA UNK FA 66 -87.12 -81.04 -59.23
CA UNK FA 67 -83.65 -79.53 -59.46
CA UNK FA 68 -82.78 -80.06 -55.80
CA UNK FA 69 -84.13 -83.59 -56.08
CA UNK FA 70 -82.46 -84.42 -59.46
CA UNK FA 71 -81.18 -81.72 -61.74
CA UNK FA 72 -80.80 -83.47 -64.75
CA UNK FA 73 -77.69 -83.82 -66.41
CA UNK FA 74 -73.99 -82.92 -65.85
CA UNK FA 75 -72.45 -86.36 -65.38
CA UNK FA 76 -73.39 -86.50 -69.07
CA UNK FA 77 -71.94 -83.00 -69.68
CA UNK FA 78 -68.75 -83.72 -67.74
CA UNK FA 79 -66.63 -86.79 -68.59
CA UNK FA 80 -68.10 -84.87 -74.58
CA UNK FA 81 -70.89 -82.18 -74.93
CA UNK FA 82 -73.61 -82.88 -77.61
CA UNK FA 83 -72.76 -80.69 -80.59
CA UNK FA 84 -76.45 -79.50 -80.98
CA UNK FA 85 -76.48 -78.53 -77.29
CA UNK FA 86 -73.01 -76.90 -77.56
CA UNK FA 87 -73.96 -75.18 -80.77
CA UNK FA 88 -77.39 -73.97 -79.56
CA UNK FA 89 -75.95 -73.01 -76.14
CA UNK FA 90 -73.09 -71.14 -77.78
CA UNK FA 91 -75.19 -69.50 -80.49
CA UNK FA 92 -77.83 -68.48 -77.93
CA UNK FA 93 -75.22 -67.29 -75.44
CA UNK FA 94 -73.21 -65.43 -78.11
CA UNK FA 95 -76.40 -64.08 -79.57
CA UNK FA 96 -77.78 -63.12 -76.17
CA UNK FA 97 -74.58 -61.72 -74.81
CA UNK FA 98 -74.33 -60.58 -78.16
CA UNK FA 99 -77.49 -58.46 -78.32
CA UNK FA 100 -77.69 -57.38 -74.68
CA UNK FA 101 -74.16 -55.84 -74.91
CA UNK FA 102 -75.09 -54.11 -78.21
CA UNK FA 103 -78.50 -53.04 -76.93
CA UNK FA 104 -77.06 -51.79 -73.62
CA UNK FA 105 -74.14 -50.15 -75.42
CA UNK FA 106 -76.52 -48.59 -77.81
CA UNK FA 107 -80.04 -47.90 -78.74
CA UNK FA 108 -81.09 -48.58 -82.30
CA UNK FA 109 -81.79 -51.51 -84.83
CA UNK FA 110 -80.84 -53.76 -87.90
CA UNK FA 111 -81.80 -51.00 -90.27
CA UNK FA 112 -78.97 -48.97 -88.65
CA UNK FA 113 -76.41 -51.84 -89.13
CA UNK FA 114 -77.82 -52.74 -92.54
CA UNK FA 115 -77.53 -49.08 -93.55
CA UNK FA 116 -74.41 -48.40 -91.47
CA UNK FA 117 -72.62 -51.71 -91.98
CA UNK FA 118 -70.81 -50.78 -95.05
CA UNK FA 119 -69.26 -47.60 -94.24
MG CLA GA . 49.61 56.43 30.46
CHA CLA GA . 52.27 54.79 28.68
CHB CLA GA . 49.14 53.59 32.24
CHC CLA GA . 47.83 58.18 32.92
CHD CLA GA . 50.56 59.43 29.08
NA CLA GA . 50.60 54.46 30.48
C1A CLA GA . 51.54 54.00 29.56
C2A CLA GA . 51.62 52.48 29.64
C3A CLA GA . 50.55 52.15 30.67
C4A CLA GA . 50.08 53.45 31.19
NB CLA GA . 48.68 55.96 32.29
C1B CLA GA . 48.57 54.68 32.76
C2B CLA GA . 47.78 54.72 34.00
C3B CLA GA . 47.40 56.04 34.20
C4B CLA GA . 47.96 56.81 33.11
NC CLA GA . 49.30 58.48 30.93
C1C CLA GA . 48.45 58.95 31.90
C2C CLA GA . 48.30 60.39 31.72
C3C CLA GA . 49.06 60.74 30.65
C4C CLA GA . 49.69 59.52 30.15
ND CLA GA . 51.05 57.06 29.22
C1D CLA GA . 51.22 58.28 28.64
C2D CLA GA . 52.15 58.24 27.58
C3D CLA GA . 52.58 56.90 27.51
C4D CLA GA . 51.90 56.20 28.59
MG CLA HA . 40.48 50.22 34.38
CHA CLA HA . 42.75 52.03 32.46
CHB CLA HA . 38.12 50.74 31.99
CHC CLA HA . 38.50 47.60 35.65
CHD CLA HA . 43.07 49.21 36.45
NA CLA HA . 40.44 51.29 32.44
C1A CLA HA . 41.44 52.10 31.97
C2A CLA HA . 40.86 53.07 30.90
C3A CLA HA . 39.39 52.66 30.86
C4A CLA HA . 39.29 51.50 31.80
NB CLA HA . 38.62 49.33 33.89
C1B CLA HA . 37.87 49.73 32.84
C2B CLA HA . 36.78 48.78 32.67
C3B CLA HA . 36.87 47.86 33.69
C4B CLA HA . 38.02 48.26 34.51
NC CLA HA . 40.76 48.64 35.82
C1C CLA HA . 39.79 47.81 36.26
C2C CLA HA . 40.25 47.20 37.52
C3C CLA HA . 41.52 47.66 37.75
C4C CLA HA . 41.85 48.55 36.64
ND CLA HA . 42.47 50.51 34.48
C1D CLA HA . 43.38 50.09 35.39
C2D CLA HA . 44.68 50.55 35.07
C3D CLA HA . 44.50 51.33 33.89
C4D CLA HA . 43.13 51.30 33.60
MG CLA IA . 38.56 41.76 35.50
CHA CLA IA . 35.52 40.24 36.25
CHB CLA IA . 37.10 43.25 32.81
CHC CLA IA . 41.07 44.19 35.29
CHD CLA IA . 39.79 40.75 38.54
NA CLA IA . 36.54 41.78 34.67
C1A CLA IA . 35.50 41.00 35.08
C2A CLA IA . 34.37 41.07 34.07
C3A CLA IA . 34.97 41.92 32.98
C4A CLA IA . 36.28 42.35 33.50
NB CLA IA . 38.98 43.46 34.28
C1B CLA IA . 38.27 43.78 33.16
C2B CLA IA . 38.96 44.83 32.42
C3B CLA IA . 40.11 45.14 33.13
C4B CLA IA . 40.09 44.25 34.30
NC CLA IA . 40.14 42.41 36.75
C1C CLA IA . 41.08 43.33 36.42
C2C CLA IA . 42.14 43.30 37.42
C3C CLA IA . 41.80 42.35 38.33
C4C CLA IA . 40.53 41.77 37.88
ND CLA IA . 37.85 40.74 37.10
C1D CLA IA . 38.51 40.26 38.17
C2D CLA IA . 37.75 39.30 38.87
C3D CLA IA . 36.54 39.24 38.16
C4D CLA IA . 36.64 40.15 37.09
MG CLA JA . 50.13 27.34 10.40
CHA CLA JA . 49.24 24.04 9.71
CHB CLA JA . 52.26 27.30 7.74
CHC CLA JA . 50.43 30.80 10.49
CHD CLA JA . 47.60 27.51 12.74
NA CLA JA . 50.66 25.83 8.89
C1A CLA JA . 50.24 24.52 8.88
C2A CLA JA . 51.04 23.73 7.82
C3A CLA JA . 52.00 24.79 7.26
C4A CLA JA . 51.66 26.05 8.00
NB CLA JA . 51.16 28.80 9.29
C1B CLA JA . 52.00 28.52 8.26
C2B CLA JA . 52.57 29.75 7.75
C3B CLA JA . 52.07 30.78 8.52
C4B CLA JA . 51.17 30.16 9.50
NC CLA JA . 49.15 28.90 11.43
C1C CLA JA . 49.50 30.21 11.40
C2C CLA JA . 48.79 30.91 12.45
C3C CLA JA . 48.01 29.99 13.10
C4C CLA JA . 48.23 28.72 12.44
ND CLA JA . 48.70 26.11 11.09
C1D CLA JA . 47.80 26.28 12.08
C2D CLA JA . 47.09 25.08 12.32
C3D CLA JA . 47.59 24.16 11.41
C4D CLA JA . 48.59 24.82 10.67
MG CLA KA . 61.45 28.29 10.90
CHA CLA KA . 63.99 30.59 10.24
CHB CLA KA . 59.16 30.49 9.64
CHC CLA KA . 58.77 26.43 12.15
CHD CLA KA . 63.65 26.52 12.88
NA CLA KA . 61.56 30.31 10.09
C1A CLA KA . 62.74 30.98 9.81
C2A CLA KA . 62.44 32.13 8.90
C3A CLA KA . 60.93 32.11 8.80
C4A CLA KA . 60.50 30.91 9.57
NB CLA KA . 59.31 28.47 10.90
C1B CLA KA . 58.64 29.41 10.22
C2B CLA KA . 57.23 29.05 10.18
C3B CLA KA . 57.09 27.88 10.91
C4B CLA KA . 58.43 27.53 11.36
NC CLA KA . 61.24 26.75 12.30
C1C CLA KA . 60.08 26.09 12.62
C2C CLA KA . 60.39 25.02 13.54
C3C CLA KA . 61.74 25.04 13.75
C4C CLA KA . 62.29 26.14 12.96
ND CLA KA . 63.39 28.50 11.53
C1D CLA KA . 64.18 27.64 12.21
C2D CLA KA . 65.55 28.02 12.10
C3D CLA KA . 65.55 29.19 11.34
C4D CLA KA . 64.20 29.45 11.02
MG CLA LA . 57.05 36.63 10.12
CHA CLA LA . 54.76 34.48 11.68
CHB CLA LA . 59.51 35.50 12.19
CHC CLA LA . 59.29 39.03 8.93
CHD CLA LA . 54.44 38.33 8.60
NA CLA LA . 57.12 35.16 11.75
C1A CLA LA . 56.07 34.34 12.17
C2A CLA LA . 56.61 33.32 13.21
C3A CLA LA . 58.05 33.77 13.35
C4A CLA LA . 58.26 34.86 12.38
NB CLA LA . 59.06 37.18 10.53
C1B CLA LA . 59.87 36.50 11.35
C2B CLA LA . 61.23 37.00 11.22
C3B CLA LA . 61.20 38.03 10.29
C4B CLA LA . 59.79 38.14 9.86
NC CLA LA . 56.88 38.40 8.97
C1C CLA LA . 57.92 39.17 8.54
C2C CLA LA . 57.41 40.19 7.63
C3C CLA LA . 56.06 40.02 7.54
C4C CLA LA . 55.72 38.88 8.40
ND CLA LA . 55.04 36.52 10.13
C1D CLA LA . 54.11 37.21 9.42
C2D CLA LA . 52.83 36.66 9.61
C3D CLA LA . 53.01 35.59 10.49
C4D CLA LA . 54.38 35.52 10.78
MG CLA MA . 44.26 46.42 -1.48
CHA CLA MA . 41.24 48.15 -1.70
CHB CLA MA . 44.06 46.52 1.94
CHC CLA MA . 46.69 43.93 -1.15
CHD CLA MA . 43.96 45.62 -4.85
NA CLA MA . 42.80 47.22 -0.05
C1A CLA MA . 41.69 47.98 -0.38
C2A CLA MA . 41.04 48.54 0.90
C3A CLA MA . 41.97 48.04 2.00
C4A CLA MA . 43.02 47.22 1.29
NB CLA MA . 45.19 45.38 0.12
C1B CLA MA . 45.00 45.70 1.43
C2B CLA MA . 45.98 44.96 2.24
C3B CLA MA . 46.74 44.21 1.39
C4B CLA MA . 46.23 44.48 0.03
NC CLA MA . 45.13 44.97 -2.80
C1C CLA MA . 46.17 44.15 -2.46
C2C CLA MA . 46.66 43.51 -3.69
C3C CLA MA . 45.90 43.99 -4.73
C4C CLA MA . 44.93 44.92 -4.15
ND CLA MA . 42.92 46.74 -2.98
C1D CLA MA . 43.00 46.48 -4.30
C2D CLA MA . 41.98 47.14 -5.01
C3D CLA MA . 41.26 47.83 -4.04
C4D CLA MA . 41.85 47.55 -2.81
MG CLA NA . 47.60 51.73 8.23
CHA CLA NA . 50.83 51.57 6.94
CHB CLA NA . 46.83 48.79 6.67
CHC CLA NA . 44.74 51.35 10.12
CHD CLA NA . 48.62 54.31 10.27
NA CLA NA . 48.72 50.33 6.98
C1A CLA NA . 50.00 50.52 6.51
C2A CLA NA . 50.35 49.42 5.52
C3A CLA NA . 49.05 48.62 5.41
C4A CLA NA . 48.12 49.28 6.39
NB CLA NA . 46.05 50.30 8.38
C1B CLA NA . 45.94 49.21 7.56
C2B CLA NA . 44.69 48.52 7.86
C3B CLA NA . 44.06 49.23 8.84
C4B CLA NA . 44.95 50.37 9.17
NC CLA NA . 46.84 52.66 9.95
C1C CLA NA . 45.63 52.44 10.48
C2C CLA NA . 45.36 53.47 11.49
C3C CLA NA . 46.45 54.29 11.51
C4C CLA NA . 47.39 53.78 10.54
ND CLA NA . 49.33 52.73 8.59
C1D CLA NA . 49.56 53.81 9.36
C2D CLA NA . 50.87 54.33 9.13
C3D CLA NA . 51.42 53.50 8.17
C4D CLA NA . 50.46 52.51 7.88
MG CLA OA . 37.16 51.98 9.94
CHA CLA OA . 38.83 50.93 7.07
CHB CLA OA . 34.46 50.14 9.05
CHC CLA OA . 35.65 52.61 13.03
CHD CLA OA . 40.05 53.48 11.07
NA CLA OA . 36.72 50.62 8.27
C1A CLA OA . 37.53 50.39 7.19
C2A CLA OA . 36.78 49.49 6.20
C3A CLA OA . 35.43 49.28 6.85
C4A CLA OA . 35.51 50.06 8.13
NB CLA OA . 35.38 51.44 10.88
C1B CLA OA . 34.40 50.73 10.26
C2B CLA OA . 33.21 50.73 11.10
C3B CLA OA . 33.54 51.40 12.27
C4B CLA OA . 34.92 51.87 12.11
NC CLA OA . 37.78 52.85 11.78
C1C CLA OA . 36.99 53.05 12.88
C2C CLA OA . 37.77 53.78 13.86
C3C CLA OA . 39.00 54.04 13.31
C4C CLA OA . 38.99 53.45 11.98
ND CLA OA . 39.06 52.16 9.29
C1D CLA OA . 40.08 52.88 9.79
C2D CLA OA . 41.14 52.96 8.86
C3D CLA OA . 40.71 52.21 7.76
C4D CLA OA . 39.44 51.72 8.07
MG CLA PA . 63.95 23.63 -5.34
CHA CLA PA . 64.89 20.71 -7.04
CHB CLA PA . 66.71 23.33 -3.36
CHC CLA PA . 63.71 26.96 -4.29
CHD CLA PA . 61.74 24.32 -7.93
NA CLA PA . 65.64 22.18 -5.24
C1A CLA PA . 65.73 21.02 -5.95
C2A CLA PA . 66.85 20.16 -5.38
C3A CLA PA . 67.38 21.00 -4.22
C4A CLA PA . 66.54 22.25 -4.24
NB CLA PA . 65.07 24.94 -4.06
C1B CLA PA . 66.09 24.52 -3.30
C2B CLA PA . 66.46 25.60 -2.40
C3B CLA PA . 65.62 26.63 -2.64
C4B CLA PA . 64.71 26.21 -3.71
NC CLA PA . 62.90 25.39 -6.03
C1C CLA PA . 62.89 26.57 -5.38
C2C CLA PA . 61.87 27.41 -6.01
C3C CLA PA . 61.32 26.68 -7.04
C4C CLA PA . 61.98 25.38 -7.03
ND CLA PA . 63.42 22.75 -7.14
C1D CLA PA . 62.43 23.09 -7.98
C2D CLA PA . 62.20 22.04 -8.90
C3D CLA PA . 63.14 21.07 -8.58
C4D CLA PA . 63.88 21.56 -7.51
MG CLA QA . 50.34 20.45 2.38
CHA CLA QA . 50.58 18.92 5.53
CHB CLA QA . 47.23 19.13 1.98
CHC CLA QA . 49.58 22.73 -0.13
CHD CLA QA . 53.15 22.33 3.18
NA CLA QA . 49.06 19.20 3.62
C1A CLA QA . 49.40 18.63 4.83
C2A CLA QA . 48.29 17.70 5.27
C3A CLA QA . 47.30 17.75 4.11
C4A CLA QA . 47.88 18.73 3.15
NB CLA QA . 48.67 20.87 1.15
C1B CLA QA . 47.56 20.10 1.12
C2B CLA QA . 46.72 20.52 -0.01
C3B CLA QA . 47.36 21.56 -0.62
C4B CLA QA . 48.61 21.78 0.13
NC CLA QA . 51.21 22.25 1.67
C1C CLA QA . 50.77 22.97 0.61
C2C CLA QA . 51.70 24.07 0.37
C3C CLA QA . 52.71 23.95 1.28
C4C CLA QA . 52.40 22.78 2.10
ND CLA QA . 51.61 20.64 3.98
C1D CLA QA . 52.78 21.31 4.09
C2D CLA QA . 53.49 20.93 5.24
C3D CLA QA . 52.68 19.98 5.86
C4D CLA QA . 51.53 19.84 5.07
MG CLA RA . 75.38 25.04 -5.90
CHA CLA RA . 74.15 22.14 -4.44
CHB CLA RA . 78.52 23.68 -6.01
CHC CLA RA . 76.59 27.77 -7.67
CHD CLA RA . 72.17 26.29 -6.14
NA CLA RA . 76.22 23.11 -5.30
C1A CLA RA . 75.53 22.10 -4.68
C2A CLA RA . 76.49 20.94 -4.36
C3A CLA RA . 77.84 21.46 -4.86
C4A CLA RA . 77.55 22.84 -5.41
NB CLA RA . 77.24 25.61 -6.71
C1B CLA RA . 78.38 24.87 -6.59
C2B CLA RA . 79.47 25.60 -7.25
C3B CLA RA . 78.95 26.76 -7.76
C4B CLA RA . 77.52 26.77 -7.37
NC CLA RA . 74.51 26.74 -6.79
C1C CLA RA . 75.20 27.74 -7.39
C2C CLA RA . 74.26 28.79 -7.75
C3C CLA RA . 73.02 28.40 -7.33
C4C CLA RA . 73.19 27.08 -6.71
ND CLA RA . 73.53 24.39 -5.45
C1D CLA RA . 72.33 25.01 -5.54
C2D CLA RA . 71.31 24.23 -4.95
C3D CLA RA . 71.95 23.07 -4.49
C4D CLA RA . 73.32 23.21 -4.82
MG CLA SA . 68.50 28.82 1.53
CHA CLA SA . 65.79 29.48 3.61
CHB CLA SA . 68.09 31.83 0.02
CHC CLA SA . 70.69 27.94 -1.02
CHD CLA SA . 68.49 25.53 2.63
NA CLA SA . 67.11 30.48 1.79
C1A CLA SA . 66.13 30.56 2.79
C2A CLA SA . 65.56 31.98 2.81
C3A CLA SA . 66.30 32.66 1.67
C4A CLA SA . 67.23 31.61 1.11
NB CLA SA . 69.22 29.74 -0.23
C1B CLA SA . 68.94 31.00 -0.59
C2B CLA SA . 69.71 31.34 -1.80
C3B CLA SA . 70.47 30.23 -2.11
C4B CLA SA . 70.15 29.21 -1.09
NC CLA SA . 69.43 27.02 0.90
C1C CLA SA . 70.35 26.91 -0.09
C2C CLA SA . 70.98 25.60 -0.02
C3C CLA SA . 70.36 24.91 0.99
C4C CLA SA . 69.36 25.81 1.57
ND CLA SA . 67.40 27.69 2.80
C1D CLA SA . 67.54 26.41 3.21
C2D CLA SA . 66.63 26.08 4.26
C3D CLA SA . 65.89 27.27 4.46
C4D CLA SA . 66.40 28.22 3.55
MG CLA TA . 67.03 46.81 -10.78
CHA CLA TA . 64.19 48.50 -11.96
CHB CLA TA . 65.34 46.07 -7.91
CHC CLA TA . 69.45 44.49 -9.84
CHD CLA TA . 68.49 47.12 -13.90
NA CLA TA . 64.98 47.20 -10.04
C1A CLA TA . 64.04 48.01 -10.66
C2A CLA TA . 62.86 48.24 -9.70
C3A CLA TA . 63.29 47.49 -8.43
C4A CLA TA . 64.62 46.88 -8.79
NB CLA TA . 67.32 45.48 -9.16
C1B CLA TA . 66.51 45.43 -8.08
C2B CLA TA . 67.07 44.52 -7.08
C3B CLA TA . 68.25 44.04 -7.60
C4B CLA TA . 68.40 44.67 -8.94
NC CLA TA . 68.69 45.90 -11.75
C1C CLA TA . 69.58 45.08 -11.15
C2C CLA TA . 70.71 44.88 -12.06
C3C CLA TA . 70.46 45.62 -13.18
C4C CLA TA . 69.16 46.27 -12.98
ND CLA TA . 66.50 47.57 -12.58
C1D CLA TA . 67.22 47.71 -13.72
C2D CLA TA . 66.52 48.50 -14.68
C3D CLA TA . 65.31 48.83 -14.05
C4D CLA TA . 65.34 48.25 -12.77
MG CLA UA . 78.05 46.98 -14.90
CHA CLA UA . 78.57 48.18 -18.14
CHB CLA UA . 75.72 44.75 -16.07
CHC CLA UA . 77.85 45.42 -11.80
CHD CLA UA . 80.71 48.89 -13.78
NA CLA UA . 77.26 46.50 -16.92
C1A CLA UA . 77.59 47.16 -18.07
C2A CLA UA . 76.79 46.56 -19.23
C3A CLA UA . 75.89 45.52 -18.53
C4A CLA UA . 76.28 45.58 -17.08
NB CLA UA . 76.96 45.32 -14.08
C1B CLA UA . 76.03 44.64 -14.76
C2B CLA UA . 75.38 43.71 -13.85
C3B CLA UA . 75.97 43.89 -12.60
C4B CLA UA . 77.00 44.93 -12.78
NC CLA UA . 79.15 47.11 -13.06
C1C CLA UA . 78.85 46.42 -11.95
C2C CLA UA . 79.77 46.86 -10.91
C3C CLA UA . 80.57 47.82 -11.46
C4C CLA UA . 80.15 48.00 -12.83
ND CLA UA . 79.42 48.27 -15.75
C1D CLA UA . 80.35 49.02 -15.15
C2D CLA UA . 80.92 49.92 -16.09
C3D CLA UA . 80.26 49.65 -17.30
C4D CLA UA . 79.35 48.61 -17.04
MG CLA VA . 63.52 47.31 -18.37
CHA CLA VA . 60.48 48.53 -19.60
CHB CLA VA . 61.99 46.48 -15.43
CHC CLA VA . 66.26 45.42 -17.39
CHD CLA VA . 64.88 47.64 -21.53
NA CLA VA . 61.46 47.46 -17.62
C1A CLA VA . 60.41 48.09 -18.26
C2A CLA VA . 59.22 48.18 -17.31
C3A CLA VA . 59.75 47.55 -16.01
C4A CLA VA . 61.15 47.14 -16.33
NB CLA VA . 64.03 46.13 -16.70
C1B CLA VA . 63.24 46.01 -15.60
C2B CLA VA . 63.95 45.22 -14.61
C3B CLA VA . 65.17 44.87 -15.14
C4B CLA VA . 65.21 45.49 -16.48
NC CLA VA . 65.27 46.60 -19.33
C1C CLA VA . 66.29 45.95 -18.71
C2C CLA VA . 67.42 45.88 -19.64
C3C CLA VA . 67.04 46.51 -20.79
C4C CLA VA . 65.67 46.97 -20.60
ND CLA VA . 62.86 47.90 -20.20
C1D CLA VA . 63.55 48.08 -21.36
C2D CLA VA . 62.75 48.74 -22.32
C3D CLA VA . 61.52 48.95 -21.69
C4D CLA VA . 61.62 48.41 -20.40
MG CLA WA . 87.39 50.08 -3.27
CHA CLA WA . 89.12 53.12 -2.94
CHB CLA WA . 87.35 50.54 -6.68
CHC CLA WA . 86.71 46.70 -3.85
CHD CLA WA . 88.37 49.30 -0.05
NA CLA WA . 88.16 51.63 -4.64
C1A CLA WA . 88.74 52.82 -4.25
C2A CLA WA . 88.97 53.71 -5.47
C3A CLA WA . 88.38 52.88 -6.62
C4A CLA WA . 87.91 51.62 -5.96
NB CLA WA . 87.10 48.84 -4.97
C1B CLA WA . 87.02 49.32 -6.26
C2B CLA WA . 86.52 48.27 -7.13
C3B CLA WA . 86.36 47.14 -6.37
C4B CLA WA . 86.71 47.52 -4.97
NC CLA WA . 87.55 48.29 -2.13
C1C CLA WA . 87.11 47.07 -2.53
C2C CLA WA . 87.18 46.16 -1.39
C3C CLA WA . 87.64 46.89 -0.33
C4C CLA WA . 87.87 48.24 -0.80
ND CLA WA . 88.51 50.95 -1.80
C1D CLA WA . 88.69 50.59 -0.51
C2D CLA WA . 89.25 51.64 0.26
C3D CLA WA . 89.44 52.68 -0.65
C4D CLA WA . 88.99 52.22 -1.89
MG CLA XA . 80.40 50.20 4.66
CHA CLA XA . 78.01 51.85 6.64
CHB CLA XA . 80.78 53.01 2.79
CHC CLA XA . 83.25 48.89 3.12
CHD CLA XA . 80.53 47.68 7.04
NA CLA XA . 79.52 52.22 4.74
C1A CLA XA . 78.48 52.62 5.55
C2A CLA XA . 77.97 53.99 5.10
C3A CLA XA . 78.84 54.29 3.87
C4A CLA XA . 79.77 53.13 3.77
NB CLA XA . 81.79 50.87 3.23
C1B CLA XA . 81.67 52.04 2.56
C2B CLA XA . 82.70 52.10 1.52
C3B CLA XA . 83.43 50.96 1.60
C4B CLA XA . 82.83 50.15 2.69
NC CLA XA . 81.70 48.56 5.06
C1C CLA XA . 82.71 48.16 4.23
C2C CLA XA . 83.16 46.84 4.70
C3C CLA XA . 82.42 46.52 5.80
C4C CLA XA . 81.49 47.61 6.03
ND CLA XA . 79.54 49.82 6.48
C1D CLA XA . 79.62 48.74 7.27
C2D CLA XA . 78.66 48.80 8.30
C3D CLA XA . 77.99 50.00 8.10
C4D CLA XA . 78.56 50.61 6.99
MG CLA YA . 72.77 46.91 1.85
CHA CLA YA . 70.37 49.29 1.09
CHB CLA YA . 73.97 48.94 4.32
CHC CLA YA . 74.75 44.35 3.13
CHD CLA YA . 71.16 44.63 -0.17
NA CLA YA . 72.21 48.88 2.63
C1A CLA YA . 71.26 49.71 2.10
C2A CLA YA . 71.30 51.06 2.79
C3A CLA YA . 72.49 50.94 3.74
C4A CLA YA . 72.94 49.52 3.58
NB CLA YA . 74.09 46.68 3.48
C1B CLA YA . 74.46 47.69 4.29
C2B CLA YA . 75.48 47.21 5.20
C3B CLA YA . 75.77 45.90 4.86
C4B CLA YA . 74.85 45.57 3.77
NC CLA YA . 72.90 44.82 1.56
C1C CLA YA . 73.84 44.00 2.11
C2C CLA YA . 73.77 42.71 1.49
C3C CLA YA . 72.77 42.76 0.56
C4C CLA YA . 72.21 44.12 0.61
ND CLA YA . 71.10 46.89 0.71
C1D CLA YA . 70.63 45.95 -0.13
C2D CLA YA . 69.55 46.45 -0.90
C3D CLA YA . 69.40 47.79 -0.48
C4D CLA YA . 70.37 48.01 0.53
MG CLA ZA . 83.35 29.36 -6.57
CHA CLA ZA . 83.77 26.23 -5.10
CHB CLA ZA . 86.39 29.06 -8.08
CHC CLA ZA . 82.96 32.46 -8.11
CHD CLA ZA . 80.23 29.58 -5.20
NA CLA ZA . 84.89 27.79 -6.61
C1A CLA ZA . 84.86 26.61 -5.90
C2A CLA ZA . 86.15 25.82 -6.17
C3A CLA ZA . 86.93 26.76 -7.09
C4A CLA ZA . 86.04 27.96 -7.29
NB CLA ZA . 84.49 30.56 -7.89
C1B CLA ZA . 85.72 30.21 -8.36
C2B CLA ZA . 86.22 31.28 -9.21
C3B CLA ZA . 85.27 32.25 -9.26
C4B CLA ZA . 84.16 31.80 -8.37
NC CLA ZA . 81.82 30.79 -6.64
C1C CLA ZA . 81.87 31.96 -7.31
C2C CLA ZA . 80.57 32.63 -7.12
C3C CLA ZA . 79.80 31.80 -6.36
C4C CLA ZA . 80.62 30.66 -6.00
ND CLA ZA . 82.18 28.21 -5.42
C1D CLA ZA . 80.97 28.42 -4.91
C2D CLA ZA . 80.56 27.35 -4.06
C3D CLA ZA . 81.63 26.45 -4.09
C4D CLA ZA . 82.61 27.00 -4.93
MG CLA AB . 82.16 33.58 8.89
CHA CLA AB . 83.54 31.30 11.17
CHB CLA AB . 79.10 32.89 10.13
CHC CLA AB . 80.82 36.35 7.26
CHD CLA AB . 85.34 34.58 8.04
NA CLA AB . 81.42 32.27 10.46
C1A CLA AB . 82.17 31.38 11.22
C2A CLA AB . 81.24 30.60 12.15
C3A CLA AB . 79.86 31.07 11.72
C4A CLA AB . 80.12 32.13 10.69
NB CLA AB . 80.27 34.48 8.76
C1B CLA AB . 79.16 33.93 9.30
C2B CLA AB . 78.01 34.70 8.91
C3B CLA AB . 78.44 35.72 8.07
C4B CLA AB . 79.92 35.56 8.00
NC CLA AB . 82.97 35.24 7.87
C1C CLA AB . 82.25 36.18 7.19
C2C CLA AB . 83.16 36.97 6.38
C3C CLA AB . 84.43 36.48 6.58
C4C CLA AB . 84.30 35.37 7.54
ND CLA AB . 84.06 33.11 9.47
C1D CLA AB . 85.23 33.51 8.97
C2D CLA AB . 86.30 32.75 9.52
C3D CLA AB . 85.69 31.86 10.40
C4D CLA AB . 84.33 32.11 10.35
MG CLA BB . 91.70 29.03 5.42
CHA CLA BB . 93.27 26.20 4.06
CHB CLA BB . 93.89 29.02 8.01
CHC CLA BB . 90.47 32.08 6.56
CHD CLA BB . 89.79 29.30 2.55
NA CLA BB . 93.41 27.78 5.94
C1A CLA BB . 93.84 26.65 5.26
C2A CLA BB . 95.01 26.02 6.03
C3A CLA BB . 95.13 26.91 7.27
C4A CLA BB . 94.09 27.96 7.09
NB CLA BB . 92.13 30.33 7.01
C1B CLA BB . 93.03 30.05 7.98
C2B CLA BB . 92.97 31.07 9.01
C3B CLA BB . 92.02 31.98 8.63
C4B CLA BB . 91.47 31.49 7.35
NC CLA BB . 90.38 30.48 4.65
C1C CLA BB . 89.98 31.61 5.30
C2C CLA BB . 88.99 32.28 4.48
C3C CLA BB . 88.79 31.51 3.35
C4C CLA BB . 89.66 30.36 3.48
ND CLA BB . 91.55 28.03 3.64
C1D CLA BB . 90.68 28.19 2.61
C2D CLA BB . 90.77 27.11 1.70
C3D CLA BB . 91.77 26.28 2.22
C4D CLA BB . 92.25 26.89 3.40
MG CLA CB . 91.74 29.84 15.55
CHA CLA CB . 92.97 27.31 13.47
CHB CLA CB . 94.28 29.19 17.75
CHC CLA CB . 91.22 32.84 17.24
CHD CLA CB . 89.75 30.98 12.95
NA CLA CB . 93.44 28.43 15.59
C1A CLA CB . 93.65 27.41 14.68
C2A CLA CB . 94.73 26.46 15.22
C3A CLA CB . 95.07 27.06 16.57
C4A CLA CB . 94.22 28.29 16.67
NB CLA CB . 92.62 30.85 17.20
C1B CLA CB . 93.60 30.32 17.97
C2B CLA CB . 93.89 31.24 19.07
C3B CLA CB . 93.04 32.30 18.94
C4B CLA CB . 92.21 32.03 17.75
NC CLA CB . 90.69 31.64 15.13
C1C CLA CB . 90.50 32.64 16.02
C2C CLA CB . 89.44 33.51 15.54
C3C CLA CB . 89.03 33.01 14.32
C4C CLA CB . 89.82 31.82 14.08
ND CLA CB . 91.45 29.34 13.61
C1D CLA CB . 90.54 29.81 12.71
C2D CLA CB . 90.50 28.98 11.57
C3D CLA CB . 91.44 27.98 11.80
C4D CLA CB . 92.01 28.23 13.05
MG CLA DB . 83.42 29.55 21.81
CHA CLA DB . 83.87 29.94 18.38
CHB CLA DB . 86.28 31.33 22.36
CHC CLA DB . 82.72 29.77 25.20
CHD CLA DB . 80.30 28.19 21.23
NA CLA DB . 84.87 30.56 20.51
C1A CLA DB . 84.89 30.52 19.13
C2A CLA DB . 86.15 31.22 18.60
C3A CLA DB . 86.89 31.60 19.88
C4A CLA DB . 85.99 31.14 21.00
NB CLA DB . 84.34 30.42 23.49
C1B CLA DB . 85.56 31.04 23.46
C2B CLA DB . 85.95 31.36 24.81
C3B CLA DB . 84.95 30.93 25.65
C4B CLA DB . 83.92 30.33 24.80
NC CLA DB . 81.76 29.09 23.01
C1C CLA DB . 81.72 29.19 24.37
C2C CLA DB . 80.45 28.66 24.83
C3C CLA DB . 79.76 28.20 23.73
C4C CLA DB . 80.60 28.47 22.58
ND CLA DB . 82.27 29.18 20.19
C1D CLA DB . 81.09 28.53 20.10
C2D CLA DB . 80.79 28.24 18.74
C3D CLA DB . 81.86 28.77 18.01
C4D CLA DB . 82.73 29.35 18.94
MG CLA EB . 75.56 29.82 12.28
CHA CLA EB . 73.64 30.83 9.52
CHB CLA EB . 75.46 33.01 13.49
CHC CLA EB . 78.06 29.08 14.58
CHD CLA EB . 76.11 26.76 10.72
NA CLA EB . 74.65 31.73 11.59
C1A CLA EB . 73.81 31.85 10.48
C2A CLA EB . 73.11 33.21 10.54
C3A CLA EB . 73.65 33.84 11.84
C4A CLA EB . 74.66 32.83 12.34
NB CLA EB . 76.61 30.91 13.75
C1B CLA EB . 76.33 32.17 14.09
C2B CLA EB . 77.16 32.56 15.23
C3B CLA EB . 77.89 31.47 15.59
C4B CLA EB . 77.54 30.38 14.62
NC CLA EB . 76.86 28.18 12.61
C1C CLA EB . 77.75 28.06 13.62
C2C CLA EB . 78.36 26.72 13.56
C3C CLA EB . 77.82 26.07 12.48
C4C CLA EB . 76.87 27.00 11.87
ND CLA EB . 75.06 28.95 10.51
C1D CLA EB . 75.26 27.69 10.04
C2D CLA EB . 74.56 27.46 8.84
C3D CLA EB . 73.91 28.67 8.58
C4D CLA EB . 74.24 29.56 9.61
MG CLA FB . 73.72 42.56 23.46
CHA CLA FB . 74.74 45.69 22.40
CHB CLA FB . 76.98 41.55 23.51
CHC CLA FB . 72.94 39.79 25.38
CHD CLA FB . 70.58 43.86 24.12
NA CLA FB . 75.62 43.53 23.02
C1A CLA FB . 75.76 44.79 22.54
C2A CLA FB . 77.22 45.05 22.23
C3A CLA FB . 77.89 43.72 22.51
C4A CLA FB . 76.78 42.86 23.03
NB CLA FB . 74.79 40.97 24.32
C1B CLA FB . 76.12 40.73 24.11
C2B CLA FB . 76.49 39.46 24.70
C3B CLA FB . 75.34 38.93 25.26
C4B CLA FB . 74.26 39.90 24.98
NC CLA FB . 72.05 41.94 24.59
C1C CLA FB . 71.92 40.74 25.21
C2C CLA FB . 70.55 40.61 25.69
C3C CLA FB . 69.88 41.76 25.34
C4C CLA FB . 70.84 42.59 24.64
ND CLA FB . 72.82 44.37 23.35
C1D CLA FB . 71.52 44.72 23.52
C2D CLA FB . 71.27 46.03 23.05
C3D CLA FB . 72.51 46.48 22.59
C4D CLA FB . 73.41 45.42 22.79
MG CLA GB . 78.21 51.13 15.34
CHA CLA GB . 78.23 48.82 17.95
CHB CLA GB . 80.37 49.17 13.60
CHC CLA GB . 78.71 53.67 13.00
CHD CLA GB . 76.47 53.36 17.39
NA CLA GB . 79.19 49.21 15.73
C1A CLA GB . 78.97 48.41 16.84
C2A CLA GB . 79.64 47.06 16.63
C3A CLA GB . 80.32 47.22 15.28
C4A CLA GB . 79.96 48.61 14.82
NB CLA GB . 79.42 51.38 13.61
C1B CLA GB . 80.12 50.38 13.06
C2B CLA GB . 80.57 50.80 11.72
C3B CLA GB . 80.09 52.08 11.51
C4B CLA GB . 79.37 52.47 12.75
NC CLA GB . 77.69 53.18 15.23
C1C CLA GB . 77.94 54.00 14.17
C2C CLA GB . 77.22 55.26 14.40
C3C CLA GB . 76.58 55.16 15.60
C4C CLA GB . 76.90 53.85 16.15
ND CLA GB . 77.53 51.17 17.25
C1D CLA GB . 76.77 52.08 17.92
C2D CLA GB . 76.38 51.59 19.19
C3D CLA GB . 76.93 50.31 19.26
C4D CLA GB . 77.62 50.09 18.06
MG CLA HB . 56.50 48.31 13.55
CHA CLA HB . 55.38 48.65 10.26
CHB CLA HB . 56.85 51.71 13.69
CHC CLA HB . 56.40 48.27 17.00
CHD CLA HB . 55.30 45.06 13.54
NA CLA HB . 56.15 49.98 12.14
C1A CLA HB . 55.88 49.84 10.81
C2A CLA HB . 56.19 51.13 10.08
C3A CLA HB . 56.74 52.03 11.16
C4A CLA HB . 56.58 51.23 12.42
NB CLA HB . 56.56 49.76 15.08
C1B CLA HB . 56.76 51.08 14.87
C2B CLA HB . 56.72 51.78 16.16
C3B CLA HB . 56.61 50.80 17.14
C4B CLA HB . 56.53 49.52 16.42
NC CLA HB . 55.89 46.89 15.04
C1C CLA HB . 56.14 47.05 16.35
C2C CLA HB . 56.14 45.73 16.99
C3C CLA HB . 55.85 44.82 16.00
C4C CLA HB . 55.65 45.58 14.79
ND CLA HB . 55.51 47.10 12.25
C1D CLA HB . 55.18 45.78 12.34
C2D CLA HB . 54.65 45.28 11.12
C3D CLA HB . 54.69 46.38 10.26
C4D CLA HB . 55.24 47.46 10.98
MG CLA IB . 63.56 46.29 7.72
CHA CLA IB . 63.89 48.76 5.26
CHB CLA IB . 60.19 46.49 7.44
CHC CLA IB . 63.18 43.38 9.62
CHD CLA IB . 66.96 45.64 7.50
NA CLA IB . 62.19 47.47 6.45
C1A CLA IB . 62.57 48.53 5.64
C2A CLA IB . 61.35 49.37 5.29
C3A CLA IB . 60.22 48.66 6.01
C4A CLA IB . 60.87 47.45 6.66
NB CLA IB . 61.95 45.11 8.37
C1B CLA IB . 60.64 45.45 8.16
C2B CLA IB . 59.81 44.45 8.83
C3B CLA IB . 60.66 43.55 9.48
C4B CLA IB . 62.02 44.00 9.19
NC CLA IB . 64.86 44.74 8.40
C1C CLA IB . 64.52 43.74 9.25
C2C CLA IB . 65.72 43.07 9.71
C3C CLA IB . 66.79 43.70 9.13
C4C CLA IB . 66.24 44.75 8.28
ND CLA IB . 65.11 46.95 6.59
C1D CLA IB . 66.43 46.67 6.67
C2D CLA IB . 67.19 47.56 5.88
C3D CLA IB . 66.24 48.42 5.28
C4D CLA IB . 64.98 48.01 5.74
MG CLA JB . 59.46 30.22 19.35
CHA CLA JB . 57.47 27.82 20.96
CHB CLA JB . 59.09 28.48 16.42
CHC CLA JB . 60.40 33.01 17.41
CHD CLA JB . 59.08 32.29 22.10
NA CLA JB . 58.37 28.40 18.76
C1A CLA JB . 57.71 27.55 19.61
C2A CLA JB . 57.23 26.32 18.84
C3A CLA JB . 57.80 26.53 17.45
C4A CLA JB . 58.49 27.87 17.52
NB CLA JB . 59.67 30.68 17.27
C1B CLA JB . 59.59 29.72 16.29
C2B CLA JB . 60.19 30.25 15.07
C3B CLA JB . 60.56 31.53 15.30
C4B CLA JB . 60.21 31.83 16.72
NC CLA JB . 59.65 32.31 19.70
C1C CLA JB . 60.10 33.24 18.81
C2C CLA JB . 60.17 34.55 19.49
C3C CLA JB . 59.82 34.34 20.80
C4C CLA JB . 59.52 32.91 20.94
ND CLA JB . 58.51 30.13 21.14
C1D CLA JB . 58.58 30.96 22.20
C2D CLA JB . 58.02 30.37 23.36
C3D CLA JB . 57.57 29.11 22.94
C4D CLA JB . 57.87 29.01 21.57
MG CLA KB . 82.75 31.22 33.47
CHA CLA KB . 85.07 28.63 33.33
CHB CLA KB . 83.79 31.99 36.58
CHC CLA KB . 80.83 34.14 33.47
CHD CLA KB . 81.98 30.68 30.18
NA CLA KB . 84.29 30.43 34.78
C1A CLA KB . 85.05 29.31 34.55
C2A CLA KB . 85.83 28.97 35.80
C3A CLA KB . 85.36 29.99 36.80
C4A CLA KB . 84.42 30.88 36.03
NB CLA KB . 82.40 32.80 34.81
C1B CLA KB . 82.94 32.85 36.04
C2B CLA KB . 82.45 34.03 36.71
C3B CLA KB . 81.66 34.71 35.85
C4B CLA KB . 81.57 33.88 34.63
NC CLA KB . 81.63 32.27 32.02
C1C CLA KB . 80.85 33.35 32.27
C2C CLA KB . 80.00 33.56 31.10
C3C CLA KB . 80.32 32.60 30.19
C4C CLA KB . 81.37 31.79 30.78
ND CLA KB . 83.41 30.00 31.99
C1D CLA KB . 82.96 29.84 30.75
C2D CLA KB . 83.54 28.68 30.14
C3D CLA KB . 84.40 28.16 31.11
C4D CLA KB . 84.29 29.00 32.22
MG CLA LB . 78.69 52.43 45.52
CHA CLA LB . 77.84 49.15 46.40
CHB CLA LB . 76.25 53.57 47.66
CHC CLA LB . 80.11 55.56 45.58
CHD CLA LB . 81.61 51.19 44.06
NA CLA LB . 77.24 51.47 46.91
C1A CLA LB . 77.00 50.10 46.95
C2A CLA LB . 75.67 49.84 47.64
C3A CLA LB . 75.17 51.26 47.96
C4A CLA LB . 76.27 52.18 47.50
NB CLA LB . 78.27 54.24 46.49
C1B CLA LB . 77.18 54.48 47.26
C2B CLA LB . 77.20 55.89 47.67
C3B CLA LB . 78.32 56.46 47.08
C4B CLA LB . 78.96 55.40 46.32
NC CLA LB . 80.57 53.25 44.95
C1C CLA LB . 80.84 54.56 44.93
C2C CLA LB . 82.01 54.81 44.13
C3C CLA LB . 82.45 53.58 43.68
C4C CLA LB . 81.53 52.58 44.23
ND CLA LB . 79.61 50.61 45.33
C1D CLA LB . 80.72 50.24 44.62
C2D CLA LB . 80.82 48.83 44.52
C3D CLA LB . 79.71 48.34 45.20
C4D CLA LB . 79.01 49.46 45.69
MG CLA MB . 72.75 60.32 47.83
CHA CLA MB . 74.20 62.60 49.97
CHB CLA MB . 75.83 59.54 46.65
CHC CLA MB . 71.55 57.39 46.37
CHD CLA MB . 69.79 60.63 49.57
NA CLA MB . 74.78 60.96 48.30
C1A CLA MB . 75.10 61.98 49.15
C2A CLA MB . 76.57 62.30 49.04
C3A CLA MB . 77.04 61.39 47.93
C4A CLA MB . 75.82 60.57 47.58
NB CLA MB . 73.57 58.74 46.73
C1B CLA MB . 74.84 58.70 46.31
C2B CLA MB . 75.02 57.55 45.44
C3B CLA MB . 73.84 56.90 45.41
C4B CLA MB . 72.89 57.68 46.17
NC CLA MB . 70.97 59.19 47.98
C1C CLA MB . 70.66 58.11 47.22
C2C CLA MB . 69.25 57.78 47.42
C3C CLA MB . 68.76 58.69 48.30
C4C CLA MB . 69.86 59.58 48.66
ND CLA MB . 72.09 61.34 49.44
C1D CLA MB . 70.85 61.46 49.95
C2D CLA MB . 70.81 62.48 50.93
C3D CLA MB . 72.11 62.99 50.97
C4D CLA MB . 72.86 62.25 50.06
MG CLA NB . 86.07 53.89 16.34
CHA CLA NB . 86.85 54.52 13.01
CHB CLA NB . 83.02 52.72 15.40
CHC CLA NB . 85.50 52.67 19.53
CHD CLA NB . 89.35 54.61 17.20
NA CLA NB . 85.08 53.61 14.41
C1A CLA NB . 85.57 54.01 13.20
C2A CLA NB . 84.51 53.82 12.13
C3A CLA NB . 83.30 53.34 12.92
C4A CLA NB . 83.80 53.20 14.33
NB CLA NB . 84.52 52.85 17.29
C1B CLA NB . 83.34 52.54 16.70
C2B CLA NB . 82.44 51.97 17.70
C3B CLA NB . 83.13 51.94 18.88
C4B CLA NB . 84.45 52.52 18.61
NC CLA NB . 87.24 53.65 18.08
C1C CLA NB . 86.80 53.19 19.27
C2C CLA NB . 87.90 53.23 20.22
C3C CLA NB . 88.98 53.76 19.56
C4C CLA NB . 88.55 54.06 18.21
ND CLA NB . 87.78 54.41 15.37
C1D CLA NB . 88.98 54.78 15.85
C2D CLA NB . 89.78 55.34 14.83
C3D CLA NB . 89.00 55.27 13.68
C4D CLA NB . 87.78 54.67 14.05
MG CLA OB . 93.09 53.83 9.36
CHA CLA OB . 92.35 53.52 5.95
CHB CLA OB . 90.13 52.36 10.14
CHC CLA OB . 93.97 53.64 12.72
CHD CLA OB . 96.26 54.90 8.56
NA CLA OB . 91.43 53.01 8.17
C1A CLA OB . 91.32 53.06 6.79
C2A CLA OB . 89.93 52.57 6.38
C3A CLA OB . 89.26 52.25 7.71
C4A CLA OB . 90.31 52.56 8.75
NB CLA OB . 92.19 53.10 11.14
C1B CLA OB . 90.96 52.56 11.18
C2B CLA OB . 90.67 52.16 12.56
C3B CLA OB . 91.76 52.49 13.32
C4B CLA OB . 92.72 53.14 12.40
NC CLA OB . 94.85 54.18 10.46
C1C CLA OB . 94.95 54.14 11.82
C2C CLA OB . 96.25 54.70 12.18
C3C CLA OB . 96.90 55.04 11.02
C4C CLA OB . 96.00 54.71 9.93
ND CLA OB . 94.16 54.12 7.66
C1D CLA OB . 95.39 54.61 7.47
C2D CLA OB . 95.69 54.78 6.09
C3D CLA OB . 94.52 54.36 5.43
C4D CLA OB . 93.60 53.97 6.42
MG CLA PB . 74.76 55.32 23.09
CHA CLA PB . 77.98 56.10 21.94
CHB CLA PB . 75.82 52.18 23.97
CHC CLA PB . 71.49 54.11 23.17
CHD CLA PB . 73.58 58.14 21.39
NA CLA PB . 76.70 54.26 22.99
C1A CLA PB . 77.90 54.84 22.57
C2A CLA PB . 79.06 53.89 22.90
C3A CLA PB . 78.34 52.68 23.53
C4A CLA PB . 76.87 53.05 23.52
NB CLA PB . 73.83 53.43 23.49
C1B CLA PB . 74.47 52.34 23.92
C2B CLA PB . 73.47 51.32 24.28
C3B CLA PB . 72.22 51.87 24.02
C4B CLA PB . 72.47 53.22 23.53
NC CLA PB . 72.86 56.00 22.37
C1C CLA PB . 71.67 55.40 22.63
C2C CLA PB . 70.58 56.30 22.27
C3C CLA PB . 71.15 57.46 21.80
C4C CLA PB . 72.61 57.24 21.83
ND CLA PB . 75.54 56.80 21.91
C1D CLA PB . 74.96 57.93 21.39
C2D CLA PB . 75.93 58.78 20.80
C3D CLA PB . 77.14 58.12 20.98
C4D CLA PB . 76.86 56.91 21.67
MG CLA QB . 80.13 52.80 32.76
CHA CLA QB . 80.39 54.46 29.69
CHB CLA QB . 78.59 50.18 31.15
CHC CLA QB . 80.60 50.66 35.48
CHD CLA QB . 82.39 55.08 34.12
NA CLA QB . 79.57 52.38 30.68
C1A CLA QB . 79.69 53.24 29.62
C2A CLA QB . 79.09 52.63 28.38
C3A CLA QB . 78.51 51.31 28.87
C4A CLA QB . 78.87 51.27 30.33
NB CLA QB . 79.69 50.77 33.22
C1B CLA QB . 78.96 49.94 32.41
C2B CLA QB . 78.65 48.71 33.14
C3B CLA QB . 79.24 48.79 34.37
C4B CLA QB . 79.89 50.13 34.42
NC CLA QB . 81.34 52.84 34.50
C1C CLA QB . 81.29 51.93 35.51
C2C CLA QB . 82.05 52.43 36.65
C3C CLA QB . 82.53 53.66 36.29
C4C CLA QB . 82.08 53.91 34.91
ND CLA QB . 81.20 54.41 32.10
C1D CLA QB . 81.98 55.30 32.77
C2D CLA QB . 82.32 56.41 31.94
C3D CLA QB . 81.71 56.15 30.71
C4D CLA QB . 81.04 54.92 30.84
MG CLA RB . 78.44 42.76 31.71
CHA CLA RB . 78.55 44.91 28.94
CHB CLA RB . 76.82 40.43 29.78
CHC CLA RB . 79.00 40.28 34.10
CHD CLA RB . 80.86 44.77 33.26
NA CLA RB . 77.79 42.67 29.57
C1A CLA RB . 77.82 43.74 28.70
C2A CLA RB . 76.95 43.42 27.47
C3A CLA RB . 76.41 42.02 27.79
C4A CLA RB . 77.03 41.66 29.12
NB CLA RB . 78.00 40.68 31.88
C1B CLA RB . 77.29 39.99 30.98
C2B CLA RB . 77.12 38.62 31.48
C3B CLA RB . 77.73 38.56 32.69
C4B CLA RB . 78.28 39.89 32.96
NC CLA RB . 79.78 42.54 33.42
C1C CLA RB . 79.68 41.52 34.28
C2C CLA RB . 80.45 41.90 35.47
C3C CLA RB . 80.96 43.15 35.25
C4C CLA RB . 80.54 43.56 33.91
ND CLA RB . 79.55 44.45 31.21
C1D CLA RB . 80.41 45.17 31.98
C2D CLA RB . 80.75 46.37 31.29
C3D CLA RB . 80.03 46.33 30.10
C4D CLA RB . 79.32 45.13 30.08
MG CLA SB . 25.94 32.39 28.37
CHA CLA SB . 25.25 34.07 31.32
CHB CLA SB . 22.62 32.15 27.72
CHC CLA SB . 26.57 31.40 25.07
CHD CLA SB . 29.30 33.17 28.78
NA CLA SB . 24.14 33.07 29.39
C1A CLA SB . 24.10 33.65 30.63
C2A CLA SB . 22.64 33.77 31.09
C3A CLA SB . 21.88 33.11 29.96
C4A CLA SB . 22.92 32.74 28.96
NB CLA SB . 24.77 31.89 26.68
C1B CLA SB . 23.41 31.81 26.71
C2B CLA SB . 22.93 31.31 25.41
C3B CLA SB . 24.04 31.09 24.63
C4B CLA SB . 25.22 31.45 25.45
NC CLA SB . 27.66 32.32 27.14
C1C CLA SB . 27.69 31.80 25.88
C2C CLA SB . 29.08 31.77 25.45
C3C CLA SB . 29.85 32.24 26.49
C4C CLA SB . 28.94 32.61 27.56
ND CLA SB . 27.07 33.43 29.70
C1D CLA SB . 28.42 33.57 29.80
C2D CLA SB . 28.77 34.20 31.02
C3D CLA SB . 27.57 34.42 31.69
C4D CLA SB . 26.55 33.94 30.83
MG CLA TB . 31.72 27.49 24.44
CHA CLA TB . 29.71 27.24 21.57
CHB CLA TB . 34.49 27.66 22.45
CHC CLA TB . 33.61 28.86 27.01
CHD CLA TB . 28.86 28.03 26.33
NA CLA TB . 32.04 27.48 22.26
C1A CLA TB . 31.07 27.24 21.30
C2A CLA TB . 31.73 26.99 19.93
C3A CLA TB . 33.22 27.10 20.25
C4A CLA TB . 33.28 27.42 21.73
NB CLA TB . 33.71 28.19 24.67
C1B CLA TB . 34.67 28.01 23.73
C2B CLA TB . 35.97 28.33 24.34
C3B CLA TB . 35.73 28.67 25.64
C4B CLA TB . 34.29 28.59 25.83
NC CLA TB . 31.30 28.33 26.34
C1C CLA TB . 32.22 28.75 27.23
C2C CLA TB . 31.54 29.11 28.48
C3C CLA TB . 30.21 28.86 28.30
C4C CLA TB . 30.06 28.36 26.93
ND CLA TB . 29.72 27.64 24.08
C1D CLA TB . 28.69 27.73 24.96
C2D CLA TB . 27.45 27.54 24.31
C3D CLA TB . 27.78 27.34 22.96
C4D CLA TB . 29.18 27.43 22.86
MG CLA UB . 42.48 38.94 23.68
CHA CLA UB . 44.66 36.36 22.77
CHB CLA UB . 43.93 40.97 21.35
CHC CLA UB . 39.84 41.16 23.92
CHD CLA UB . 40.70 36.62 25.52
NA CLA UB . 44.09 38.67 22.22
C1A CLA UB . 44.90 37.57 22.12
C2A CLA UB . 46.06 37.89 21.19
C3A CLA UB . 45.85 39.34 20.80
C4A CLA UB . 44.55 39.71 21.48
NB CLA UB . 41.97 40.74 22.75
C1B CLA UB . 42.78 41.41 21.87
C2B CLA UB . 42.17 42.69 21.55
C3B CLA UB . 40.99 42.78 22.26
C4B CLA UB . 40.88 41.53 23.05
NC CLA UB . 40.57 38.88 24.57
C1C CLA UB . 39.71 39.92 24.62
C2C CLA UB . 38.61 39.55 25.50
C3C CLA UB . 38.84 38.29 25.95
C4C CLA UB . 40.10 37.86 25.35
ND CLA UB . 42.57 36.93 24.06
C1D CLA UB . 41.86 36.16 24.89
C2D CLA UB . 42.40 34.87 25.01
C3D CLA UB . 43.52 34.88 24.19
C4D CLA UB . 43.59 36.15 23.62
MG CLA VB . 93.00 36.97 -14.86
CHA CLA VB . 95.86 37.87 -16.67
CHB CLA VB . 93.07 33.88 -16.32
CHC CLA VB . 89.81 36.23 -13.67
CHD CLA VB . 92.54 40.28 -13.98
NA CLA VB . 94.31 35.99 -16.35
C1A CLA VB . 95.49 36.54 -16.86
C2A CLA VB . 96.28 35.45 -17.56
C3A CLA VB . 95.36 34.22 -17.44
C4A CLA VB . 94.16 34.70 -16.68
NB CLA VB . 91.64 35.33 -15.03
C1B CLA VB . 91.96 34.16 -15.60
C2B CLA VB . 90.92 33.18 -15.29
C3B CLA VB . 89.98 33.82 -14.51
C4B CLA VB . 90.45 35.22 -14.37
NC CLA VB . 91.43 38.07 -13.98
C1C CLA VB . 90.25 37.57 -13.51
C2C CLA VB . 89.54 38.62 -12.82
C3C CLA VB . 90.28 39.76 -12.89
C4C CLA VB . 91.49 39.41 -13.65
ND CLA VB . 93.93 38.73 -15.24
C1D CLA VB . 93.69 39.98 -14.74
C2D CLA VB . 94.72 40.87 -15.11
C3D CLA VB . 95.62 40.10 -15.89
C4D CLA VB . 95.10 38.80 -15.94
MG CLA WB . 94.04 31.26 26.05
CHA CLA WB . 96.67 31.14 28.39
CHB CLA WB . 93.14 34.30 27.20
CHC CLA WB . 91.86 31.72 23.34
CHD CLA WB . 95.25 28.37 24.58
NA CLA WB . 94.84 32.60 27.62
C1A CLA WB . 95.87 32.30 28.48
C2A CLA WB . 96.00 33.46 29.49
C3A CLA WB . 94.84 34.40 29.09
C4A CLA WB . 94.21 33.74 27.91
NB CLA WB . 92.72 32.79 25.38
C1B CLA WB . 92.51 33.91 26.10
C2B CLA WB . 91.47 34.68 25.44
C3B CLA WB . 91.08 33.99 24.33
C4B CLA WB . 91.89 32.74 24.30
NC CLA WB . 93.63 30.20 24.21
C1C CLA WB . 92.70 30.55 23.32
C2C CLA WB . 92.71 29.52 22.27
C3C CLA WB . 93.69 28.61 22.61
C4C CLA WB . 94.24 29.03 23.88
ND CLA WB . 95.63 29.99 26.35
C1D CLA WB . 95.91 28.83 25.75
C2D CLA WB . 96.96 28.16 26.42
C3D CLA WB . 97.32 29.02 27.48
C4D CLA WB . 96.46 30.15 27.39
C1 PQN XB . 41.83 35.23 33.83
O1 PQN XB . 42.23 36.49 34.29
C2 PQN XB . 40.57 35.07 33.15
C2M PQN XB . 39.79 36.18 32.97
C3 PQN XB . 40.15 33.75 32.69
C4 PQN XB . 41.00 32.63 32.89
O4 PQN XB . 40.56 31.33 32.46
C5 PQN XB . 42.27 32.79 33.54
C6 PQN XB . 43.13 31.64 33.74
C7 PQN XB . 44.39 31.80 34.40
C8 PQN XB . 44.80 33.10 34.87
C9 PQN XB . 43.95 34.23 34.68
C10 PQN XB . 42.68 34.09 34.02
FE1 SF4 YB . 49.54 27.82 40.69
FE2 SF4 YB . 51.87 28.20 41.99
FE3 SF4 YB . 51.38 25.80 40.78
FE4 SF4 YB . 50.04 26.48 43.00
S1 SF4 YB . 52.28 26.14 42.85
S2 SF4 YB . 49.16 25.61 41.10
S3 SF4 YB . 49.81 28.76 42.78
S4 SF4 YB . 51.60 27.85 39.75
MG CLA ZB . 72.64 34.01 -13.06
CHA CLA ZB . 69.31 33.09 -12.53
CHB CLA ZB . 72.47 36.06 -10.35
CHC CLA ZB . 75.66 35.51 -13.89
CHD CLA ZB . 72.54 32.48 -16.16
NA CLA ZB . 71.07 34.52 -11.60
C1A CLA ZB . 69.81 33.95 -11.56
C2A CLA ZB . 69.11 34.39 -10.27
C3A CLA ZB . 70.13 35.33 -9.63
C4A CLA ZB . 71.30 35.31 -10.57
NB CLA ZB . 73.84 35.55 -12.24
C1B CLA ZB . 73.57 36.17 -11.09
C2B CLA ZB . 74.68 37.06 -10.76
C3B CLA ZB . 75.62 36.93 -11.75
C4B CLA ZB . 75.07 35.95 -12.71
NC CLA ZB . 73.88 34.01 -14.75
C1C CLA ZB . 75.09 34.63 -14.85
C2C CLA ZB . 75.70 34.26 -16.13
C3C CLA ZB . 74.84 33.41 -16.76
C4C CLA ZB . 73.68 33.25 -15.89
ND CLA ZB . 71.27 33.01 -14.16
C1D CLA ZB . 71.39 32.37 -15.33
C2D CLA ZB . 70.21 31.65 -15.65
C3D CLA ZB . 69.35 31.88 -14.57
C4D CLA ZB . 70.03 32.73 -13.69
MG CLA AC . 83.19 37.94 -15.61
CHA CLA AC . 80.38 39.08 -13.88
CHB CLA AC . 84.93 40.64 -14.50
CHC CLA AC . 85.78 37.30 -17.84
CHD CLA AC . 81.20 35.64 -17.24
NA CLA AC . 82.71 39.67 -14.33
C1A CLA AC . 81.51 39.87 -13.67
C2A CLA AC . 81.66 41.05 -12.71
C3A CLA AC . 83.09 41.51 -12.94
C4A CLA AC . 83.62 40.56 -13.98
NB CLA AC . 85.04 38.86 -16.08
C1B CLA AC . 85.54 39.90 -15.42
C2B CLA AC . 86.89 40.17 -15.91
C3B CLA AC . 87.18 39.23 -16.86
C4B CLA AC . 85.98 38.37 -16.97
NC CLA AC . 83.44 36.68 -17.27
C1C CLA AC . 84.59 36.54 -17.99
C2C CLA AC . 84.39 35.46 -18.95
C3C CLA AC . 83.12 34.98 -18.80
C4C CLA AC . 82.51 35.77 -17.72
ND CLA AC . 81.23 37.43 -15.61
C1D CLA AC . 80.59 36.43 -16.24
C2D CLA AC . 79.24 36.34 -15.81
C3D CLA AC . 79.10 37.35 -14.87
C4D CLA AC . 80.33 38.01 -14.78
MG CLA BC . 49.99 58.27 36.52
CHA CLA BC . 47.26 57.87 38.70
CHB CLA BC . 50.45 54.89 36.54
CHC CLA BC . 51.87 58.41 33.58
CHD CLA BC . 49.03 61.56 36.00
NA CLA BC . 48.96 56.59 37.50
C1A CLA BC . 47.99 56.71 38.47
C2A CLA BC . 47.89 55.41 39.24
C3A CLA BC . 48.98 54.56 38.60
C4A CLA BC . 49.49 55.37 37.48
NB CLA BC . 50.95 56.87 35.27
C1B CLA BC . 51.03 55.53 35.54
C2B CLA BC . 51.80 54.90 34.48
C3B CLA BC . 52.22 55.88 33.62
C4B CLA BC . 51.69 57.14 34.14
NC CLA BC . 50.36 59.75 35.01
C1C CLA BC . 51.26 59.62 34.00
C2C CLA BC . 51.51 60.95 33.41
C3C CLA BC . 50.72 61.84 34.10
C4C CLA BC . 49.99 61.06 35.11
ND CLA BC . 48.49 59.48 37.15
C1D CLA BC . 48.29 60.81 36.94
C2D CLA BC . 47.22 61.30 37.71
C3D CLA BC . 46.75 60.19 38.44
C4D CLA BC . 47.57 59.09 38.06
MG CLA CC . 59.17 50.62 36.22
CHA CLA CC . 56.96 53.17 36.98
CHB CLA CC . 61.59 52.38 37.83
CHC CLA CC . 61.20 47.76 36.53
CHD CLA CC . 56.54 48.60 35.22
NA CLA CC . 59.26 52.56 37.25
C1A CLA CC . 58.25 53.48 37.28
C2A CLA CC . 58.79 54.82 37.75
C3A CLA CC . 60.26 54.54 37.92
C4A CLA CC . 60.40 53.08 37.65
NB CLA CC . 61.08 50.18 37.05
C1B CLA CC . 61.86 51.08 37.65
C2B CLA CC . 62.98 50.41 38.27
C3B CLA CC . 62.89 49.08 37.97
C4B CLA CC . 61.70 48.94 37.10
NC CLA CC . 58.88 48.49 35.95
C1C CLA CC . 59.90 47.58 35.96
C2C CLA CC . 59.44 46.42 35.20
C3C CLA CC . 58.14 46.65 34.82
C4C CLA CC . 57.78 47.95 35.34
ND CLA CC . 57.17 50.78 36.12
C1D CLA CC . 56.24 49.93 35.64
C2D CLA CC . 54.96 50.50 35.72
C3D CLA CC . 55.17 51.79 36.27
C4D CLA CC . 56.54 51.94 36.46
MG CLA DC . 61.66 43.60 39.70
CHA CLA DC . 64.78 42.08 39.49
CHB CLA DC . 63.08 46.14 41.47
CHC CLA DC . 58.99 45.74 38.95
CHD CLA DC . 60.37 41.20 37.57
NA CLA DC . 63.68 44.07 40.35
C1A CLA DC . 64.77 43.26 40.21
C2A CLA DC . 65.93 43.82 41.03
C3A CLA DC . 65.32 45.02 41.69
C4A CLA DC . 63.94 45.09 41.17
NB CLA DC . 61.14 45.60 40.15
C1B CLA DC . 61.88 46.40 40.94
C2B CLA DC . 61.24 47.70 41.08
C3B CLA DC . 60.11 47.68 40.31
C4B CLA DC . 60.02 46.28 39.76
NC CLA DC . 59.97 43.50 38.39
C1C CLA DC . 58.97 44.43 38.37
C2C CLA DC . 57.80 43.81 37.69
C3C CLA DC . 58.17 42.53 37.32
C4C CLA DC . 59.56 42.34 37.75
ND CLA DC . 62.39 42.01 38.68
C1D CLA DC . 61.73 41.04 37.99
C2D CLA DC . 62.56 39.91 37.77
C3D CLA DC . 63.81 40.27 38.31
C4D CLA DC . 63.65 41.57 38.85
MG CLA EC . 83.94 36.60 41.89
CHA CLA EC . 85.08 33.30 42.00
CHB CLA EC . 82.63 36.30 44.99
CHC CLA EC . 83.10 39.97 41.90
CHD CLA EC . 85.50 37.04 38.84
NA CLA EC . 83.90 34.98 43.34
C1A CLA EC . 84.38 33.69 43.15
C2A CLA EC . 84.08 32.84 44.38
C3A CLA EC . 83.26 33.80 45.26
C4A CLA EC . 83.23 35.11 44.51
NB CLA EC . 83.06 37.93 43.25
C1B CLA EC . 82.53 37.54 44.44
C2B CLA EC . 81.82 38.68 45.04
C3B CLA EC . 81.94 39.74 44.14
C4B CLA EC . 82.75 39.23 43.02
NC CLA EC . 84.28 38.25 40.60
C1C CLA EC . 83.81 39.52 40.77
C2C CLA EC . 84.18 40.32 39.61
C3C CLA EC . 84.86 39.50 38.75
C4C CLA EC . 84.90 38.18 39.38
ND CLA EC . 85.08 35.48 40.66
C1D CLA EC . 85.59 35.76 39.45
C2D CLA EC . 86.20 34.62 38.88
C3D CLA EC . 86.03 33.61 39.84
C4D CLA EC . 85.35 34.17 40.92
MG CLA FC . 50.22 43.17 67.71
CHA CLA FC . 51.55 40.56 69.61
CHB CLA FC . 48.26 44.06 70.33
CHC CLA FC . 49.57 46.29 66.30
CHD CLA FC . 52.68 42.61 65.34
NA CLA FC . 49.96 42.41 69.74
C1A CLA FC . 50.54 41.27 70.26
C2A CLA FC . 49.94 40.97 71.63
C3A CLA FC . 48.87 42.04 71.78
C4A CLA FC . 49.00 42.90 70.55
NB CLA FC . 49.12 44.89 68.24
C1B CLA FC . 48.32 44.96 69.33
C2B CLA FC . 47.55 46.19 69.29
C3B CLA FC . 47.90 46.86 68.15
C4B CLA FC . 48.92 46.02 67.48
NC CLA FC . 51.04 44.28 66.11
C1C CLA FC . 50.56 45.48 65.66
C2C CLA FC . 51.23 45.79 64.40
C3C CLA FC . 52.08 44.75 64.12
C4C CLA FC . 51.96 43.80 65.23
ND CLA FC . 51.79 41.92 67.48
C1D CLA FC . 52.62 41.72 66.43
C2D CLA FC . 53.44 40.58 66.61
C3D CLA FC . 53.06 40.08 67.86
C4D CLA FC . 52.05 40.91 68.36
MG CLA GC . 38.38 43.34 67.74
CHA CLA GC . 35.65 45.42 66.95
CHB CLA GC . 40.44 46.08 67.60
CHC CLA GC . 41.21 41.34 67.45
CHD CLA GC . 36.41 40.61 66.88
NA CLA GC . 38.09 45.49 67.30
C1A CLA GC . 36.85 46.10 67.14
C2A CLA GC . 37.01 47.57 67.29
C3A CLA GC . 38.52 47.75 67.42
C4A CLA GC . 39.07 46.37 67.43
NB CLA GC . 40.48 43.68 67.52
C1B CLA GC . 41.06 44.88 67.64
C2B CLA GC . 42.50 44.68 67.81
C3B CLA GC . 42.74 43.31 67.76
C4B CLA GC . 41.43 42.70 67.57
NC CLA GC . 38.75 41.33 67.25
C1C CLA GC . 39.95 40.71 67.26
C2C CLA GC . 39.77 39.28 67.02
C3C CLA GC . 38.43 39.06 66.86
C4C CLA GC . 37.78 40.37 67.02
ND CLA GC . 36.48 43.02 67.03
C1D CLA GC . 35.79 41.87 66.88
C2D CLA GC . 34.40 42.11 66.67
C3D CLA GC . 34.29 43.52 66.69
C4D CLA GC . 35.57 44.02 66.90
MG CLA HC . 42.38 50.88 64.08
CHA CLA HC . 44.84 48.43 63.71
CHB CLA HC . 40.11 48.72 62.68
CHC CLA HC . 40.05 53.43 63.65
CHD CLA HC . 44.87 53.27 64.53
NA CLA HC . 42.46 48.83 63.30
C1A CLA HC . 43.57 48.00 63.38
C2A CLA HC . 43.17 46.57 63.04
C3A CLA HC . 41.70 46.71 62.66
C4A CLA HC . 41.39 48.17 62.89
NB CLA HC . 40.41 51.04 63.24
C1B CLA HC . 39.68 49.99 62.85
C2B CLA HC . 38.28 50.43 62.65
C3B CLA HC . 38.25 51.78 62.94
C4B CLA HC . 39.62 52.17 63.31
NC CLA HC . 42.45 53.00 64.06
C1C CLA HC . 41.37 53.82 63.98
C2C CLA HC . 41.77 55.17 64.27
C3C CLA HC . 43.13 55.15 64.53
C4C CLA HC . 43.56 53.77 64.37
ND CLA HC . 44.42 50.91 64.07
C1D CLA HC . 45.28 51.92 64.37
C2D CLA HC . 46.60 51.42 64.52
C3D CLA HC . 46.50 50.05 64.27
C4D CLA HC . 45.15 49.78 63.99
MG CLA IC . 54.53 64.74 69.85
CHA CLA IC . 57.72 65.77 68.93
CHB CLA IC . 54.56 62.42 67.39
CHC CLA IC . 51.70 63.23 71.11
CHD CLA IC . 54.70 66.76 72.64
NA CLA IC . 56.00 64.17 68.35
C1A CLA IC . 57.17 64.80 68.11
C2A CLA IC . 57.79 64.30 66.82
C3A CLA IC . 56.75 63.29 66.31
C4A CLA IC . 55.69 63.28 67.40
NB CLA IC . 53.36 63.07 69.34
C1B CLA IC . 53.57 62.30 68.26
C2B CLA IC . 52.56 61.24 68.24
C3B CLA IC . 51.77 61.41 69.32
C4B CLA IC . 52.24 62.63 70.00
NC CLA IC . 53.39 64.94 71.62
C1C CLA IC . 52.21 64.31 71.84
C2C CLA IC . 51.54 64.96 72.94
C3C CLA IC . 52.38 65.96 73.39
C4C CLA IC . 53.57 65.93 72.54
ND CLA IC . 55.92 65.96 70.69
C1D CLA IC . 55.84 66.76 71.77
C2D CLA IC . 57.01 67.54 71.92
C3D CLA IC . 57.81 67.19 70.81
C4D CLA IC . 57.10 66.23 70.09
MG CLA JC . 51.63 65.80 59.20
CHA CLA JC . 48.24 66.18 60.03
CHB CLA JC . 51.98 63.70 61.92
CHC CLA JC . 54.48 64.25 57.87
CHD CLA JC . 50.82 66.91 55.99
NA CLA JC . 50.30 65.07 60.77
C1A CLA JC . 49.00 65.48 60.98
C2A CLA JC . 48.50 64.94 62.31
C3A CLA JC . 49.72 64.26 62.90
C4A CLA JC . 50.76 64.35 61.84
NB CLA JC . 52.95 64.22 59.79
C1B CLA JC . 52.91 63.60 60.99
C2B CLA JC . 54.06 62.67 61.09
C3B CLA JC . 54.78 62.81 59.95
C4B CLA JC . 54.09 63.82 59.12
NC CLA JC . 52.49 65.62 57.26
C1C CLA JC . 53.71 65.09 57.00
C2C CLA JC . 54.12 65.43 55.66
C3C CLA JC . 53.10 66.19 55.12
C4C CLA JC . 52.06 66.29 56.15
ND CLA JC . 49.95 66.41 58.20
C1D CLA JC . 49.79 66.93 56.96
C2D CLA JC . 48.45 67.35 56.73
C3D CLA JC . 47.80 67.12 57.93
C4D CLA JC . 48.73 66.54 58.81
MG CLA KC . 61.23 65.10 54.67
CHA CLA KC . 59.11 65.51 57.46
CHB CLA KC . 62.77 62.55 56.27
CHC CLA KC . 62.45 63.85 51.63
CHD CLA KC . 59.13 67.20 52.86
NA CLA KC . 60.95 64.12 56.64
C1A CLA KC . 60.14 64.59 57.66
C2A CLA KC . 60.60 64.00 58.99
C3A CLA KC . 61.81 63.15 58.59
C4A CLA KC . 61.86 63.25 57.09
NB CLA KC . 62.36 63.46 54.06
C1B CLA KC . 62.95 62.61 54.93
C2B CLA KC . 63.77 61.70 54.18
C3B CLA KC . 63.71 62.05 52.84
C4B CLA KC . 62.80 63.17 52.78
NC CLA KC . 60.83 65.44 52.59
C1C CLA KC . 61.54 64.92 51.55
C2C CLA KC . 61.23 65.68 50.35
C3C CLA KC . 60.33 66.62 50.70
C4C CLA KC . 60.06 66.46 52.11
ND CLA KC . 59.50 66.13 55.01
C1D CLA KC . 58.83 67.00 54.23
C2D CLA KC . 57.75 67.60 54.92
C3D CLA KC . 57.80 67.06 56.21
C4D CLA KC . 58.88 66.16 56.22
MG CLA LC . 70.27 62.75 56.38
CHA CLA LC . 73.69 63.31 56.43
CHB CLA LC . 69.91 64.91 59.06
CHC CLA LC . 67.29 61.29 57.33
CHD CLA LC . 70.79 60.04 54.22
NA CLA LC . 71.65 64.00 57.59
C1A CLA LC . 73.00 64.12 57.34
C2A CLA LC . 73.57 65.21 58.26
C3A CLA LC . 72.34 65.77 58.99
C4A CLA LC . 71.21 64.87 58.53
NB CLA LC . 68.86 63.04 57.96
C1B CLA LC . 68.87 64.09 58.82
C2B CLA LC . 67.58 64.14 59.51
C3B CLA LC . 66.82 63.10 59.02
C4B CLA LC . 67.66 62.40 58.05
NC CLA LC . 69.23 60.96 55.87
C1C CLA LC . 68.01 60.62 56.34
C2C CLA LC . 67.51 59.45 55.63
C3C CLA LC . 68.47 59.09 54.74
C4C CLA LC . 69.57 60.06 54.90
ND CLA LC . 71.83 61.86 55.47
C1D CLA LC . 71.87 60.87 54.53
C2D CLA LC . 73.19 60.65 54.07
C3D CLA LC . 73.96 61.60 54.78
C4D CLA LC . 73.08 62.32 55.61
MG CLA MC . 35.29 47.72 84.01
CHA CLA MC . 34.22 45.80 86.74
CHB CLA MC . 32.93 46.21 82.08
CHC CLA MC . 35.58 50.16 81.53
CHD CLA MC . 37.12 49.72 86.18
NA CLA MC . 33.74 46.21 84.39
C1A CLA MC . 33.56 45.51 85.56
C2A CLA MC . 32.52 44.40 85.34
C3A CLA MC . 32.20 44.53 83.86
C4A CLA MC . 33.00 45.70 83.38
NB CLA MC . 34.40 48.12 82.14
C1B CLA MC . 33.51 47.27 81.54
C2B CLA MC . 33.25 47.73 80.18
C3B CLA MC . 33.98 48.87 79.99
C4B CLA MC . 34.71 49.11 81.25
NC CLA MC . 36.17 49.63 83.88
C1C CLA MC . 36.24 50.40 82.76
C2C CLA MC . 37.10 51.54 83.04
C3C CLA MC . 37.53 51.43 84.35
C4C CLA MC . 36.95 50.21 84.87
ND CLA MC . 35.61 47.81 86.02
C1D CLA MC . 36.47 48.58 86.73
C2D CLA MC . 36.59 48.09 88.07
C3D CLA MC . 35.74 46.99 88.13
C4D CLA MC . 35.14 46.85 86.87
MG CLA NC . 24.10 48.91 83.60
CHA CLA NC . 25.34 45.66 83.99
CHB CLA NC . 20.98 47.86 84.53
CHC CLA NC . 22.93 52.18 83.59
CHD CLA NC . 27.29 50.03 82.89
NA CLA NC . 23.28 46.98 84.22
C1A CLA NC . 23.96 45.78 84.27
C2A CLA NC . 23.02 44.67 84.72
C3A CLA NC . 21.67 45.38 84.85
C4A CLA NC . 21.96 46.82 84.49
NB CLA NC . 22.26 49.86 84.00
C1B CLA NC . 21.11 49.19 84.33
C2B CLA NC . 20.03 50.16 84.48
C3B CLA NC . 20.56 51.41 84.24
C4B CLA NC . 21.99 51.20 83.92
NC CLA NC . 24.99 50.82 83.32
C1C CLA NC . 24.32 52.00 83.32
C2C CLA NC . 25.26 53.06 83.01
C3C CLA NC . 26.49 52.47 82.81
C4C CLA NC . 26.30 51.03 82.99
ND CLA NC . 25.95 48.09 83.48
C1D CLA NC . 27.13 48.63 83.12
C2D CLA NC . 28.14 47.63 83.01
C3D CLA NC . 27.51 46.43 83.35
C4D CLA NC . 26.16 46.75 83.63
MG CLA OC . 29.91 48.11 76.05
CHA CLA OC . 32.82 47.73 74.14
CHB CLA OC . 30.35 51.51 75.94
CHC CLA OC . 27.73 48.61 78.74
CHD CLA OC . 30.10 44.74 76.88
NA CLA OC . 31.42 49.48 75.15
C1A CLA OC . 32.43 49.07 74.30
C2A CLA OC . 32.99 50.30 73.56
C3A CLA OC . 32.19 51.45 74.16
C4A CLA OC . 31.27 50.80 75.15
NB CLA OC . 29.22 49.79 77.18
C1B CLA OC . 29.47 51.06 76.83
C2B CLA OC . 28.61 51.95 77.61
C3B CLA OC . 27.83 51.13 78.44
C4B CLA OC . 28.24 49.75 78.15
NC CLA OC . 29.08 46.86 77.58
C1C CLA OC . 28.13 47.27 78.48
C2C CLA OC . 27.52 46.07 79.07
C3C CLA OC . 28.17 44.98 78.56
C4C CLA OC . 29.19 45.50 77.64
ND CLA OC . 31.19 46.56 75.68
C1D CLA OC . 31.06 45.23 75.97
C2D CLA OC . 32.03 44.46 75.28
C3D CLA OC . 32.77 45.39 74.53
C4D CLA OC . 32.22 46.66 74.80
MG CLA PC . 31.38 69.58 76.59
CHA CLA PC . 34.18 71.68 76.85
CHB CLA PC . 33.12 67.61 74.43
CHC CLA PC . 29.06 67.00 76.92
CHD CLA PC . 29.98 71.19 79.31
NA CLA PC . 33.42 69.63 75.76
C1A CLA PC . 34.33 70.66 75.93
C2A CLA PC . 35.55 70.42 75.01
C3A CLA PC . 35.13 69.17 74.23
C4A CLA PC . 33.81 68.77 74.82
NB CLA PC . 31.15 67.63 75.82
C1B CLA PC . 31.97 67.09 74.88
C2B CLA PC . 31.43 65.82 74.46
C3B CLA PC . 30.27 65.61 75.16
C4B CLA PC . 30.10 66.78 76.03
NC CLA PC . 29.80 69.16 77.93
C1C CLA PC . 28.94 68.10 77.81
C2C CLA PC . 27.87 68.28 78.80
C3C CLA PC . 28.11 69.45 79.48
C4C CLA PC . 29.34 70.01 78.91
ND CLA PC . 31.92 71.09 77.85
C1D CLA PC . 31.22 71.70 78.83
C2D CLA PC . 31.91 72.86 79.31
C3D CLA PC . 33.08 72.91 78.56
C4D CLA PC . 33.06 71.80 77.67
MG CLA QC . 21.26 71.59 80.56
CHA CLA QC . 20.57 74.05 82.96
CHB CLA QC . 23.18 69.93 82.84
CHC CLA QC . 21.24 68.69 78.61
CHD CLA QC . 18.69 72.90 78.61
NA CLA QC . 21.78 71.93 82.67
C1A CLA QC . 21.48 73.07 83.40
C2A CLA QC . 22.27 73.05 84.71
C3A CLA QC . 23.09 71.76 84.60
C4A CLA QC . 22.69 71.15 83.30
NB CLA QC . 22.06 69.64 80.72
C1B CLA QC . 22.89 69.24 81.72
C2B CLA QC . 23.40 67.91 81.43
C3B CLA QC . 22.85 67.52 80.25
C4B CLA QC . 22.01 68.64 79.78
NC CLA QC . 20.12 70.90 78.91
C1C CLA QC . 20.33 69.75 78.22
C2C CLA QC . 19.49 69.76 77.03
C3C CLA QC . 18.78 70.93 77.03
C4C CLA QC . 19.19 71.66 78.21
ND CLA QC . 19.88 73.09 80.72
C1D CLA QC . 19.01 73.58 79.79
C2D CLA QC . 18.50 74.83 80.18
C3D CLA QC . 19.07 75.07 81.43
C4D CLA QC . 19.90 73.97 81.73
MG CLA RC . 11.18 68.30 69.31
CHA CLA RC . 9.49 70.88 67.62
CHB CLA RC . 11.51 70.37 72.02
CHC CLA RC . 12.07 65.64 71.35
CHD CLA RC . 10.19 66.08 66.85
NA CLA RC . 10.55 70.37 69.77
C1A CLA RC . 9.95 71.25 68.88
C2A CLA RC . 9.86 72.64 69.52
C3A CLA RC . 10.52 72.46 70.89
C4A CLA RC . 10.91 70.99 70.91
NB CLA RC . 11.69 68.05 71.34
C1B CLA RC . 11.83 69.09 72.22
C2B CLA RC . 12.36 68.57 73.48
C3B CLA RC . 12.50 67.22 73.34
C4B CLA RC . 12.09 66.90 71.95
NC CLA RC . 11.11 66.19 69.14
C1C CLA RC . 11.60 65.32 70.05
C2C CLA RC . 11.53 63.98 69.48
C3C CLA RC . 11.00 64.10 68.22
C4C CLA RC . 10.75 65.52 68.00
ND CLA RC . 10.06 68.39 67.62
C1D CLA RC . 9.85 67.45 66.67
C2D CLA RC . 9.25 68.02 65.51
C3D CLA RC . 9.08 69.39 65.82
C4D CLA RC . 9.57 69.57 67.12
MG CLA SC . 18.25 64.77 61.95
CHA CLA SC . 20.50 65.37 59.35
CHB CLA SC . 17.78 68.13 62.28
CHC CLA SC . 15.43 64.32 63.96
CHD CLA SC . 18.13 61.44 61.02
NA CLA SC . 19.03 66.53 60.92
C1A CLA SC . 20.01 66.53 59.94
C2A CLA SC . 20.37 67.98 59.60
C3A CLA SC . 19.54 68.78 60.59
C4A CLA SC . 18.73 67.78 61.33
NB CLA SC . 16.84 66.02 62.93
C1B CLA SC . 16.93 67.37 62.96
C2B CLA SC . 15.92 67.90 63.87
C3B CLA SC . 15.20 66.85 64.35
C4B CLA SC . 15.82 65.63 63.76
NC CLA SC . 16.97 63.14 62.39
C1C CLA SC . 15.96 63.16 63.30
C2C CLA SC . 15.50 61.80 63.50
C3C CLA SC . 16.22 60.98 62.65
C4C CLA SC . 17.18 61.85 61.96
ND CLA SC . 19.07 63.62 60.50
C1D CLA SC . 19.03 62.28 60.33
C2D CLA SC . 19.97 61.87 59.34
C3D CLA SC . 20.61 63.04 58.94
C4D CLA SC . 20.03 64.09 59.65
MG CLA TC . 26.00 63.37 65.72
CHA CLA TC . 28.33 65.91 65.09
CHB CLA TC . 24.71 63.82 62.62
CHC CLA TC . 24.19 60.42 65.97
CHD CLA TC . 27.69 62.57 68.60
NA CLA TC . 26.48 64.70 64.04
C1A CLA TC . 27.40 65.73 64.06
C2A CLA TC . 27.25 66.59 62.83
C3A CLA TC . 26.05 65.95 62.13
C4A CLA TC . 25.70 64.75 62.96
NB CLA TC . 24.70 62.28 64.47
C1B CLA TC . 24.29 62.72 63.26
C2B CLA TC . 23.35 61.75 62.71
C3B CLA TC . 23.15 60.76 63.69
C4B CLA TC . 24.04 61.13 64.79
NC CLA TC . 25.98 61.73 67.06
C1C CLA TC . 25.08 60.73 67.02
C2C CLA TC . 25.16 60.00 68.29
C3C CLA TC . 26.13 60.60 69.03
C4C CLA TC . 26.66 61.70 68.23
ND CLA TC . 27.67 64.01 66.67
C1D CLA TC . 28.18 63.66 67.85
C2D CLA TC . 29.28 64.50 68.20
C3D CLA TC . 29.39 65.40 67.15
C4D CLA TC . 28.39 65.07 66.23
MG CLA UC . 16.44 48.31 66.60
CHA CLA UC . 15.23 45.14 65.77
CHB CLA UC . 19.57 47.34 65.67
CHC CLA UC . 17.55 51.61 66.59
CHD CLA UC . 13.17 49.42 66.94
NA CLA UC . 17.29 46.46 65.79
C1A CLA UC . 16.63 45.27 65.61
C2A CLA UC . 17.61 44.18 65.16
C3A CLA UC . 18.96 44.91 65.19
C4A CLA UC . 18.62 46.31 65.59
NB CLA UC . 18.24 49.30 66.17
C1B CLA UC . 19.41 48.64 65.90
C2B CLA UC . 20.50 49.61 65.85
C3B CLA UC . 19.96 50.84 66.08
C4B CLA UC . 18.50 50.63 66.30
NC CLA UC . 15.50 50.22 66.70
C1C CLA UC . 16.15 51.41 66.78
C2C CLA UC . 15.18 52.45 67.12
C3C CLA UC . 13.95 51.85 67.21
C4C CLA UC . 14.16 50.42 66.95
ND CLA UC . 14.58 47.52 66.38
C1D CLA UC . 13.37 48.06 66.66
C2D CLA UC . 12.36 47.06 66.62
C3D CLA UC . 13.02 45.87 66.27
C4D CLA UC . 14.38 46.20 66.12
MG CLA VC . 16.14 52.16 81.97
CHA CLA VC . 16.03 48.67 82.23
CHB CLA VC . 13.21 52.41 83.69
CHC CLA VC . 16.35 55.64 81.93
CHD CLA VC . 19.20 51.95 80.39
NA CLA VC . 14.79 50.69 82.88
C1A CLA VC . 14.92 49.32 82.82
C2A CLA VC . 13.72 48.67 83.52
C3A CLA VC . 12.85 49.87 83.93
C4A CLA VC . 13.63 51.07 83.48
NB CLA VC . 14.97 53.76 82.71
C1B CLA VC . 13.79 53.59 83.37
C2B CLA VC . 13.23 54.90 83.67
C3B CLA VC . 14.11 55.85 83.18
C4B CLA VC . 15.22 55.10 82.56
NC CLA VC . 17.57 53.57 81.29
C1C CLA VC . 17.43 54.92 81.33
C2C CLA VC . 18.58 55.52 80.68
C3C CLA VC . 19.39 54.49 80.25
C4C CLA VC . 18.73 53.25 80.63
ND CLA VC . 17.41 50.69 81.42
C1D CLA VC . 18.58 50.73 80.76
C2D CLA VC . 19.08 49.43 80.53
C3D CLA VC . 18.12 48.56 81.09
C4D CLA VC . 17.11 49.37 81.61
MG CLA WC . 7.65 44.95 72.40
CHA CLA WC . 6.53 43.00 75.06
CHB CLA WC . 5.49 43.35 70.30
CHC CLA WC . 8.50 47.09 69.78
CHD CLA WC . 9.68 46.73 74.55
NA CLA WC . 6.14 43.37 72.67
C1A CLA WC . 5.89 42.69 73.84
C2A CLA WC . 4.83 41.60 73.58
C3A CLA WC . 4.57 41.73 72.08
C4A CLA WC . 5.45 42.86 71.63
NB CLA WC . 7.09 45.17 70.38
C1B CLA WC . 6.19 44.36 69.75
C2B CLA WC . 6.07 44.77 68.36
C3B CLA WC . 6.89 45.85 68.17
C4B CLA WC . 7.57 46.10 69.47
NC CLA WC . 8.88 46.65 72.21
C1C CLA WC . 9.11 47.34 71.05
C2C CLA WC . 10.07 48.41 71.35
C3C CLA WC . 10.39 48.31 72.68
C4C CLA WC . 9.66 47.18 73.23
ND CLA WC . 8.05 44.95 74.37
C1D CLA WC . 8.92 45.67 75.11
C2D CLA WC . 8.94 45.23 76.45
C3D CLA WC . 8.02 44.18 76.51
C4D CLA WC . 7.49 44.04 75.22
MG CLA XC . 7.49 39.73 63.51
CHA CLA XC . 7.26 38.57 66.80
CHB CLA XC . 5.81 36.96 62.42
CHC CLA XC . 7.13 41.10 60.32
CHD CLA XC . 8.64 42.77 64.70
NA CLA XC . 6.60 37.97 64.52
C1A CLA XC . 6.72 37.69 65.85
C2A CLA XC . 6.12 36.32 66.12
C3A CLA XC . 5.71 35.83 64.72
C4A CLA XC . 6.06 36.97 63.81
NB CLA XC . 6.57 39.12 61.66
C1B CLA XC . 6.02 37.91 61.49
C2B CLA XC . 5.62 37.78 60.08
C3B CLA XC . 5.97 38.97 59.45
C4B CLA XC . 6.61 39.81 60.49
NC CLA XC . 7.82 41.65 62.63
C1C CLA XC . 7.66 41.94 61.33
C2C CLA XC . 8.16 43.30 61.12
C3C CLA XC . 8.56 43.80 62.34
C4C CLA XC . 8.36 42.72 63.32
ND CLA XC . 7.86 40.58 65.36
C1D CLA XC . 8.41 41.76 65.65
C2D CLA XC . 8.69 41.82 67.05
C3D CLA XC . 8.26 40.59 67.56
C4D CLA XC . 7.74 39.85 66.47
MG CLA YC . 16.20 37.79 58.01
CHA CLA YC . 15.81 39.60 60.97
CHB CLA YC . 13.14 38.91 56.94
CHC CLA YC . 16.77 36.56 54.80
CHD CLA YC . 19.51 37.20 58.84
NA CLA YC . 14.66 39.14 58.85
C1A CLA YC . 14.69 39.69 60.12
C2A CLA YC . 13.37 40.43 60.38
C3A CLA YC . 12.57 40.20 59.09
C4A CLA YC . 13.48 39.35 58.24
NB CLA YC . 15.13 37.75 56.18
C1B CLA YC . 13.87 38.24 56.02
C2B CLA YC . 13.41 37.95 54.67
C3B CLA YC . 14.42 37.31 54.02
C4B CLA YC . 15.52 37.16 55.00
NC CLA YC . 17.88 37.05 56.97
C1C CLA YC . 17.86 36.50 55.73
C2C CLA YC . 19.16 35.87 55.48
C3C CLA YC . 19.93 36.04 56.60
C4C CLA YC . 19.11 36.80 57.56
ND CLA YC . 17.45 38.31 59.52
C1D CLA YC . 18.73 37.92 59.78
C2D CLA YC . 19.13 38.33 61.08
C3D CLA YC . 18.02 39.00 61.62
C4D CLA YC . 17.01 38.97 60.63
MG CLA ZC . 23.79 43.22 65.85
CHA CLA ZC . 25.83 45.51 67.55
CHB CLA ZC . 23.60 45.41 63.26
CHC CLA ZC . 21.20 41.38 64.37
CHD CLA ZC . 23.45 41.37 68.77
NA CLA ZC . 24.64 45.24 65.43
C1A CLA ZC . 25.52 45.92 66.24
C2A CLA ZC . 26.08 47.13 65.47
C3A CLA ZC . 25.37 47.02 64.12
C4A CLA ZC . 24.47 45.84 64.26
NB CLA ZC . 22.58 43.42 64.11
C1B CLA ZC . 22.76 44.38 63.19
C2B CLA ZC . 21.86 44.15 62.07
C3B CLA ZC . 21.18 42.98 62.34
C4B CLA ZC . 21.63 42.52 63.66
NC CLA ZC . 22.52 41.63 66.48
C1C CLA ZC . 21.62 40.98 65.68
C2C CLA ZC . 21.19 39.76 66.40
C3C CLA ZC . 21.80 39.76 67.63
C4C CLA ZC . 22.64 40.97 67.69
ND CLA ZC . 24.43 43.37 67.78
C1D CLA ZC . 24.30 42.52 68.82
C2D CLA ZC . 25.08 42.94 69.92
C3D CLA ZC . 25.73 44.11 69.48
C4D CLA ZC . 25.29 44.35 68.17
MG CLA AD . 27.37 49.01 49.89
CHA CLA AD . 26.28 52.26 50.72
CHB CLA AD . 24.25 47.81 50.51
CHC CLA AD . 28.16 45.98 48.38
CHD CLA AD . 30.38 50.32 48.84
NA CLA AD . 25.49 49.93 50.51
C1A CLA AD . 25.29 51.26 50.86
C2A CLA AD . 23.86 51.45 51.32
C3A CLA AD . 23.31 50.03 51.31
C4A CLA AD . 24.41 49.19 50.77
NB CLA AD . 26.36 47.21 49.49
C1B CLA AD . 25.10 46.94 49.92
C2B CLA AD . 24.76 45.56 49.57
C3B CLA AD . 25.89 45.01 48.96
C4B CLA AD . 26.89 46.08 48.92
NC CLA AD . 29.00 48.28 48.77
C1C CLA AD . 29.14 47.00 48.31
C2C CLA AD . 30.44 46.86 47.69
C3C CLA AD . 31.09 48.08 47.83
C4C CLA AD . 30.16 48.97 48.52
ND CLA AD . 28.19 50.86 49.75
C1D CLA AD . 29.45 51.23 49.42
C2D CLA AD . 29.66 52.60 49.67
C3D CLA AD . 28.44 53.07 50.20
C4D CLA AD . 27.57 51.98 50.22
MG CLA BD . 21.20 60.36 51.84
CHA CLA BD . 21.38 56.97 51.06
CHB CLA BD . 18.89 59.67 54.28
CHC CLA BD . 20.46 63.74 52.18
CHD CLA BD . 22.95 61.07 48.91
NA CLA BD . 20.23 58.52 52.58
C1A CLA BD . 20.53 57.23 52.13
C2A CLA BD . 19.82 56.20 53.03
C3A CLA BD . 19.05 57.09 54.02
C4A CLA BD . 19.39 58.51 53.63
NB CLA BD . 19.83 61.50 53.01
C1B CLA BD . 19.09 60.98 54.02
C2B CLA BD . 18.58 62.08 54.83
C3B CLA BD . 19.02 63.27 54.25
C4B CLA BD . 19.81 62.87 53.06
NC CLA BD . 21.61 62.10 50.70
C1C CLA BD . 21.28 63.37 51.07
C2C CLA BD . 21.94 64.30 50.16
C3C CLA BD . 22.64 63.57 49.24
C4C CLA BD . 22.42 62.17 49.58
ND CLA BD . 21.98 59.32 50.29
C1D CLA BD . 22.74 59.72 49.23
C2D CLA BD . 23.23 58.64 48.51
C3D CLA BD . 22.74 57.51 49.19
C4D CLA BD . 21.97 57.97 50.27
MG CLA CD . 42.87 59.38 55.24
CHA CLA CD . 44.02 61.41 57.84
CHB CLA CD . 42.64 62.15 53.25
CHC CLA CD . 42.91 57.38 52.35
CHD CLA CD . 43.99 56.62 57.05
NA CLA CD . 43.29 61.53 55.51
C1A CLA CD . 43.56 62.12 56.72
C2A CLA CD . 43.30 63.60 56.63
C3A CLA CD . 42.79 63.79 55.20
C4A CLA CD . 42.91 62.43 54.59
NB CLA CD . 42.81 59.73 53.16
C1B CLA CD . 42.69 60.96 52.61
C2B CLA CD . 42.73 60.84 51.16
C3B CLA CD . 42.85 59.51 50.85
C4B CLA CD . 42.82 58.78 52.15
NC CLA CD . 43.40 57.33 54.79
C1C CLA CD . 43.15 56.71 53.60
C2C CLA CD . 43.16 55.26 53.82
C3C CLA CD . 43.47 55.07 55.15
C4C CLA CD . 43.63 56.38 55.74
ND CLA CD . 43.84 59.03 57.01
C1D CLA CD . 44.14 57.88 57.65
C2D CLA CD . 44.66 58.12 58.94
C3D CLA CD . 44.64 59.51 59.09
C4D CLA CD . 44.12 60.03 57.89
MG CLA DD . 36.09 59.85 60.10
CHA CLA DD . 35.53 63.15 61.12
CHB CLA DD . 39.47 60.42 60.40
CHC CLA DD . 36.79 56.43 60.20
CHD CLA DD . 32.74 59.16 60.69
NA CLA DD . 37.34 61.56 60.72
C1A CLA DD . 36.88 62.83 60.96
C2A CLA DD . 38.06 63.78 61.03
C3A CLA DD . 39.24 62.94 60.72
C4A CLA DD . 38.67 61.56 60.60
NB CLA DD . 37.82 58.65 60.28
C1B CLA DD . 39.09 59.13 60.32
C2B CLA DD . 40.01 58.01 60.34
C3B CLA DD . 39.29 56.87 60.32
C4B CLA DD . 37.88 57.27 60.24
NC CLA DD . 34.95 58.08 60.44
C1C CLA DD . 35.42 56.81 60.30
C2C CLA DD . 34.28 55.89 60.30
C3C CLA DD . 33.16 56.62 60.43
C4C CLA DD . 33.58 58.03 60.52
ND CLA DD . 34.47 60.87 60.80
C1D CLA DD . 33.16 60.50 60.84
C2D CLA DD . 32.32 61.62 61.08
C3D CLA DD . 33.20 62.70 61.18
C4D CLA DD . 34.50 62.20 61.03
MG CLA ED . 40.21 41.15 59.29
CHA CLA ED . 42.21 38.27 59.11
CHB CLA ED . 40.58 41.14 62.68
CHC CLA ED . 38.97 44.38 59.49
CHD CLA ED . 40.57 41.54 55.87
NA CLA ED . 41.31 39.87 60.71
C1A CLA ED . 42.00 38.70 60.41
C2A CLA ED . 42.50 38.04 61.68
C3A CLA ED . 41.94 38.92 62.77
C4A CLA ED . 41.22 40.05 62.04
NB CLA ED . 39.88 42.56 60.83
C1B CLA ED . 39.97 42.24 62.14
C2B CLA ED . 39.29 43.27 62.92
C3B CLA ED . 38.80 44.22 62.00
C4B CLA ED . 39.23 43.74 60.69
NC CLA ED . 39.86 42.72 57.90
C1C CLA ED . 39.32 43.93 58.20
C2C CLA ED . 39.27 44.75 56.98
C3C CLA ED . 39.71 43.95 55.96
C4C CLA ED . 40.06 42.65 56.55
ND CLA ED . 41.16 40.17 57.79
C1D CLA ED . 41.08 40.36 56.46
C2D CLA ED . 41.63 39.25 55.75
C3D CLA ED . 42.09 38.38 56.75
C4D CLA ED . 41.80 38.99 57.98
MG CLA FD . 17.08 33.62 46.70
CHA CLA FD . 14.87 31.70 48.58
CHB CLA FD . 15.94 32.12 43.86
CHC CLA FD . 18.84 35.84 44.71
CHD CLA FD . 17.99 35.33 49.53
NA CLA FD . 15.55 32.11 46.28
C1A CLA FD . 14.82 31.43 47.21
C2A CLA FD . 13.97 30.37 46.53
C3A CLA FD . 14.37 30.51 45.07
C4A CLA FD . 15.35 31.62 45.04
NB CLA FD . 17.32 33.93 44.63
C1B CLA FD . 16.78 33.13 43.67
C2B CLA FD . 17.22 33.59 42.38
C3B CLA FD . 18.00 34.68 42.58
C4B CLA FD . 18.11 34.88 44.03
NC CLA FD . 18.21 35.34 47.06
C1C CLA FD . 18.88 36.06 46.12
C2C CLA FD . 19.67 37.09 46.80
C3C CLA FD . 19.41 36.97 48.14
C4C CLA FD . 18.51 35.83 48.31
ND CLA FD . 16.55 33.59 48.65
C1D CLA FD . 17.06 34.27 49.70
C2D CLA FD . 16.54 33.77 50.92
C3D CLA FD . 15.65 32.75 50.55
C4D CLA FD . 15.69 32.68 49.14
MG CLA GD . 16.77 34.76 36.34
CHA CLA GD . 15.68 31.81 37.83
CHB CLA GD . 17.77 32.96 33.63
CHC CLA GD . 17.22 37.66 34.46
CHD CLA GD . 15.24 36.58 38.83
NA CLA GD . 16.71 32.64 35.80
C1A CLA GD . 16.31 31.61 36.62
C2A CLA GD . 16.65 30.28 35.97
C3A CLA GD . 17.35 30.68 34.67
C4A CLA GD . 17.30 32.18 34.68
NB CLA GD . 17.38 35.20 34.38
C1B CLA GD . 17.78 34.27 33.47
C2B CLA GD . 18.17 34.93 32.24
C3B CLA GD . 18.03 36.27 32.43
C4B CLA GD . 17.53 36.45 33.83
NC CLA GD . 16.28 36.79 36.60
C1C CLA GD . 16.65 37.80 35.77
C2C CLA GD . 16.33 39.06 36.43
C3C CLA GD . 15.80 38.77 37.66
C4C CLA GD . 15.76 37.31 37.76
ND CLA GD . 15.66 34.35 37.97
C1D CLA GD . 15.18 35.16 38.94
C2D CLA GD . 14.57 34.43 39.99
C3D CLA GD . 14.75 33.08 39.62
C4D CLA GD . 15.42 33.08 38.38
MG CLA HD . 27.84 52.96 18.22
CHA CLA HD . 26.50 54.47 15.39
CHB CLA HD . 24.70 52.21 19.31
CHC CLA HD . 29.10 50.79 20.63
CHD CLA HD . 31.01 53.31 16.87
NA CLA HD . 25.85 53.27 17.40
C1A CLA HD . 25.54 53.95 16.24
C2A CLA HD . 24.05 54.02 16.05
C3A CLA HD . 23.50 53.35 17.31
C4A CLA HD . 24.73 52.93 18.08
NB CLA HD . 27.04 51.69 19.71
C1B CLA HD . 25.71 51.66 20.02
C2B CLA HD . 25.54 50.92 21.28
C3B CLA HD . 26.78 50.44 21.63
C4B CLA HD . 27.73 50.97 20.65
NC CLA HD . 29.74 52.15 18.66
C1C CLA HD . 30.03 51.33 19.69
C2C CLA HD . 31.46 51.05 19.67
C3C CLA HD . 32.00 51.75 18.63
C4C CLA HD . 30.91 52.47 18.00
ND CLA HD . 28.64 53.69 16.50
C1D CLA HD . 29.94 53.89 16.16
C2D CLA HD . 30.02 54.71 14.99
C3D CLA HD . 28.70 54.96 14.64
C4D CLA HD . 27.88 54.31 15.57
MG CLA ID . 13.37 61.64 48.99
CHA CLA ID . 12.48 63.82 51.59
CHB CLA ID . 16.39 61.10 50.47
CHC CLA ID . 14.05 58.96 46.86
CHD CLA ID . 10.17 61.90 47.72
NA CLA ID . 14.30 62.34 50.85
C1A CLA ID . 13.77 63.31 51.68
C2A CLA ID . 14.86 63.75 52.67
C3A CLA ID . 16.07 62.97 52.21
C4A CLA ID . 15.57 62.06 51.12
NB CLA ID . 14.95 60.26 48.73
C1B CLA ID . 16.12 60.29 49.46
C2B CLA ID . 17.01 59.23 48.94
C3B CLA ID . 16.37 58.60 47.93
C4B CLA ID . 15.06 59.27 47.77
NC CLA ID . 12.27 60.58 47.55
C1C CLA ID . 12.75 59.58 46.76
C2C CLA ID . 11.72 59.21 45.80
C3C CLA ID . 10.64 60.04 46.02
C4C CLA ID . 10.99 60.92 47.13
ND CLA ID . 11.65 62.61 49.52
C1D CLA ID . 10.47 62.71 48.86
C2D CLA ID . 9.62 63.67 49.49
C3D CLA ID . 10.35 64.14 50.59
C4D CLA ID . 11.59 63.47 50.58
MG CLA JD . 6.19 63.14 52.90
CHA CLA JD . 5.14 64.52 55.95
CHB CLA JD . 9.15 62.32 54.34
CHC CLA JD . 7.00 61.04 50.23
CHD CLA JD . 2.99 63.50 51.66
NA CLA JD . 7.04 63.37 54.92
C1A CLA JD . 6.47 64.07 55.97
C2A CLA JD . 7.51 64.25 57.10
C3A CLA JD . 8.75 63.58 56.54
C4A CLA JD . 8.32 63.06 55.18
NB CLA JD . 7.80 61.88 52.39
C1B CLA JD . 8.92 61.77 53.15
C2B CLA JD . 9.86 60.88 52.48
C3B CLA JD . 9.29 60.46 51.31
C4B CLA JD . 7.96 61.14 51.24
NC CLA JD . 5.14 62.36 51.23
C1C CLA JD . 5.68 61.64 50.22
C2C CLA JD . 4.72 61.56 49.12
C3C CLA JD . 3.59 62.25 49.52
C4C CLA JD . 3.87 62.76 50.87
ND CLA JD . 4.41 63.81 53.60
C1D CLA JD . 3.24 63.98 52.97
C2D CLA JD . 2.31 64.66 53.80
C3D CLA JD . 2.99 64.90 55.00
C4D CLA JD . 4.28 64.36 54.84
MG CLA KD . 25.12 59.38 43.34
CHA CLA KD . 21.77 60.37 43.49
CHB CLA KD . 24.20 56.23 44.28
CHC CLA KD . 28.43 58.51 44.01
CHD CLA KD . 26.05 62.70 43.10
NA CLA KD . 23.20 58.41 43.81
C1A CLA KD . 21.95 59.01 43.71
C2A CLA KD . 20.85 57.95 43.87
C3A CLA KD . 21.65 56.67 44.14
C4A CLA KD . 23.10 57.10 44.07
NB CLA KD . 26.13 57.65 44.06
C1B CLA KD . 25.53 56.47 44.30
C2B CLA KD . 26.54 55.48 44.66
C3B CLA KD . 27.75 56.09 44.59
C4B CLA KD . 27.49 57.51 44.20
NC CLA KD . 26.94 60.44 43.51
C1C CLA KD . 28.17 59.89 43.70
C2C CLA KD . 29.17 60.93 43.52
C3C CLA KD . 28.50 62.12 43.30
C4C CLA KD . 27.08 61.79 43.29
ND CLA KD . 24.18 61.18 43.31
C1D CLA KD . 24.67 62.43 43.14
C2D CLA KD . 23.63 63.37 43.03
C3D CLA KD . 22.44 62.62 43.17
C4D CLA KD . 22.82 61.29 43.33
MG CLA LD . 20.10 52.61 35.28
CHA CLA LD . 19.71 55.53 37.13
CHB CLA LD . 21.60 51.12 37.96
CHC CLA LD . 19.93 49.48 33.76
CHD CLA LD . 18.09 53.97 32.80
NA CLA LD . 20.59 53.26 37.30
C1A CLA LD . 20.41 54.52 37.80
C2A CLA LD . 20.98 54.59 39.19
C3A CLA LD . 21.62 53.23 39.39
C4A CLA LD . 21.28 52.48 38.15
NB CLA LD . 20.66 50.63 35.80
C1B CLA LD . 21.32 50.31 36.95
C2B CLA LD . 21.63 48.89 36.94
C3B CLA LD . 21.13 48.37 35.78
C4B CLA LD . 20.54 49.51 35.03
NC CLA LD . 19.11 51.84 33.56
C1C CLA LD . 19.27 50.58 33.08
C2C CLA LD . 18.68 50.52 31.74
C3C CLA LD . 18.17 51.78 31.46
C4C CLA LD . 18.43 52.62 32.63
ND CLA LD . 19.08 54.35 34.99
C1D CLA LD . 18.37 54.80 33.91
C2D CLA LD . 17.96 56.15 34.10
C3D CLA LD . 18.47 56.50 35.36
C4D CLA LD . 19.13 55.38 35.86
MG CLA MD . 21.98 45.40 42.09
CHA CLA MD . 21.70 48.78 42.89
CHB CLA MD . 23.56 44.88 45.07
CHC CLA MD . 21.49 41.95 41.89
CHD CLA MD . 19.54 45.85 39.67
NA CLA MD . 22.54 46.67 43.80
C1A CLA MD . 22.47 48.05 43.80
C2A CLA MD . 23.32 48.62 44.93
C3A CLA MD . 23.94 47.35 45.55
C4A CLA MD . 23.31 46.22 44.78
NB CLA MD . 22.41 43.71 43.30
C1B CLA MD . 23.13 43.77 44.45
C2B CLA MD . 23.34 42.42 44.94
C3B CLA MD . 22.78 41.57 44.05
C4B CLA MD . 22.19 42.40 42.99
NC CLA MD . 20.68 44.11 40.98
C1C CLA MD . 20.78 42.76 40.94
C2C CLA MD . 20.06 42.26 39.78
C3C CLA MD . 19.51 43.35 39.16
C4C CLA MD . 19.90 44.52 39.95
ND CLA MD . 20.78 46.93 41.45
C1D CLA MD . 19.93 46.99 40.39
C2D CLA MD . 19.54 48.32 40.14
C3D CLA MD . 20.21 49.07 41.09
C4D CLA MD . 20.95 48.19 41.87
MG CLA ND . 74.54 39.37 51.40
CHA CLA ND . 75.59 39.67 48.10
CHB CLA ND . 77.81 39.60 52.40
CHC CLA ND . 73.59 40.10 54.63
CHD CLA ND . 71.31 39.90 50.34
NA CLA ND . 76.44 39.66 50.37
C1A CLA ND . 76.60 39.63 49.00
C2A CLA ND . 78.07 39.55 48.67
C3A CLA ND . 78.73 39.43 50.02
C4A CLA ND . 77.61 39.57 51.01
NB CLA ND . 75.53 39.82 53.20
C1B CLA ND . 76.89 39.74 53.37
C2B CLA ND . 77.19 39.88 54.77
C3B CLA ND . 76.01 40.06 55.43
C4B CLA ND . 74.94 39.99 54.41
NC CLA ND . 72.74 39.95 52.33
C1C CLA ND . 72.56 40.09 53.67
C2C CLA ND . 71.13 40.23 53.95
C3C CLA ND . 70.49 40.17 52.75
C4C CLA ND . 71.52 39.98 51.71
ND CLA ND . 73.60 39.75 49.63
C1D CLA ND . 72.29 39.82 49.34
C2D CLA ND . 72.06 39.83 47.94
C3D CLA ND . 73.35 39.77 47.37
C4D CLA ND . 74.24 39.73 48.45
MG CLA OD . 68.91 37.11 55.96
CHA CLA OD . 70.93 37.97 58.66
CHB CLA OD . 66.24 38.57 57.59
CHC CLA OD . 67.08 37.12 53.08
CHD CLA OD . 71.82 36.57 54.07
NA CLA OD . 68.64 38.18 57.88
C1A CLA OD . 69.61 38.31 58.86
C2A CLA OD . 69.02 38.91 60.14
C3A CLA OD . 67.53 39.08 59.78
C4A CLA OD . 67.42 38.57 58.34
NB CLA OD . 66.99 37.77 55.42
C1B CLA OD . 66.05 38.22 56.30
C2B CLA OD . 64.76 38.25 55.61
C3B CLA OD . 65.00 37.83 54.33
C4B CLA OD . 66.41 37.55 54.23
NC CLA OD . 69.37 36.92 53.90
C1C CLA OD . 68.45 36.86 52.92
C2C CLA OD . 69.10 36.57 51.67
C3C CLA OD . 70.44 36.42 51.91
C4C CLA OD . 70.62 36.61 53.36
ND CLA OD . 70.93 37.25 56.23
C1D CLA OD . 71.97 36.87 55.44
C2D CLA OD . 73.19 36.85 56.17
C3D CLA OD . 72.84 37.25 57.45
C4D CLA OD . 71.46 37.51 57.44
MG CLA PD . 58.50 47.36 50.72
CHA CLA PD . 55.82 46.18 52.58
CHB CLA PD . 57.65 50.58 51.49
CHC CLA PD . 61.52 48.53 49.53
CHD CLA PD . 59.80 44.12 50.73
NA CLA PD . 56.94 48.26 51.94
C1A CLA PD . 55.90 47.56 52.49
C2A CLA PD . 54.86 48.54 53.01
C3A CLA PD . 55.42 49.91 52.63
C4A CLA PD . 56.76 49.60 51.97
NB CLA PD . 59.43 49.24 50.57
C1B CLA PD . 58.84 50.42 50.88
C2B CLA PD . 59.74 51.51 50.51
C3B CLA PD . 60.84 50.92 49.93
C4B CLA PD . 60.63 49.49 49.96
NC CLA PD . 60.37 46.48 50.24
C1C CLA PD . 61.41 47.13 49.68
C2C CLA PD . 62.41 46.17 49.30
C3C CLA PD . 61.97 44.93 49.65
C4C CLA PD . 60.64 45.12 50.23
ND CLA PD . 58.01 45.53 51.52
C1D CLA PD . 58.56 44.31 51.34
C2D CLA PD . 57.69 43.29 51.80
C3D CLA PD . 56.57 43.95 52.30
C4D CLA PD . 56.82 45.32 52.13
MG CLA QD . 54.09 49.96 59.76
CHA CLA QD . 51.19 51.77 60.47
CHB CLA QD . 55.95 52.58 60.86
CHC CLA QD . 56.99 48.57 58.44
CHD CLA QD . 52.19 47.65 58.04
NA CLA QD . 53.62 51.95 60.57
C1A CLA QD . 52.35 52.42 60.85
C2A CLA QD . 52.47 53.74 61.62
C3A CLA QD . 53.97 53.97 61.70
C4A CLA QD . 54.57 52.77 61.01
NB CLA QD . 56.13 50.52 59.67
C1B CLA QD . 56.63 51.61 60.26
C2B CLA QD . 58.09 51.59 60.11
C3B CLA QD . 58.43 50.46 59.43
C4B CLA QD . 57.15 49.75 59.14
NC CLA QD . 54.51 48.38 58.45
C1C CLA QD . 55.76 47.94 58.10
C2C CLA QD . 55.61 46.74 57.29
C3C CLA QD . 54.28 46.47 57.18
C4C CLA QD . 53.58 47.52 57.91
ND CLA QD . 52.14 49.71 59.31
C1D CLA QD . 51.49 48.69 58.69
C2D CLA QD . 50.09 48.86 58.76
C3D CLA QD . 49.91 50.05 59.46
C4D CLA QD . 51.17 50.55 59.77
MG CLA RD . 32.15 53.64 70.26
CHA CLA RD . 35.58 54.35 70.33
CHB CLA RD . 32.67 51.60 67.60
CHC CLA RD . 28.74 53.44 69.65
CHD CLA RD . 31.62 56.24 72.47
NA CLA RD . 33.92 53.04 69.09
C1A CLA RD . 35.23 53.40 69.37
C2A CLA RD . 36.16 52.59 68.49
C3A CLA RD . 35.22 51.75 67.64
C4A CLA RD . 33.85 52.14 68.13
NB CLA RD . 30.93 52.67 68.83
C1B CLA RD . 31.39 51.85 67.90
C2B CLA RD . 30.26 51.24 67.20
C3B CLA RD . 29.12 51.74 67.76
C4B CLA RD . 29.55 52.67 68.83
NC CLA RD . 30.46 54.67 70.94
C1C CLA RD . 29.17 54.39 70.62
C2C CLA RD . 28.29 55.24 71.41
C3C CLA RD . 29.08 56.02 72.21
C4C CLA RD . 30.47 55.67 71.90
ND CLA RD . 33.29 55.02 71.21
C1D CLA RD . 32.96 55.94 72.15
C2D CLA RD . 34.11 56.57 72.67
C3D CLA RD . 35.18 55.98 72.00
C4D CLA RD . 34.64 55.05 71.11
MG CLA SD . 24.14 37.97 53.21
CHA CLA SD . 20.67 38.31 53.15
CHB CLA SD . 24.33 40.76 55.15
CHC CLA SD . 27.58 38.15 52.77
CHD CLA SD . 23.93 35.60 50.72
NA CLA SD . 22.68 39.38 54.06
C1A CLA SD . 21.29 39.25 53.96
C2A CLA SD . 20.63 40.28 54.86
C3A CLA SD . 21.81 41.04 55.45
C4A CLA SD . 23.02 40.37 54.87
NB CLA SD . 25.69 39.28 53.86
C1B CLA SD . 25.50 40.29 54.70
C2B CLA SD . 26.79 40.86 55.04
C3B CLA SD . 27.76 40.14 54.39
C4B CLA SD . 27.03 39.10 53.61
NC CLA SD . 25.52 37.04 51.95
C1C CLA SD . 26.87 37.21 51.97
C2C CLA SD . 27.47 36.27 51.02
C3C CLA SD . 26.47 35.55 50.46
C4C CLA SD . 25.22 36.04 51.03
ND CLA SD . 22.66 37.12 52.13
C1D CLA SD . 22.71 36.12 51.23
C2D CLA SD . 21.41 35.71 50.84
C3D CLA SD . 20.55 36.53 51.58
C4D CLA SD . 21.35 37.39 52.34
C1 PQN TD . 58.81 38.39 44.32
O1 PQN TD . 58.19 39.26 43.40
C2 PQN TD . 60.11 38.72 44.84
C2M PQN TD . 60.74 39.86 44.41
C3 PQN TD . 60.75 37.82 45.81
C4 PQN TD . 60.06 36.62 46.22
O4 PQN TD . 60.66 35.76 47.17
C5 PQN TD . 58.78 36.29 45.68
C6 PQN TD . 58.11 35.08 46.08
C7 PQN TD . 56.84 34.75 45.53
C8 PQN TD . 56.22 35.63 44.57
C9 PQN TD . 56.87 36.84 44.16
C10 PQN TD . 58.15 37.18 44.71
MG CLA UD . 4.04 35.04 53.60
CHA CLA UD . 1.85 36.37 55.98
CHB CLA UD . 6.00 37.80 53.92
CHC CLA UD . 5.88 34.17 50.78
CHD CLA UD . 1.69 32.64 52.83
NA CLA UD . 3.94 36.88 54.81
C1A CLA UD . 2.98 37.16 55.77
C2A CLA UD . 3.40 38.40 56.54
C3A CLA UD . 4.69 38.82 55.86
C4A CLA UD . 4.90 37.79 54.79
NB CLA UD . 5.67 35.88 52.53
C1B CLA UD . 6.32 36.97 52.92
C2B CLA UD . 7.46 37.18 52.04
C3B CLA UD . 7.47 36.15 51.12
C4B CLA UD . 6.30 35.31 51.45
NC CLA UD . 3.81 33.64 52.06
C1C CLA UD . 4.70 33.41 51.06
C2C CLA UD . 4.23 32.26 50.27
C3C CLA UD . 3.08 31.82 50.84
C4C CLA UD . 2.80 32.71 51.97
ND CLA UD . 2.17 34.56 54.22
C1D CLA UD . 1.39 33.52 53.89
C2D CLA UD . 0.23 33.48 54.71
C3D CLA UD . 0.35 34.58 55.56
C4D CLA UD . 1.55 35.22 55.22
FE1 SF4 VD . 54.85 15.30 46.94
FE2 SF4 VD . 55.31 12.69 47.79
FE3 SF4 VD . 52.83 13.62 47.60
FE4 SF4 VD . 54.55 14.61 49.53
S1 SF4 VD . 53.75 12.45 49.33
S2 SF4 VD . 53.13 15.85 48.25
S3 SF4 VD . 56.49 14.61 48.43
S4 SF4 VD . 54.21 13.31 45.89
FE1 SF4 WD . 45.09 7.17 44.40
FE2 SF4 WD . 47.47 6.17 45.20
FE3 SF4 WD . 46.10 4.93 43.18
FE4 SF4 WD . 45.21 4.79 45.74
S1 SF4 WD . 47.15 3.92 44.96
S2 SF4 WD . 43.95 5.25 43.89
S3 SF4 WD . 45.79 6.85 46.57
S4 SF4 WD . 47.00 7.07 43.14
MG CLA XD . 22.77 44.62 24.56
CHA CLA XD . 23.21 41.49 26.09
CHB CLA XD . 25.37 43.94 22.53
CHC CLA XD . 21.88 47.23 22.42
CHD CLA XD . 19.72 44.89 26.17
NA CLA XD . 24.12 42.91 24.33
C1A CLA XD . 24.17 41.80 25.15
C2A CLA XD . 25.37 40.96 24.81
C3A CLA XD . 26.06 41.77 23.70
C4A CLA XD . 25.16 42.96 23.50
NB CLA XD . 23.51 45.43 22.77
C1B CLA XD . 24.64 45.00 22.17
C2B CLA XD . 24.93 45.84 21.02
C3B CLA XD . 23.95 46.77 20.94
C4B CLA XD . 23.04 46.54 22.08
NC CLA XD . 21.06 45.84 24.31
C1C CLA XD . 20.96 46.90 23.46
C2C CLA XD . 19.76 47.66 23.80
C3C CLA XD . 19.15 47.02 24.86
C4C CLA XD . 19.99 45.85 25.17
ND CLA XD . 21.64 43.47 25.82
C1D CLA XD . 20.50 43.74 26.46
C2D CLA XD . 20.19 42.74 27.42
C3D CLA XD . 21.24 41.82 27.34
C4D CLA XD . 22.11 42.30 26.34
MG CLA YD . 23.43 37.71 13.91
CHA CLA YD . 20.57 36.07 12.75
CHB CLA YD . 21.98 40.72 13.26
CHC CLA YD . 26.00 39.39 15.60
CHD CLA YD . 24.68 34.69 15.09
NA CLA YD . 21.48 38.32 13.11
C1A CLA YD . 20.50 37.46 12.61
C2A CLA YD . 19.42 38.30 11.92
C3A CLA YD . 19.91 39.74 12.09
C4A CLA YD . 21.19 39.61 12.86
NB CLA YD . 23.89 39.72 14.37
C1B CLA YD . 23.14 40.79 13.93
C2B CLA YD . 23.80 42.03 14.35
C3B CLA YD . 24.95 41.68 15.01
C4B CLA YD . 25.01 40.20 15.01
NC CLA YD . 25.06 37.13 15.16
C1C CLA YD . 26.02 37.96 15.67
C2C CLA YD . 27.03 37.15 16.34
C3C CLA YD . 26.67 35.84 16.22
C4C CLA YD . 25.42 35.82 15.44
ND CLA YD . 22.81 35.79 13.97
C1D CLA YD . 23.44 34.66 14.40
C2D CLA YD . 22.68 33.51 14.10
C3D CLA YD . 21.53 33.98 13.45
C4D CLA YD . 21.65 35.39 13.39
MG CLA ZD . 7.00 55.11 33.16
CHA CLA ZD . 5.72 58.02 31.72
CHB CLA ZD . 8.17 56.96 35.76
CHC CLA ZD . 8.91 52.44 34.31
CHD CLA ZD . 6.41 53.43 30.20
NA CLA ZD . 6.95 57.25 33.68
C1A CLA ZD . 6.29 58.24 32.96
C2A CLA ZD . 6.29 59.53 33.78
C3A CLA ZD . 7.08 59.16 35.01
C4A CLA ZD . 7.43 57.70 34.82
NB CLA ZD . 8.34 54.79 34.76
C1B CLA ZD . 8.59 55.70 35.72
C2B CLA ZD . 9.42 55.08 36.74
C3B CLA ZD . 9.65 53.79 36.37
C4B CLA ZD . 8.94 53.60 35.08
NC CLA ZD . 7.57 53.26 32.38
C1C CLA ZD . 8.29 52.30 33.03
C2C CLA ZD . 8.35 51.11 32.20
C3C CLA ZD . 7.65 51.36 31.05
C4C CLA ZD . 7.16 52.74 31.16
ND CLA ZD . 6.25 55.56 31.33
C1D CLA ZD . 5.97 54.77 30.27
C2D CLA ZD . 5.28 55.49 29.27
C3D CLA ZD . 5.14 56.78 29.77
C4D CLA ZD . 5.75 56.79 31.04
MG CLA AE . -1.15 47.38 22.49
CHA CLA AE . -3.89 48.03 24.56
CHB CLA AE . 0.79 49.30 24.51
CHC CLA AE . 1.43 47.39 20.15
CHD CLA AE . -3.29 46.04 20.13
NA CLA AE . -1.50 48.54 24.32
C1A CLA AE . -2.70 48.58 25.02
C2A CLA AE . -2.47 49.29 26.35
C3A CLA AE . -1.00 49.69 26.30
C4A CLA AE . -0.52 49.15 24.97
NB CLA AE . 0.78 48.24 22.37
C1B CLA AE . 1.36 48.92 23.37
C2B CLA AE . 2.73 49.22 23.00
C3B CLA AE . 2.96 48.69 21.76
C4B CLA AE . 1.69 48.05 21.35
NC CLA AE . -0.96 46.81 20.47
C1C CLA AE . 0.18 46.85 19.74
C2C CLA AE . -0.09 46.24 18.44
C3C CLA AE . -1.40 45.86 18.42
C4C CLA AE . -1.96 46.23 19.72
ND CLA AE . -3.15 47.09 22.31
C1D CLA AE . -3.85 46.46 21.36
C2D CLA AE . -5.21 46.32 21.74
C3D CLA AE . -5.29 46.92 23.00
C4D CLA AE . -4.01 47.38 23.32
MG CLA BE . 11.64 39.22 33.49
CHA CLA BE . 8.77 37.64 34.69
CHB CLA BE . 10.37 42.20 34.51
CHC CLA BE . 14.07 40.96 31.71
CHD CLA BE . 12.54 36.31 31.87
NA CLA BE . 9.79 39.85 34.48
C1A CLA BE . 8.80 39.00 34.95
C2A CLA BE . 7.80 39.80 35.79
C3A CLA BE . 8.33 41.22 35.69
C4A CLA BE . 9.57 41.11 34.85
NB CLA BE . 12.11 41.26 33.16
C1B CLA BE . 11.47 42.28 33.76
C2B CLA BE . 12.16 43.52 33.43
C3B CLA BE . 13.23 43.21 32.64
C4B CLA BE . 13.19 41.74 32.46
NC CLA BE . 13.06 38.71 32.03
C1C CLA BE . 13.99 39.56 31.50
C2C CLA BE . 14.87 38.79 30.63
C3C CLA BE . 14.46 37.48 30.66
C4C CLA BE . 13.30 37.44 31.56
ND CLA BE . 10.87 37.36 33.28
C1D CLA BE . 11.38 36.27 32.68
C2D CLA BE . 10.58 35.13 32.94
C3D CLA BE . 9.53 35.60 33.73
C4D CLA BE . 9.74 36.97 33.92
MG CLA CE . 5.42 43.44 13.50
CHA CLA CE . 2.12 44.03 14.48
CHB CLA CE . 5.88 46.80 13.18
CHC CLA CE . 8.43 42.96 11.84
CHD CLA CE . 4.69 40.09 13.15
NA CLA CE . 4.14 45.21 13.80
C1A CLA CE . 2.85 45.20 14.28
C2A CLA CE . 2.41 46.63 14.58
C3A CLA CE . 3.59 47.46 14.13
C4A CLA CE . 4.62 46.45 13.68
NB CLA CE . 6.89 44.70 12.64
C1B CLA CE . 6.87 46.03 12.72
C2B CLA CE . 8.11 46.56 12.16
C3B CLA CE . 8.87 45.51 11.77
C4B CLA CE . 8.08 44.28 12.08
NC CLA CE . 6.39 41.79 12.63
C1C CLA CE . 7.63 41.81 12.06
C2C CLA CE . 7.99 40.44 11.72
C3C CLA CE . 6.96 39.63 12.08
C4C CLA CE . 5.93 40.50 12.66
ND CLA CE . 3.79 42.27 13.73
C1D CLA CE . 3.66 40.93 13.65
C2D CLA CE . 2.38 40.51 14.09
C3D CLA CE . 1.72 41.69 14.43
C4D CLA CE . 2.61 42.75 14.19
MG CLA DE . 0.50 64.55 60.69
CHA CLA DE . 2.37 66.43 62.98
CHB CLA DE . 3.34 62.99 59.62
CHC CLA DE . -1.36 62.35 58.77
CHD CLA DE . -2.41 65.82 62.05
NA CLA DE . 2.62 64.68 61.26
C1A CLA DE . 3.16 65.58 62.17
C2A CLA DE . 4.69 65.49 62.13
C3A CLA DE . 4.94 64.42 61.07
C4A CLA DE . 3.57 63.99 60.60
NB CLA DE . 0.93 62.92 59.42
C1B CLA DE . 2.19 62.50 59.12
C2B CLA DE . 2.10 61.37 58.19
C3B CLA DE . 0.77 61.15 57.95
C4B CLA DE . 0.02 62.18 58.71
NC CLA DE . -1.56 64.13 60.47
C1C CLA DE . -2.08 63.27 59.57
C2C CLA DE . -3.54 63.41 59.59
C3C CLA DE . -3.85 64.38 60.50
C4C CLA DE . -2.57 64.84 61.07
ND CLA DE . 0.02 65.81 62.20
C1D CLA DE . -1.19 66.28 62.60
C2D CLA DE . -1.04 67.26 63.61
C3D CLA DE . 0.34 67.37 63.81
C4D CLA DE . 0.96 66.47 62.93
MG CLA EE . -0.99 46.37 94.44
CHA CLA EE . 1.69 45.59 96.55
CHB CLA EE . -0.78 49.61 95.44
CHC CLA EE . -4.05 47.12 92.98
CHD CLA EE . -1.60 43.00 94.02
NA CLA EE . 0.31 47.47 95.83
C1A CLA EE . 1.39 46.94 96.52
C2A CLA EE . 2.17 48.08 97.18
C3A CLA EE . 1.36 49.31 96.82
C4A CLA EE . 0.22 48.79 95.98
NB CLA EE . -2.20 48.10 94.27
C1B CLA EE . -1.84 49.31 94.70
C2B CLA EE . -2.84 50.28 94.27
C3B CLA EE . -3.79 49.61 93.56
C4B CLA EE . -3.39 48.19 93.55
NC CLA EE . -2.57 45.24 93.64
C1C CLA EE . -3.68 45.74 93.04
C2C CLA EE . -4.45 44.62 92.50
C3C CLA EE . -3.78 43.48 92.77
C4C CLA EE . -2.58 43.87 93.51
ND CLA EE . -0.19 44.64 95.11
C1D CLA EE . -0.47 43.36 94.80
C2D CLA EE . 0.48 42.47 95.36
C3D CLA EE . 1.36 43.29 96.06
C4D CLA EE . 0.91 44.61 95.90
MG CLA FE . 103.74 50.09 66.26
CHA CLA FE . 101.44 52.66 66.81
CHB CLA FE . 104.23 49.85 69.60
CHC CLA FE . 106.53 48.06 65.79
CHD CLA FE . 103.71 50.84 62.89
NA CLA FE . 102.94 51.13 68.02
C1A CLA FE . 101.94 52.09 67.99
C2A CLA FE . 101.49 52.39 69.42
C3A CLA FE . 102.41 51.51 70.26
C4A CLA FE . 103.25 50.77 69.25
NB CLA FE . 105.15 49.13 67.51
C1B CLA FE . 105.08 49.14 68.85
C2B CLA FE . 106.11 48.26 69.38
C3B CLA FE . 106.78 47.73 68.33
C4B CLA FE . 106.16 48.29 67.10
NC CLA FE . 104.93 49.55 64.61
C1C CLA FE . 105.97 48.68 64.63
C2C CLA FE . 106.43 48.48 63.26
C3C CLA FE . 105.65 49.24 62.44
C4C CLA FE . 104.70 49.94 63.30
ND CLA FE . 102.83 51.44 65.06
C1D CLA FE . 102.83 51.57 63.72
C2D CLA FE . 101.89 52.54 63.30
C3D CLA FE . 101.31 53.00 64.48
C4D CLA FE . 101.90 52.32 65.54
MG CLA GE . 41.62 28.11 14.47
CHA CLA GE . 38.99 28.62 16.72
CHB CLA GE . 42.26 31.45 14.51
CHC CLA GE . 43.75 27.83 11.73
CHD CLA GE . 40.50 24.89 13.94
NA CLA GE . 40.73 29.84 15.49
C1A CLA GE . 39.71 29.78 16.43
C2A CLA GE . 39.54 31.15 17.09
C3A CLA GE . 40.56 32.01 16.36
C4A CLA GE . 41.24 31.07 15.39
NB CLA GE . 42.79 29.46 13.32
C1B CLA GE . 42.93 30.76 13.59
C2B CLA GE . 43.91 31.33 12.70
C3B CLA GE . 44.37 30.33 11.89
C4B CLA GE . 43.64 29.09 12.29
NC CLA GE . 42.05 26.61 13.07
C1C CLA GE . 42.98 26.68 12.08
C2C CLA GE . 43.05 25.39 11.42
C3C CLA GE . 42.17 24.55 12.03
C4C CLA GE . 41.50 25.34 13.07
ND CLA GE . 40.09 26.96 15.13
C1D CLA GE . 39.82 25.67 14.92
C2D CLA GE . 38.75 25.23 15.74
C3D CLA GE . 38.39 26.35 16.48
C4D CLA GE . 39.23 27.39 16.08
MG CLA HE . 26.71 46.23 -2.24
CHA CLA HE . 25.44 48.59 -4.51
CHB CLA HE . 23.55 45.31 -1.37
CHC CLA HE . 27.93 44.12 0.28
CHD CLA HE . 29.91 47.51 -2.71
NA CLA HE . 24.68 46.90 -2.87
C1A CLA HE . 24.43 47.85 -3.84
C2A CLA HE . 22.91 47.94 -4.05
C3A CLA HE . 22.36 46.90 -3.04
C4A CLA HE . 23.59 46.33 -2.36
NB CLA HE . 25.83 44.94 -0.75
C1B CLA HE . 24.54 44.69 -0.70
C2B CLA HE . 24.33 43.58 0.21
C3B CLA HE . 25.56 43.20 0.68
C4B CLA HE . 26.55 44.12 0.07
NC CLA HE . 28.64 45.87 -1.33
C1C CLA HE . 28.89 44.99 -0.36
C2C CLA HE . 30.33 45.05 -0.05
C3C CLA HE . 30.88 46.00 -0.87
C4C CLA HE . 29.79 46.53 -1.71
ND CLA HE . 27.56 47.77 -3.34
C1D CLA HE . 28.85 48.08 -3.48
C2D CLA HE . 28.99 49.04 -4.52
C3D CLA HE . 27.69 49.28 -4.97
C4D CLA HE . 26.83 48.48 -4.21
MG CLA IE . 37.94 29.74 -2.36
CHA CLA IE . 35.05 31.57 -1.67
CHB CLA IE . 39.62 31.57 -0.05
CHC CLA IE . 40.99 28.51 -3.47
CHD CLA IE . 36.38 28.42 -5.15
NA CLA IE . 37.40 31.39 -1.01
C1A CLA IE . 36.12 31.91 -0.85
C2A CLA IE . 36.12 32.86 0.34
C3A CLA IE . 37.57 32.85 0.81
C4A CLA IE . 38.25 31.88 -0.13
NB CLA IE . 39.97 30.03 -1.83
C1B CLA IE . 40.37 30.78 -0.81
C2B CLA IE . 41.81 30.62 -0.65
C3B CLA IE . 42.24 29.75 -1.60
C4B CLA IE . 41.04 29.36 -2.38
NC CLA IE . 38.59 28.65 -4.04
C1C CLA IE . 39.85 28.21 -4.26
C2C CLA IE . 39.84 27.37 -5.46
C3C CLA IE . 38.56 27.33 -5.93
C4C CLA IE . 37.76 28.16 -5.04
ND CLA IE . 36.14 29.92 -3.27
C1D CLA IE . 35.61 29.26 -4.32
C2D CLA IE . 34.24 29.58 -4.49
C3D CLA IE . 33.95 30.49 -3.47
C4D CLA IE . 35.14 30.68 -2.74
MG CLA JE . 97.01 46.54 0.86
CHA CLA JE . 94.84 48.98 2.13
CHB CLA JE . 99.57 48.80 0.96
CHC CLA JE . 99.38 44.03 0.35
CHD CLA JE . 94.60 44.13 1.48
NA CLA JE . 97.19 48.63 1.53
C1A CLA JE . 96.14 49.45 1.91
C2A CLA JE . 96.63 50.89 2.06
C3A CLA JE . 98.10 50.81 1.66
C4A CLA JE . 98.33 49.34 1.35
NB CLA JE . 99.13 46.43 0.74
C1B CLA JE . 99.92 47.54 0.68
C2B CLA JE . 101.25 47.14 0.24
C3B CLA JE . 101.23 45.78 0.05
C4B CLA JE . 99.87 45.33 0.39
NC CLA JE . 97.00 44.42 0.96
C1C CLA JE . 98.05 43.61 0.63
C2C CLA JE . 97.58 42.22 0.62
C3C CLA JE . 96.24 42.23 0.93
C4C CLA JE . 95.88 43.65 1.14
ND CLA JE . 95.14 46.50 1.67
C1D CLA JE . 94.25 45.48 1.74
C2D CLA JE . 92.97 45.96 2.08
C3D CLA JE . 93.13 47.35 2.25
C4D CLA JE . 94.49 47.63 2.01
MG CLA KE . 106.28 29.69 -1.08
CHA CLA KE . 104.61 28.48 1.75
CHB CLA KE . 104.60 32.63 -0.78
CHC CLA KE . 107.33 30.70 -4.23
CHD CLA KE . 107.41 26.49 -1.72
NA CLA KE . 104.78 30.47 0.33
C1A CLA KE . 104.32 29.81 1.46
C2A CLA KE . 103.47 30.78 2.28
C3A CLA KE . 103.48 32.05 1.45
C4A CLA KE . 104.33 31.71 0.26
NB CLA KE . 105.99 31.39 -2.29
C1B CLA KE . 105.30 32.48 -1.90
C2B CLA KE . 105.43 33.51 -2.92
C3B CLA KE . 106.21 33.01 -3.92
C4B CLA KE . 106.57 31.62 -3.52
NC CLA KE . 107.20 28.74 -2.71
C1C CLA KE . 107.59 29.35 -3.85
C2C CLA KE . 108.32 28.38 -4.67
C3C CLA KE . 108.37 27.21 -3.98
C4C CLA KE . 107.65 27.43 -2.73
ND CLA KE . 106.09 27.85 -0.23
C1D CLA KE . 106.67 26.68 -0.53
C2D CLA KE . 106.38 25.70 0.44
C3D CLA KE . 105.58 26.35 1.38
C4D CLA KE . 105.41 27.67 0.93
MG CLA LE . 99.30 18.76 -15.26
CHA CLA LE . 96.77 16.52 -16.12
CHB CLA LE . 99.00 20.23 -18.30
CHC CLA LE . 102.25 20.54 -14.79
CHD CLA LE . 100.04 16.81 -12.50
NA CLA LE . 98.03 18.41 -17.01
C1A CLA LE . 97.00 17.49 -17.09
C2A CLA LE . 96.21 17.73 -18.37
C3A CLA LE . 96.95 18.88 -19.02
C4A CLA LE . 98.06 19.22 -18.07
NB CLA LE . 100.43 20.14 -16.39
C1B CLA LE . 100.04 20.63 -17.57
C2B CLA LE . 100.98 21.67 -17.99
C3B CLA LE . 101.92 21.79 -17.02
C4B CLA LE . 101.57 20.80 -15.96
NC CLA LE . 100.89 18.68 -13.88
C1C CLA LE . 101.95 19.53 -13.84
C2C CLA LE . 102.75 19.22 -12.65
C3C CLA LE . 102.13 18.19 -11.99
C4C CLA LE . 100.95 17.83 -12.79
ND CLA LE . 98.61 17.04 -14.45
C1D CLA LE . 98.93 16.43 -13.29
C2D CLA LE . 98.06 15.34 -13.03
C3D CLA LE . 97.17 15.32 -14.11
C4D CLA LE . 97.55 16.38 -14.97
MG CLA ME . 98.68 44.99 58.71
CHA CLA ME . 98.65 47.99 60.51
CHB CLA ME . 95.22 45.02 58.73
CHC CLA ME . 98.56 42.44 56.32
CHD CLA ME . 102.03 45.57 57.91
NA CLA ME . 97.12 46.36 59.51
C1A CLA ME . 97.36 47.45 60.31
C2A CLA ME . 96.05 48.00 60.87
C3A CLA ME . 94.99 47.05 60.30
C4A CLA ME . 95.79 46.06 59.47
NB CLA ME . 97.15 43.94 57.69
C1B CLA ME . 95.81 44.09 57.94
C2B CLA ME . 95.06 43.08 57.18
C3B CLA ME . 95.98 42.34 56.46
C4B CLA ME . 97.32 42.87 56.82
NC CLA ME . 100.07 44.18 57.31
C1C CLA ME . 99.83 43.07 56.55
C2C CLA ME . 101.13 42.65 55.96
C3C CLA ME . 102.08 43.52 56.39
C4C CLA ME . 101.41 44.50 57.26
ND CLA ME . 100.07 46.45 59.06
C1D CLA ME . 101.40 46.49 58.77
C2D CLA ME . 102.02 47.60 59.43
C3D CLA ME . 100.99 48.21 60.15
C4D CLA ME . 99.81 47.48 59.89
MG CLA NE . 86.40 44.87 54.60
CHA CLA NE . 89.48 43.37 55.14
CHB CLA NE . 87.88 46.94 52.24
CHC CLA NE . 83.33 45.91 53.37
CHD CLA NE . 84.89 42.31 56.38
NA CLA NE . 88.42 45.09 53.77
C1A CLA NE . 89.52 44.40 54.20
C2A CLA NE . 90.77 44.88 53.46
C3A CLA NE . 90.23 46.05 52.62
C4A CLA NE . 88.76 46.07 52.89
NB CLA NE . 85.73 46.18 53.07
C1B CLA NE . 86.55 46.99 52.31
C2B CLA NE . 85.74 47.93 51.55
C3B CLA NE . 84.43 47.66 51.85
C4B CLA NE . 84.43 46.54 52.81
NC CLA NE . 84.43 44.20 54.82
C1C CLA NE . 83.34 44.80 54.28
C2C CLA NE . 82.15 44.06 54.72
C3C CLA NE . 82.57 43.06 55.55
C4C CLA NE . 84.03 43.16 55.65
ND CLA NE . 87.01 43.15 55.52
C1D CLA NE . 86.31 42.31 56.33
C2D CLA NE . 87.19 41.49 57.08
C3D CLA NE . 88.47 41.86 56.65
C4D CLA NE . 88.30 42.86 55.69
MG CLA OE . 89.86 57.12 50.31
CHA CLA OE . 92.65 58.98 51.25
CHB CLA OE . 88.16 60.06 49.76
CHC CLA OE . 87.29 55.43 48.66
CHD CLA OE . 91.85 54.30 50.10
NA CLA OE . 90.36 59.26 50.46
C1A CLA OE . 91.53 59.76 50.97
C2A CLA OE . 91.44 61.26 51.13
C3A CLA OE . 90.01 61.56 50.71
C4A CLA OE . 89.44 60.24 50.28
NB CLA OE . 88.04 57.66 49.38
C1B CLA OE . 87.55 58.94 49.32
C2B CLA OE . 86.26 58.92 48.66
C3B CLA OE . 85.99 57.60 48.31
C4B CLA OE . 87.13 56.80 48.81
NC CLA OE . 89.63 55.18 49.48
C1C CLA OE . 88.47 54.68 48.98
C2C CLA OE . 88.65 53.24 48.78
C3C CLA OE . 89.92 52.92 49.14
C4C CLA OE . 90.55 54.16 49.61
ND CLA OE . 91.83 56.68 50.55
C1D CLA OE . 92.47 55.49 50.55
C2D CLA OE . 93.79 55.61 51.06
C3D CLA OE . 93.92 56.98 51.37
C4D CLA OE . 92.71 57.59 51.03
MG CLA PE . 89.09 45.60 39.32
CHA CLA PE . 88.42 47.18 42.36
CHB CLA PE . 87.97 48.35 37.68
CHC CLA PE . 89.03 43.88 36.29
CHD CLA PE . 89.54 42.62 41.01
NA CLA PE . 88.29 47.54 39.95
C1A CLA PE . 88.19 47.99 41.26
C2A CLA PE . 87.81 49.47 41.25
C3A CLA PE . 87.66 49.79 39.77
C4A CLA PE . 87.99 48.50 39.07
NB CLA PE . 88.57 46.07 37.32
C1B CLA PE . 88.21 47.29 36.91
C2B CLA PE . 88.07 47.29 35.46
C3B CLA PE . 88.38 46.02 35.02
C4B CLA PE . 88.70 45.23 36.23
NC CLA PE . 89.25 43.59 38.75
C1C CLA PE . 89.27 43.12 37.47
C2C CLA PE . 89.54 41.68 37.51
C3C CLA PE . 89.68 41.32 38.81
C4C CLA PE . 89.50 42.53 39.61
ND CLA PE . 89.00 44.97 41.25
C1D CLA PE . 89.29 43.78 41.79
C2D CLA PE . 89.26 43.85 43.20
C3D CLA PE . 88.93 45.16 43.50
C4D CLA PE . 88.77 45.82 42.27
MG CLA QE . -24.08 40.79 62.16
CHA CLA QE . -23.30 42.65 65.01
CHB CLA QE . -25.47 43.56 60.78
CHC CLA QE . -25.51 38.89 59.63
CHD CLA QE . -23.28 37.90 63.88
NA CLA QE . -24.36 42.87 62.82
C1A CLA QE . -23.88 43.41 64.01
C2A CLA QE . -24.07 44.92 63.98
C3A CLA QE . -24.77 45.16 62.65
C4A CLA QE . -24.88 43.79 62.03
NB CLA QE . -25.31 41.19 60.50
C1B CLA QE . -25.68 42.42 60.12
C2B CLA QE . -26.39 42.33 58.85
C3B CLA QE . -26.41 41.02 58.48
C4B CLA QE . -25.71 40.27 59.55
NC CLA QE . -24.36 38.74 61.82
C1C CLA QE . -24.91 38.19 60.71
C2C CLA QE . -24.79 36.73 60.80
C3C CLA QE . -24.16 36.45 61.98
C4C CLA QE . -23.89 37.73 62.63
ND CLA QE . -23.44 40.31 64.03
C1D CLA QE . -23.08 39.13 64.55
C2D CLA QE . -22.52 39.29 65.85
C3D CLA QE . -22.58 40.66 66.09
C4D CLA QE . -23.15 41.26 64.96
MG CLA RE . -30.49 41.33 50.90
CHA CLA RE . -31.16 41.45 54.32
CHB CLA RE . -29.77 44.65 50.96
CHC CLA RE . -30.48 41.49 47.42
CHD CLA RE . -31.88 38.18 50.77
NA CLA RE . -30.47 42.88 52.47
C1A CLA RE . -30.70 42.66 53.81
C2A CLA RE . -30.36 43.93 54.58
C3A CLA RE . -29.96 44.91 53.50
C4A CLA RE . -30.07 44.12 52.22
NB CLA RE . -30.19 42.85 49.44
C1B CLA RE . -29.84 44.10 49.75
C2B CLA RE . -29.58 44.83 48.51
C3B CLA RE . -29.76 43.95 47.47
C4B CLA RE . -30.17 42.66 48.09
NC CLA RE . -31.09 40.05 49.35
C1C CLA RE . -30.95 40.28 48.02
C2C CLA RE . -31.37 39.09 47.30
C3C CLA RE . -31.75 38.15 48.22
C4C CLA RE . -31.58 38.77 49.53
ND CLA RE . -31.35 40.06 52.21
C1D CLA RE . -31.77 38.79 52.04
C2D CLA RE . -32.15 38.20 53.28
C3D CLA RE . -31.92 39.21 54.22
C4D CLA RE . -31.44 40.33 53.53
MG CLA SE . -17.78 51.39 40.63
CHA CLA SE . -21.02 52.36 39.75
CHB CLA SE . -16.57 53.38 38.16
CHC CLA SE . -14.62 49.98 40.92
CHD CLA SE . -19.09 48.90 42.63
NA CLA SE . -18.69 52.72 39.12
C1A CLA SE . -20.04 53.01 39.02
C2A CLA SE . -20.22 54.15 38.02
C3A CLA SE . -18.81 54.42 37.54
C4A CLA SE . -17.96 53.47 38.31
NB CLA SE . -15.91 51.65 39.67
C1B CLA SE . -15.68 52.58 38.74
C2B CLA SE . -14.26 52.57 38.41
C3B CLA SE . -13.66 51.61 39.19
C4B CLA SE . -14.74 51.01 40.01
NC CLA SE . -17.00 49.71 41.61
C1C CLA SE . -15.69 49.36 41.64
C2C CLA SE . -15.54 48.20 42.54
C3C CLA SE . -16.78 47.91 43.03
C4C CLA SE . -17.71 48.86 42.42
ND CLA SE . -19.63 50.73 41.11
C1D CLA SE . -20.01 49.78 41.99
C2D CLA SE . -21.42 49.77 42.14
C3D CLA SE . -21.88 50.77 41.29
C4D CLA SE . -20.76 51.33 40.67
MG CLA TE . -13.16 35.05 51.08
CHA CLA TE . -16.01 33.76 49.54
CHB CLA TE . -14.81 37.98 51.61
CHC CLA TE . -10.20 36.67 51.94
CHD CLA TE . -11.34 32.35 49.90
NA CLA TE . -15.18 35.78 50.63
C1A CLA TE . -16.20 35.02 50.07
C2A CLA TE . -17.51 35.82 50.13
C3A CLA TE . -17.07 37.13 50.77
C4A CLA TE . -15.60 36.97 51.03
NB CLA TE . -12.62 37.01 51.67
C1B CLA TE . -13.50 37.99 51.87
C2B CLA TE . -12.81 39.15 52.41
C3B CLA TE . -11.48 38.82 52.54
C4B CLA TE . -11.36 37.43 52.05
NC CLA TE . -11.11 34.59 50.94
C1C CLA TE . -10.09 35.35 51.40
C2C CLA TE . -8.85 34.62 51.24
C3C CLA TE . -9.15 33.41 50.68
C4C CLA TE . -10.60 33.39 50.47
ND CLA TE . -13.53 33.41 49.95
C1D CLA TE . -12.73 32.37 49.64
C2D CLA TE . -13.48 31.34 48.99
C3D CLA TE . -14.78 31.83 48.93
C4D CLA TE . -14.77 33.10 49.52
MG CLA UE . -6.95 44.81 57.09
CHA CLA UE . -5.97 43.92 60.32
CHB CLA UE . -6.65 41.57 56.14
CHC CLA UE . -7.21 45.68 53.73
CHD CLA UE . -6.57 48.13 57.93
NA CLA UE . -6.37 42.95 58.11
C1A CLA UE . -6.09 42.84 59.46
C2A CLA UE . -5.98 41.35 59.82
C3A CLA UE . -6.18 40.66 58.48
C4A CLA UE . -6.42 41.78 57.51
NB CLA UE . -6.92 43.77 55.24
C1B CLA UE . -6.85 42.44 55.15
C2B CLA UE . -7.00 42.05 53.75
C3B CLA UE . -7.17 43.20 53.03
C4B CLA UE . -7.11 44.32 54.01
NC CLA UE . -6.89 46.61 56.00
C1C CLA UE . -7.07 46.74 54.66
C2C CLA UE . -7.10 48.17 54.34
C3C CLA UE . -6.93 48.87 55.50
C4C CLA UE . -6.79 47.87 56.57
ND CLA UE . -6.38 45.86 58.73
C1D CLA UE . -6.37 47.19 58.96
C2D CLA UE . -6.08 47.47 60.31
C3D CLA UE . -5.91 46.23 60.91
C4D CLA UE . -6.10 45.26 59.91
MG CLA VE . -23.30 56.77 62.45
CHA CLA VE . -19.96 56.55 63.43
CHB CLA VE . -22.54 59.48 60.57
CHC CLA VE . -26.67 57.50 62.00
CHD CLA VE . -24.12 54.47 64.90
NA CLA VE . -21.46 57.89 62.05
C1A CLA VE . -20.20 57.56 62.50
C2A CLA VE . -19.16 58.44 61.81
C3A CLA VE . -20.01 59.35 60.93
C4A CLA VE . -21.43 58.90 61.18
NB CLA VE . -24.41 58.27 61.45
C1B CLA VE . -23.85 59.22 60.69
C2B CLA VE . -24.90 59.98 60.04
C3B CLA VE . -26.09 59.44 60.42
C4B CLA VE . -25.78 58.33 61.34
NC CLA VE . -25.10 56.10 63.32
C1C CLA VE . -26.35 56.48 62.94
C2C CLA VE . -27.32 55.68 63.69
C3C CLA VE . -26.62 54.83 64.50
C4C CLA VE . -25.20 55.10 64.26
ND CLA VE . -22.32 55.72 63.89
C1D CLA VE . -22.75 54.77 64.73
C2D CLA VE . -21.67 54.17 65.43
C3D CLA VE . -20.53 54.83 64.96
C4D CLA VE . -20.97 55.78 64.02
MG CLA WE . -10.17 58.79 58.10
CHA CLA WE . -13.61 58.28 58.45
CHB CLA WE . -10.76 60.75 55.39
CHC CLA WE . -6.80 58.78 57.25
CHD CLA WE . -9.60 56.27 60.39
NA CLA WE . -11.98 59.44 57.04
C1A CLA WE . -13.28 59.17 57.42
C2A CLA WE . -14.24 59.99 56.57
C3A CLA WE . -13.32 60.74 55.63
C4A CLA WE . -11.92 60.30 56.03
NB CLA WE . -8.99 59.63 56.55
C1B CLA WE . -9.48 60.45 55.61
C2B CLA WE . -8.38 60.95 54.81
C3B CLA WE . -7.22 60.42 55.32
C4B CLA WE . -7.63 59.55 56.45
NC CLA WE . -8.48 57.70 58.71
C1C CLA WE . -7.21 57.90 58.28
C2C CLA WE . -6.32 57.02 59.06
C3C CLA WE . -7.09 56.33 59.94
C4C CLA WE . -8.48 56.74 59.71
ND CLA WE . -11.30 57.51 59.19
C1D CLA WE . -10.95 56.62 60.14
C2D CLA WE . -12.10 56.08 60.77
C3D CLA WE . -13.17 56.69 60.16
C4D CLA WE . -12.65 57.57 59.18
MG CLA XE . -18.27 42.76 68.26
CHA CLA XE . -17.80 42.36 71.70
CHB CLA XE . -19.46 45.97 68.93
CHC CLA XE . -19.42 43.20 65.01
CHD CLA XE . -17.70 39.50 67.74
NA CLA XE . -18.59 44.04 70.11
C1A CLA XE . -18.24 43.64 71.39
C2A CLA XE . -18.41 44.82 72.34
C3A CLA XE . -18.95 45.92 71.44
C4A CLA XE . -19.00 45.29 70.07
NB CLA XE . -19.29 44.36 67.18
C1B CLA XE . -19.59 45.56 67.68
C2B CLA XE . -20.16 46.38 66.60
C3B CLA XE . -20.16 45.63 65.46
C4B CLA XE . -19.59 44.30 65.84
NC CLA XE . -18.53 41.56 66.65
C1C CLA XE . -18.95 41.91 65.41
C2C CLA XE . -18.85 40.73 64.54
C3C CLA XE . -18.37 39.71 65.29
C4C CLA XE . -18.16 40.22 66.64
ND CLA XE . -17.86 41.24 69.42
C1D CLA XE . -17.56 39.98 69.07
C2D CLA XE . -17.15 39.22 70.19
C3D CLA XE . -17.22 40.10 71.26
C4D CLA XE . -17.66 41.33 70.76
MG CLA YE . -26.29 35.61 44.35
CHA CLA YE . -26.76 36.07 40.91
CHB CLA YE . -27.53 32.46 44.06
CHC CLA YE . -26.55 35.30 47.80
CHD CLA YE . -25.72 38.99 44.69
NA CLA YE . -27.06 34.40 42.68
C1A CLA YE . -27.07 34.78 41.34
C2A CLA YE . -27.45 33.58 40.48
C3A CLA YE . -27.70 32.48 41.50
C4A CLA YE . -27.41 33.13 42.83
NB CLA YE . -26.95 34.11 45.69
C1B CLA YE . -27.34 32.88 45.30
C2B CLA YE . -27.58 32.07 46.48
C3B CLA YE . -27.30 32.84 47.58
C4B CLA YE . -26.89 34.17 47.07
NC CLA YE . -26.17 36.93 45.97
C1C CLA YE . -26.24 36.59 47.29
C2C CLA YE . -25.95 37.77 48.09
C3C CLA YE . -25.72 38.80 47.24
C4C CLA YE . -25.85 38.28 45.88
ND CLA YE . -26.26 37.22 43.13
C1D CLA YE . -25.92 38.50 43.38
C2D CLA YE . -25.84 39.25 42.18
C3D CLA YE . -26.17 38.34 41.17
C4D CLA YE . -26.42 37.12 41.78
MG CLA ZE . -25.53 50.48 32.77
CHA CLA ZE . -28.56 51.87 33.82
CHB CLA ZE . -27.23 48.56 30.55
CHC CLA ZE . -22.71 48.53 32.17
CHD CLA ZE . -23.96 51.91 35.50
NA CLA ZE . -27.65 50.24 32.24
C1A CLA ZE . -28.70 50.99 32.76
C2A CLA ZE . -29.97 50.69 31.97
C3A CLA ZE . -29.52 49.64 30.98
C4A CLA ZE . -28.05 49.46 31.26
NB CLA ZE . -25.08 48.80 31.56
C1B CLA ZE . -25.94 48.26 30.69
C2B CLA ZE . -25.26 47.23 29.92
C3B CLA ZE . -23.96 47.20 30.34
C4B CLA ZE . -23.84 48.22 31.41
NC CLA ZE . -23.66 50.25 33.69
C1C CLA ZE . -22.65 49.45 33.24
C2C CLA ZE . -21.47 49.69 34.08
C3C CLA ZE . -21.80 50.64 35.00
C4C CLA ZE . -23.20 50.99 34.76
ND CLA ZE . -26.08 51.62 34.35
C1D CLA ZE . -25.33 52.21 35.32
C2D CLA ZE . -26.11 53.08 36.10
C3D CLA ZE . -27.40 53.01 35.56
C4D CLA ZE . -27.34 52.10 34.50
MG CLA AF . -9.19 44.71 65.09
CHA CLA AF . -11.51 47.27 64.60
CHB CLA AF . -7.36 46.78 67.04
CHC CLA AF . -6.51 42.49 65.05
CHD CLA AF . -10.71 42.90 62.57
NA CLA AF . -9.40 46.79 65.75
C1A CLA AF . -10.48 47.61 65.48
C2A CLA AF . -10.36 48.88 66.30
C3A CLA AF . -9.04 48.70 67.04
C4A CLA AF . -8.55 47.35 66.60
NB CLA AF . -7.24 44.67 65.92
C1B CLA AF . -6.77 45.61 66.73
C2B CLA AF . -5.47 45.20 67.23
C3B CLA AF . -5.19 43.98 66.70
C4B CLA AF . -6.35 43.63 65.84
NC CLA AF . -8.69 42.99 63.99
C1C CLA AF . -7.59 42.21 64.18
C2C CLA AF . -7.69 41.04 63.31
C3C CLA AF . -8.86 41.14 62.61
C4C CLA AF . -9.49 42.38 63.04
ND CLA AF . -10.74 44.97 63.82
C1D CLA AF . -11.31 44.12 62.93
C2D CLA AF . -12.50 44.67 62.39
C3D CLA AF . -12.64 45.91 63.02
C4D CLA AF . -11.55 46.06 63.88
MG CLA BF . -15.35 58.05 66.70
CHA CLA BF . -18.14 58.56 68.74
CHB CLA BF . -15.12 61.40 66.24
CHC CLA BF . -13.05 57.62 64.13
CHD CLA BF . -16.06 54.68 66.65
NA CLA BF . -16.51 59.79 67.40
C1A CLA BF . -17.55 59.75 68.31
C2A CLA BF . -17.93 61.17 68.72
C3A CLA BF . -16.97 62.02 67.90
C4A CLA BF . -16.14 61.03 67.14
NB CLA BF . -14.29 59.33 65.40
C1B CLA BF . -14.32 60.67 65.47
C2B CLA BF . -13.36 61.22 64.53
C3B CLA BF . -12.73 60.17 63.91
C4B CLA BF . -13.35 58.94 64.47
NC CLA BF . -14.68 56.42 65.57
C1C CLA BF . -13.71 56.46 64.62
C2C CLA BF . -13.44 55.09 64.17
C3C CLA BF . -14.26 54.25 64.88
C4C CLA BF . -15.06 55.10 65.76
ND CLA BF . -16.78 56.83 67.48
C1D CLA BF . -16.88 55.49 67.45
C2D CLA BF . -17.94 55.05 68.30
C3D CLA BF . -18.47 56.21 68.84
C4D CLA BF . -17.75 57.29 68.32
MG CLA CF . -4.92 31.49 46.28
CHA CLA CF . -7.08 33.36 44.25
CHB CLA CF . -2.62 31.50 43.77
CHC CLA CF . -3.04 29.04 47.89
CHD CLA CF . -7.53 30.92 48.47
NA CLA CF . -4.85 32.33 44.24
C1A CLA CF . -5.84 33.13 43.67
C2A CLA CF . -5.30 33.70 42.36
C3A CLA CF . -3.92 33.08 42.24
C4A CLA CF . -3.77 32.25 43.48
NB CLA CF . -3.13 30.45 45.86
C1B CLA CF . -2.35 30.69 44.81
C2B CLA CF . -1.13 29.90 44.91
C3B CLA CF . -1.20 29.20 46.08
C4B CLA CF . -2.50 29.54 46.69
NC CLA CF . -5.24 30.20 47.90
C1C CLA CF . -4.32 29.33 48.42
C2C CLA CF . -4.88 28.73 49.62
C3C CLA CF . -6.14 29.25 49.81
C4C CLA CF . -6.36 30.18 48.69
ND CLA CF . -6.88 31.99 46.39
C1D CLA CF . -7.79 31.77 47.37
C2D CLA CF . -8.99 32.47 47.11
C3D CLA CF . -8.77 33.12 45.89
C4D CLA CF . -7.48 32.80 45.47
MG CLA DF . 10.38 42.33 2.78
CHA CLA DF . 8.08 40.88 4.99
CHB CLA DF . 11.05 44.73 5.10
CHC CLA DF . 12.12 44.22 0.44
CHD CLA DF . 9.17 40.31 0.26
NA CLA DF . 9.65 42.76 4.82
C1A CLA DF . 8.77 41.97 5.53
C2A CLA DF . 8.70 42.48 6.97
C3A CLA DF . 9.63 43.68 6.96
C4A CLA DF . 10.16 43.74 5.55
NB CLA DF . 11.40 44.18 2.79
C1B CLA DF . 11.59 44.92 3.89
C2B CLA DF . 12.45 46.04 3.56
C3B CLA DF . 12.79 45.94 2.25
C4B CLA DF . 12.10 44.72 1.74
NC CLA DF . 10.60 42.28 0.70
C1C CLA DF . 11.40 43.10 -0.04
C2C CLA DF . 11.36 42.64 -1.43
C3C CLA DF . 10.55 41.54 -1.50
C4C CLA DF . 10.05 41.32 -0.13
ND CLA DF . 8.95 40.92 2.59
C1D CLA DF . 8.63 40.12 1.55
C2D CLA DF . 7.67 39.14 1.93
C3D CLA DF . 7.42 39.39 3.28
C4D CLA DF . 8.21 40.48 3.65
MG CLA EF . 14.96 18.75 -25.81
CHA CLA EF . 18.07 20.14 -26.58
CHB CLA EF . 13.45 21.38 -27.31
CHC CLA EF . 11.88 17.85 -24.47
CHD CLA EF . 16.53 16.50 -23.71
NA CLA EF . 15.68 20.56 -26.84
C1A CLA EF . 17.00 20.85 -27.10
C2A CLA EF . 17.06 22.07 -28.03
C3A CLA EF . 15.60 22.44 -28.22
C4A CLA EF . 14.84 21.41 -27.42
NB CLA EF . 12.99 19.53 -25.89
C1B CLA EF . 12.64 20.58 -26.63
C2B CLA EF . 11.20 20.73 -26.57
C3B CLA EF . 10.70 19.74 -25.77
C4B CLA EF . 11.87 18.95 -25.32
NC CLA EF . 14.32 17.41 -24.33
C1C CLA EF . 13.02 17.16 -23.99
C2C CLA EF . 13.00 16.05 -23.02
C3C CLA EF . 14.29 15.66 -22.81
C4C CLA EF . 15.13 16.53 -23.64
ND CLA EF . 16.86 18.36 -25.23
C1D CLA EF . 17.35 17.37 -24.45
C2D CLA EF . 18.78 17.38 -24.47
C3D CLA EF . 19.12 18.44 -25.30
C4D CLA EF . 17.93 19.03 -25.73
MG CLA FF . 25.53 21.71 -34.76
CHA CLA FF . 22.97 21.98 -32.39
CHB CLA FF . 25.09 24.99 -35.55
CHC CLA FF . 27.52 21.37 -37.60
CHD CLA FF . 25.44 18.28 -34.41
NA CLA FF . 24.18 23.31 -34.06
C1A CLA FF . 23.28 23.19 -33.01
C2A CLA FF . 22.72 24.57 -32.68
C3A CLA FF . 23.40 25.48 -33.70
C4A CLA FF . 24.29 24.56 -34.49
NB CLA FF . 26.17 22.99 -36.32
C1B CLA FF . 25.91 24.30 -36.36
C2B CLA FF . 26.63 24.90 -37.48
C3B CLA FF . 27.34 23.90 -38.09
C4B CLA FF . 27.05 22.65 -37.33
NC CLA FF . 26.34 20.10 -35.83
C1C CLA FF . 27.16 20.19 -36.91
C2C CLA FF . 27.60 18.84 -37.26
C3C CLA FF . 27.04 17.97 -36.38
C4C CLA FF . 26.22 18.76 -35.46
ND CLA FF . 24.46 20.38 -33.68
C1D CLA FF . 24.60 19.03 -33.57
C2D CLA FF . 23.75 18.53 -32.55
C3D CLA FF . 23.08 19.64 -32.04
C4D CLA FF . 23.55 20.75 -32.76
MG CLA GF . 38.01 36.50 -27.63
CHA CLA GF . 38.96 37.58 -30.81
CHB CLA GF . 40.51 38.35 -26.29
CHC CLA GF . 37.62 34.93 -24.55
CHD CLA GF . 35.97 34.12 -29.09
NA CLA GF . 39.55 37.82 -28.45
C1A CLA GF . 39.69 38.16 -29.78
C2A CLA GF . 40.72 39.29 -29.90
C3A CLA GF . 41.20 39.48 -28.47
C4A CLA GF . 40.38 38.50 -27.67
NB CLA GF . 38.94 36.63 -25.73
C1B CLA GF . 39.89 37.52 -25.44
C2B CLA GF . 40.20 37.43 -24.02
C3B CLA GF . 39.39 36.48 -23.48
C4B CLA GF . 38.57 35.94 -24.61
NC CLA GF . 36.98 34.81 -26.94
C1C CLA GF . 36.90 34.39 -25.64
C2C CLA GF . 35.97 33.26 -25.58
C3C CLA GF . 35.50 33.03 -26.83
C4C CLA GF . 36.14 34.01 -27.71
ND CLA GF . 37.54 35.92 -29.51
C1D CLA GF . 36.64 35.02 -29.95
C2D CLA GF . 36.50 35.09 -31.37
C3D CLA GF . 37.39 36.08 -31.77
C4D CLA GF . 38.01 36.56 -30.60
MG CLA HF . 31.68 18.97 -18.30
CHA CLA HF . 30.75 21.79 -16.46
CHB CLA HF . 32.37 17.35 -15.40
CHC CLA HF . 33.30 16.42 -20.01
CHD CLA HF . 31.65 20.87 -21.18
NA CLA HF . 31.57 19.50 -16.17
C1A CLA HF . 31.07 20.70 -15.67
C2A CLA HF . 30.94 20.58 -14.15
C3A CLA HF . 31.48 19.19 -13.86
C4A CLA HF . 31.83 18.62 -15.21
NB CLA HF . 32.69 17.18 -17.77
C1B CLA HF . 32.76 16.72 -16.51
C2B CLA HF . 33.37 15.40 -16.53
C3B CLA HF . 33.66 15.10 -17.83
C4B CLA HF . 33.20 16.25 -18.64
NC CLA HF . 32.37 18.70 -20.26
C1C CLA HF . 32.94 17.57 -20.77
C2C CLA HF . 33.14 17.74 -22.20
C3C CLA HF . 32.67 18.97 -22.54
C4C CLA HF . 32.19 19.59 -21.31
ND CLA HF . 31.31 20.90 -18.78
C1D CLA HF . 31.24 21.50 -19.98
C2D CLA HF . 30.75 22.83 -19.85
C3D CLA HF . 30.53 23.00 -18.49
C4D CLA HF . 30.88 21.81 -17.86
MG CLA IF . 28.73 31.30 -13.24
CHA CLA IF . 26.29 30.13 -11.02
CHB CLA IF . 27.65 34.47 -12.70
CHC CLA IF . 30.61 32.48 -15.91
CHD CLA IF . 29.32 28.06 -14.26
NA CLA IF . 27.15 32.20 -12.01
C1A CLA IF . 26.33 31.51 -11.11
C2A CLA IF . 25.54 32.52 -10.29
C3A CLA IF . 25.98 33.86 -10.86
C4A CLA IF . 26.99 33.51 -11.92
NB CLA IF . 29.05 33.18 -14.15
C1B CLA IF . 28.54 34.33 -13.68
C2B CLA IF . 29.07 35.44 -14.45
C3B CLA IF . 29.94 34.91 -15.39
C4B CLA IF . 29.91 33.44 -15.18
NC CLA IF . 29.78 30.42 -14.82
C1C CLA IF . 30.52 31.07 -15.75
C2C CLA IF . 31.19 30.08 -16.59
C3C CLA IF . 30.85 28.85 -16.14
C4C CLA IF . 29.94 29.06 -15.01
ND CLA IF . 28.00 29.46 -12.80
C1D CLA IF . 28.38 28.25 -13.21
C2D CLA IF . 27.71 27.22 -12.50
C3D CLA IF . 26.87 27.91 -11.61
C4D CLA IF . 27.06 29.28 -11.83
MG CLA JF . 16.32 37.60 -26.47
CHA CLA JF . 18.34 37.29 -23.63
CHB CLA JF . 17.65 40.67 -27.04
CHC CLA JF . 13.89 38.30 -28.86
CHD CLA JF . 14.54 34.82 -25.46
NA CLA JF . 17.83 38.84 -25.46
C1A CLA JF . 18.57 38.46 -24.35
C2A CLA JF . 19.65 39.51 -24.10
C3A CLA JF . 19.40 40.55 -25.17
C4A CLA JF . 18.22 40.00 -25.95
NB CLA JF . 15.86 39.24 -27.72
C1B CLA JF . 16.61 40.35 -27.80
C2B CLA JF . 16.08 41.19 -28.86
C3B CLA JF . 15.01 40.55 -29.42
C4B CLA JF . 14.87 39.28 -28.67
NC CLA JF . 14.51 36.71 -27.06
C1C CLA JF . 13.71 37.12 -28.08
C2C CLA JF . 12.63 36.15 -28.23
C3C CLA JF . 12.81 35.17 -27.30
C4C CLA JF . 14.01 35.53 -26.53
ND CLA JF . 16.36 36.32 -24.90
C1D CLA JF . 15.66 35.19 -24.67
C2D CLA JF . 16.15 34.50 -23.54
C3D CLA JF . 17.22 35.28 -23.08
C4D CLA JF . 17.31 36.39 -23.94
MG CLA KF . 20.65 41.45 -16.78
CHA CLA KF . 18.58 38.89 -17.96
CHB CLA KF . 17.91 43.06 -15.58
CHC CLA KF . 22.49 44.35 -16.22
CHD CLA KF . 23.27 40.13 -18.60
NA CLA KF . 18.49 41.03 -16.77
C1A CLA KF . 17.90 39.87 -17.25
C2A CLA KF . 16.43 39.86 -16.84
C3A CLA KF . 16.25 41.19 -16.11
C4A CLA KF . 17.62 41.81 -16.15
NB CLA KF . 20.24 43.38 -16.03
C1B CLA KF . 19.05 43.76 -15.55
C2B CLA KF . 19.17 45.10 -14.97
C3B CLA KF . 20.47 45.50 -15.13
C4B CLA KF . 21.17 44.38 -15.82
NC CLA KF . 22.56 42.12 -17.34
C1C CLA KF . 23.13 43.29 -16.95
C2C CLA KF . 24.51 43.32 -17.43
C3C CLA KF . 24.74 42.15 -18.08
C4C CLA KF . 23.50 41.39 -18.03
ND CLA KF . 20.92 39.88 -18.03
C1D CLA KF . 22.05 39.41 -18.61
C2D CLA KF . 21.81 38.17 -19.26
C3D CLA KF . 20.46 37.90 -19.03
C4D CLA KF . 19.95 38.98 -18.28
MG CLA LF . 11.87 24.35 -17.50
CHA CLA LF . 8.71 24.38 -16.01
CHB CLA LF . 13.04 22.51 -14.89
CHC CLA LF . 15.16 24.86 -18.50
CHD CLA LF . 10.81 26.77 -19.71
NA CLA LF . 10.98 23.53 -15.66
C1A CLA LF . 9.64 23.61 -15.32
C2A CLA LF . 9.38 22.72 -14.10
C3A CLA LF . 10.77 22.17 -13.78
C4A CLA LF . 11.66 22.76 -14.83
NB CLA LF . 13.78 23.78 -16.78
C1B CLA LF . 13.97 22.96 -15.73
C2B CLA LF . 15.39 22.66 -15.62
C3B CLA LF . 16.04 23.31 -16.64
C4B CLA LF . 14.99 24.04 -17.39
NC CLA LF . 12.83 25.62 -18.87
C1C CLA LF . 14.15 25.62 -19.16
C2C CLA LF . 14.39 26.54 -20.27
C3C CLA LF . 13.18 27.08 -20.63
C4C CLA LF . 12.19 26.49 -19.72
ND CLA LF . 10.17 25.39 -17.83
C1D CLA LF . 9.85 26.26 -18.81
C2D CLA LF . 8.48 26.61 -18.76
C3D CLA LF . 7.97 25.89 -17.68
C4D CLA LF . 9.04 25.17 -17.13
MG CLA MF . 33.92 17.67 -32.08
CHA CLA MF . 30.81 16.43 -33.04
CHB CLA MF . 32.37 19.88 -30.02
CHC CLA MF . 36.88 19.44 -31.60
CHD CLA MF . 35.38 15.91 -34.67
NA CLA MF . 31.82 18.11 -31.58
C1A CLA MF . 30.73 17.40 -32.05
C2A CLA MF . 29.49 17.86 -31.28
C3A CLA MF . 30.02 18.94 -30.37
C4A CLA MF . 31.50 19.00 -30.65
NB CLA MF . 34.50 19.39 -31.00
C1B CLA MF . 33.68 20.06 -30.17
C2B CLA MF . 34.45 21.09 -29.47
C3B CLA MF . 35.74 20.99 -29.89
C4B CLA MF . 35.78 19.88 -30.88
NC CLA MF . 35.82 17.68 -32.99
C1C CLA MF . 36.88 18.43 -32.61
C2C CLA MF . 38.04 18.03 -33.41
C3C CLA MF . 37.64 17.05 -34.26
C4C CLA MF . 36.21 16.82 -34.00
ND CLA MF . 33.29 16.45 -33.56
C1D CLA MF . 33.99 15.73 -34.47
C2D CLA MF . 33.14 14.86 -35.19
C3D CLA MF . 31.87 15.08 -34.67
C4D CLA MF . 32.00 16.06 -33.68
MG CLA NF . 40.82 32.57 -35.23
CHA CLA NF . 38.90 32.48 -38.15
CHB CLA NF . 37.99 32.04 -33.41
CHC CLA NF . 42.47 33.36 -32.28
CHD CLA NF . 43.48 33.79 -37.05
NA CLA NF . 38.68 32.29 -35.72
C1A CLA NF . 38.17 32.21 -36.99
C2A CLA NF . 36.70 31.78 -36.92
C3A CLA NF . 36.45 31.68 -35.41
C4A CLA NF . 37.78 32.01 -34.79
NB CLA NF . 40.28 32.69 -33.18
C1B CLA NF . 39.08 32.36 -32.70
C2B CLA NF . 39.12 32.41 -31.25
C3B CLA NF . 40.39 32.77 -30.88
C4B CLA NF . 41.15 32.96 -32.14
NC CLA NF . 42.66 33.44 -34.75
C1C CLA NF . 43.16 33.60 -33.49
C2C CLA NF . 44.53 34.11 -33.60
C3C CLA NF . 44.83 34.23 -34.93
C4C CLA NF . 43.63 33.80 -35.66
ND CLA NF . 41.17 33.06 -37.15
C1D CLA NF . 42.31 33.45 -37.77
C2D CLA NF . 42.14 33.49 -39.18
C3D CLA NF . 40.81 33.12 -39.39
C4D CLA NF . 40.24 32.87 -38.13
MG CLA OF . 18.93 28.72 -10.51
CHA CLA OF . 18.62 26.14 -12.84
CHB CLA OF . 15.71 29.61 -11.13
CHC CLA OF . 19.33 31.72 -8.80
CHD CLA OF . 22.34 28.22 -10.45
NA CLA OF . 17.34 27.96 -11.84
C1A CLA OF . 17.43 26.83 -12.64
C2A CLA OF . 16.05 26.50 -13.21
C3A CLA OF . 15.18 27.63 -12.66
C4A CLA OF . 16.11 28.46 -11.82
NB CLA OF . 17.70 30.39 -10.06
C1B CLA OF . 16.40 30.46 -10.38
C2B CLA OF . 15.83 31.67 -9.79
C3B CLA OF . 16.84 32.29 -9.10
C4B CLA OF . 18.05 31.46 -9.28
NC CLA OF . 20.56 29.79 -9.76
C1C CLA OF . 20.50 30.94 -9.04
C2C CLA OF . 21.85 31.28 -8.60
C3C CLA OF . 22.69 30.32 -9.03
C4C CLA OF . 21.87 29.36 -9.79
ND CLA OF . 20.24 27.48 -11.43
C1D CLA OF . 21.56 27.32 -11.24
C2D CLA OF . 22.06 26.22 -11.96
C3D CLA OF . 20.93 25.69 -12.61
C4D CLA OF . 19.85 26.50 -12.27
MG CLA PF . 9.80 38.37 -19.26
CHA CLA PF . 9.89 41.82 -19.81
CHB CLA PF . 13.17 38.41 -18.82
CHC CLA PF . 9.94 34.91 -19.41
CHD CLA PF . 6.54 38.30 -20.39
NA CLA PF . 11.36 39.94 -19.31
C1A CLA PF . 11.12 41.29 -19.47
C2A CLA PF . 12.42 42.06 -19.22
C3A CLA PF . 13.42 40.96 -18.93
C4A CLA PF . 12.62 39.68 -19.02
NB CLA PF . 11.33 36.92 -19.14
C1B CLA PF . 12.62 37.20 -18.89
C2B CLA PF . 13.35 35.96 -18.73
C3B CLA PF . 12.46 34.93 -18.89
C4B CLA PF . 11.15 35.55 -19.16
NC CLA PF . 8.47 36.87 -19.82
C1C CLA PF . 8.70 35.53 -19.75
C2C CLA PF . 7.47 34.82 -20.09
C3C CLA PF . 6.51 35.75 -20.36
C4C CLA PF . 7.15 37.06 -20.20
ND CLA PF . 8.47 39.72 -19.97
C1D CLA PF . 7.16 39.58 -20.30
C2D CLA PF . 6.57 40.83 -20.57
C3D CLA PF . 7.59 41.76 -20.39
C4D CLA PF . 8.74 41.05 -20.03
MG CLA QF . 37.33 19.23 -11.30
CHA CLA QF . 34.00 20.07 -10.67
CHB CLA QF . 37.30 17.21 -8.56
CHC CLA QF . 40.78 18.88 -11.41
CHD CLA QF . 37.50 21.78 -13.61
NA CLA QF . 35.82 18.70 -9.78
C1A CLA QF . 34.50 19.11 -9.79
C2A CLA QF . 33.73 18.34 -8.72
C3A CLA QF . 34.79 17.48 -8.07
C4A CLA QF . 36.06 17.80 -8.85
NB CLA QF . 38.78 18.22 -10.14
C1B CLA QF . 38.49 17.40 -9.12
C2B CLA QF . 39.71 16.76 -8.67
C3B CLA QF . 40.74 17.20 -9.46
C4B CLA QF . 40.13 18.15 -10.42
NC CLA QF . 38.88 20.18 -12.33
C1C CLA QF . 40.20 19.85 -12.27
C2C CLA QF . 40.92 20.66 -13.25
C3C CLA QF . 40.02 21.46 -13.88
C4C CLA QF . 38.71 21.17 -13.29
ND CLA QF . 36.07 20.64 -12.02
C1D CLA QF . 36.24 21.54 -13.01
C2D CLA QF . 35.03 22.22 -13.29
C3D CLA QF . 34.10 21.68 -12.41
C4D CLA QF . 34.78 20.73 -11.64
MG CLA RF . 3.31 25.35 -1.53
CHA CLA RF . 3.14 23.19 -4.28
CHB CLA RF . 3.88 27.95 -3.64
CHC CLA RF . 4.21 27.41 1.12
CHD CLA RF . 3.44 22.60 0.56
NA CLA RF . 3.49 25.54 -3.71
C1A CLA RF . 3.30 24.53 -4.63
C2A CLA RF . 3.28 25.13 -6.03
C3A CLA RF . 3.52 26.61 -5.79
C4A CLA RF . 3.64 26.72 -4.30
NB CLA RF . 3.96 27.35 -1.32
C1B CLA RF . 4.03 28.21 -2.35
C2B CLA RF . 4.36 29.53 -1.82
C3B CLA RF . 4.45 29.43 -0.46
C4B CLA RF . 4.20 28.00 -0.14
NC CLA RF . 3.76 25.05 0.50
C1C CLA RF . 4.03 26.03 1.41
C2C CLA RF . 4.15 25.41 2.73
C3C CLA RF . 3.93 24.07 2.59
C4C CLA RF . 3.68 23.84 1.16
ND CLA RF . 3.31 23.33 -1.75
C1D CLA RF . 3.26 22.35 -0.82
C2D CLA RF . 3.09 21.08 -1.43
C3D CLA RF . 3.02 21.35 -2.80
C4D CLA RF . 3.17 22.74 -2.96
MG CLA SF . 68.25 12.82 -34.70
CHA CLA SF . 67.24 15.04 -32.19
CHB CLA SF . 71.00 14.74 -35.24
CHC CLA SF . 68.96 11.13 -37.66
CHD CLA SF . 65.13 11.33 -34.59
NA CLA SF . 69.04 14.68 -33.82
C1A CLA SF . 68.48 15.35 -32.74
C2A CLA SF . 69.45 16.44 -32.28
C3A CLA SF . 70.60 16.32 -33.27
C4A CLA SF . 70.21 15.18 -34.17
NB CLA SF . 69.74 12.95 -36.20
C1B CLA SF . 70.79 13.78 -36.13
C2B CLA SF . 71.69 13.50 -37.24
C3B CLA SF . 71.15 12.47 -37.96
C4B CLA SF . 69.87 12.11 -37.28
NC CLA SF . 67.21 11.46 -35.92
C1C CLA SF . 67.70 10.87 -37.04
C2C CLA SF . 66.72 9.89 -37.51
C3C CLA SF . 65.66 9.93 -36.66
C4C CLA SF . 65.97 10.94 -35.65
ND CLA SF . 66.53 13.08 -33.66
C1D CLA SF . 65.40 12.36 -33.65
C2D CLA SF . 64.52 12.80 -32.63
C3D CLA SF . 65.20 13.85 -32.00
C4D CLA SF . 66.41 14.00 -32.67
MG CLA TF . 79.58 18.53 -38.36
CHA CLA TF . 76.17 19.14 -38.85
CHB CLA TF . 80.05 21.85 -37.77
CHC CLA TF . 83.03 18.17 -38.57
CHD CLA TF . 79.16 15.35 -39.65
NA CLA TF . 78.26 20.29 -38.31
C1A CLA TF . 76.89 20.27 -38.47
C2A CLA TF . 76.32 21.65 -38.13
C3A CLA TF . 77.56 22.46 -37.82
C4A CLA TF . 78.71 21.49 -37.96
NB CLA TF . 81.25 19.82 -38.21
C1B CLA TF . 81.16 21.12 -37.89
C2B CLA TF . 82.50 21.66 -37.72
C3B CLA TF . 83.38 20.63 -37.93
C4B CLA TF . 82.57 19.44 -38.25
NC CLA TF . 80.87 17.01 -39.01
C1C CLA TF . 82.24 17.05 -38.96
C2C CLA TF . 82.75 15.75 -39.37
C3C CLA TF . 81.68 14.95 -39.67
C4C CLA TF . 80.48 15.76 -39.44
ND CLA TF . 78.05 17.44 -39.11
C1D CLA TF . 78.00 16.15 -39.50
C2D CLA TF . 76.66 15.75 -39.78
C3D CLA TF . 75.89 16.88 -39.54
C4D CLA TF . 76.77 17.90 -39.14
MG CLA UF . 75.89 18.13 -20.92
CHA CLA UF . 77.77 15.88 -22.84
CHB CLA UF . 76.93 20.65 -22.94
CHC CLA UF . 74.68 20.51 -18.70
CHD CLA UF . 75.45 15.67 -18.53
NA CLA UF . 77.20 18.25 -22.69
C1A CLA UF . 77.78 17.17 -23.33
C2A CLA UF . 78.41 17.66 -24.65
C3A CLA UF . 78.14 19.15 -24.63
C4A CLA UF . 77.37 19.39 -23.35
NB CLA UF . 75.84 20.24 -20.85
C1B CLA UF . 76.28 21.03 -21.85
C2B CLA UF . 75.95 22.41 -21.52
C3B CLA UF . 75.30 22.41 -20.32
C4B CLA UF . 75.23 20.99 -19.88
NC CLA UF . 75.20 18.09 -18.94
C1C CLA UF . 74.70 19.15 -18.26
C2C CLA UF . 74.19 18.68 -16.97
C3C CLA UF . 74.39 17.33 -16.92
C4C CLA UF . 75.04 16.95 -18.18
ND CLA UF . 76.46 16.19 -20.67
C1D CLA UF . 76.14 15.31 -19.72
C2D CLA UF . 76.62 14.01 -20.05
C3D CLA UF . 77.27 14.17 -21.27
C4D CLA UF . 77.15 15.52 -21.63
MG CLA VF . 68.34 26.97 -21.72
CHA CLA VF . 70.36 24.60 -20.13
CHB CLA VF . 71.03 29.02 -22.01
CHC CLA VF . 66.31 29.64 -22.65
CHD CLA VF . 65.55 25.17 -20.78
NA CLA VF . 70.46 26.84 -21.15
C1A CLA VF . 71.06 25.73 -20.57
C2A CLA VF . 72.58 25.95 -20.54
C3A CLA VF . 72.74 27.34 -21.12
C4A CLA VF . 71.34 27.77 -21.46
NB CLA VF . 68.65 29.01 -22.23
C1B CLA VF . 69.86 29.57 -22.34
C2B CLA VF . 69.70 30.93 -22.85
C3B CLA VF . 68.37 31.14 -23.05
C4B CLA VF . 67.68 29.89 -22.65
NC CLA VF . 66.27 27.35 -21.70
C1C CLA VF . 65.67 28.47 -22.17
C2C CLA VF . 64.22 28.27 -22.11
C3C CLA VF . 63.98 27.02 -21.60
C4C CLA VF . 65.31 26.44 -21.32
ND CLA VF . 67.97 25.28 -20.67
C1D CLA VF . 66.81 24.62 -20.45
C2D CLA VF . 67.05 23.38 -19.83
C3D CLA VF . 68.44 23.30 -19.68
C4D CLA VF . 68.96 24.49 -20.20
MG CLA WF . 63.87 30.10 -37.84
CHA CLA WF . 63.97 29.99 -34.35
CHB CLA WF . 63.39 33.46 -37.69
CHC CLA WF . 63.04 30.23 -41.22
CHD CLA WF . 63.65 26.65 -37.91
NA CLA WF . 63.70 31.56 -36.21
C1A CLA WF . 63.86 31.28 -34.86
C2A CLA WF . 63.91 32.59 -34.09
C3A CLA WF . 63.72 33.65 -35.15
C4A CLA WF . 63.60 32.87 -36.44
NB CLA WF . 63.30 31.61 -39.21
C1B CLA WF . 63.25 32.91 -38.90
C2B CLA WF . 62.97 33.68 -40.11
C3B CLA WF . 62.87 32.79 -41.14
C4B CLA WF . 63.07 31.45 -40.55
NC CLA WF . 63.41 28.68 -39.31
C1C CLA WF . 63.17 28.94 -40.63
C2C CLA WF . 63.04 27.66 -41.34
C3C CLA WF . 63.21 26.66 -40.43
C4C CLA WF . 63.45 27.31 -39.13
ND CLA WF . 63.81 28.61 -36.48
C1D CLA WF . 63.81 27.27 -36.64
C2D CLA WF . 63.95 26.60 -35.40
C3D CLA WF . 64.03 27.62 -34.46
C4D CLA WF . 63.93 28.84 -35.15
MG CLA XF . 62.22 37.82 -25.86
CHA CLA XF . 63.84 40.49 -24.30
CHB CLA XF . 65.11 36.04 -25.74
CHC CLA XF . 60.93 35.42 -28.02
CHD CLA XF . 59.57 39.90 -26.57
NA CLA XF . 64.26 38.21 -25.10
C1A CLA XF . 64.65 39.36 -24.43
C2A CLA XF . 66.05 39.14 -23.87
C3A CLA XF . 66.41 37.75 -24.36
C4A CLA XF . 65.20 37.28 -25.11
NB CLA XF . 62.93 36.03 -26.74
C1B CLA XF . 64.13 35.49 -26.47
C2B CLA XF . 64.23 34.20 -27.12
C3B CLA XF . 63.05 33.97 -27.78
C4B CLA XF . 62.21 35.17 -27.53
NC CLA XF . 60.53 37.69 -27.10
C1C CLA XF . 60.18 36.61 -27.83
C2C CLA XF . 58.87 36.88 -28.43
C3C CLA XF . 58.47 38.12 -28.03
C4C CLA XF . 59.54 38.64 -27.19
ND CLA XF . 61.76 39.77 -25.54
C1D CLA XF . 60.61 40.45 -25.80
C2D CLA XF . 60.67 41.74 -25.24
C3D CLA XF . 61.92 41.83 -24.63
C4D CLA XF . 62.56 40.60 -24.83
MG CLA YF . 58.40 17.00 -32.46
CHA CLA YF . 58.68 14.79 -29.77
CHB CLA YF . 55.20 15.94 -32.93
CHC CLA YF . 58.24 18.60 -35.53
CHD CLA YF . 61.81 17.52 -32.36
NA CLA YF . 57.09 15.53 -31.46
C1A CLA YF . 57.41 14.81 -30.33
C2A CLA YF . 56.17 14.09 -29.82
C3A CLA YF . 55.11 14.46 -30.85
C4A CLA YF . 55.82 15.37 -31.81
NB CLA YF . 56.94 17.21 -33.97
C1B CLA YF . 55.70 16.74 -33.89
C2B CLA YF . 54.93 17.18 -35.04
C3B CLA YF . 55.76 17.96 -35.81
C4B CLA YF . 57.07 17.96 -35.12
NC CLA YF . 59.79 17.90 -33.74
C1C CLA YF . 59.51 18.54 -34.90
C2C CLA YF . 60.74 19.14 -35.41
C3C CLA YF . 61.74 18.85 -34.52
C4C CLA YF . 61.14 18.05 -33.46
ND CLA YF . 59.95 16.32 -31.35
C1D CLA YF . 61.25 16.68 -31.35
C2D CLA YF . 61.95 16.08 -30.27
C3D CLA YF . 60.99 15.32 -29.61
C4D CLA YF . 59.78 15.49 -30.29
MG CLA ZF . 85.67 16.36 -31.69
CHA CLA ZF . 83.65 15.56 -34.43
CHB CLA ZF . 84.40 19.50 -31.72
CHC CLA ZF . 88.11 17.46 -29.47
CHD CLA ZF . 87.41 13.42 -32.16
NA CLA ZF . 84.19 17.41 -32.93
C1A CLA ZF . 83.44 16.84 -33.94
C2A CLA ZF . 82.37 17.84 -34.39
C3A CLA ZF . 82.64 19.06 -33.53
C4A CLA ZF . 83.81 18.66 -32.66
NB CLA ZF . 86.16 18.20 -30.77
C1B CLA ZF . 85.43 19.32 -30.91
C2B CLA ZF . 85.97 20.34 -30.02
C3B CLA ZF . 87.03 19.79 -29.35
C4B CLA ZF . 87.17 18.40 -29.84
NC CLA ZF . 87.47 15.57 -30.95
C1C CLA ZF . 88.27 16.16 -30.02
C2C CLA ZF . 89.34 15.22 -29.68
C3C CLA ZF . 89.16 14.08 -30.41
C4C CLA ZF . 87.96 14.32 -31.23
ND CLA ZF . 85.61 14.81 -32.99
C1D CLA ZF . 86.30 13.65 -33.00
C2D CLA ZF . 85.80 12.77 -33.99
C3D CLA ZF . 84.75 13.46 -34.59
C4D CLA ZF . 84.66 14.71 -33.95
MG CLA AG . 60.17 22.90 -23.67
CHA CLA AG . 60.92 24.93 -20.92
CHB CLA AG . 61.24 20.20 -21.92
CHC CLA AG . 60.14 20.94 -26.53
CHD CLA AG . 59.76 25.74 -25.60
NA CLA AG . 60.98 22.60 -21.65
C1A CLA AG . 61.11 23.58 -20.67
C2A CLA AG . 61.48 22.92 -19.35
C3A CLA AG . 61.59 21.44 -19.71
C4A CLA AG . 61.26 21.39 -21.17
NB CLA AG . 60.63 20.90 -24.12
C1B CLA AG . 60.98 19.99 -23.21
C2B CLA AG . 61.08 18.68 -23.85
C3B CLA AG . 60.77 18.84 -25.18
C4B CLA AG . 60.48 20.29 -25.35
NC CLA AG . 59.99 23.28 -25.73
C1C CLA AG . 59.94 22.34 -26.70
C2C CLA AG . 59.67 23.01 -27.97
C3C CLA AG . 59.56 24.34 -27.73
C4C CLA AG . 59.77 24.52 -26.29
ND CLA AG . 60.31 24.91 -23.39
C1D CLA AG . 60.02 25.93 -24.22
C2D CLA AG . 60.08 27.17 -23.54
C3D CLA AG . 60.42 26.84 -22.23
C4D CLA AG . 60.56 25.46 -22.17
MG CLA BG . 58.01 31.97 -34.48
CHA CLA BG . 56.43 31.08 -37.47
CHB CLA BG . 58.97 34.91 -35.90
CHC CLA BG . 60.20 32.63 -31.86
CHD CLA BG . 57.63 28.73 -33.35
NA CLA BG . 57.73 32.89 -36.46
C1A CLA BG . 56.97 32.36 -37.49
C2A CLA BG . 56.83 33.41 -38.59
C3A CLA BG . 57.65 34.59 -38.07
C4A CLA BG . 58.15 34.12 -36.73
NB CLA BG . 59.37 33.53 -34.00
C1B CLA BG . 59.50 34.65 -34.71
C2B CLA BG . 60.40 35.55 -34.01
C3B CLA BG . 60.77 34.95 -32.84
C4B CLA BG . 60.10 33.62 -32.83
NC CLA BG . 58.80 30.86 -32.88
C1C CLA BG . 59.61 31.34 -31.91
C2C CLA BG . 59.81 30.29 -30.91
C3C CLA BG . 59.08 29.20 -31.30
C4C CLA BG . 58.45 29.56 -32.58
ND CLA BG . 57.24 30.25 -35.20
C1D CLA BG . 57.06 29.05 -34.61
C2D CLA BG . 56.30 28.18 -35.42
C3D CLA BG . 56.01 28.93 -36.57
C4D CLA BG . 56.61 30.19 -36.40
MG CLA CG . 79.62 17.02 -11.99
CHA CLA CG . 76.22 16.40 -11.44
CHB CLA CG . 79.78 18.63 -9.01
CHC CLA CG . 82.76 18.29 -12.75
CHD CLA CG . 79.23 16.00 -15.27
NA CLA CG . 78.17 17.47 -10.41
C1A CLA CG . 76.86 17.04 -10.38
C2A CLA CG . 76.26 17.35 -9.00
C3A CLA CG . 77.39 18.06 -8.29
C4A CLA CG . 78.53 18.06 -9.27
NB CLA CG . 81.02 18.27 -11.02
C1B CLA CG . 80.87 18.74 -9.78
C2B CLA CG . 82.07 19.43 -9.38
C3B CLA CG . 82.96 19.35 -10.41
C4B CLA CG . 82.27 18.60 -11.49
NC CLA CG . 80.80 17.14 -13.72
C1C CLA CG . 82.06 17.64 -13.79
C2C CLA CG . 82.57 17.40 -15.15
C3C CLA CG . 81.60 16.75 -15.86
C4C CLA CG . 80.46 16.59 -14.96
ND CLA CG . 78.10 16.36 -13.15
C1D CLA CG . 78.11 15.89 -14.42
C2D CLA CG . 76.84 15.36 -14.77
C3D CLA CG . 76.06 15.53 -13.63
C4D CLA CG . 76.85 16.14 -12.67
MG CLA DG . 50.53 23.50 -19.16
CHA CLA DG . 54.01 23.62 -18.83
CHB CLA DG . 50.65 26.20 -21.20
CHC CLA DG . 47.08 23.91 -18.97
CHD CLA DG . 50.40 21.23 -16.56
NA CLA DG . 52.15 24.77 -19.93
C1A CLA DG . 53.50 24.56 -19.72
C2A CLA DG . 54.29 25.52 -20.61
C3A CLA DG . 53.21 26.31 -21.33
C4A CLA DG . 51.91 25.74 -20.80
NB CLA DG . 49.12 24.86 -19.96
C1B CLA DG . 49.43 25.83 -20.83
C2B CLA DG . 48.21 26.47 -21.28
C3B CLA DG . 47.16 25.83 -20.68
C4B CLA DG . 47.76 24.79 -19.81
NC CLA DG . 49.00 22.70 -17.96
C1C CLA DG . 47.67 22.96 -18.09
C2C CLA DG . 46.94 22.10 -17.16
C3C CLA DG . 47.85 21.34 -16.49
C4C CLA DG . 49.17 21.73 -16.99
ND CLA DG . 51.86 22.59 -17.92
C1D CLA DG . 51.69 21.64 -16.99
C2D CLA DG . 52.92 21.17 -16.50
C3D CLA DG . 53.89 21.91 -17.19
C4D CLA DG . 53.20 22.78 -18.05
MG CLA EG . 41.74 18.30 -24.56
CHA CLA EG . 39.97 20.52 -22.53
CHB CLA EG . 44.49 20.27 -24.25
CHC CLA EG . 43.36 16.58 -27.11
CHD CLA EG . 38.77 16.74 -25.39
NA CLA EG . 42.17 20.18 -23.51
C1A CLA EG . 41.31 20.85 -22.67
C2A CLA EG . 42.05 21.97 -21.96
C3A CLA EG . 43.46 21.87 -22.54
C4A CLA EG . 43.40 20.70 -23.49
NB CLA EG . 43.62 18.44 -25.53
C1B CLA EG . 44.58 19.29 -25.16
C2B CLA EG . 45.79 19.01 -25.92
C3B CLA EG . 45.51 17.95 -26.75
C4B CLA EG . 44.10 17.58 -26.48
NC CLA EG . 41.16 16.89 -26.01
C1C CLA EG . 41.99 16.29 -26.91
C2C CLA EG . 41.21 15.28 -27.64
C3C CLA EG . 39.94 15.31 -27.16
C4C CLA EG . 39.90 16.35 -26.13
ND CLA EG . 39.78 18.54 -24.11
C1D CLA EG . 38.71 17.78 -24.43
C2D CLA EG . 37.56 18.21 -23.74
C3D CLA EG . 37.98 19.29 -22.96
C4D CLA EG . 39.35 19.46 -23.22
MG CLA FG . 88.45 34.71 -30.98
CHA CLA FG . 85.40 34.47 -29.28
CHB CLA FG . 87.68 31.86 -32.67
CHC CLA FG . 91.71 34.44 -32.17
CHD CLA FG . 89.46 37.15 -28.75
NA CLA FG . 86.74 33.32 -30.98
C1A CLA FG . 85.57 33.50 -30.25
C2A CLA FG . 84.55 32.46 -30.71
C3A CLA FG . 85.31 31.65 -31.75
C4A CLA FG . 86.66 32.30 -31.82
NB CLA FG . 89.50 33.34 -32.20
C1B CLA FG . 88.93 32.30 -32.82
C2B CLA FG . 89.91 31.67 -33.70
C3B CLA FG . 91.07 32.39 -33.59
C4B CLA FG . 90.81 33.47 -32.61
NC CLA FG . 90.28 35.63 -30.53
C1C CLA FG . 91.46 35.42 -31.17
C2C CLA FG . 92.45 36.36 -30.65
C3C CLA FG . 91.83 37.13 -29.70
C4C CLA FG . 90.45 36.66 -29.62
ND CLA FG . 87.66 35.63 -29.36
C1D CLA FG . 88.14 36.66 -28.62
C2D CLA FG . 87.16 37.11 -27.70
C3D CLA FG . 86.05 36.30 -27.91
C4D CLA FG . 86.40 35.40 -28.93
MG CLA GG . -5.80 54.23 31.43
CHA CLA GG . -5.87 52.29 28.51
CHB CLA GG . -2.85 55.57 30.42
CHC CLA GG . -5.28 55.63 34.56
CHD CLA GG . -8.40 52.34 32.70
NA CLA GG . -4.50 53.97 29.67
C1A CLA GG . -4.79 53.17 28.57
C2A CLA GG . -3.77 53.45 27.47
C3A CLA GG . -2.83 54.47 28.11
C4A CLA GG . -3.42 54.70 29.48
NB CLA GG . -4.28 55.40 32.33
C1B CLA GG . -3.22 55.87 31.66
C2B CLA GG . -2.48 56.75 32.55
C3B CLA GG . -3.14 56.81 33.75
C4B CLA GG . -4.32 55.92 33.60
NC CLA GG . -6.69 54.01 33.31
C1C CLA GG . -6.36 54.71 34.43
C2C CLA GG . -7.30 54.36 35.49
C3C CLA GG . -8.18 53.45 34.98
C4C CLA GG . -7.79 53.22 33.59
ND CLA GG . -6.91 52.65 30.80
C1D CLA GG . -7.98 52.05 31.37
C2D CLA GG . -8.56 51.11 30.49
C3D CLA GG . -7.78 51.16 29.35
C4D CLA GG . -6.78 52.11 29.57
MG CLA HG . -18.24 29.83 11.62
CHA CLA HG . -18.60 27.12 13.80
CHB CLA HG . -17.07 27.72 9.25
CHC CLA HG . -17.19 32.50 9.67
CHD CLA HG . -18.78 31.98 14.27
NA CLA HG . -17.87 27.66 11.53
C1A CLA HG . -18.18 26.75 12.53
C2A CLA HG . -18.00 25.34 11.98
C3A CLA HG . -17.50 25.57 10.56
C4A CLA HG . -17.47 27.07 10.42
NB CLA HG . -17.27 30.05 9.76
C1B CLA HG . -16.97 29.02 8.96
C2B CLA HG . -16.45 29.54 7.70
C3B CLA HG . -16.48 30.90 7.78
C4B CLA HG . -17.01 31.23 9.13
NC CLA HG . -18.01 31.90 11.92
C1C CLA HG . -17.63 32.80 10.98
C2C CLA HG . -17.73 34.14 11.56
C3C CLA HG . -18.18 34.01 12.84
C4C CLA HG . -18.35 32.58 13.08
ND CLA HG . -18.60 29.65 13.61
C1D CLA HG . -18.88 30.59 14.54
C2D CLA HG . -19.24 30.00 15.77
C3D CLA HG . -19.16 28.63 15.55
C4D CLA HG . -18.75 28.45 14.22
MG CLA IG . -14.18 34.02 -0.90
CHA CLA IG . -15.19 31.61 1.43
CHB CLA IG . -14.75 36.44 1.41
CHC CLA IG . -13.90 36.50 -3.31
CHD CLA IG . -14.29 31.61 -3.37
NA CLA IG . -14.89 34.03 1.19
C1A CLA IG . -15.16 32.91 1.95
C2A CLA IG . -15.39 33.33 3.40
C3A CLA IG . -15.27 34.84 3.35
C4A CLA IG . -14.95 35.15 1.90
NB CLA IG . -14.32 36.13 -0.92
C1B CLA IG . -14.49 36.88 0.18
C2B CLA IG . -14.39 38.28 -0.18
C3B CLA IG . -14.14 38.34 -1.53
C4B CLA IG . -14.09 36.93 -2.01
NC CLA IG . -14.11 34.05 -2.99
C1C CLA IG . -13.93 35.16 -3.76
C2C CLA IG . -13.80 34.73 -5.16
C3C CLA IG . -13.90 33.37 -5.19
C4C CLA IG . -14.11 32.93 -3.80
ND CLA IG . -14.64 32.06 -1.01
C1D CLA IG . -14.55 31.19 -2.04
C2D CLA IG . -14.80 29.86 -1.62
C3D CLA IG . -15.04 29.96 -0.26
C4D CLA IG . -14.95 31.31 0.08
MG CLA JG . -2.17 42.71 -2.51
CHA CLA JG . -4.99 43.82 -4.25
CHB CLA JG . -0.20 44.28 -4.77
CHC CLA JG . 0.64 41.08 -1.29
CHD CLA JG . -4.20 40.59 -0.67
NA CLA JG . -2.55 43.91 -4.31
C1A CLA JG . -3.80 44.31 -4.77
C2A CLA JG . -3.61 45.32 -5.90
C3A CLA JG . -2.11 45.42 -6.04
C4A CLA JG . -1.56 44.49 -4.98
NB CLA JG . -0.12 42.68 -2.99
C1B CLA JG . 0.44 43.48 -3.91
C2B CLA JG . 1.88 43.31 -3.87
C3B CLA JG . 2.16 42.41 -2.88
C4B CLA JG . 0.86 42.00 -2.31
NC CLA JG . -1.84 41.09 -1.21
C1C CLA JG . -0.62 40.64 -0.81
C2C CLA JG . -0.82 39.60 0.20
C3C CLA JG . -2.17 39.47 0.39
C4C CLA JG . -2.81 40.41 -0.52
ND CLA JG . -4.15 42.25 -2.44
C1D CLA JG . -4.83 41.45 -1.59
C2D CLA JG . -6.24 41.58 -1.80
C3D CLA JG . -6.36 42.50 -2.83
C4D CLA JG . -5.06 42.89 -3.20
MG CLA KG . -2.36 27.41 10.37
CHA CLA KG . -2.09 24.00 9.61
CHB CLA KG . -3.29 28.01 7.16
CHC CLA KG . -1.97 30.83 10.81
CHD CLA KG . -0.75 26.83 13.36
NA CLA KG . -2.65 26.15 8.58
C1A CLA KG . -2.56 24.78 8.55
C2A CLA KG . -3.07 24.27 7.20
C3A CLA KG . -3.41 25.55 6.46
C4A CLA KG . -3.12 26.65 7.44
NB CLA KG . -2.58 29.12 9.15
C1B CLA KG . -3.05 29.09 7.90
C2B CLA KG . -3.23 30.46 7.42
C3B CLA KG . -2.86 31.30 8.44
C4B CLA KG . -2.44 30.42 9.57
NC CLA KG . -1.49 28.63 11.84
C1C CLA KG . -1.50 29.99 11.85
C2C CLA KG . -0.92 30.44 13.11
C3C CLA KG . -0.58 29.33 13.84
C4C CLA KG . -0.94 28.17 13.02
ND CLA KG . -1.55 25.81 11.32
C1D CLA KG . -1.03 25.70 12.56
C2D CLA KG . -0.77 24.35 12.89
C3D CLA KG . -1.16 23.62 11.76
C4D CLA KG . -1.64 24.56 10.82
MG CLA LG . -3.34 37.52 17.17
CHA CLA LG . -3.56 40.19 14.92
CHB CLA LG . -3.06 39.74 19.72
CHC CLA LG . -2.42 34.99 19.38
CHD CLA LG . -2.94 35.35 14.51
NA CLA LG . -3.31 39.71 17.30
C1A CLA LG . -3.50 40.59 16.26
C2A CLA LG . -3.64 42.01 16.79
C3A CLA LG . -3.46 41.83 18.29
C4A CLA LG . -3.27 40.35 18.47
NB CLA LG . -2.81 37.42 19.22
C1B CLA LG . -2.84 38.46 20.05
C2B CLA LG . -2.57 38.01 21.40
C3B CLA LG . -2.39 36.65 21.35
C4B CLA LG . -2.55 36.27 19.93
NC CLA LG . -2.76 35.52 16.98
C1C CLA LG . -2.49 34.66 18.00
C2C CLA LG . -2.27 33.32 17.44
C3C CLA LG . -2.42 33.41 16.09
C4C CLA LG . -2.73 34.81 15.79
ND CLA LG . -3.25 37.67 15.16
C1D CLA LG . -3.18 36.71 14.21
C2D CLA LG . -3.31 37.26 12.91
C3D CLA LG . -3.47 38.64 13.12
C4D CLA LG . -3.42 38.85 14.51
MG CLA MG . -19.29 46.28 11.79
CHA CLA MG . -17.76 48.22 14.26
CHB CLA MG . -19.17 48.93 9.68
CHC CLA MG . -21.42 44.70 9.55
CHD CLA MG . -20.01 43.89 14.17
NA CLA MG . -18.55 48.34 11.95
C1A CLA MG . -17.88 48.88 13.04
C2A CLA MG . -17.33 50.25 12.66
C3A CLA MG . -17.80 50.44 11.23
C4A CLA MG . -18.55 49.17 10.91
NB CLA MG . -20.16 46.77 9.92
C1B CLA MG . -19.88 47.89 9.25
C2B CLA MG . -20.52 47.82 7.94
C3B CLA MG . -21.17 46.62 7.86
C4B CLA MG . -20.94 45.94 9.15
NC CLA MG . -20.52 44.58 11.85
C1C CLA MG . -21.25 44.08 10.82
C2C CLA MG . -21.84 42.81 11.24
C3C CLA MG . -21.45 42.57 12.53
C4C CLA MG . -20.61 43.71 12.92
ND CLA MG . -18.99 46.05 13.78
C1D CLA MG . -19.25 45.01 14.59
C2D CLA MG . -18.70 45.22 15.88
C3D CLA MG . -18.10 46.47 15.82
C4D CLA MG . -18.31 46.95 14.52
MG CLA NG . -9.54 51.36 17.46
CHA CLA NG . -9.00 51.35 20.92
CHB CLA NG . -9.57 47.96 17.50
CHC CLA NG . -9.35 51.25 14.00
CHD CLA NG . -8.81 54.73 17.40
NA CLA NG . -9.31 49.83 19.02
C1A CLA NG . -9.18 50.07 20.38
C2A CLA NG . -9.29 48.75 21.14
C3A CLA NG . -9.44 47.73 20.03
C4A CLA NG . -9.44 48.53 18.77
NB CLA NG . -9.45 49.84 16.00
C1B CLA NG . -9.55 48.53 16.29
C2B CLA NG . -9.61 47.78 15.04
C3B CLA NG . -9.56 48.68 14.01
C4B CLA NG . -9.45 50.02 14.63
NC CLA NG . -9.13 52.76 15.95
C1C CLA NG . -9.16 52.51 14.61
C2C CLA NG . -8.97 53.78 13.91
C3C CLA NG . -8.83 54.76 14.84
C4C CLA NG . -8.92 54.11 16.15
ND CLA NG . -9.00 52.78 18.81
C1D CLA NG . -8.83 54.10 18.67
C2D CLA NG . -8.65 54.73 19.92
C3D CLA NG . -8.70 53.70 20.85
C4D CLA NG . -8.92 52.51 20.14
MG CLA OG . -17.57 32.87 20.01
CHA CLA OG . -19.58 33.16 22.85
CHB CLA OG . -18.69 35.87 18.93
CHC CLA OG . -16.19 32.35 16.86
CHD CLA OG . -17.00 29.55 20.80
NA CLA OG . -18.98 34.36 20.79
C1A CLA OG . -19.61 34.29 22.02
C2A CLA OG . -20.31 35.61 22.30
C3A CLA OG . -20.02 36.42 21.04
C4A CLA OG . -19.18 35.51 20.19
NB CLA OG . -17.48 33.95 18.19
C1B CLA OG . -17.97 35.19 18.04
C2B CLA OG . -17.61 35.68 16.73
C3B CLA OG . -16.88 34.72 16.10
C4B CLA OG . -16.80 33.58 17.06
NC CLA OG . -16.74 31.22 19.00
C1C CLA OG . -16.19 31.24 17.76
C2C CLA OG . -15.60 29.93 17.48
C3C CLA OG . -15.82 29.15 18.58
C4C CLA OG . -16.55 29.97 19.54
ND CLA OG . -18.14 31.58 21.46
C1D CLA OG . -17.77 30.31 21.71
C2D CLA OG . -18.28 29.87 22.95
C3D CLA OG . -19.01 30.95 23.46
C4D CLA OG . -18.90 31.98 22.51
MG CLA PG . -8.16 27.84 -4.29
CHA CLA PG . -8.76 24.42 -4.69
CHB CLA PG . -6.38 27.84 -7.18
CHC CLA PG . -6.93 31.02 -3.63
CHD CLA PG . -9.36 27.62 -1.06
NA CLA PG . -7.63 26.31 -5.77
C1A CLA PG . -8.06 24.99 -5.76
C2A CLA PG . -7.67 24.32 -7.07
C3A CLA PG . -6.92 25.42 -7.81
C4A CLA PG . -6.97 26.61 -6.88
NB CLA PG . -6.85 29.18 -5.26
C1B CLA PG . -6.32 28.96 -6.46
C2B CLA PG . -5.60 30.16 -6.89
C3B CLA PG . -5.74 31.09 -5.91
C4B CLA PG . -6.55 30.45 -4.84
NC CLA PG . -8.13 29.10 -2.62
C1C CLA PG . -7.64 30.37 -2.58
C2C CLA PG . -7.95 30.95 -1.27
C3C CLA PG . -8.63 30.01 -0.55
C4C CLA PG . -8.74 28.83 -1.40
ND CLA PG . -8.89 26.38 -3.08
C1D CLA PG . -9.42 26.44 -1.85
C2D CLA PG . -9.97 25.21 -1.46
C3D CLA PG . -9.74 24.35 -2.54
C4D CLA PG . -9.07 25.11 -3.52
MG CLA QG . -4.09 41.27 -10.28
CHA CLA QG . -4.16 40.39 -13.67
CHB CLA QG . -0.69 41.24 -10.39
CHC CLA QG . -3.89 41.42 -6.81
CHD CLA QG . -7.47 40.60 -10.07
NA CLA QG . -2.59 40.86 -11.84
C1A CLA QG . -2.87 40.61 -13.17
C2A CLA QG . -1.57 40.62 -13.97
C3A CLA QG . -0.52 40.87 -12.91
C4A CLA QG . -1.29 41.00 -11.63
NB CLA QG . -2.52 41.30 -8.86
C1B CLA QG . -1.23 41.35 -9.17
C2B CLA QG . -0.44 41.52 -7.96
C3B CLA QG . -1.32 41.59 -6.91
C4B CLA QG . -2.68 41.44 -7.50
NC CLA QG . -5.45 41.04 -8.70
C1C CLA QG . -5.18 41.20 -7.39
C2C CLA QG . -6.43 41.09 -6.64
C3C CLA QG . -7.43 40.87 -7.53
C4C CLA QG . -6.81 40.83 -8.86
ND CLA QG . -5.54 40.62 -11.54
C1D CLA QG . -6.86 40.49 -11.36
C2D CLA QG . -7.52 40.19 -12.56
C3D CLA QG . -6.52 40.14 -13.52
C4D CLA QG . -5.31 40.40 -12.86
MG CLA RG . -8.58 35.96 22.81
CHA CLA RG . -9.76 38.10 20.31
CHB CLA RG . -10.58 37.54 25.06
CHC CLA RG . -6.98 34.39 25.46
CHD CLA RG . -6.11 34.87 20.66
NA CLA RG . -10.01 37.63 22.69
C1A CLA RG . -10.38 38.30 21.54
C2A CLA RG . -11.55 39.22 21.85
C3A CLA RG . -11.76 39.03 23.34
C4A CLA RG . -10.73 38.00 23.74
NB CLA RG . -8.76 35.99 24.91
C1B CLA RG . -9.71 36.67 25.57
C2B CLA RG . -9.63 36.34 26.99
C3B CLA RG . -8.62 35.45 27.15
C4B CLA RG . -8.05 35.21 25.80
NC CLA RG . -6.83 34.83 23.03
C1C CLA RG . -6.40 34.24 24.17
C2C CLA RG . -5.22 33.44 23.86
C3C CLA RG . -4.97 33.55 22.53
C4C CLA RG . -5.99 34.45 21.99
ND CLA RG . -8.01 36.36 20.91
C1D CLA RG . -7.06 35.79 20.14
C2D CLA RG . -7.12 36.27 18.81
C3D CLA RG . -8.17 37.19 18.81
C4D CLA RG . -8.69 37.22 20.11
MG CLA SG . -18.61 47.71 20.00
CHA CLA SG . -22.10 47.54 19.95
CHB CLA SG . -18.79 51.01 19.27
CHC CLA SG . -15.20 47.82 19.33
CHD CLA SG . -18.49 44.26 20.04
NA CLA SG . -20.26 49.13 19.65
C1A CLA SG . -21.61 48.84 19.77
C2A CLA SG . -22.40 50.13 19.68
C3A CLA SG . -21.34 51.19 19.46
C4A CLA SG . -20.04 50.41 19.46
NB CLA SG . -17.24 49.20 19.38
C1B CLA SG . -17.57 50.48 19.23
C2B CLA SG . -16.36 51.24 18.95
C3B CLA SG . -15.31 50.37 18.96
C4B CLA SG . -15.89 49.03 19.24
NC CLA SG . -17.10 46.27 19.72
C1C CLA SG . -15.78 46.54 19.52
C2C CLA SG . -15.06 45.27 19.51
C3C CLA SG . -15.96 44.27 19.72
C4C CLA SG . -17.27 44.91 19.84
ND CLA SG . -19.95 46.19 19.98
C1D CLA SG . -19.77 44.86 20.10
C2D CLA SG . -21.01 44.19 20.23
C3D CLA SG . -21.97 45.19 20.18
C4D CLA SG . -21.29 46.40 20.02
MG CLA TG . 5.75 25.57 10.88
CHA CLA TG . 6.68 22.22 10.59
CHB CLA TG . 5.12 25.66 7.54
CHC CLA TG . 5.50 29.04 10.92
CHD CLA TG . 7.06 25.63 14.07
NA CLA TG . 5.89 24.11 9.25
C1A CLA TG . 6.22 22.77 9.40
C2A CLA TG . 5.97 22.04 8.08
C3A CLA TG . 5.50 23.15 7.16
C4A CLA TG . 5.49 24.39 8.02
NB CLA TG . 5.38 27.09 9.44
C1B CLA TG . 5.08 26.84 8.16
C2B CLA TG . 4.75 28.09 7.50
C3B CLA TG . 4.83 29.08 8.43
C4B CLA TG . 5.26 28.44 9.70
NC CLA TG . 6.22 27.09 12.26
C1C CLA TG . 5.98 28.42 12.10
C2C CLA TG . 6.32 29.10 13.35
C3C CLA TG . 6.75 28.16 14.24
C4C CLA TG . 6.69 26.87 13.54
ND CLA TG . 6.69 24.27 12.10
C1D CLA TG . 7.07 24.39 13.39
C2D CLA TG . 7.52 23.15 13.91
C3D CLA TG . 7.39 22.25 12.85
C4D CLA TG . 6.88 22.97 11.76
MG CLA UG . -9.05 41.03 35.00
CHA CLA UG . -10.31 41.77 38.17
CHB CLA UG . -10.08 37.80 35.40
CHC CLA UG . -7.23 40.01 32.23
CHD CLA UG . -7.45 44.08 34.96
NA CLA UG . -10.08 39.92 36.61
C1A CLA UG . -10.57 40.46 37.77
C2A CLA UG . -11.41 39.42 38.50
C3A CLA UG . -11.30 38.20 37.62
C4A CLA UG . -10.44 38.65 36.46
NB CLA UG . -8.71 39.18 34.00
C1B CLA UG . -9.31 38.03 34.33
C2B CLA UG . -8.96 37.02 33.34
C3B CLA UG . -8.15 37.61 32.42
C4B CLA UG . -7.98 39.02 32.85
NC CLA UG . -7.57 41.90 33.80
C1C CLA UG . -7.01 41.33 32.69
C2C CLA UG . -6.13 42.32 32.07
C3C CLA UG . -6.20 43.47 32.82
C4C CLA UG . -7.11 43.19 33.93
ND CLA UG . -8.87 42.60 36.26
C1D CLA UG . -8.28 43.79 36.07
C2D CLA UG . -8.56 44.67 37.14
C3D CLA UG . -9.36 43.94 38.01
C4D CLA UG . -9.53 42.67 37.44
MG CLA VG . -16.75 33.97 38.79
CHA CLA VG . -15.98 32.87 42.03
CHB CLA VG . -16.30 37.17 39.82
CHC CLA VG . -18.18 35.20 35.87
CHD CLA VG . -17.86 30.80 38.01
NA CLA VG . -16.20 34.93 40.70
C1A CLA VG . -15.85 34.25 41.86
C2A CLA VG . -15.32 35.25 42.87
C3A CLA VG . -15.45 36.58 42.15
C4A CLA VG . -16.01 36.23 40.80
NB CLA VG . -17.18 35.88 38.01
C1B CLA VG . -16.82 37.03 38.60
C2B CLA VG . -17.13 38.15 37.71
C3B CLA VG . -17.66 37.62 36.56
C4B CLA VG . -17.70 36.15 36.75
NC CLA VG . -17.85 33.13 37.21
C1C CLA VG . -18.27 33.80 36.10
C2C CLA VG . -18.87 32.83 35.18
C3C CLA VG . -18.78 31.59 35.77
C4C CLA VG . -18.14 31.79 37.06
ND CLA VG . -16.92 32.20 39.76
C1D CLA VG . -17.30 30.98 39.30
C2D CLA VG . -17.08 29.99 40.28
C3D CLA VG . -16.56 30.66 41.38
C4D CLA VG . -16.49 32.02 41.02
MG CLA WG . -46.58 -27.34 -33.46
CHA CLA WG . -43.03 -27.46 -34.05
CHB CLA WG . -46.35 -30.34 -31.89
CHC CLA WG . -49.69 -26.85 -31.92
CHD CLA WG . -46.62 -24.07 -34.49
NA CLA WG . -44.91 -28.70 -33.00
C1A CLA WG . -43.60 -28.59 -33.48
C2A CLA WG . -42.90 -29.93 -33.32
C3A CLA WG . -44.00 -30.82 -32.75
C4A CLA WG . -45.15 -29.92 -32.51
NB CLA WG . -47.78 -28.41 -32.10
C1B CLA WG . -47.48 -29.66 -31.65
C2B CLA WG . -48.59 -30.13 -30.80
C3B CLA WG . -49.56 -29.12 -30.81
C4B CLA WG . -49.04 -28.06 -31.65
NC CLA WG . -47.90 -25.70 -33.22
C1C CLA WG . -49.15 -25.76 -32.67
C2C CLA WG . -49.84 -24.51 -32.94
C3C CLA WG . -49.00 -23.73 -33.67
C4C CLA WG . -47.75 -24.50 -33.83
ND CLA WG . -45.22 -26.02 -34.10
C1D CLA WG . -45.41 -24.77 -34.63
C2D CLA WG . -44.25 -24.28 -35.25
C3D CLA WG . -43.29 -25.28 -35.10
C4D CLA WG . -43.93 -26.33 -34.33
MG CLA XG . -52.79 -37.28 -33.03
CHA CLA XG . -51.02 -34.44 -34.02
CHB CLA XG . -54.11 -37.48 -36.15
CHC CLA XG . -53.71 -40.62 -32.49
CHD CLA XG . -50.93 -37.37 -30.11
NA CLA XG . -52.60 -36.07 -34.87
C1A CLA XG . -51.97 -34.86 -34.96
C2A CLA XG . -52.49 -34.10 -36.20
C3A CLA XG . -53.51 -35.07 -36.79
C4A CLA XG . -53.42 -36.28 -35.90
NB CLA XG . -53.75 -38.80 -34.15
C1B CLA XG . -54.18 -38.61 -35.41
C2B CLA XG . -54.61 -39.90 -35.95
C3B CLA XG . -54.48 -40.83 -34.93
C4B CLA XG . -54.00 -40.09 -33.75
NC CLA XG . -52.36 -38.77 -31.53
C1C CLA XG . -52.96 -39.99 -31.45
C2C CLA XG . -52.76 -40.51 -30.09
C3C CLA XG . -51.99 -39.59 -29.42
C4C CLA XG . -51.71 -38.51 -30.35
ND CLA XG . -51.30 -36.20 -32.19
C1D CLA XG . -50.69 -36.31 -30.99
C2D CLA XG . -49.70 -35.31 -30.83
C3D CLA XG . -49.77 -34.54 -32.02
C4D CLA XG . -50.78 -35.09 -32.80
MG CLA YG . -51.05 -45.82 -32.39
CHA CLA YG . -53.15 -48.57 -32.78
CHB CLA YG . -51.97 -44.74 -35.48
CHC CLA YG . -49.97 -42.56 -31.74
CHD CLA YG . -50.65 -46.62 -29.08
NA CLA YG . -52.44 -46.55 -33.91
C1A CLA YG . -53.09 -47.74 -33.89
C2A CLA YG . -53.70 -48.01 -35.26
C3A CLA YG . -53.20 -46.86 -36.08
C4A CLA YG . -52.49 -46.00 -35.12
NB CLA YG . -51.02 -43.96 -33.43
C1B CLA YG . -51.35 -43.83 -34.75
C2B CLA YG . -50.98 -42.49 -35.22
C3B CLA YG . -50.42 -41.83 -34.14
C4B CLA YG . -50.45 -42.79 -33.01
NC CLA YG . -50.47 -44.75 -30.66
C1C CLA YG . -49.99 -43.49 -30.65
C2C CLA YG . -49.44 -43.21 -29.33
C3C CLA YG . -49.62 -44.31 -28.58
C4C CLA YG . -50.26 -45.32 -29.44
ND CLA YG . -51.75 -47.25 -31.14
C1D CLA YG . -51.37 -47.55 -29.88
C2D CLA YG . -51.83 -48.83 -29.49
C3D CLA YG . -52.55 -49.29 -30.59
C4D CLA YG . -52.49 -48.29 -31.57
MG CLA ZG . -26.31 -50.56 -50.76
CHA CLA ZG . -25.36 -53.82 -51.62
CHB CLA ZG . -23.60 -49.36 -52.43
CHC CLA ZG . -27.61 -47.34 -50.70
CHD CLA ZG . -29.30 -51.78 -49.54
NA CLA ZG . -24.67 -51.50 -51.89
C1A CLA ZG . -24.44 -52.85 -52.02
C2A CLA ZG . -23.07 -53.08 -52.67
C3A CLA ZG . -22.54 -51.65 -52.86
C4A CLA ZG . -23.65 -50.77 -52.36
NB CLA ZG . -25.71 -48.67 -51.46
C1B CLA ZG . -24.52 -48.44 -52.08
C2B CLA ZG . -24.42 -47.03 -52.38
C3B CLA ZG . -25.56 -46.41 -51.90
C4B CLA ZG . -26.37 -47.48 -51.30
NC CLA ZG . -28.17 -49.71 -50.23
C1C CLA ZG . -28.44 -48.39 -50.18
C2C CLA ZG . -29.71 -48.21 -49.50
C3C CLA ZG . -30.18 -49.43 -49.15
C4C CLA ZG . -29.20 -50.40 -49.63
ND CLA ZG . -27.20 -52.36 -50.62
C1D CLA ZG . -28.37 -52.73 -50.03
C2D CLA ZG . -28.52 -54.12 -50.04
C3D CLA ZG . -27.37 -54.63 -50.65
C4D CLA ZG . -26.58 -53.52 -50.99
MG CLA AH . -17.56 -45.02 -46.09
CHA CLA AH . -16.22 -41.81 -45.83
CHB CLA AH . -19.97 -43.85 -48.20
CHC CLA AH . -19.39 -47.99 -45.86
CHD CLA AH . -15.66 -45.96 -43.35
NA CLA AH . -18.06 -43.05 -46.88
C1A CLA AH . -17.27 -41.92 -46.70
C2A CLA AH . -17.71 -40.89 -47.72
C3A CLA AH . -18.91 -41.53 -48.36
C4A CLA AH . -19.01 -42.89 -47.78
NB CLA AH . -19.40 -45.76 -46.90
C1B CLA AH . -20.13 -45.11 -47.81
C2B CLA AH . -21.12 -46.03 -48.37
C3B CLA AH . -20.97 -47.22 -47.71
C4B CLA AH . -19.87 -47.04 -46.76
NC CLA AH . -17.54 -46.69 -44.81
C1C CLA AH . -18.32 -47.80 -44.93
C2C CLA AH . -17.92 -48.76 -43.92
C3C CLA AH . -16.89 -48.21 -43.22
C4C CLA AH . -16.64 -46.89 -43.79
ND CLA AH . -16.26 -44.11 -44.79
C1D CLA AH . -15.48 -44.64 -43.83
C2D CLA AH . -14.46 -43.71 -43.43
C3D CLA AH . -14.71 -42.57 -44.17
C4D CLA AH . -15.83 -42.84 -44.99
MG CLA BH . -24.57 -39.28 -48.77
CHA CLA BH . -26.07 -42.39 -48.10
CHB CLA BH . -22.78 -39.54 -45.89
CHC CLA BH . -23.36 -36.03 -49.13
CHD CLA BH . -26.95 -38.65 -51.22
NA CLA BH . -24.43 -40.79 -47.19
C1A CLA BH . -25.10 -42.03 -47.15
C2A CLA BH . -24.57 -42.85 -45.96
C3A CLA BH . -23.63 -41.87 -45.30
C4A CLA BH . -23.59 -40.66 -46.17
NB CLA BH . -23.29 -38.00 -47.65
C1B CLA BH . -22.63 -38.38 -46.57
C2B CLA BH . -21.67 -37.34 -46.20
C3B CLA BH . -21.82 -36.30 -47.12
C4B CLA BH . -22.87 -36.75 -48.05
NC CLA BH . -25.08 -37.61 -49.98
C1C CLA BH . -24.42 -36.42 -50.01
C2C CLA BH . -24.96 -35.61 -51.08
C3C CLA BH . -25.98 -36.31 -51.66
C4C CLA BH . -26.06 -37.60 -50.95
ND CLA BH . -26.19 -40.23 -49.52
C1D CLA BH . -27.01 -39.90 -50.54
C2D CLA BH . -27.90 -40.95 -50.83
C3D CLA BH . -27.58 -41.96 -49.91
C4D CLA BH . -26.52 -41.49 -49.12
MG CLA CH . -35.35 -34.32 -64.69
CHA CLA CH . -38.53 -33.99 -66.08
CHB CLA CH . -36.77 -34.76 -61.60
CHC CLA CH . -32.37 -35.58 -63.38
CHD CLA CH . -34.06 -34.71 -67.89
NA CLA CH . -37.43 -34.40 -63.94
C1A CLA CH . -38.56 -34.14 -64.69
C2A CLA CH . -39.79 -34.08 -63.77
C3A CLA CH . -39.18 -34.29 -62.37
C4A CLA CH . -37.70 -34.48 -62.61
NB CLA CH . -34.69 -35.08 -62.81
C1B CLA CH . -35.45 -35.04 -61.67
C2B CLA CH . -34.61 -35.40 -60.54
C3B CLA CH . -33.35 -35.64 -61.01
C4B CLA CH . -33.41 -35.43 -62.47
NC CLA CH . -33.53 -35.07 -65.51
C1C CLA CH . -32.43 -35.42 -64.80
C2C CLA CH . -31.32 -35.64 -65.72
C3C CLA CH . -31.79 -35.38 -66.99
C4C CLA CH . -33.19 -35.02 -66.85
ND CLA CH . -36.08 -34.39 -66.58
C1D CLA CH . -35.43 -34.41 -67.77
C2D CLA CH . -36.31 -34.15 -68.83
C3D CLA CH . -37.55 -33.96 -68.23
C4D CLA CH . -37.38 -34.13 -66.86
MG CLA DH . -38.34 -29.45 -54.63
CHA CLA DH . -35.15 -28.06 -54.62
CHB CLA DH . -37.14 -32.20 -56.26
CHC CLA DH . -41.22 -31.23 -53.94
CHD CLA DH . -39.35 -26.96 -52.46
NA CLA DH . -36.37 -30.06 -55.32
C1A CLA DH . -35.22 -29.29 -55.28
C2A CLA DH . -34.11 -30.00 -56.03
C3A CLA DH . -34.79 -31.25 -56.58
C4A CLA DH . -36.19 -31.18 -56.05
NB CLA DH . -39.05 -31.40 -55.02
C1B CLA DH . -38.37 -32.31 -55.77
C2B CLA DH . -39.21 -33.49 -55.95
C3B CLA DH . -40.38 -33.25 -55.30
C4B CLA DH . -40.27 -31.90 -54.70
NC CLA DH . -39.99 -29.15 -53.36
C1C CLA DH . -41.08 -29.94 -53.32
C2C CLA DH . -42.10 -29.25 -52.52
C3C CLA DH . -41.57 -28.06 -52.13
C4C CLA DH . -40.23 -28.00 -52.65
ND CLA DH . -37.48 -27.87 -53.68
C1D CLA DH . -38.03 -26.90 -52.94
C2D CLA DH . -37.10 -25.85 -52.67
C3D CLA DH . -35.94 -26.25 -53.32
C4D CLA DH . -36.21 -27.49 -53.92
MG CLA EH . -47.68 -33.83 -56.97
CHA CLA EH . -44.84 -33.69 -58.97
CHB CLA EH . -48.80 -36.50 -58.73
CHC CLA EH . -50.30 -34.31 -54.70
CHD CLA EH . -46.35 -31.42 -54.91
NA CLA EH . -46.87 -35.01 -58.63
C1A CLA EH . -45.72 -34.73 -59.32
C2A CLA EH . -45.59 -35.72 -60.49
C3A CLA EH . -46.85 -36.57 -60.39
C4A CLA EH . -47.57 -36.01 -59.19
NB CLA EH . -49.26 -35.19 -56.75
C1B CLA EH . -49.54 -36.15 -57.67
C2B CLA EH . -50.81 -36.76 -57.33
C3B CLA EH . -51.24 -36.18 -56.17
C4B CLA EH . -50.25 -35.16 -55.80
NC CLA EH . -48.20 -33.03 -55.07
C1C CLA EH . -49.33 -33.33 -54.36
C2C CLA EH . -49.36 -32.48 -53.17
C3C CLA EH . -48.26 -31.66 -53.24
C4C CLA EH . -47.54 -32.01 -54.45
ND CLA EH . -45.96 -32.78 -56.87
C1D CLA EH . -45.61 -31.78 -56.06
C2D CLA EH . -44.44 -31.13 -56.53
C3D CLA EH . -44.09 -31.84 -57.67
C4D CLA EH . -45.03 -32.85 -57.84
MG CLA FH . -7.71 -46.00 -60.02
CHA CLA FH . -5.05 -47.99 -61.13
CHB CLA FH . -6.00 -45.37 -57.14
CHC CLA FH . -9.75 -43.24 -59.26
CHD CLA FH . -8.94 -45.96 -63.27
NA CLA FH . -5.72 -46.59 -59.24
C1A CLA FH . -4.88 -47.51 -59.83
C2A CLA FH . -3.78 -47.87 -58.84
C3A CLA FH . -4.12 -47.07 -57.60
C4A CLA FH . -5.36 -46.29 -57.98
NB CLA FH . -7.82 -44.51 -58.46
C1B CLA FH . -7.05 -44.57 -57.37
C2B CLA FH . -7.54 -43.57 -56.43
C3B CLA FH . -8.60 -42.96 -57.00
C4B CLA FH . -8.79 -43.57 -58.32
NC CLA FH . -9.11 -44.76 -61.12
C1C CLA FH . -9.87 -43.79 -60.56
C2C CLA FH . -10.85 -43.38 -61.57
C3C CLA FH . -10.62 -44.14 -62.69
C4C CLA FH . -9.52 -45.02 -62.39
ND CLA FH . -7.14 -46.76 -61.85
C1D CLA FH . -7.81 -46.76 -63.02
C2D CLA FH . -7.20 -47.68 -63.92
C3D CLA FH . -6.12 -48.20 -63.22
C4D CLA FH . -6.10 -47.59 -61.97
MG CLA GH . -20.29 -55.59 -57.85
CHA CLA GH . -20.53 -57.29 -54.78
CHB CLA GH . -22.14 -58.02 -59.34
CHC CLA GH . -21.04 -53.52 -60.55
CHD CLA GH . -19.07 -52.84 -56.13
NA CLA GH . -21.24 -57.42 -57.13
C1A CLA GH . -21.13 -57.95 -55.87
C2A CLA GH . -21.79 -59.32 -55.84
C3A CLA GH . -22.23 -59.53 -57.29
C4A CLA GH . -21.83 -58.28 -57.99
NB CLA GH . -21.42 -55.75 -59.63
C1B CLA GH . -21.98 -56.91 -60.05
C2B CLA GH . -22.47 -56.73 -61.43
C3B CLA GH . -22.18 -55.45 -61.79
C4B CLA GH . -21.50 -54.83 -60.63
NC CLA GH . -20.11 -53.51 -58.25
C1C CLA GH . -20.41 -52.91 -59.43
C2C CLA GH . -20.04 -51.50 -59.35
C3C CLA GH . -19.49 -51.30 -58.11
C4C CLA GH . -19.51 -52.59 -57.43
ND CLA GH . -19.89 -55.10 -55.90
C1D CLA GH . -19.25 -54.02 -55.39
C2D CLA GH . -18.91 -54.21 -54.04
C3D CLA GH . -19.38 -55.50 -53.72
C4D CLA GH . -19.98 -56.00 -54.89
MG CLA HH . 1.31 -39.86 -56.30
CHA CLA HH . 1.05 -43.17 -55.30
CHB CLA HH . 4.54 -39.75 -55.18
CHC CLA HH . 1.74 -36.67 -57.59
CHD CLA HH . -1.81 -40.05 -57.78
NA CLA HH . 2.64 -41.31 -55.37
C1A CLA HH . 2.29 -42.59 -55.00
C2A CLA HH . 3.49 -43.27 -54.31
C3A CLA HH . 4.56 -42.17 -54.28
C4A CLA HH . 3.90 -40.99 -54.95
NB CLA HH . 2.89 -38.46 -56.37
C1B CLA HH . 4.11 -38.65 -55.81
C2B CLA HH . 4.92 -37.45 -56.04
C3B CLA HH . 4.15 -36.57 -56.74
C4B CLA HH . 2.84 -37.20 -56.93
NC CLA HH . 0.17 -38.57 -57.52
C1C CLA HH . 0.50 -37.31 -57.86
C2C CLA HH . -0.60 -36.71 -58.58
C3C CLA HH . -1.61 -37.65 -58.65
C4C CLA HH . -1.11 -38.84 -57.96
ND CLA HH . -0.09 -41.27 -56.56
C1D CLA HH . -1.32 -41.22 -57.12
C2D CLA HH . -2.04 -42.42 -56.93
C3D CLA HH . -1.16 -43.25 -56.22
C4D CLA HH . 0.03 -42.50 -56.01
MG CLA IH . -8.65 -40.34 -52.15
CHA CLA IH . -11.91 -41.16 -51.27
CHB CLA IH . -9.78 -37.61 -53.82
CHC CLA IH . -5.55 -39.88 -53.65
CHD CLA IH . -7.60 -43.44 -51.01
NA CLA IH . -10.62 -39.47 -52.48
C1A CLA IH . -11.81 -39.94 -51.94
C2A CLA IH . -12.92 -38.92 -52.18
C3A CLA IH . -12.21 -37.83 -52.99
C4A CLA IH . -10.78 -38.31 -53.12
NB CLA IH . -7.84 -38.97 -53.53
C1B CLA IH . -8.50 -37.91 -54.03
C2B CLA IH . -7.59 -37.14 -54.87
C3B CLA IH . -6.36 -37.76 -54.84
C4B CLA IH . -6.53 -38.94 -53.97
NC CLA IH . -6.87 -41.49 -52.31
C1C CLA IH . -5.71 -41.06 -52.88
C2C CLA IH . -4.65 -41.98 -52.53
C3C CLA IH . -5.21 -43.00 -51.80
C4C CLA IH . -6.64 -42.68 -51.67
ND CLA IH . -9.52 -41.99 -51.34
C1D CLA IH . -8.97 -43.14 -50.86
C2D CLA IH . -9.96 -43.95 -50.22
C3D CLA IH . -11.16 -43.23 -50.35
C4D CLA IH . -10.84 -42.03 -51.03
MG CLA JH . -13.43 -23.17 -64.77
CHA CLA JH . -16.09 -22.69 -67.00
CHB CLA JH . -15.51 -24.92 -62.72
CHC CLA JH . -10.74 -24.36 -62.91
CHD CLA JH . -11.24 -21.87 -67.13
NA CLA JH . -15.55 -23.77 -64.87
C1A CLA JH . -16.46 -23.37 -65.82
C2A CLA JH . -17.88 -23.78 -65.39
C3A CLA JH . -17.64 -24.43 -64.03
C4A CLA JH . -16.16 -24.38 -63.83
NB CLA JH . -13.17 -24.45 -63.12
C1B CLA JH . -14.21 -24.99 -62.42
C2B CLA JH . -13.68 -25.69 -61.24
C3B CLA JH . -12.32 -25.57 -61.28
C4B CLA JH . -12.00 -24.75 -62.47
NC CLA JH . -11.32 -23.16 -65.01
C1C CLA JH . -10.43 -23.61 -64.09
C2C CLA JH . -9.09 -23.18 -64.51
C3C CLA JH . -9.22 -22.47 -65.67
C4C CLA JH . -10.65 -22.46 -65.99
ND CLA JH . -13.57 -22.46 -66.66
C1D CLA JH . -12.63 -21.88 -67.46
C2D CLA JH . -13.22 -21.35 -68.64
C3D CLA JH . -14.59 -21.64 -68.52
C4D CLA JH . -14.76 -22.32 -67.30
MG CLA KH . -2.94 -17.83 -64.47
CHA CLA KH . -1.89 -16.11 -67.32
CHB CLA KH . -3.47 -20.66 -66.34
CHC CLA KH . -3.51 -19.74 -61.61
CHD CLA KH . -1.98 -15.15 -62.50
NA CLA KH . -2.67 -18.33 -66.61
C1A CLA KH . -2.28 -17.45 -67.58
C2A CLA KH . -2.26 -18.16 -68.93
C3A CLA KH . -2.80 -19.57 -68.59
C4A CLA KH . -3.01 -19.54 -67.10
NB CLA KH . -3.40 -19.89 -64.05
C1B CLA KH . -3.63 -20.81 -65.01
C2B CLA KH . -4.08 -22.04 -64.36
C3B CLA KH . -4.12 -21.79 -63.00
C4B CLA KH . -3.65 -20.41 -62.82
NC CLA KH . -2.74 -17.51 -62.35
C1C CLA KH . -3.08 -18.40 -61.41
C2C CLA KH . -2.86 -17.76 -60.12
C3C CLA KH . -2.44 -16.48 -60.35
C4C CLA KH . -2.39 -16.31 -61.81
ND CLA KH . -2.07 -15.99 -64.78
C1D CLA KH . -1.85 -15.00 -63.91
C2D CLA KH . -1.44 -13.83 -64.59
C3D CLA KH . -1.43 -14.19 -65.96
C4D CLA KH . -1.83 -15.55 -66.02
MG CLA LH . -13.87 -23.17 -73.13
CHA CLA LH . -16.49 -23.19 -75.46
CHB CLA LH . -15.80 -24.95 -70.95
CHC CLA LH . -11.12 -23.85 -71.13
CHD CLA LH . -11.77 -21.88 -75.57
NA CLA LH . -15.91 -24.00 -73.22
C1A CLA LH . -16.83 -23.80 -74.23
C2A CLA LH . -18.18 -24.35 -73.80
C3A CLA LH . -17.93 -24.85 -72.37
C4A CLA LH . -16.47 -24.59 -72.13
NB CLA LH . -13.53 -24.23 -71.36
C1B CLA LH . -14.51 -24.83 -70.62
C2B CLA LH . -13.93 -25.38 -69.41
C3B CLA LH . -12.59 -25.10 -69.44
C4B CLA LH . -12.34 -24.35 -70.68
NC CLA LH . -11.78 -22.95 -73.34
C1C CLA LH . -10.86 -23.18 -72.37
C2C CLA LH . -9.58 -22.66 -72.80
C3C CLA LH . -9.76 -22.09 -74.03
C4C CLA LH . -11.16 -22.29 -74.38
ND CLA LH . -14.02 -22.68 -75.10
C1D CLA LH . -13.13 -22.07 -75.92
C2D CLA LH . -13.74 -21.68 -77.14
C3D CLA LH . -15.07 -22.10 -77.03
C4D CLA LH . -15.21 -22.71 -75.77
MG CLA MH . -0.67 -12.69 -50.30
CHA CLA MH . -0.70 -9.27 -49.47
CHB CLA MH . 0.29 -11.83 -53.49
CHC CLA MH . 0.43 -15.93 -50.97
CHD CLA MH . -0.67 -13.41 -46.93
NA CLA MH . -0.23 -10.79 -51.34
C1A CLA MH . -0.42 -9.52 -50.81
C2A CLA MH . -0.18 -8.47 -51.88
C3A CLA MH . 0.09 -9.31 -53.14
C4A CLA MH . 0.03 -10.73 -52.67
NB CLA MH . 0.23 -13.69 -51.94
C1B CLA MH . 0.40 -13.13 -53.18
C2B CLA MH . 0.77 -14.16 -54.13
C3B CLA MH . 0.85 -15.35 -53.45
C4B CLA MH . 0.49 -15.04 -52.04
NC CLA MH . -0.16 -14.38 -49.12
C1C CLA MH . 0.16 -15.60 -49.61
C2C CLA MH . 0.20 -16.54 -48.49
C3C CLA MH . -0.10 -15.84 -47.37
C4C CLA MH . -0.34 -14.47 -47.77
ND CLA MH . -0.66 -11.62 -48.55
C1D CLA MH . -0.80 -12.06 -47.29
C2D CLA MH . -1.07 -10.98 -46.40
C3D CLA MH . -1.05 -9.84 -47.21
C4D CLA MH . -0.78 -10.28 -48.51
MG CLA NH . -9.31 -16.58 -45.59
CHA CLA NH . -12.70 -16.35 -44.71
CHB CLA NH . -9.57 -13.64 -47.28
CHC CLA NH . -5.83 -16.35 -45.89
CHD CLA NH . -8.92 -19.10 -43.23
NA CLA NH . -10.94 -15.14 -45.92
C1A CLA NH . -12.27 -15.32 -45.57
C2A CLA NH . -13.13 -14.24 -46.22
C3A CLA NH . -12.11 -13.45 -47.06
C4A CLA NH . -10.79 -14.10 -46.76
NB CLA NH . -7.94 -15.20 -46.42
C1B CLA NH . -8.32 -14.11 -47.12
C2B CLA NH . -7.14 -13.48 -47.70
C3B CLA NH . -6.06 -14.21 -47.31
C4B CLA NH . -6.58 -15.33 -46.50
NC CLA NH . -7.65 -17.55 -44.66
C1C CLA NH . -6.35 -17.38 -45.03
C2C CLA NH . -5.57 -18.44 -44.39
C3C CLA NH . -6.42 -19.18 -43.62
C4C CLA NH . -7.75 -18.63 -43.81
ND CLA NH . -10.49 -17.51 -44.21
C1D CLA NH . -10.23 -18.56 -43.40
C2D CLA NH . -11.40 -19.05 -42.81
C3D CLA NH . -12.43 -18.22 -43.29
C4D CLA NH . -11.83 -17.28 -44.13
MG CLA OH . -13.18 -22.36 -50.92
CHA CLA OH . -15.94 -21.12 -52.62
CHB CLA OH . -13.94 -20.35 -48.27
CHC CLA OH . -10.87 -23.99 -48.90
CHD CLA OH . -12.80 -24.81 -53.32
NA CLA OH . -14.79 -20.92 -50.48
C1A CLA OH . -15.74 -20.51 -51.37
C2A CLA OH . -16.55 -19.37 -50.76
C3A CLA OH . -15.84 -19.10 -49.43
C4A CLA OH . -14.78 -20.17 -49.37
NB CLA OH . -12.56 -22.22 -48.92
C1B CLA OH . -12.97 -21.27 -48.06
C2B CLA OH . -12.24 -21.39 -46.82
C3B CLA OH . -11.31 -22.40 -46.98
C4B CLA OH . -11.55 -22.93 -48.32
NC CLA OH . -12.06 -24.14 -51.07
C1C CLA OH . -11.11 -24.54 -50.17
C2C CLA OH . -10.38 -25.65 -50.73
C3C CLA OH . -10.91 -25.91 -51.97
C4C CLA OH . -11.97 -24.92 -52.18
ND CLA OH . -14.14 -22.92 -52.60
C1D CLA OH . -13.83 -23.86 -53.52
C2D CLA OH . -14.67 -23.75 -54.66
C3D CLA OH . -15.53 -22.67 -54.37
C4D CLA OH . -15.18 -22.20 -53.10
MG CLA PH . 6.24 -32.53 -54.10
CHA CLA PH . 7.44 -35.37 -52.46
CHB CLA PH . 9.41 -31.32 -54.34
CHC CLA PH . 5.10 -29.73 -55.79
CHD CLA PH . 3.08 -33.84 -54.00
NA CLA PH . 8.22 -33.29 -53.50
C1A CLA PH . 8.46 -34.47 -52.81
C2A CLA PH . 9.96 -34.60 -52.56
C3A CLA PH . 10.52 -33.30 -53.14
C4A CLA PH . 9.33 -32.58 -53.70
NB CLA PH . 7.11 -30.82 -54.94
C1B CLA PH . 8.45 -30.56 -54.90
C2B CLA PH . 8.70 -29.26 -55.55
C3B CLA PH . 7.49 -28.78 -55.98
C4B CLA PH . 6.47 -29.78 -55.56
NC CLA PH . 4.37 -31.89 -54.79
C1C CLA PH . 4.12 -30.73 -55.44
C2C CLA PH . 2.70 -30.70 -55.78
C3C CLA PH . 2.15 -31.88 -55.32
C4C CLA PH . 3.21 -32.60 -54.64
ND CLA PH . 5.37 -34.22 -53.43
C1D CLA PH . 4.10 -34.61 -53.41
C2D CLA PH . 3.94 -35.86 -52.75
C3D CLA PH . 5.23 -36.20 -52.34
C4D CLA PH . 6.09 -35.19 -52.77
MG CLA QH . -2.04 -31.31 -40.39
CHA CLA QH . -0.71 -33.09 -37.66
CHB CLA QH . -4.71 -33.39 -40.37
CHC CLA QH . -3.80 -29.18 -42.50
CHD CLA QH . 0.45 -28.97 -40.02
NA CLA QH . -2.64 -33.02 -39.15
C1A CLA QH . -1.90 -33.60 -38.14
C2A CLA QH . -2.64 -34.82 -37.60
C3A CLA QH . -3.84 -34.91 -38.53
C4A CLA QH . -3.73 -33.73 -39.43
NB CLA QH . -3.95 -31.29 -41.24
C1B CLA QH . -4.82 -32.32 -41.14
C2B CLA QH . -5.98 -32.06 -41.97
C3B CLA QH . -5.76 -30.85 -42.61
C4B CLA QH . -4.45 -30.37 -42.12
NC CLA QH . -1.74 -29.35 -41.09
C1C CLA QH . -2.52 -28.72 -42.02
C2C CLA QH . -1.83 -27.52 -42.46
C3C CLA QH . -0.63 -27.46 -41.78
C4C CLA QH . -0.58 -28.63 -40.90
ND CLA QH . -0.48 -31.02 -39.12
C1D CLA QH . 0.49 -30.10 -39.16
C2D CLA QH . 1.52 -30.41 -38.23
C3D CLA QH . 1.09 -31.59 -37.60
C4D CLA QH . -0.13 -31.92 -38.16
MG CLA RH . 9.06 -30.94 -39.86
CHA CLA RH . 12.08 -32.63 -40.41
CHB CLA RH . 9.96 -30.37 -36.64
CHC CLA RH . 6.31 -28.86 -39.36
CHD CLA RH . 8.37 -31.12 -43.24
NA CLA RH . 10.84 -31.40 -38.68
C1A CLA RH . 11.93 -32.16 -39.10
C2A CLA RH . 12.91 -32.33 -37.94
C3A CLA RH . 12.18 -31.64 -36.78
C4A CLA RH . 10.92 -31.11 -37.36
NB CLA RH . 8.28 -29.80 -38.26
C1B CLA RH . 8.81 -29.80 -37.02
C2B CLA RH . 7.95 -29.05 -36.13
C3B CLA RH . 6.91 -28.58 -36.87
C4B CLA RH . 7.11 -29.08 -38.24
NC CLA RH . 7.60 -30.09 -41.12
C1C CLA RH . 6.54 -29.32 -40.69
C2C CLA RH . 5.73 -29.03 -41.87
C3C CLA RH . 6.30 -29.65 -42.95
C4C CLA RH . 7.48 -30.34 -42.46
ND CLA RH . 10.00 -31.65 -41.52
C1D CLA RH . 9.57 -31.74 -42.80
C2D CLA RH . 10.45 -32.56 -43.58
C3D CLA RH . 11.45 -32.95 -42.68
C4D CLA RH . 11.17 -32.36 -41.44
MG CLA SH . 5.17 -31.54 -30.48
CHA CLA SH . 8.03 -33.02 -31.86
CHB CLA SH . 6.78 -31.36 -27.47
CHC CLA SH . 2.83 -29.30 -29.23
CHD CLA SH . 3.94 -31.01 -33.67
NA CLA SH . 7.18 -32.11 -29.76
C1A CLA SH . 8.12 -32.81 -30.49
C2A CLA SH . 9.24 -33.28 -29.54
C3A CLA SH . 8.78 -32.78 -28.19
C4A CLA SH . 7.50 -32.04 -28.46
NB CLA SH . 4.87 -30.50 -28.67
C1B CLA SH . 5.64 -30.65 -27.56
C2B CLA SH . 5.09 -29.86 -26.47
C3B CLA SH . 3.96 -29.25 -26.94
C4B CLA SH . 3.82 -29.68 -28.35
NC CLA SH . 3.65 -30.32 -31.34
C1C CLA SH . 2.75 -29.60 -30.62
C2C CLA SH . 1.66 -29.21 -31.50
C3C CLA SH . 1.97 -29.68 -32.75
C4C CLA SH . 3.24 -30.38 -32.64
ND CLA SH . 5.83 -31.84 -32.37
C1D CLA SH . 5.19 -31.69 -33.56
C2D CLA SH . 5.92 -32.30 -34.61
C3D CLA SH . 7.06 -32.84 -34.00
C4D CLA SH . 6.98 -32.54 -32.64
MG CLA TH . -3.78 -36.12 -27.79
CHA CLA TH . -2.38 -35.14 -30.81
CHB CLA TH . -2.40 -33.42 -26.27
CHC CLA TH . -5.65 -36.69 -24.92
CHD CLA TH . -5.57 -38.59 -29.45
NA CLA TH . -2.57 -34.44 -28.49
C1A CLA TH . -2.06 -34.29 -29.76
C2A CLA TH . -1.13 -33.06 -29.81
C3A CLA TH . -1.14 -32.58 -28.36
C4A CLA TH . -2.07 -33.52 -27.63
NB CLA TH . -4.00 -35.19 -25.92
C1B CLA TH . -3.25 -34.12 -25.52
C2B CLA TH . -3.54 -33.85 -24.13
C3B CLA TH . -4.48 -34.77 -23.72
C4B CLA TH . -4.76 -35.62 -24.87
NC CLA TH . -5.38 -37.41 -27.27
C1C CLA TH . -5.93 -37.50 -26.05
C2C CLA TH . -6.92 -38.58 -26.08
C3C CLA TH . -6.90 -39.13 -27.34
C4C CLA TH . -5.91 -38.39 -28.10
ND CLA TH . -4.01 -36.74 -29.71
C1D CLA TH . -4.67 -37.81 -30.22
C2D CLA TH . -4.30 -38.01 -31.58
C3D CLA TH . -3.40 -36.99 -31.87
C4D CLA TH . -3.26 -36.22 -30.71
MG CLA UH . -7.04 -37.93 -39.58
CHA CLA UH . -8.10 -37.44 -42.89
CHB CLA UH . -8.95 -35.26 -38.62
CHC CLA UH . -5.46 -37.83 -36.48
CHD CLA UH . -4.69 -40.22 -40.70
NA CLA UH . -8.39 -36.49 -40.64
C1A CLA UH . -8.74 -36.58 -41.97
C2A CLA UH . -9.95 -35.67 -42.24
C3A CLA UH . -10.24 -35.06 -40.85
C4A CLA UH . -9.13 -35.60 -39.96
NB CLA UH . -7.17 -36.69 -37.86
C1B CLA UH . -8.08 -35.72 -37.70
C2B CLA UH . -7.96 -35.19 -36.35
C3B CLA UH . -7.00 -35.90 -35.70
C4B CLA UH . -6.47 -36.89 -36.68
NC CLA UH . -5.36 -38.88 -38.73
C1C CLA UH . -4.93 -38.75 -37.44
C2C CLA UH . -3.82 -39.69 -37.23
C3C CLA UH . -3.60 -40.36 -38.40
C4C CLA UH . -4.57 -39.85 -39.36
ND CLA UH . -6.46 -38.68 -41.37
C1D CLA UH . -5.56 -39.66 -41.68
C2D CLA UH . -5.62 -39.99 -43.05
C3D CLA UH . -6.60 -39.15 -43.59
C4D CLA UH . -7.09 -38.35 -42.54
MG CLA VH . -18.09 -28.74 -30.39
CHA CLA VH . -18.25 -25.37 -31.11
CHB CLA VH . -14.97 -28.29 -29.08
CHC CLA VH . -18.19 -31.82 -28.80
CHD CLA VH . -21.49 -28.98 -31.00
NA CLA VH . -16.80 -27.02 -30.11
C1A CLA VH . -17.06 -25.75 -30.57
C2A CLA VH . -15.86 -24.87 -30.31
C3A CLA VH . -14.82 -25.83 -29.74
C4A CLA VH . -15.55 -27.13 -29.65
NB CLA VH . -16.81 -29.84 -29.14
C1B CLA VH . -15.54 -29.47 -28.82
C2B CLA VH . -14.88 -30.53 -28.09
C3B CLA VH . -15.80 -31.56 -27.99
C4B CLA VH . -17.02 -31.11 -28.67
NC CLA VH . -19.60 -30.17 -29.94
C1C CLA VH . -19.40 -31.37 -29.37
C2C CLA VH . -20.65 -32.13 -29.45
C3C CLA VH . -21.59 -31.32 -30.05
C4C CLA VH . -20.91 -30.08 -30.38
ND CLA VH . -19.60 -27.48 -30.90
C1D CLA VH . -20.88 -27.74 -31.24
C2D CLA VH . -21.50 -26.60 -31.82
C3D CLA VH . -20.51 -25.62 -31.80
C4D CLA VH . -19.37 -26.21 -31.22
MG CLA WH . -15.28 -18.08 -36.54
CHA CLA WH . -15.17 -20.49 -34.03
CHB CLA WH . -12.02 -18.71 -37.28
CHC CLA WH . -15.16 -15.27 -38.61
CHD CLA WH . -18.42 -17.09 -35.39
NA CLA WH . -13.77 -19.45 -35.74
C1A CLA WH . -14.00 -20.41 -34.77
C2A CLA WH . -12.77 -21.31 -34.66
C3A CLA WH . -11.80 -20.70 -35.67
C4A CLA WH . -12.55 -19.55 -36.27
NB CLA WH . -13.78 -17.11 -37.70
C1B CLA WH . -12.57 -17.64 -37.92
C2B CLA WH . -11.91 -16.90 -39.00
C3B CLA WH . -12.79 -15.94 -39.43
C4B CLA WH . -13.99 -16.05 -38.56
NC CLA WH . -16.57 -16.44 -36.92
C1C CLA WH . -16.36 -15.47 -37.85
C2C CLA WH . -17.58 -14.67 -37.95
C3C CLA WH . -18.50 -15.18 -37.07
C4C CLA WH . -17.85 -16.29 -36.39
ND CLA WH . -16.54 -18.59 -35.03
C1D CLA WH . -17.79 -18.17 -34.73
C2D CLA WH . -18.36 -18.95 -33.69
C3D CLA WH . -17.36 -19.88 -33.37
C4D CLA WH . -16.27 -19.63 -34.21
MG CLA XH . -31.36 -29.49 -46.24
CHA CLA XH . -31.28 -29.21 -49.73
CHB CLA XH . -32.62 -26.31 -46.11
CHC CLA XH . -32.65 -30.02 -43.08
CHD CLA XH . -30.92 -32.92 -46.57
NA CLA XH . -31.89 -27.95 -47.74
C1A CLA XH . -31.58 -28.01 -49.06
C2A CLA XH . -31.64 -26.62 -49.67
C3A CLA XH . -31.96 -25.73 -48.50
C4A CLA XH . -32.18 -26.69 -47.37
NB CLA XH . -32.48 -28.37 -44.86
C1B CLA XH . -32.83 -27.06 -45.02
C2B CLA XH . -33.62 -26.63 -43.87
C3B CLA XH . -33.63 -27.68 -42.98
C4B CLA XH . -32.88 -28.76 -43.62
NC CLA XH . -31.76 -31.22 -45.03
C1C CLA XH . -32.10 -31.15 -43.73
C2C CLA XH . -31.75 -32.42 -43.10
C3C CLA XH . -31.23 -33.22 -44.08
C4C CLA XH . -31.29 -32.46 -45.32
ND CLA XH . -31.19 -30.82 -47.77
C1D CLA XH . -30.92 -32.15 -47.76
C2D CLA XH . -30.70 -32.65 -49.07
C3D CLA XH . -30.84 -31.54 -49.90
C4D CLA XH . -31.12 -30.44 -49.06
MG CLA YH . -22.58 -27.56 -48.93
CHA CLA YH . -22.53 -24.87 -51.17
CHB CLA YH . -25.36 -28.76 -50.45
CHC CLA YH . -22.29 -30.57 -47.19
CHD CLA YH . -19.40 -26.69 -47.83
NA CLA YH . -23.79 -26.90 -50.65
C1A CLA YH . -23.65 -25.69 -51.31
C2A CLA YH . -24.91 -25.39 -52.12
C3A CLA YH . -25.78 -26.61 -51.84
C4A CLA YH . -24.94 -27.50 -50.95
NB CLA YH . -23.62 -29.38 -48.88
C1B CLA YH . -24.78 -29.60 -49.56
C2B CLA YH . -25.27 -30.93 -49.23
C3B CLA YH . -24.40 -31.47 -48.27
C4B CLA YH . -23.38 -30.46 -48.05
NC CLA YH . -21.07 -28.49 -47.74
C1C CLA YH . -21.22 -29.65 -47.04
C2C CLA YH . -20.09 -29.81 -46.14
C3C CLA YH . -19.28 -28.72 -46.31
C4C CLA YH . -19.90 -27.89 -47.33
ND CLA YH . -21.20 -26.15 -49.40
C1D CLA YH . -20.01 -25.86 -48.82
C2D CLA YH . -19.50 -24.65 -49.31
C3D CLA YH . -20.44 -24.20 -50.25
C4D CLA YH . -21.46 -25.16 -50.28
MG CLA ZH . -23.02 -45.25 -39.08
CHA CLA ZH . -24.17 -48.47 -38.25
CHB CLA ZH . -21.53 -46.58 -41.87
CHC CLA ZH . -22.79 -42.09 -40.63
CHD CLA ZH . -25.21 -43.93 -36.75
NA CLA ZH . -22.92 -47.27 -39.97
C1A CLA ZH . -23.39 -48.43 -39.39
C2A CLA ZH . -22.96 -49.64 -40.24
C3A CLA ZH . -22.10 -49.02 -41.32
C4A CLA ZH . -22.14 -47.54 -41.05
NB CLA ZH . -22.32 -44.47 -40.95
C1B CLA ZH . -21.61 -45.24 -41.83
C2B CLA ZH . -20.92 -44.36 -42.77
C3B CLA ZH . -21.26 -43.08 -42.47
C4B CLA ZH . -22.18 -43.15 -41.30
NC CLA ZH . -23.91 -43.34 -38.76
C1C CLA ZH . -23.63 -42.21 -39.46
C2C CLA ZH . -24.37 -41.10 -38.85
C3C CLA ZH . -25.04 -41.61 -37.76
C4C CLA ZH . -24.71 -43.03 -37.69
ND CLA ZH . -24.40 -45.98 -37.77
C1D CLA ZH . -25.07 -45.34 -36.80
C2D CLA ZH . -25.68 -46.26 -35.91
C3D CLA ZH . -25.36 -47.53 -36.42
C4D CLA ZH . -24.59 -47.31 -37.57
MG CLA AI . -9.18 -36.48 -17.31
CHA CLA AI . -6.09 -37.80 -16.47
CHB CLA AI . -9.76 -35.76 -14.07
CHC CLA AI . -12.05 -34.66 -18.13
CHD CLA AI . -8.42 -36.84 -20.62
NA CLA AI . -8.03 -36.71 -15.49
C1A CLA AI . -6.82 -37.36 -15.37
C2A CLA AI . -6.47 -37.51 -13.91
C3A CLA AI . -7.66 -36.92 -13.19
C4A CLA AI . -8.55 -36.43 -14.29
NB CLA AI . -10.63 -35.38 -16.25
C1B CLA AI . -10.65 -35.27 -14.92
C2B CLA AI . -11.82 -34.51 -14.52
C3B CLA AI . -12.46 -34.11 -15.64
C4B CLA AI . -11.73 -34.74 -16.78
NC CLA AI . -10.06 -35.80 -19.11
C1C CLA AI . -11.27 -35.20 -19.21
C2C CLA AI . -11.65 -35.21 -20.63
C3C CLA AI . -10.64 -35.82 -21.31
C4C CLA AI . -9.62 -36.18 -20.34
ND CLA AI . -7.58 -37.09 -18.38
C1D CLA AI . -7.44 -37.26 -19.70
C2D CLA AI . -6.24 -37.98 -20.00
C3D CLA AI . -5.65 -38.21 -18.76
C4D CLA AI . -6.50 -37.64 -17.80
MG CLA BI . -26.09 -20.75 -8.46
CHA CLA BI . -25.67 -24.16 -7.84
CHB CLA BI . -29.37 -21.03 -7.44
CHC CLA BI . -26.32 -17.35 -7.99
CHD CLA BI . -22.62 -20.43 -8.67
NA CLA BI . -27.36 -22.39 -7.69
C1A CLA BI . -26.98 -23.73 -7.69
C2A CLA BI . -28.19 -24.61 -7.53
C3A CLA BI . -29.34 -23.59 -7.48
C4A CLA BI . -28.68 -22.25 -7.53
NB CLA BI . -27.57 -19.42 -7.79
C1B CLA BI . -28.86 -19.77 -7.50
C2B CLA BI . -29.60 -18.55 -7.17
C3B CLA BI . -28.71 -17.50 -7.31
C4B CLA BI . -27.46 -18.07 -7.73
NC CLA BI . -24.69 -19.15 -8.32
C1C CLA BI . -25.04 -17.85 -8.28
C2C CLA BI . -23.90 -17.03 -8.60
C3C CLA BI . -22.84 -17.89 -8.80
C4C CLA BI . -23.36 -19.24 -8.60
ND CLA BI . -24.46 -21.97 -8.22
C1D CLA BI . -23.13 -21.73 -8.46
C2D CLA BI . -22.40 -22.95 -8.45
C3D CLA BI . -23.35 -23.95 -8.22
C4D CLA BI . -24.59 -23.31 -8.07
MG CLA CI . -35.28 -16.46 -8.84
CHA CLA CI . -35.84 -14.09 -6.40
CHB CLA CI . -31.97 -15.71 -8.76
CHC CLA CI . -34.47 -19.40 -10.53
CHD CLA CI . -38.48 -17.66 -8.35
NA CLA CI . -34.05 -15.09 -7.67
C1A CLA CI . -34.53 -14.16 -6.81
C2A CLA CI . -33.41 -13.25 -6.36
C3A CLA CI . -32.24 -13.72 -7.18
C4A CLA CI . -32.76 -14.92 -7.93
NB CLA CI . -33.53 -17.39 -9.50
C1B CLA CI . -32.30 -16.83 -9.41
C2B CLA CI . -31.35 -17.68 -10.10
C3B CLA CI . -32.02 -18.75 -10.55
C4B CLA CI . -33.43 -18.55 -10.23
NC CLA CI . -36.30 -18.25 -9.34
C1C CLA CI . -35.81 -19.25 -10.11
C2C CLA CI . -36.91 -20.15 -10.45
C3C CLA CI . -38.03 -19.66 -9.84
C4C CLA CI . -37.63 -18.45 -9.14
ND CLA CI . -36.84 -16.04 -7.63
C1D CLA CI . -38.10 -16.52 -7.64
C2D CLA CI . -38.93 -15.76 -6.78
C3D CLA CI . -38.09 -14.76 -6.28
C4D CLA CI . -36.82 -14.98 -6.82
MG CLA DI . -10.35 -12.44 -32.78
CHA CLA DI . -8.80 -11.10 -35.59
CHB CLA DI . -12.03 -14.65 -34.74
CHC CLA DI . -11.41 -14.19 -29.99
CHD CLA DI . -8.26 -10.54 -30.78
NA CLA DI . -10.36 -12.85 -34.92
C1A CLA DI . -9.71 -12.12 -35.88
C2A CLA DI . -10.12 -12.60 -37.26
C3A CLA DI . -11.19 -13.64 -36.97
C4A CLA DI . -11.22 -13.73 -35.47
NB CLA DI . -11.52 -14.15 -32.44
C1B CLA DI . -12.15 -14.84 -33.42
C2B CLA DI . -12.99 -15.86 -32.81
C3B CLA DI . -12.83 -15.76 -31.45
C4B CLA DI . -11.89 -14.65 -31.22
NC CLA DI . -9.89 -12.40 -30.72
C1C CLA DI . -10.47 -13.15 -29.76
C2C CLA DI . -9.92 -12.78 -28.48
C3C CLA DI . -9.02 -11.77 -28.70
C4C CLA DI . -9.04 -11.49 -30.12
ND CLA DI . -8.83 -11.13 -33.06
C1D CLA DI . -8.17 -10.35 -32.17
C2D CLA DI . -7.39 -9.38 -32.84
C3D CLA DI . -7.60 -9.61 -34.20
C4D CLA DI . -8.47 -10.70 -34.29
MG CLA EI . -2.07 -8.62 -36.61
CHA CLA EI . -1.33 -8.75 -40.03
CHB CLA EI . -4.14 -11.29 -36.94
CHC CLA EI . -2.43 -8.86 -33.15
CHD CLA EI . 0.36 -6.22 -36.20
NA CLA EI . -2.65 -9.89 -38.30
C1A CLA EI . -2.29 -9.69 -39.62
C2A CLA EI . -3.07 -10.68 -40.51
C3A CLA EI . -3.96 -11.43 -39.51
C4A CLA EI . -3.58 -10.85 -38.16
NB CLA EI . -3.11 -9.88 -35.28
C1B CLA EI . -3.91 -10.89 -35.68
C2B CLA EI . -4.46 -11.56 -34.49
C3B CLA EI . -3.97 -10.91 -33.39
C4B CLA EI . -3.14 -9.79 -33.90
NC CLA EI . -1.15 -7.71 -34.95
C1C CLA EI . -1.52 -7.88 -33.65
C2C CLA EI . -0.82 -6.88 -32.84
C3C CLA EI . -0.03 -6.15 -33.69
C4C CLA EI . -0.25 -6.67 -35.03
ND CLA EI . -0.72 -7.68 -37.80
C1D CLA EI . 0.16 -6.69 -37.51
C2D CLA EI . 0.82 -6.24 -38.70
C3D CLA EI . 0.27 -7.01 -39.73
C4D CLA EI . -0.66 -7.88 -39.15
MG CLA FI . -22.70 -16.81 -30.81
CHA CLA FI . -19.99 -14.60 -30.71
CHB CLA FI . -20.75 -19.29 -29.48
CHC CLA FI . -24.90 -19.27 -31.93
CHD CLA FI . -24.32 -14.54 -32.94
NA CLA FI . -20.61 -16.93 -30.13
C1A CLA FI . -19.72 -15.84 -30.10
C2A CLA FI . -18.46 -16.27 -29.34
C3A CLA FI . -18.74 -17.74 -28.97
C4A CLA FI . -20.11 -18.02 -29.54
NB CLA FI . -22.79 -18.94 -30.73
C1B CLA FI . -21.93 -19.70 -30.06
C2B CLA FI . -22.44 -21.10 -30.06
C3B CLA FI . -23.62 -21.09 -30.78
C4B CLA FI . -23.83 -19.70 -31.19
NC CLA FI . -24.32 -16.90 -32.22
C1C CLA FI . -25.13 -17.98 -32.42
C2C CLA FI . -26.30 -17.56 -33.18
C3C CLA FI . -26.17 -16.23 -33.45
C4C CLA FI . -24.88 -15.81 -32.86
ND CLA FI . -22.30 -14.99 -31.68
C1D CLA FI . -23.09 -14.15 -32.42
C2D CLA FI . -22.45 -12.89 -32.63
C3D CLA FI . -21.22 -13.01 -31.99
C4D CLA FI . -21.16 -14.30 -31.41
MG CLA GI . -20.57 -18.11 -19.76
CHA CLA GI . -20.00 -16.10 -22.57
CHB CLA GI . -20.13 -20.89 -21.71
CHC CLA GI . -20.20 -20.19 -16.99
CHD CLA GI . -20.18 -15.30 -17.74
NA CLA GI . -20.12 -18.44 -21.88
C1A CLA GI . -20.02 -17.47 -22.84
C2A CLA GI . -19.82 -18.11 -24.20
C3A CLA GI . -19.89 -19.61 -23.91
C4A CLA GI . -20.08 -19.68 -22.42
NB CLA GI . -20.20 -20.17 -19.41
C1B CLA GI . -20.15 -21.11 -20.41
C2B CLA GI . -20.13 -22.45 -19.81
C3B CLA GI . -20.10 -22.29 -18.45
C4B CLA GI . -20.18 -20.82 -18.21
NC CLA GI . -20.20 -17.79 -17.69
C1C CLA GI . -20.20 -18.77 -16.75
C2C CLA GI . -20.19 -18.14 -15.43
C3C CLA GI . -20.20 -16.79 -15.62
C4C CLA GI . -20.19 -16.57 -17.08
ND CLA GI . -20.15 -16.12 -20.03
C1D CLA GI . -20.14 -15.09 -19.14
C2D CLA GI . -20.06 -13.83 -19.82
C3D CLA GI . -20.00 -14.16 -21.19
C4D CLA GI . -20.06 -15.57 -21.27
MG CLA HI . -17.19 -27.68 -20.98
CHA CLA HI . -17.05 -25.34 -23.59
CHB CLA HI . -16.82 -30.20 -23.28
CHC CLA HI . -16.47 -30.00 -18.48
CHD CLA HI . -16.62 -25.08 -18.72
NA CLA HI . -16.94 -27.76 -23.21
C1A CLA HI . -17.06 -26.67 -24.04
C2A CLA HI . -17.21 -27.14 -25.50
C3A CLA HI . -17.16 -28.67 -25.36
C4A CLA HI . -16.96 -28.92 -23.86
NB CLA HI . -16.70 -29.76 -20.92
C1B CLA HI . -16.67 -30.56 -22.00
C2B CLA HI . -16.38 -31.93 -21.54
C3B CLA HI . -16.27 -31.89 -20.18
C4B CLA HI . -16.51 -30.49 -19.77
NC CLA HI . -16.59 -27.56 -18.90
C1C CLA HI . -16.53 -28.62 -18.09
C2C CLA HI . -16.48 -28.12 -16.71
C3C CLA HI . -16.52 -26.75 -16.78
C4C CLA HI . -16.58 -26.39 -18.19
ND CLA HI . -16.83 -25.63 -21.09
C1D CLA HI . -16.72 -24.73 -20.09
C2D CLA HI . -16.72 -23.41 -20.63
C3D CLA HI . -16.87 -23.60 -22.02
C4D CLA HI . -16.93 -24.98 -22.25
MG CLA II . -54.85 -58.58 -43.37
CHA CLA II . -57.22 -57.77 -40.96
CHB CLA II . -57.27 -60.11 -45.21
CHC CLA II . -52.74 -58.78 -46.15
CHD CLA II . -52.57 -56.54 -41.76
NA CLA II . -57.00 -58.87 -43.13
C1A CLA II . -57.73 -58.54 -42.02
C2A CLA II . -59.14 -59.09 -42.15
C3A CLA II . -59.09 -59.86 -43.45
C4A CLA II . -57.72 -59.63 -43.97
NB CLA II . -55.00 -59.31 -45.36
C1B CLA II . -56.11 -59.95 -45.84
C2B CLA II . -55.83 -60.42 -47.19
C3B CLA II . -54.54 -60.05 -47.50
C4B CLA II . -54.01 -59.34 -46.31
NC CLA II . -52.97 -57.76 -43.87
C1C CLA II . -52.27 -58.05 -45.01
C2C CLA II . -50.96 -57.43 -44.88
C3C CLA II . -50.89 -56.83 -43.64
C4C CLA II . -52.19 -57.03 -43.00
ND CLA II . -54.84 -57.36 -41.75
C1D CLA II . -53.83 -56.68 -41.16
C2D CLA II . -54.24 -56.13 -39.92
C3D CLA II . -55.57 -56.52 -39.78
C4D CLA II . -55.90 -57.27 -40.92
MG CLA JI . -46.55 -60.03 -44.67
CHA CLA JI . -47.08 -60.73 -48.06
CHB CLA JI . -43.62 -58.46 -45.48
CHC CLA JI . -46.49 -58.37 -41.63
CHD CLA JI . -49.81 -60.99 -44.01
NA CLA JI . -45.51 -59.61 -46.57
C1A CLA JI . -45.87 -60.11 -47.82
C2A CLA JI . -44.73 -59.88 -48.82
C3A CLA JI . -43.66 -59.19 -47.97
C4A CLA JI . -44.26 -59.09 -46.59
NB CLA JI . -45.30 -58.60 -43.73
C1B CLA JI . -44.08 -58.23 -44.23
C2B CLA JI . -43.37 -57.49 -43.20
C3B CLA JI . -44.17 -57.45 -42.09
C4B CLA JI . -45.40 -58.15 -42.45
NC CLA JI . -47.94 -59.71 -43.10
C1C CLA JI . -47.67 -59.07 -41.93
C2C CLA JI . -48.82 -59.19 -41.06
C3C CLA JI . -49.75 -59.96 -41.71
C4C CLA JI . -49.19 -60.29 -43.01
ND CLA JI . -48.14 -60.69 -45.74
C1D CLA JI . -49.34 -61.17 -45.33
C2D CLA JI . -50.05 -61.76 -46.38
C3D CLA JI . -49.22 -61.62 -47.51
C4D CLA JI . -48.06 -60.95 -47.07
MG CLA KI . -42.40 -45.15 -41.77
CHA CLA KI . -39.15 -46.42 -41.69
CHB CLA KI . -41.28 -42.39 -43.46
CHC CLA KI . -45.65 -44.28 -42.61
CHD CLA KI . -43.51 -48.21 -40.64
NA CLA KI . -40.44 -44.50 -42.51
C1A CLA KI . -39.25 -45.14 -42.25
C2A CLA KI . -38.10 -44.25 -42.68
C3A CLA KI . -38.78 -42.99 -43.18
C4A CLA KI . -40.25 -43.28 -43.05
NB CLA KI . -43.30 -43.61 -42.89
C1B CLA KI . -42.61 -42.55 -43.42
C2B CLA KI . -43.57 -41.62 -44.00
C3B CLA KI . -44.82 -42.13 -43.79
C4B CLA KI . -44.65 -43.40 -43.05
NC CLA KI . -44.28 -46.10 -41.65
C1C CLA KI . -45.46 -45.54 -41.97
C2C CLA KI . -46.51 -46.46 -41.56
C3C CLA KI . -45.92 -47.56 -41.00
C4C CLA KI . -44.50 -47.33 -41.07
ND CLA KI . -41.59 -46.95 -41.31
C1D CLA KI . -42.13 -48.05 -40.77
C2D CLA KI . -41.15 -49.00 -40.41
C3D CLA KI . -39.95 -48.42 -40.75
C4D CLA KI . -40.25 -47.16 -41.30
MG CLA LI . 13.79 -20.56 -58.45
CHA CLA LI . 16.41 -18.30 -59.09
CHB CLA LI . 15.72 -23.10 -59.66
CHC CLA LI . 11.06 -22.71 -58.52
CHD CLA LI . 11.65 -17.88 -57.92
NA CLA LI . 15.84 -20.68 -59.30
C1A CLA LI . 16.75 -19.63 -59.35
C2A CLA LI . 18.14 -20.19 -59.66
C3A CLA LI . 17.86 -21.69 -59.85
C4A CLA LI . 16.39 -21.85 -59.61
NB CLA LI . 13.45 -22.57 -59.06
C1B CLA LI . 14.44 -23.42 -59.41
C2B CLA LI . 13.89 -24.78 -59.48
C3B CLA LI . 12.56 -24.69 -59.14
C4B CLA LI . 12.29 -23.26 -58.88
NC CLA LI . 11.70 -20.33 -58.26
C1C CLA LI . 10.79 -21.35 -58.24
C2C CLA LI . 9.48 -20.80 -57.92
C3C CLA LI . 9.63 -19.46 -57.75
C4C CLA LI . 11.05 -19.16 -57.98
ND CLA LI . 13.92 -18.52 -58.52
C1D CLA LI . 13.01 -17.59 -58.20
C2D CLA LI . 13.59 -16.30 -58.18
C3D CLA LI . 14.95 -16.50 -58.52
C4D CLA LI . 15.11 -17.88 -58.73
MG CLA MI . 2.76 -30.71 -19.95
CHA CLA MI . 4.15 -30.02 -16.79
CHB CLA MI . 0.26 -28.51 -19.32
CHC CLA MI . 1.70 -30.85 -23.29
CHD CLA MI . 5.54 -32.60 -20.75
NA CLA MI . 2.27 -29.37 -18.24
C1A CLA MI . 2.95 -29.33 -17.04
C2A CLA MI . 2.20 -28.36 -16.11
C3A CLA MI . 0.96 -27.97 -16.95
C4A CLA MI . 1.15 -28.66 -18.26
NB CLA MI . 1.21 -29.80 -21.11
C1B CLA MI . 0.30 -28.99 -20.58
C2B CLA MI . -0.66 -28.63 -21.61
C3B CLA MI . -0.29 -29.27 -22.76
C4B CLA MI . 0.94 -30.04 -22.43
NC CLA MI . 3.52 -31.58 -21.77
C1C CLA MI . 2.92 -31.55 -22.96
C2C CLA MI . 3.74 -32.32 -23.88
C3C CLA MI . 4.83 -32.77 -23.17
C4C CLA MI . 4.65 -32.34 -21.80
ND CLA MI . 4.52 -31.22 -19.02
C1D CLA MI . 5.47 -32.06 -19.44
C2D CLA MI . 6.39 -32.31 -18.40
C3D CLA MI . 5.93 -31.53 -17.31
C4D CLA MI . 4.77 -30.86 -17.75
C1 PQN NI . -44.89 -50.10 -32.47
O1 PQN NI . -45.28 -48.85 -31.93
C2 PQN NI . -45.63 -50.68 -33.56
C2M PQN NI . -46.68 -49.99 -34.07
C3 PQN NI . -45.23 -51.98 -34.10
C4 PQN NI . -44.10 -52.66 -33.55
O4 PQN NI . -43.74 -53.94 -34.06
C5 PQN NI . -43.35 -52.07 -32.48
C6 PQN NI . -42.21 -52.76 -31.92
C7 PQN NI . -41.48 -52.17 -30.85
C8 PQN NI . -41.87 -50.90 -30.31
C9 PQN NI . -43.00 -50.22 -30.85
C10 PQN NI . -43.76 -50.79 -31.93
FE1 SF4 OI . -37.68 -54.42 -22.93
FE2 SF4 OI . -36.38 -53.28 -20.88
FE3 SF4 OI . -35.32 -55.48 -22.10
FE4 SF4 OI . -37.50 -55.72 -20.56
S1 SF4 OI . -35.44 -55.08 -19.86
S2 SF4 OI . -37.18 -56.62 -22.62
S3 SF4 OI . -38.61 -53.75 -20.94
S4 SF4 OI . -35.67 -53.42 -23.04
MG CLA PI . -2.37 -31.99 -64.30
CHA CLA PI . -4.90 -34.29 -65.03
CHB CLA PI . -4.36 -30.59 -61.93
CHC CLA PI . -0.23 -29.27 -64.00
CHD CLA PI . -0.69 -33.00 -67.15
NA CLA PI . -4.40 -32.39 -63.57
C1A CLA PI . -5.21 -33.45 -63.97
C2A CLA PI . -6.44 -33.51 -63.06
C3A CLA PI . -6.23 -32.33 -62.12
C4A CLA PI . -4.92 -31.72 -62.54
NB CLA PI . -2.33 -30.22 -63.15
C1B CLA PI . -3.24 -29.92 -62.20
C2B CLA PI . -2.83 -28.71 -61.52
C3B CLA PI . -1.65 -28.30 -62.08
C4B CLA PI . -1.33 -29.28 -63.14
NC CLA PI . -0.74 -31.25 -65.39
C1C CLA PI . 0.01 -30.17 -65.07
C2C CLA PI . 1.13 -30.07 -66.01
C3C CLA PI . 1.02 -31.12 -66.88
C4C CLA PI . -0.18 -31.87 -66.50
ND CLA PI . -2.68 -33.32 -65.79
C1D CLA PI . -1.88 -33.69 -66.82
C2D CLA PI . -2.42 -34.79 -67.52
C3D CLA PI . -3.62 -35.08 -66.86
C4D CLA PI . -3.74 -34.16 -65.81
MG CLA QI . 5.52 -23.70 -62.85
CHA CLA QI . 2.09 -24.09 -62.35
CHB CLA QI . 5.38 -20.70 -61.28
CHC CLA QI . 8.73 -22.89 -63.91
CHD CLA QI . 5.47 -26.38 -65.02
NA CLA QI . 3.92 -22.52 -61.91
C1A CLA QI . 2.61 -22.93 -61.76
C2A CLA QI . 1.88 -21.94 -60.86
C3A CLA QI . 2.94 -20.89 -60.56
C4A CLA QI . 4.16 -21.38 -61.28
NB CLA QI . 6.82 -22.04 -62.63
C1B CLA QI . 6.54 -20.97 -61.88
C2B CLA QI . 7.71 -20.11 -61.83
C3B CLA QI . 8.70 -20.70 -62.56
C4B CLA QI . 8.12 -21.96 -63.10
NC CLA QI . 6.87 -24.50 -64.25
C1C CLA QI . 8.14 -24.05 -64.48
C2C CLA QI . 8.78 -24.98 -65.41
C3C CLA QI . 7.89 -25.95 -65.72
C4C CLA QI . 6.66 -25.65 -64.98
ND CLA QI . 4.13 -24.98 -63.58
C1D CLA QI . 4.26 -26.06 -64.36
C2D CLA QI . 3.04 -26.77 -64.45
C3D CLA QI . 2.14 -26.04 -63.68
C4D CLA QI . 2.84 -24.95 -63.16
MG CLA RI . -49.21 -26.34 -27.78
CHA CLA RI . -52.05 -28.14 -26.77
CHB CLA RI . -47.36 -29.19 -27.46
CHC CLA RI . -46.68 -25.04 -29.81
CHD CLA RI . -51.26 -23.72 -28.75
NA CLA RI . -49.67 -28.42 -27.19
C1A CLA RI . -50.86 -28.85 -26.66
C2A CLA RI . -50.65 -30.16 -25.94
C3A CLA RI . -49.15 -30.38 -26.09
C4A CLA RI . -48.68 -29.28 -26.97
NB CLA RI . -47.36 -27.03 -28.53
C1B CLA RI . -46.80 -28.23 -28.19
C2B CLA RI . -45.51 -28.34 -28.86
C3B CLA RI . -45.29 -27.17 -29.54
C4B CLA RI . -46.48 -26.32 -29.30
NC CLA RI . -49.01 -24.67 -29.08
C1C CLA RI . -47.86 -24.26 -29.69
C2C CLA RI . -48.03 -22.89 -30.19
C3C CLA RI . -49.31 -22.52 -29.88
C4C CLA RI . -49.94 -23.65 -29.19
ND CLA RI . -51.20 -25.97 -27.80
C1D CLA RI . -51.88 -24.83 -28.12
C2D CLA RI . -53.25 -24.95 -27.83
C3D CLA RI . -53.40 -26.24 -27.28
C4D CLA RI . -52.12 -26.83 -27.29
MG CLA SI . -38.15 -29.31 -24.33
CHA CLA SI . -41.37 -28.06 -24.55
CHB CLA SI . -37.49 -26.94 -21.99
CHC CLA SI . -35.33 -31.08 -23.17
CHD CLA SI . -39.09 -32.10 -26.16
NA CLA SI . -39.30 -27.68 -23.41
C1A CLA SI . -40.55 -27.28 -23.79
C2A CLA SI . -40.86 -25.91 -23.21
C3A CLA SI . -39.57 -25.57 -22.49
C4A CLA SI . -38.71 -26.78 -22.64
NB CLA SI . -36.68 -29.03 -22.83
C1B CLA SI . -36.65 -27.97 -22.01
C2B CLA SI . -35.64 -28.19 -20.99
C3B CLA SI . -35.02 -29.37 -21.26
C4B CLA SI . -35.64 -29.89 -22.51
NC CLA SI . -37.36 -31.31 -24.61
C1C CLA SI . -36.12 -31.71 -24.19
C2C CLA SI . -35.72 -32.84 -25.01
C3C CLA SI . -36.77 -33.13 -25.87
C4C CLA SI . -37.83 -32.17 -25.56
ND CLA SI . -39.84 -30.00 -25.18
C1D CLA SI . -40.07 -31.10 -25.94
C2D CLA SI . -41.41 -31.13 -26.36
C3D CLA SI . -41.99 -29.96 -25.82
C4D CLA SI . -40.99 -29.28 -25.15
MG CLA TI . -34.24 -35.04 -19.92
CHA CLA TI . -30.92 -35.07 -18.87
CHB CLA TI . -34.81 -32.40 -17.83
CHC CLA TI . -37.13 -34.14 -21.67
CHD CLA TI . -33.50 -37.45 -22.28
NA CLA TI . -33.00 -33.86 -18.57
C1A CLA TI . -31.70 -34.11 -18.25
C2A CLA TI . -31.27 -33.23 -17.08
C3A CLA TI . -32.55 -32.49 -16.74
C4A CLA TI . -33.53 -32.95 -17.75
NB CLA TI . -35.71 -33.52 -19.76
C1B CLA TI . -35.72 -32.61 -18.77
C2B CLA TI . -36.87 -31.73 -18.95
C3B CLA TI . -37.53 -32.11 -20.07
C4B CLA TI . -36.80 -33.33 -20.57
NC CLA TI . -35.15 -35.66 -21.75
C1C CLA TI . -36.36 -35.26 -22.18
C2C CLA TI . -36.81 -36.20 -23.22
C3C CLA TI . -35.82 -37.15 -23.39
C4C CLA TI . -34.74 -36.79 -22.45
ND CLA TI . -32.58 -36.03 -20.52
C1D CLA TI . -32.47 -37.08 -21.37
C2D CLA TI . -31.21 -37.72 -21.23
C3D CLA TI . -30.52 -36.95 -20.27
C4D CLA TI . -31.40 -35.91 -19.87
MG CLA UI . -13.53 -32.26 -9.26
CHA CLA UI . -11.17 -34.77 -8.61
CHB CLA UI . -15.58 -33.50 -6.87
CHC CLA UI . -15.70 -29.59 -9.70
CHD CLA UI . -11.36 -30.82 -11.51
NA CLA UI . -13.36 -33.93 -7.87
C1A CLA UI . -12.33 -34.86 -7.83
C2A CLA UI . -12.64 -35.91 -6.77
C3A CLA UI . -14.04 -35.52 -6.30
C4A CLA UI . -14.38 -34.25 -7.05
NB CLA UI . -15.32 -31.63 -8.38
C1B CLA UI . -16.00 -32.35 -7.46
C2B CLA UI . -17.31 -31.71 -7.21
C3B CLA UI . -17.35 -30.60 -8.05
C4B CLA UI . -16.07 -30.55 -8.76
NC CLA UI . -13.51 -30.47 -10.40
C1C CLA UI . -14.51 -29.55 -10.46
C2C CLA UI . -14.16 -28.52 -11.43
C3C CLA UI . -12.93 -28.85 -11.93
C4C CLA UI . -12.54 -30.11 -11.29
ND CLA UI . -11.66 -32.63 -9.94
C1D CLA UI . -10.93 -32.01 -10.88
C2D CLA UI . -9.73 -32.70 -11.13
C3D CLA UI . -9.76 -33.80 -10.27
C4D CLA UI . -10.96 -33.73 -9.54
MG CLA VI . -53.39 -43.97 1.76
CHA CLA VI . -51.81 -46.01 4.13
CHB CLA VI . -56.32 -44.34 3.42
CHC CLA VI . -54.78 -41.25 0.10
CHD CLA VI . -50.27 -43.13 0.53
NA CLA VI . -53.98 -45.04 3.58
C1A CLA VI . -53.18 -45.87 4.32
C2A CLA VI . -54.03 -46.58 5.37
C3A CLA VI . -55.44 -46.10 5.07
C4A CLA VI . -55.27 -45.10 3.95
NB CLA VI . -55.23 -42.95 1.78
C1B CLA VI . -56.30 -43.38 2.50
C2B CLA VI . -57.47 -42.59 2.12
C3B CLA VI . -57.06 -41.69 1.17
C4B CLA VI . -55.62 -41.93 0.97
NC CLA VI . -52.63 -42.42 0.54
C1C CLA VI . -53.38 -41.48 -0.10
C2C CLA VI . -52.53 -40.75 -1.01
C3C CLA VI . -51.28 -41.30 -0.91
C4C CLA VI . -51.34 -42.34 0.09
ND CLA VI . -51.45 -44.41 2.19
C1D CLA VI . -50.31 -44.10 1.54
C2D CLA VI . -49.19 -44.80 2.05
C3D CLA VI . -49.73 -45.58 3.08
C4D CLA VI . -51.10 -45.32 3.14
MG CLA WI . -63.26 -48.78 -2.65
CHA CLA WI . -66.15 -47.96 -4.49
CHB CLA WI . -62.70 -45.45 -2.11
CHC CLA WI . -59.94 -49.37 -1.79
CHD CLA WI . -63.38 -51.96 -4.08
NA CLA WI . -64.27 -46.92 -3.25
C1A CLA WI . -65.52 -46.88 -3.89
C2A CLA WI . -66.09 -45.50 -3.74
C3A CLA WI . -64.96 -44.74 -3.07
C4A CLA WI . -63.90 -45.74 -2.79
NB CLA WI . -61.58 -47.58 -2.07
C1B CLA WI . -61.67 -46.27 -1.80
C2B CLA WI . -60.46 -45.87 -1.09
C3B CLA WI . -59.65 -46.98 -1.00
C4B CLA WI . -60.38 -48.07 -1.64
NC CLA WI . -61.89 -50.38 -2.89
C1C CLA WI . -60.63 -50.44 -2.41
C2C CLA WI . -60.06 -51.75 -2.65
C3C CLA WI . -61.02 -52.49 -3.28
C4C CLA WI . -62.19 -51.62 -3.44
ND CLA WI . -64.43 -49.78 -4.02
C1D CLA WI . -64.44 -51.09 -4.37
C2D CLA WI . -65.62 -51.42 -5.10
C3D CLA WI . -66.35 -50.22 -5.17
C4D CLA WI . -65.59 -49.25 -4.51
MG CLA XI . -61.96 -39.85 -4.83
CHA CLA XI . -58.72 -40.97 -4.14
CHB CLA XI . -62.41 -42.56 -6.88
CHC CLA XI . -64.86 -38.49 -6.19
CHD CLA XI . -61.12 -36.72 -3.57
NA CLA XI . -60.72 -41.56 -5.45
C1A CLA XI . -59.47 -41.85 -4.92
C2A CLA XI . -59.06 -43.25 -5.33
C3A CLA XI . -60.20 -43.69 -6.24
C4A CLA XI . -61.17 -42.55 -6.20
NB CLA XI . -63.37 -40.43 -6.35
C1B CLA XI . -63.38 -41.62 -6.95
C2B CLA XI . -64.65 -41.78 -7.67
C3B CLA XI . -65.37 -40.63 -7.46
C4B CLA XI . -64.53 -39.76 -6.62
NC CLA XI . -62.84 -37.92 -4.89
C1C CLA XI . -64.06 -37.63 -5.41
C2C CLA XI . -64.42 -36.28 -5.03
C3C CLA XI . -63.39 -35.77 -4.29
C4C CLA XI . -62.36 -36.81 -4.22
ND CLA XI . -60.29 -38.96 -4.07
C1D CLA XI . -60.12 -37.74 -3.52
C2D CLA XI . -58.86 -37.66 -2.86
C3D CLA XI . -58.26 -38.90 -3.07
C4D CLA XI . -59.16 -39.67 -3.83
MG CLA YI . -60.03 -23.08 4.56
CHA CLA YI . -57.53 -20.70 4.85
CHB CLA YI . -58.12 -24.82 2.37
CHC CLA YI . -62.16 -25.80 4.72
CHD CLA YI . -61.76 -21.57 7.13
NA CLA YI . -58.05 -22.79 3.74
C1A CLA YI . -57.27 -21.68 3.94
C2A CLA YI . -56.08 -21.70 2.98
C3A CLA YI . -56.32 -22.97 2.16
C4A CLA YI . -57.57 -23.58 2.77
NB CLA YI . -60.10 -25.00 3.70
C1B CLA YI . -59.20 -25.47 2.82
C2B CLA YI . -59.56 -26.84 2.45
C3B CLA YI . -60.67 -27.16 3.15
C4B CLA YI . -61.05 -25.95 3.91
NC CLA YI . -61.69 -23.61 5.75
C1C CLA YI . -62.47 -24.71 5.54
C2C CLA YI . -63.69 -24.55 6.30
C3C CLA YI . -63.60 -23.36 6.98
C4C CLA YI . -62.31 -22.77 6.64
ND CLA YI . -59.73 -21.51 5.81
C1D CLA YI . -60.52 -20.97 6.76
C2D CLA YI . -59.94 -19.80 7.30
C3D CLA YI . -58.73 -19.64 6.59
C4D CLA YI . -58.65 -20.70 5.68
MG CLA ZI . -59.15 -21.92 -6.43
CHA CLA ZI . -62.41 -23.11 -6.95
CHB CLA ZI . -58.90 -24.03 -3.72
CHC CLA ZI . -55.65 -21.95 -6.54
CHD CLA ZI . -59.17 -20.84 -9.75
NA CLA ZI . -60.48 -23.35 -5.45
C1A CLA ZI . -61.81 -23.55 -5.76
C2A CLA ZI . -62.45 -24.42 -4.69
C3A CLA ZI . -61.35 -24.60 -3.66
C4A CLA ZI . -60.16 -23.94 -4.28
NB CLA ZI . -57.56 -22.86 -5.35
C1B CLA ZI . -57.75 -23.61 -4.21
C2B CLA ZI . -56.44 -23.97 -3.66
C3B CLA ZI . -55.50 -23.40 -4.45
C4B CLA ZI . -56.22 -22.66 -5.51
NC CLA ZI . -57.68 -21.47 -7.91
C1C CLA ZI . -56.34 -21.40 -7.67
C2C CLA ZI . -55.68 -20.74 -8.77
C3C CLA ZI . -56.66 -20.41 -9.67
C4C CLA ZI . -57.92 -20.89 -9.12
ND CLA ZI . -60.45 -21.95 -8.02
C1D CLA ZI . -60.37 -21.39 -9.25
C2D CLA ZI . -61.58 -21.54 -9.97
C3D CLA ZI . -62.45 -22.18 -9.09
C4D CLA ZI . -61.73 -22.42 -7.92
MG CLA AJ . -49.31 -17.92 -7.01
CHA CLA AJ . -52.23 -18.82 -5.24
CHB CLA AJ . -47.48 -19.77 -4.85
CHC CLA AJ . -46.68 -18.12 -9.32
CHD CLA AJ . -51.33 -16.69 -9.55
NA CLA AJ . -49.80 -19.18 -5.25
C1A CLA AJ . -51.04 -19.23 -4.63
C2A CLA AJ . -50.87 -19.75 -3.20
C3A CLA AJ . -49.36 -19.95 -3.09
C4A CLA AJ . -48.83 -19.64 -4.47
NB CLA AJ . -47.44 -18.83 -7.08
C1B CLA AJ . -46.89 -19.47 -6.02
C2B CLA AJ . -45.54 -19.84 -6.38
C3B CLA AJ . -45.28 -19.37 -7.65
C4B CLA AJ . -46.49 -18.74 -8.09
NC CLA AJ . -49.07 -17.51 -9.10
C1C CLA AJ . -47.88 -17.53 -9.77
C2C CLA AJ . -48.04 -16.82 -11.03
C3C CLA AJ . -49.32 -16.40 -11.08
C4C CLA AJ . -49.98 -16.85 -9.86
ND CLA AJ . -51.31 -17.77 -7.38
C1D CLA AJ . -51.97 -17.16 -8.39
C2D CLA AJ . -53.37 -17.17 -8.16
C3D CLA AJ . -53.54 -17.80 -6.94
C4D CLA AJ . -52.27 -18.15 -6.49
MG CLA BJ . -41.41 -16.47 -1.94
CHA CLA BJ . -38.84 -14.54 -0.64
CHB CLA BJ . -43.61 -15.03 0.32
CHC CLA BJ . -43.56 -19.15 -2.13
CHD CLA BJ . -39.04 -18.39 -3.65
NA CLA BJ . -41.25 -14.92 -0.36
C1A CLA BJ . -40.09 -14.22 -0.08
C2A CLA BJ . -40.42 -13.12 0.95
C3A CLA BJ . -41.94 -13.23 1.14
C4A CLA BJ . -42.31 -14.45 0.32
NB CLA BJ . -43.26 -17.01 -1.02
C1B CLA BJ . -44.01 -16.17 -0.26
C2B CLA BJ . -45.35 -16.77 -0.10
C3B CLA BJ . -45.34 -17.95 -0.81
C4B CLA BJ . -43.98 -18.11 -1.36
NC CLA BJ . -41.31 -18.44 -2.74
C1C CLA BJ . -42.33 -19.33 -2.76
C2C CLA BJ . -41.98 -20.48 -3.56
C3C CLA BJ . -40.71 -20.28 -4.00
C4C CLA BJ . -40.28 -18.98 -3.48
ND CLA BJ . -39.41 -16.49 -2.18
C1D CLA BJ . -38.61 -17.23 -2.98
C2D CLA BJ . -37.26 -16.81 -2.91
C3D CLA BJ . -37.29 -15.74 -2.01
C4D CLA BJ . -38.63 -15.57 -1.59
MG CLA CJ . -73.46 -48.34 11.10
CHA CLA CJ . -74.47 -50.87 13.29
CHB CLA CJ . -74.06 -50.42 8.48
CHC CLA CJ . -73.41 -45.69 8.81
CHD CLA CJ . -73.59 -46.07 13.72
NA CLA CJ . -74.22 -50.39 10.91
C1A CLA CJ . -74.47 -51.26 11.96
C2A CLA CJ . -74.77 -52.65 11.41
C3A CLA CJ . -74.57 -52.47 9.91
C4A CLA CJ . -74.25 -51.01 9.74
NB CLA CJ . -73.72 -48.09 9.01
C1B CLA CJ . -73.87 -49.14 8.16
C2B CLA CJ . -73.80 -48.66 6.78
C3B CLA CJ . -73.64 -47.31 6.84
C4B CLA CJ . -73.57 -46.95 8.27
NC CLA CJ . -73.54 -46.23 11.24
C1C CLA CJ . -73.42 -45.36 10.20
C2C CLA CJ . -73.30 -44.02 10.73
C3C CLA CJ . -73.36 -44.11 12.11
C4C CLA CJ . -73.49 -45.52 12.43
ND CLA CJ . -73.95 -48.39 13.07
C1D CLA CJ . -73.82 -47.44 14.02
C2D CLA CJ . -73.98 -47.99 15.32
C3D CLA CJ . -74.23 -49.35 15.11
C4D CLA CJ . -74.22 -49.55 13.71
MG CLA DJ . -83.08 -51.90 6.48
CHA CLA DJ . -80.77 -54.35 7.42
CHB CLA DJ . -85.53 -54.28 6.21
CHC CLA DJ . -85.48 -49.45 5.91
CHD CLA DJ . -80.70 -49.46 6.97
NA CLA DJ . -83.14 -54.06 6.81
C1A CLA DJ . -82.06 -54.86 7.16
C2A CLA DJ . -82.51 -56.31 7.26
C3A CLA DJ . -83.98 -56.26 6.85
C4A CLA DJ . -84.26 -54.80 6.57
NB CLA DJ . -85.16 -51.88 6.12
C1B CLA DJ . -85.95 -53.01 6.02
C2B CLA DJ . -87.32 -52.60 5.71
C3B CLA DJ . -87.34 -51.23 5.64
C4B CLA DJ . -85.95 -50.78 5.89
NC CLA DJ . -83.09 -49.79 6.48
C1C CLA DJ . -84.16 -49.00 6.17
C2C CLA DJ . -83.73 -47.61 6.20
C3C CLA DJ . -82.40 -47.60 6.50
C4C CLA DJ . -81.99 -49.00 6.66
ND CLA DJ . -81.15 -51.84 7.09
C1D CLA DJ . -80.29 -50.82 7.17
C2D CLA DJ . -78.98 -51.28 7.49
C3D CLA DJ . -79.10 -52.67 7.61
C4D CLA DJ . -80.45 -52.98 7.36
MG CLA EJ . -75.27 -49.18 1.68
CHA CLA EJ . -72.02 -48.03 1.02
CHB CLA EJ . -76.36 -45.92 1.63
CHC CLA EJ . -78.24 -50.00 3.35
CHD CLA EJ . -73.94 -52.23 2.67
NA CLA EJ . -74.31 -47.19 1.37
C1A CLA EJ . -72.99 -47.02 0.97
C2A CLA EJ . -72.81 -45.59 0.45
C3A CLA EJ . -74.19 -44.97 0.68
C4A CLA EJ . -75.01 -46.07 1.27
NB CLA EJ . -76.98 -48.10 2.42
C1B CLA EJ . -77.21 -46.81 2.14
C2B CLA EJ . -78.59 -46.49 2.51
C3B CLA EJ . -79.16 -47.65 3.00
C4B CLA EJ . -78.12 -48.68 2.95
NC CLA EJ . -75.96 -50.84 2.85
C1C CLA EJ . -77.23 -51.01 3.30
C2C CLA EJ . -77.41 -52.42 3.66
C3C CLA EJ . -76.22 -53.05 3.48
C4C CLA EJ . -75.28 -52.03 2.99
ND CLA EJ . -73.41 -49.99 1.88
C1D CLA EJ . -73.03 -51.26 2.16
C2D CLA EJ . -71.64 -51.46 1.91
C3D CLA EJ . -71.18 -50.21 1.46
C4D CLA EJ . -72.29 -49.34 1.45
MG CLA FJ . -83.67 -29.35 1.95
CHA CLA FJ . -82.37 -26.33 3.15
CHB CLA FJ . -80.62 -30.11 0.66
CHC CLA FJ . -84.58 -32.69 1.47
CHD CLA FJ . -86.50 -28.85 3.87
NA CLA FJ . -81.72 -28.33 1.93
C1A CLA FJ . -81.47 -27.06 2.39
C2A CLA FJ . -80.05 -26.64 2.00
C3A CLA FJ . -79.56 -27.83 1.18
C4A CLA FJ . -80.68 -28.83 1.23
NB CLA FJ . -82.74 -31.11 1.22
C1B CLA FJ . -81.49 -31.12 0.67
C2B CLA FJ . -81.23 -32.43 0.12
C3B CLA FJ . -82.34 -33.19 0.35
C4B CLA FJ . -83.31 -32.34 1.04
NC CLA FJ . -85.27 -30.59 2.60
C1C CLA FJ . -85.47 -31.87 2.21
C2C CLA FJ . -86.79 -32.29 2.71
C3C CLA FJ . -87.33 -31.23 3.39
C4C CLA FJ . -86.36 -30.13 3.31
ND CLA FJ . -84.33 -27.95 3.25
C1D CLA FJ . -85.53 -27.82 3.86
C2D CLA FJ . -85.63 -26.55 4.52
C3D CLA FJ . -84.42 -25.91 4.27
C4D CLA FJ . -83.64 -26.80 3.49
MG CLA GJ . -94.31 -32.32 1.74
CHA CLA GJ . -96.80 -30.73 3.62
CHB CLA GJ . -92.80 -33.33 4.64
CHC CLA GJ . -92.38 -34.68 0.03
CHD CLA GJ . -96.32 -31.97 -1.07
NA CLA GJ . -94.78 -32.09 3.88
C1A CLA GJ . -95.78 -31.29 4.40
C2A CLA GJ . -95.59 -31.16 5.91
C3A CLA GJ . -94.30 -31.95 6.17
C4A CLA GJ . -93.91 -32.49 4.83
NB CLA GJ . -92.86 -33.76 2.26
C1B CLA GJ . -92.35 -33.91 3.52
C2B CLA GJ . -91.24 -34.85 3.50
C3B CLA GJ . -91.10 -35.28 2.21
C4B CLA GJ . -92.13 -34.56 1.40
NC CLA GJ . -94.38 -33.20 -0.19
C1C CLA GJ . -93.45 -34.05 -0.71
C2C CLA GJ . -93.73 -34.24 -2.13
C3C CLA GJ . -94.84 -33.49 -2.43
C4C CLA GJ . -95.23 -32.83 -1.20
ND CLA GJ . -96.17 -31.59 1.32
C1D CLA GJ . -96.78 -31.39 0.12
C2D CLA GJ . -97.89 -30.53 0.23
C3D CLA GJ . -97.97 -30.24 1.59
C4D CLA GJ . -96.90 -30.91 2.23
MG CLA HJ . -97.25 -38.01 -12.33
CHA CLA HJ . -99.17 -36.17 -14.63
CHB CLA HJ . -98.83 -36.37 -9.77
CHC CLA HJ . -96.05 -40.30 -10.01
CHD CLA HJ . -96.22 -40.09 -14.90
NA CLA HJ . -98.83 -36.48 -12.23
C1A CLA HJ . -99.41 -35.81 -13.30
C2A CLA HJ . -100.32 -34.70 -12.80
C3A CLA HJ . -100.16 -34.76 -11.28
C4A CLA HJ . -99.21 -35.92 -11.05
NB CLA HJ . -97.43 -38.29 -10.25
C1B CLA HJ . -98.07 -37.42 -9.42
C2B CLA HJ . -97.86 -37.84 -8.03
C3B CLA HJ . -97.09 -38.96 -8.07
C4B CLA HJ . -96.80 -39.24 -9.49
NC CLA HJ . -96.32 -39.91 -12.44
C1C CLA HJ . -95.85 -40.62 -11.38
C2C CLA HJ . -95.11 -41.77 -11.89
C3C CLA HJ . -95.17 -41.71 -13.25
C4C CLA HJ . -95.92 -40.53 -13.61
ND CLA HJ . -97.61 -38.17 -14.32
C1D CLA HJ . -97.03 -38.98 -15.25
C2D CLA HJ . -97.37 -38.56 -16.57
C3D CLA HJ . -98.23 -37.46 -16.39
C4D CLA HJ . -98.35 -37.26 -15.01
MG CLA IJ . -87.26 -37.23 -16.38
CHA CLA IJ . -84.74 -35.40 -17.95
CHB CLA IJ . -89.24 -34.45 -16.36
CHC CLA IJ . -90.09 -39.09 -15.54
CHD CLA IJ . -85.57 -40.14 -17.14
NA CLA IJ . -87.02 -35.18 -17.10
C1A CLA IJ . -85.87 -34.65 -17.64
C2A CLA IJ . -86.09 -33.14 -17.87
C3A CLA IJ . -87.47 -32.91 -17.29
C4A CLA IJ . -87.95 -34.24 -16.88
NB CLA IJ . -89.32 -36.83 -16.03
C1B CLA IJ . -89.85 -35.58 -16.02
C2B CLA IJ . -91.23 -35.65 -15.57
C3B CLA IJ . -91.53 -36.96 -15.37
C4B CLA IJ . -90.29 -37.72 -15.64
NC CLA IJ . -87.75 -39.28 -16.38
C1C CLA IJ . -88.92 -39.81 -15.91
C2C CLA IJ . -88.77 -41.26 -15.86
C3C CLA IJ . -87.52 -41.57 -16.34
C4C CLA IJ . -86.87 -40.30 -16.64
ND CLA IJ . -85.56 -37.72 -17.36
C1D CLA IJ . -84.94 -38.91 -17.49
C2D CLA IJ . -83.64 -38.77 -18.03
C3D CLA IJ . -83.48 -37.39 -18.21
C4D CLA IJ . -84.68 -36.79 -17.81
MG CLA JJ . -81.56 -35.73 -9.92
CHA CLA JJ . -80.53 -32.39 -9.73
CHB CLA JJ . -81.73 -35.46 -13.29
CHC CLA JJ . -81.85 -39.18 -10.26
CHD CLA JJ . -80.83 -36.13 -6.58
NA CLA JJ . -81.16 -34.11 -11.34
C1A CLA JJ . -80.86 -32.80 -11.02
C2A CLA JJ . -80.92 -31.94 -12.25
C3A CLA JJ . -81.39 -32.92 -13.33
C4A CLA JJ . -81.44 -34.25 -12.64
NB CLA JJ . -81.72 -37.10 -11.52
C1B CLA JJ . -81.83 -36.71 -12.80
C2B CLA JJ . -81.98 -37.90 -13.64
C3B CLA JJ . -82.07 -39.01 -12.77
C4B CLA JJ . -81.88 -38.45 -11.44
NC CLA JJ . -81.34 -37.39 -8.63
C1C CLA JJ . -81.62 -38.68 -8.96
C2C CLA JJ . -81.69 -39.46 -7.74
C3C CLA JJ . -81.41 -38.61 -6.70
C4C CLA JJ . -81.17 -37.29 -7.28
ND CLA JJ . -80.80 -34.58 -8.44
C1D CLA JJ . -80.64 -34.85 -7.13
C2D CLA JJ . -80.22 -33.69 -6.43
C3D CLA JJ . -80.15 -32.69 -7.40
C4D CLA JJ . -80.52 -33.27 -8.61
MG CLA KJ . -83.17 -53.39 -12.12
CHA CLA KJ . -82.49 -56.63 -13.22
CHB CLA KJ . -79.82 -52.82 -11.78
CHC CLA KJ . -83.69 -49.95 -11.84
CHD CLA KJ . -86.48 -53.80 -13.07
NA CLA KJ . -81.36 -54.58 -12.48
C1A CLA KJ . -81.34 -55.91 -12.85
C2A CLA KJ . -79.88 -56.41 -12.87
C3A CLA KJ . -79.10 -55.20 -12.36
C4A CLA KJ . -80.13 -54.13 -12.16
NB CLA KJ . -81.96 -51.69 -11.87
C1B CLA KJ . -80.61 -51.75 -11.67
C2B CLA KJ . -80.12 -50.42 -11.35
C3B CLA KJ . -81.20 -49.58 -11.38
C4B CLA KJ . -82.37 -50.40 -11.71
NC CLA KJ . -84.82 -52.08 -12.46
C1C CLA KJ . -84.83 -50.76 -12.18
C2C CLA KJ . -86.21 -50.27 -12.28
C3C CLA KJ . -87.00 -51.34 -12.61
C4C CLA KJ . -86.10 -52.50 -12.73
ND CLA KJ . -84.29 -54.85 -12.99
C1D CLA KJ . -85.61 -54.92 -13.21
C2D CLA KJ . -86.00 -56.22 -13.59
C3D CLA KJ . -84.81 -56.97 -13.62
C4D CLA KJ . -83.78 -56.09 -13.25
MG CLA LJ . -90.52 -52.11 1.86
CHA CLA LJ . -89.17 -55.32 2.19
CHB CLA LJ . -93.66 -53.35 2.35
CHC CLA LJ . -91.86 -48.89 1.76
CHD CLA LJ . -87.34 -50.80 1.55
NA CLA LJ . -91.31 -54.11 2.25
C1A CLA LJ . -90.58 -55.29 2.30
C2A CLA LJ . -91.53 -56.46 2.51
C3A CLA LJ . -92.92 -55.81 2.53
C4A CLA LJ . -92.65 -54.34 2.35
NB CLA LJ . -92.45 -51.26 2.05
C1B CLA LJ . -93.58 -52.01 2.22
C2B CLA LJ . -94.72 -51.09 2.23
C3B CLA LJ . -94.25 -49.81 2.08
C4B CLA LJ . -92.78 -49.94 1.95
NC CLA LJ . -89.72 -50.15 1.71
C1C CLA LJ . -90.44 -49.01 1.65
C2C CLA LJ . -89.52 -47.89 1.46
C3C CLA LJ . -88.26 -48.42 1.40
C4C CLA LJ . -88.38 -49.87 1.55
ND CLA LJ . -88.63 -52.82 1.88
C1D CLA LJ . -87.45 -52.21 1.71
C2D CLA LJ . -86.38 -53.13 1.73
C3D CLA LJ . -86.99 -54.38 1.92
C4D CLA LJ . -88.37 -54.17 2.01
MG CLA MJ . -91.01 -60.86 -9.92
CHA CLA MJ . -92.01 -63.45 -7.80
CHB CLA MJ . -91.34 -62.94 -12.61
CHC CLA MJ . -90.31 -58.24 -12.11
CHD CLA MJ . -90.86 -58.70 -7.23
NA CLA MJ . -91.64 -62.95 -10.18
C1A CLA MJ . -91.97 -63.83 -9.16
C2A CLA MJ . -92.27 -65.22 -9.75
C3A CLA MJ . -92.03 -65.02 -11.25
C4A CLA MJ . -91.63 -63.57 -11.38
NB CLA MJ . -90.86 -60.63 -12.02
C1B CLA MJ . -91.02 -61.65 -12.90
C2B CLA MJ . -90.81 -61.15 -14.25
C3B CLA MJ . -90.53 -59.81 -14.16
C4B CLA MJ . -90.55 -59.48 -12.71
NC CLA MJ . -90.67 -58.79 -9.71
C1C CLA MJ . -90.37 -57.93 -10.70
C2C CLA MJ . -90.15 -56.61 -10.11
C3C CLA MJ . -90.30 -56.73 -8.75
C4C CLA MJ . -90.61 -58.13 -8.48
ND CLA MJ . -91.37 -60.97 -7.93
C1D CLA MJ . -91.22 -60.06 -6.96
C2D CLA MJ . -91.49 -60.61 -5.69
C3D CLA MJ . -91.81 -61.96 -5.95
C4D CLA MJ . -91.72 -62.13 -7.34
MG CLA NJ . -85.71 -64.44 -18.02
CHA CLA NJ . -86.55 -66.01 -15.01
CHB CLA NJ . -85.50 -67.47 -19.55
CHC CLA NJ . -85.49 -62.94 -21.16
CHD CLA NJ . -86.51 -61.38 -16.60
NA CLA NJ . -86.03 -66.52 -17.35
C1A CLA NJ . -86.27 -66.90 -16.06
C2A CLA NJ . -86.27 -68.42 -15.99
C3A CLA NJ . -85.90 -68.85 -17.42
C4A CLA NJ . -85.78 -67.55 -18.17
NB CLA NJ . -85.55 -65.12 -20.05
C1B CLA NJ . -85.42 -66.42 -20.38
C2B CLA NJ . -85.20 -66.52 -21.82
C3B CLA NJ . -85.20 -65.22 -22.32
C4B CLA NJ . -85.40 -64.33 -21.15
NC CLA NJ . -85.97 -62.45 -18.78
C1C CLA NJ . -85.76 -62.09 -20.05
C2C CLA NJ . -85.89 -60.63 -20.11
C3C CLA NJ . -86.21 -60.19 -18.86
C4C CLA NJ . -86.24 -61.36 -17.98
ND CLA NJ . -86.43 -63.77 -16.21
C1D CLA NJ . -86.60 -62.52 -15.76
C2D CLA NJ . -86.89 -62.52 -14.37
C3D CLA NJ . -86.87 -63.88 -14.01
C4D CLA NJ . -86.59 -64.62 -15.18
MG CLA OJ . -75.72 -61.79 -19.78
CHA CLA OJ . -77.89 -60.72 -17.24
CHB CLA OJ . -78.36 -61.92 -21.96
CHC CLA OJ . -73.58 -62.23 -22.49
CHD CLA OJ . -73.03 -61.03 -17.74
NA CLA OJ . -77.88 -61.34 -19.63
C1A CLA OJ . -78.55 -61.00 -18.47
C2A CLA OJ . -80.05 -60.91 -18.74
C3A CLA OJ . -80.16 -61.29 -20.22
C4A CLA OJ . -78.74 -61.56 -20.65
NB CLA OJ . -75.95 -62.02 -21.87
C1B CLA OJ . -77.15 -62.09 -22.50
C2B CLA OJ . -76.93 -62.36 -23.92
C3B CLA OJ . -75.57 -62.43 -24.11
C4B CLA OJ . -74.94 -62.24 -22.78
NC CLA OJ . -73.63 -61.61 -20.07
C1C CLA OJ . -72.98 -61.93 -21.22
C2C CLA OJ . -71.54 -61.91 -20.94
C3C CLA OJ . -71.37 -61.60 -19.62
C4C CLA OJ . -72.72 -61.38 -19.06
ND CLA OJ . -75.45 -60.99 -17.92
C1D CLA OJ . -74.31 -60.84 -17.20
C2D CLA OJ . -74.62 -60.48 -15.85
C3D CLA OJ . -76.03 -60.42 -15.80
C4D CLA OJ . -76.49 -60.74 -17.09
MG CLA PJ . -74.60 -54.78 -9.87
CHA CLA PJ . -74.51 -52.09 -7.61
CHB CLA PJ . -74.80 -52.54 -12.42
CHC CLA PJ . -75.40 -57.32 -12.14
CHD CLA PJ . -75.09 -56.97 -7.22
NA CLA PJ . -74.63 -52.55 -10.01
C1A CLA PJ . -74.49 -51.67 -8.96
C2A CLA PJ . -74.29 -50.25 -9.51
C3A CLA PJ . -74.34 -50.46 -11.02
C4A CLA PJ . -74.62 -51.93 -11.18
NB CLA PJ . -75.08 -54.86 -11.94
C1B CLA PJ . -75.01 -53.81 -12.76
C2B CLA PJ . -75.26 -54.25 -14.12
C3B CLA PJ . -75.41 -55.61 -14.09
C4B CLA PJ . -75.30 -56.02 -12.67
NC CLA PJ . -75.16 -56.81 -9.70
C1C CLA PJ . -75.35 -57.67 -10.75
C2C CLA PJ . -75.41 -59.04 -10.20
C3C CLA PJ . -75.34 -58.94 -8.83
C4C CLA PJ . -75.20 -57.52 -8.51
ND CLA PJ . -74.81 -54.62 -7.86
C1D CLA PJ . -74.91 -55.58 -6.91
C2D CLA PJ . -74.83 -55.02 -5.61
C3D CLA PJ . -74.67 -53.64 -5.82
C4D CLA PJ . -74.67 -53.44 -7.20
MG CLA QJ . -68.55 -45.93 -23.52
CHA CLA QJ . -71.17 -43.60 -23.29
CHB CLA QJ . -70.82 -48.41 -24.08
CHC CLA QJ . -66.03 -48.13 -24.52
CHD CLA QJ . -66.27 -43.35 -23.42
NA CLA QJ . -70.73 -45.98 -23.69
C1A CLA QJ . -71.60 -44.92 -23.49
C2A CLA QJ . -73.03 -45.41 -23.61
C3A CLA QJ . -72.86 -46.91 -23.77
C4A CLA QJ . -71.39 -47.15 -23.82
NB CLA QJ . -68.45 -47.92 -24.20
C1B CLA QJ . -69.52 -48.75 -24.28
C2B CLA QJ . -69.09 -50.08 -24.67
C3B CLA QJ . -67.69 -50.03 -24.79
C4B CLA QJ . -67.32 -48.64 -24.49
NC CLA QJ . -66.48 -45.76 -23.93
C1C CLA QJ . -65.65 -46.78 -24.25
C2C CLA QJ . -64.30 -46.28 -24.33
C3C CLA QJ . -64.34 -44.94 -24.01
C4C CLA QJ . -65.75 -44.62 -23.75
ND CLA QJ . -68.63 -43.91 -23.42
C1D CLA QJ . -67.64 -43.01 -23.27
C2D CLA QJ . -68.16 -41.72 -23.01
C3D CLA QJ . -69.55 -41.89 -23.00
C4D CLA QJ . -69.81 -43.24 -23.26
MG CLA RJ . -79.32 -38.61 -24.46
CHA CLA RJ . -77.41 -41.47 -24.99
CHB CLA RJ . -81.79 -40.52 -23.04
CHC CLA RJ . -81.53 -35.93 -24.56
CHD CLA RJ . -77.15 -36.83 -26.54
NA CLA RJ . -79.57 -40.76 -24.07
C1A CLA RJ . -78.59 -41.73 -24.32
C2A CLA RJ . -79.05 -43.07 -23.73
C3A CLA RJ . -80.43 -42.73 -23.13
C4A CLA RJ . -80.63 -41.26 -23.42
NB CLA RJ . -81.37 -38.31 -23.93
C1B CLA RJ . -82.10 -39.22 -23.26
C2B CLA RJ . -83.29 -38.55 -22.73
C3B CLA RJ . -83.24 -37.22 -23.15
C4B CLA RJ . -82.00 -37.09 -23.94
NC CLA RJ . -79.35 -36.71 -25.43
C1C CLA RJ . -80.30 -35.76 -25.26
C2C CLA RJ . -79.85 -34.53 -25.89
C3C CLA RJ . -78.62 -34.76 -26.45
C4C CLA RJ . -78.31 -36.16 -26.17
ND CLA RJ . -77.66 -39.01 -25.56
C1D CLA RJ . -76.85 -38.18 -26.27
C2D CLA RJ . -75.71 -38.85 -26.72
C3D CLA RJ . -75.86 -40.17 -26.23
C4D CLA RJ . -77.08 -40.22 -25.54
MG CLA SJ . -62.18 -30.84 -13.16
CHA CLA SJ . -63.03 -28.88 -10.38
CHB CLA SJ . -62.87 -28.18 -15.18
CHC CLA SJ . -60.25 -32.23 -15.74
CHD CLA SJ . -60.67 -33.08 -10.95
NA CLA SJ . -62.87 -28.76 -12.83
C1A CLA SJ . -63.32 -28.29 -11.62
C2A CLA SJ . -64.16 -27.05 -11.86
C3A CLA SJ . -64.17 -26.90 -13.38
C4A CLA SJ . -63.25 -28.00 -13.85
NB CLA SJ . -61.65 -30.28 -15.12
C1B CLA SJ . -62.09 -29.15 -15.72
C2B CLA SJ . -61.50 -29.05 -17.04
C3B CLA SJ . -60.70 -30.15 -17.23
C4B CLA SJ . -60.86 -30.99 -16.01
NC CLA SJ . -60.69 -32.40 -13.29
C1C CLA SJ . -60.20 -32.90 -14.46
C2C CLA SJ . -59.63 -34.22 -14.19
C3C CLA SJ . -59.77 -34.45 -12.84
C4C CLA SJ . -60.41 -33.28 -12.28
ND CLA SJ . -61.84 -30.97 -11.13
C1D CLA SJ . -61.32 -31.98 -10.38
C2D CLA SJ . -61.45 -31.72 -8.99
C3D CLA SJ . -62.13 -30.49 -8.92
C4D CLA SJ . -62.36 -30.09 -10.24
MG CLA TJ . -69.70 -33.91 -11.21
CHA CLA TJ . -71.97 -31.32 -10.60
CHB CLA TJ . -67.25 -32.03 -9.68
CHC CLA TJ . -67.66 -36.71 -10.72
CHD CLA TJ . -72.37 -36.02 -11.89
NA CLA TJ . -69.63 -31.93 -10.24
C1A CLA TJ . -70.65 -31.02 -10.23
C2A CLA TJ . -70.13 -29.67 -9.76
C3A CLA TJ . -68.67 -29.90 -9.56
C4A CLA TJ . -68.49 -31.35 -9.84
NB CLA TJ . -67.80 -34.29 -10.34
C1B CLA TJ . -66.98 -33.33 -9.85
C2B CLA TJ . -65.73 -33.94 -9.45
C3B CLA TJ . -65.82 -35.28 -9.70
C4B CLA TJ . -67.14 -35.49 -10.32
NC CLA TJ . -69.98 -36.03 -11.25
C1C CLA TJ . -68.99 -36.95 -11.15
C2C CLA TJ . -69.52 -38.25 -11.55
C3C CLA TJ . -70.83 -38.08 -11.88
C4C CLA TJ . -71.12 -36.65 -11.69
ND CLA TJ . -71.73 -33.77 -11.21
C1D CLA TJ . -72.67 -34.66 -11.64
C2D CLA TJ . -73.93 -34.04 -11.78
C3D CLA TJ . -73.72 -32.71 -11.39
C4D CLA TJ . -72.37 -32.60 -11.04
MG CLA UJ . -57.80 -48.87 -9.71
CHA CLA UJ . -54.81 -50.59 -9.02
CHB CLA UJ . -58.68 -49.18 -6.43
CHC CLA UJ . -60.32 -46.51 -10.12
CHD CLA UJ . -56.47 -47.90 -12.76
NA CLA UJ . -56.83 -49.74 -7.93
C1A CLA UJ . -55.64 -50.47 -7.92
C2A CLA UJ . -55.38 -51.01 -6.51
C3A CLA UJ . -56.61 -50.60 -5.75
C4A CLA UJ . -57.45 -49.80 -6.74
NB CLA UJ . -59.23 -47.94 -8.47
C1B CLA UJ . -59.47 -48.37 -7.20
C2B CLA UJ . -60.76 -47.83 -6.77
C3B CLA UJ . -61.27 -47.06 -7.85
C4B CLA UJ . -60.25 -47.14 -8.88
NC CLA UJ . -58.28 -47.41 -11.19
C1C CLA UJ . -59.37 -46.59 -11.17
C2C CLA UJ . -59.34 -45.71 -12.34
C3C CLA UJ . -58.27 -46.11 -13.08
C4C CLA UJ . -57.62 -47.21 -12.37
ND CLA UJ . -56.05 -49.15 -10.70
C1D CLA UJ . -55.74 -48.83 -11.98
C2D CLA UJ . -54.55 -49.49 -12.38
C3D CLA UJ . -54.14 -50.23 -11.25
C4D CLA UJ . -55.08 -49.97 -10.24
MG CLA VJ . -69.18 -63.66 -29.77
CHA CLA VJ . -70.82 -66.55 -28.78
CHB CLA VJ . -68.47 -65.10 -32.77
CHC CLA VJ . -68.00 -60.65 -31.02
CHD CLA VJ . -70.18 -62.11 -26.87
NA CLA VJ . -69.64 -65.59 -30.67
C1A CLA VJ . -70.26 -66.64 -30.06
C2A CLA VJ . -70.26 -67.85 -30.97
C3A CLA VJ . -69.47 -67.36 -32.18
C4A CLA VJ . -69.15 -65.95 -31.87
NB CLA VJ . -68.39 -63.00 -31.61
C1B CLA VJ . -68.15 -63.81 -32.67
C2B CLA VJ . -67.53 -63.03 -33.72
C3B CLA VJ . -67.43 -61.76 -33.28
C4B CLA VJ . -67.93 -61.74 -31.89
NC CLA VJ . -69.12 -61.67 -29.07
C1C CLA VJ . -68.55 -60.62 -29.71
C2C CLA VJ . -68.59 -59.47 -28.83
C3C CLA VJ . -69.23 -59.85 -27.68
C4C CLA VJ . -69.54 -61.28 -27.82
ND CLA VJ . -70.29 -64.16 -28.15
C1D CLA VJ . -70.54 -63.48 -27.02
C2D CLA VJ . -71.18 -64.30 -26.06
C3D CLA VJ . -71.33 -65.54 -26.70
C4D CLA VJ . -70.77 -65.41 -27.99
MG CLA WJ . -66.28 -61.38 -39.53
CHA CLA WJ . -66.42 -64.68 -38.43
CHB CLA WJ . -63.71 -62.21 -41.58
CHC CLA WJ . -66.51 -58.33 -41.19
CHD CLA WJ . -69.22 -60.71 -37.85
NA CLA WJ . -65.21 -63.23 -39.96
C1A CLA WJ . -65.38 -64.43 -39.31
C2A CLA WJ . -64.29 -65.40 -39.74
C3A CLA WJ . -63.43 -64.56 -40.69
C4A CLA WJ . -64.13 -63.25 -40.76
NB CLA WJ . -65.28 -60.46 -41.12
C1B CLA WJ . -64.22 -61.01 -41.77
C2B CLA WJ . -63.76 -60.08 -42.80
C3B CLA WJ . -64.54 -58.97 -42.72
C4B CLA WJ . -65.51 -59.20 -41.63
NC CLA WJ . -67.68 -59.80 -39.54
C1C CLA WJ . -67.52 -58.62 -40.21
C2C CLA WJ . -68.56 -57.71 -39.76
C3C CLA WJ . -69.31 -58.36 -38.81
C4C CLA WJ . -68.75 -59.70 -38.68
ND CLA WJ . -67.59 -62.43 -38.40
C1D CLA WJ . -68.69 -62.02 -37.73
C2D CLA WJ . -69.24 -63.09 -36.96
C3D CLA WJ . -68.38 -64.17 -37.18
C4D CLA WJ . -67.38 -63.72 -38.07
MG CLA XJ . -58.74 -37.97 -52.84
CHA CLA XJ . -59.51 -36.80 -56.01
CHB CLA XJ . -61.39 -40.11 -52.97
CHC CLA XJ . -57.59 -39.70 -50.05
CHD CLA XJ . -55.79 -36.14 -52.91
NA CLA XJ . -60.23 -38.42 -54.36
C1A CLA XJ . -60.37 -37.78 -55.56
C2A CLA XJ . -61.58 -38.32 -56.30
C3A CLA XJ . -62.17 -39.32 -55.32
C4A CLA XJ . -61.24 -39.28 -54.13
NB CLA XJ . -59.37 -39.64 -51.71
C1B CLA XJ . -60.56 -40.27 -51.92
C2B CLA XJ . -60.82 -41.17 -50.79
C3B CLA XJ . -59.71 -41.13 -49.98
C4B CLA XJ . -58.81 -40.12 -50.55
NC CLA XJ . -56.97 -37.95 -51.69
C1C CLA XJ . -56.74 -38.70 -50.58
C2C CLA XJ . -55.42 -38.36 -50.06
C3C CLA XJ . -54.91 -37.36 -50.85
C4C CLA XJ . -55.91 -37.09 -51.87
ND CLA XJ . -57.79 -36.76 -54.16
C1D CLA XJ . -56.68 -35.98 -54.00
C2D CLA XJ . -56.56 -35.05 -55.07
C3D CLA XJ . -57.65 -35.33 -55.90
C4D CLA XJ . -58.36 -36.38 -55.32
MG CLA YJ . -85.35 -40.35 -30.08
CHA CLA YJ . -87.96 -39.11 -28.09
CHB CLA YJ . -83.14 -39.77 -27.56
CHC CLA YJ . -82.86 -42.20 -31.70
CHD CLA YJ . -87.67 -41.29 -32.47
NA CLA YJ . -85.55 -39.59 -28.05
C1A CLA YJ . -86.69 -39.05 -27.50
C2A CLA YJ . -86.34 -38.33 -26.20
C3A CLA YJ . -84.83 -38.47 -26.15
C4A CLA YJ . -84.47 -39.34 -27.30
NB CLA YJ . -83.34 -40.90 -29.67
C1B CLA YJ . -82.65 -40.48 -28.57
C2B CLA YJ . -81.27 -40.99 -28.67
C3B CLA YJ . -81.17 -41.68 -29.83
C4B CLA YJ . -82.49 -41.62 -30.49
NC CLA YJ . -85.29 -41.58 -31.79
C1C CLA YJ . -84.17 -42.17 -32.30
C2C CLA YJ . -84.53 -42.80 -33.57
C3C CLA YJ . -85.85 -42.54 -33.80
C4C CLA YJ . -86.35 -41.75 -32.66
ND CLA YJ . -87.38 -40.28 -30.27
C1D CLA YJ . -88.16 -40.60 -31.32
C2D CLA YJ . -89.52 -40.17 -31.11
C3D CLA YJ . -89.50 -39.60 -29.83
C4D CLA YJ . -88.19 -39.68 -29.35
MG CLA ZJ . -93.32 -42.55 -29.21
CHA CLA ZJ . -95.87 -42.15 -26.83
CHB CLA ZJ . -91.02 -42.23 -26.74
CHC CLA ZJ . -90.79 -43.74 -31.31
CHD CLA ZJ . -95.69 -43.39 -31.57
NA CLA ZJ . -93.43 -42.25 -27.03
C1A CLA ZJ . -94.58 -42.01 -26.30
C2A CLA ZJ . -94.19 -41.56 -24.86
C3A CLA ZJ . -92.67 -41.57 -24.90
C4A CLA ZJ . -92.33 -42.03 -26.29
NB CLA ZJ . -91.26 -42.93 -29.02
C1B CLA ZJ . -90.54 -42.66 -27.90
C2B CLA ZJ . -89.15 -42.98 -28.14
C3B CLA ZJ . -89.03 -43.44 -29.41
C4B CLA ZJ . -90.40 -43.38 -30.00
NC CLA ZJ . -93.26 -43.46 -31.13
C1C CLA ZJ . -92.13 -43.75 -31.82
C2C CLA ZJ . -92.51 -44.07 -33.21
C3C CLA ZJ . -93.89 -43.98 -33.27
C4C CLA ZJ . -94.36 -43.59 -31.95
ND CLA ZJ . -95.33 -42.78 -29.25
C1D CLA ZJ . -96.16 -43.04 -30.28
C2D CLA ZJ . -97.52 -42.94 -29.89
C3D CLA ZJ . -97.48 -42.59 -28.53
C4D CLA ZJ . -96.12 -42.51 -28.18
MG CLA AK . -72.65 -36.70 -30.83
CHA CLA AK . -75.92 -37.24 -31.99
CHB CLA AK . -72.37 -40.04 -30.19
CHC CLA AK . -69.77 -36.18 -28.93
CHD CLA AK . -73.27 -33.29 -30.83
NA CLA AK . -73.98 -38.45 -31.08
C1A CLA AK . -75.24 -38.41 -31.67
C2A CLA AK . -75.74 -39.85 -31.88
C3A CLA AK . -74.62 -40.70 -31.29
C4A CLA AK . -73.58 -39.69 -30.82
NB CLA AK . -71.32 -37.93 -29.72
C1B CLA AK . -71.38 -39.26 -29.67
C2B CLA AK . -70.24 -39.77 -28.93
C3B CLA AK . -69.48 -38.71 -28.56
C4B CLA AK . -70.18 -37.50 -29.07
NC CLA AK . -71.68 -35.01 -30.03
C1C CLA AK . -70.49 -35.01 -29.36
C2C CLA AK . -70.04 -33.62 -29.20
C3C CLA AK . -71.05 -32.82 -29.71
C4C CLA AK . -72.08 -33.70 -30.23
ND CLA AK . -74.21 -35.47 -31.27
C1D CLA AK . -74.29 -34.13 -31.30
C2D CLA AK . -75.54 -33.70 -31.83
C3D CLA AK . -76.24 -34.88 -32.11
C4D CLA AK . -75.39 -35.94 -31.76
MG CLA BK . -71.00 -43.81 -39.92
CHA CLA BK . -73.25 -41.59 -38.47
CHB CLA BK . -70.03 -44.87 -36.82
CHC CLA BK . -69.22 -46.49 -41.28
CHD CLA BK . -72.39 -43.10 -43.03
NA CLA BK . -71.59 -43.29 -37.89
C1A CLA BK . -72.47 -42.31 -37.55
C2A CLA BK . -72.50 -42.18 -36.04
C3A CLA BK . -71.46 -43.16 -35.57
C4A CLA BK . -70.98 -43.81 -36.81
NB CLA BK . -69.84 -45.41 -39.15
C1B CLA BK . -69.56 -45.59 -37.83
C2B CLA BK . -68.68 -46.74 -37.67
C3B CLA BK . -68.46 -47.24 -38.91
C4B CLA BK . -69.17 -46.37 -39.87
NC CLA BK . -70.86 -44.68 -41.85
C1C CLA BK . -70.00 -45.69 -42.19
C2C CLA BK . -70.00 -45.80 -43.65
C3C CLA BK . -70.88 -44.85 -44.14
C4C CLA BK . -71.44 -44.15 -42.99
ND CLA BK . -72.50 -42.64 -40.65
C1D CLA BK . -72.90 -42.39 -41.92
C2D CLA BK . -73.89 -41.37 -41.94
C3D CLA BK . -74.08 -41.01 -40.60
C4D CLA BK . -73.21 -41.80 -39.85
MG CLA CK . -68.67 -50.41 -32.64
CHA CLA CK . -70.68 -47.59 -32.12
CHB CLA CK . -68.19 -50.61 -29.27
CHC CLA CK . -67.49 -53.68 -32.88
CHD CLA CK . -70.03 -50.70 -35.81
NA CLA CK . -69.37 -49.25 -30.89
C1A CLA CK . -70.04 -48.05 -30.97
C2A CLA CK . -69.97 -47.33 -29.62
C3A CLA CK . -69.14 -48.29 -28.77
C4A CLA CK . -68.87 -49.46 -29.67
NB CLA CK . -68.00 -51.89 -31.30
C1B CLA CK . -67.83 -51.70 -29.96
C2B CLA CK . -67.25 -52.88 -29.37
C3B CLA CK . -67.03 -53.77 -30.38
C4B CLA CK . -67.50 -53.13 -31.61
NC CLA CK . -68.79 -51.95 -34.11
C1C CLA CK . -68.09 -53.13 -34.05
C2C CLA CK . -68.08 -53.72 -35.38
C3C CLA CK . -68.78 -52.89 -36.21
C4C CLA CK . -69.26 -51.77 -35.38
ND CLA CK . -70.11 -49.45 -33.74
C1D CLA CK . -70.47 -49.61 -35.04
C2D CLA CK . -71.28 -48.54 -35.47
C3D CLA CK . -71.40 -47.71 -34.36
C4D CLA CK . -70.67 -48.29 -33.33
MG CLA DK . -25.86 -35.00 -4.09
CHA CLA DK . -23.96 -33.85 -6.76
CHB CLA DK . -23.61 -33.55 -1.93
CHC CLA DK . -28.11 -35.17 -1.47
CHD CLA DK . -28.39 -35.74 -6.30
NA CLA DK . -24.06 -33.81 -4.34
C1A CLA DK . -23.42 -33.58 -5.54
C2A CLA DK . -22.06 -32.99 -5.29
C3A CLA DK . -21.95 -33.00 -3.79
C4A CLA DK . -23.28 -33.48 -3.30
NB CLA DK . -25.88 -34.42 -2.07
C1B CLA DK . -24.78 -33.94 -1.40
C2B CLA DK . -25.08 -33.88 0.02
C3B CLA DK . -26.38 -34.30 0.18
C4B CLA DK . -26.87 -34.67 -1.16
NC CLA DK . -27.93 -35.36 -3.91
C1C CLA DK . -28.61 -35.48 -2.75
C2C CLA DK . -29.95 -36.00 -3.03
C3C CLA DK . -30.04 -36.16 -4.39
C4C CLA DK . -28.73 -35.76 -4.95
ND CLA DK . -26.18 -34.81 -6.09
C1D CLA DK . -27.20 -35.27 -6.84
C2D CLA DK . -26.90 -35.16 -8.24
C3D CLA DK . -25.61 -34.61 -8.27
C4D CLA DK . -25.23 -34.40 -6.94
MG CLA EK . -31.14 -40.00 -1.88
CHA CLA EK . -30.78 -38.74 1.35
CHB CLA EK . -34.54 -40.03 -1.44
CHC CLA EK . -31.64 -40.37 -5.24
CHD CLA EK . -27.83 -39.01 -2.53
NA CLA EK . -32.50 -39.40 -0.25
C1A CLA EK . -32.10 -39.02 1.02
C2A CLA EK . -33.31 -38.90 1.97
C3A CLA EK . -34.48 -39.32 1.06
C4A CLA EK . -33.83 -39.62 -0.30
NB CLA EK . -32.82 -40.14 -3.13
C1B CLA EK . -34.10 -40.25 -2.68
C2B CLA EK . -34.93 -40.66 -3.81
C3B CLA EK . -34.10 -40.77 -4.89
C4B CLA EK . -32.78 -40.42 -4.45
NC CLA EK . -29.94 -39.71 -3.61
C1C CLA EK . -30.33 -40.01 -4.86
C2C CLA EK . -29.22 -39.83 -5.77
C3C CLA EK . -28.14 -39.44 -5.04
C4C CLA EK . -28.59 -39.37 -3.63
ND CLA EK . -29.62 -39.06 -0.87
C1D CLA EK . -28.31 -38.86 -1.21
C2D CLA EK . -27.55 -38.46 -0.08
C3D CLA EK . -28.47 -38.43 0.97
C4D CLA EK . -29.73 -38.77 0.43
MG CLA FK . -42.38 -34.46 -11.03
CHA CLA FK . -44.74 -36.90 -10.26
CHB CLA FK . -44.78 -32.03 -10.75
CHC CLA FK . -39.99 -31.99 -11.04
CHD CLA FK . -39.90 -36.82 -10.40
NA CLA FK . -44.50 -34.47 -10.52
C1A CLA FK . -45.25 -35.61 -10.38
C2A CLA FK . -46.72 -35.25 -10.31
C3A CLA FK . -46.72 -33.72 -10.51
C4A CLA FK . -45.25 -33.36 -10.60
NB CLA FK . -42.38 -32.36 -10.90
C1B CLA FK . -43.51 -31.60 -10.86
C2B CLA FK . -43.12 -30.19 -10.91
C3B CLA FK . -41.75 -30.18 -11.02
C4B CLA FK . -41.31 -31.56 -11.00
NC CLA FK . -40.29 -34.40 -10.74
C1C CLA FK . -39.53 -33.31 -10.89
C2C CLA FK . -38.12 -33.70 -10.83
C3C CLA FK . -38.07 -35.05 -10.62
C4C CLA FK . -39.47 -35.50 -10.59
ND CLA FK . -42.27 -36.42 -10.39
C1D CLA FK . -41.23 -37.25 -10.31
C2D CLA FK . -41.65 -38.60 -10.18
C3D CLA FK . -43.04 -38.55 -10.17
C4D CLA FK . -43.37 -37.18 -10.27
MG CLA GK . -50.36 -35.19 -4.40
CHA CLA GK . -53.81 -34.88 -4.90
CHB CLA GK . -50.36 -32.21 -2.79
CHC CLA GK . -46.88 -35.05 -4.49
CHD CLA GK . -50.31 -37.84 -6.62
NA CLA GK . -51.90 -33.71 -3.91
C1A CLA GK . -53.26 -33.85 -4.14
C2A CLA GK . -54.01 -32.73 -3.44
C3A CLA GK . -52.90 -31.90 -2.81
C4A CLA GK . -51.64 -32.64 -3.18
NB CLA GK . -48.88 -33.82 -3.75
C1B CLA GK . -49.16 -32.71 -3.06
C2B CLA GK . -47.90 -32.09 -2.64
C3B CLA GK . -46.88 -32.88 -3.09
C4B CLA GK . -47.52 -34.00 -3.82
NC CLA GK . -48.85 -36.25 -5.39
C1C CLA GK . -47.51 -36.07 -5.25
C2C CLA GK . -46.82 -37.11 -6.01
C3C CLA GK . -47.75 -37.90 -6.59
C4C CLA GK . -49.07 -37.35 -6.22
ND CLA GK . -51.70 -36.17 -5.55
C1D CLA GK . -51.57 -37.27 -6.31
C2D CLA GK . -52.83 -37.72 -6.78
C3D CLA GK . -53.75 -36.82 -6.25
C4D CLA GK . -53.04 -35.88 -5.51
MG CLA HK . -73.80 -42.49 -3.04
CHA CLA HK . -71.31 -40.43 -1.72
CHB CLA HK . -71.55 -43.76 -5.23
CHC CLA HK . -76.33 -44.03 -4.88
CHD CLA HK . -76.17 -40.69 -1.28
NA CLA HK . -71.67 -42.14 -3.43
C1A CLA HK . -70.85 -41.30 -2.70
C2A CLA HK . -69.40 -41.52 -3.14
C3A CLA HK . -69.52 -42.55 -4.25
C4A CLA HK . -71.00 -42.85 -4.32
NB CLA HK . -73.89 -43.69 -4.79
C1B CLA HK . -72.81 -44.12 -5.44
C2B CLA HK . -73.24 -45.04 -6.50
C3B CLA HK . -74.60 -45.14 -6.42
C4B CLA HK . -75.03 -44.26 -5.30
NC CLA HK . -75.90 -42.37 -3.08
C1C CLA HK . -76.73 -43.12 -3.85
C2C CLA HK . -78.11 -42.83 -3.48
C3C CLA HK . -78.08 -41.90 -2.47
C4C CLA HK . -76.67 -41.60 -2.23
ND CLA HK . -73.80 -40.90 -1.78
C1D CLA HK . -74.82 -40.34 -1.08
C2D CLA HK . -74.32 -39.37 -0.18
C3D CLA HK . -72.94 -39.35 -0.38
C4D CLA HK . -72.67 -40.30 -1.38
MG CLA IK . -67.55 -57.65 -21.24
CHA CLA IK . -70.54 -58.79 -22.62
CHB CLA IK . -69.29 -55.32 -19.48
CHC CLA IK . -64.62 -55.99 -20.38
CHD CLA IK . -65.81 -59.53 -23.55
NA CLA IK . -69.67 -57.11 -21.07
C1A CLA IK . -70.72 -57.79 -21.68
C2A CLA IK . -72.05 -57.27 -21.12
C3A CLA IK . -71.61 -56.17 -20.16
C4A CLA IK . -70.10 -56.19 -20.22
NB CLA IK . -67.07 -55.92 -20.12
C1B CLA IK . -67.97 -55.19 -19.45
C2B CLA IK . -67.27 -54.18 -18.67
C3B CLA IK . -65.93 -54.34 -18.89
C4B CLA IK . -65.79 -55.47 -19.83
NC CLA IK . -65.55 -57.73 -21.87
C1C CLA IK . -64.51 -57.03 -21.35
C2C CLA IK . -63.27 -57.47 -21.96
C3C CLA IK . -63.59 -58.48 -22.84
C4C CLA IK . -65.04 -58.64 -22.79
ND CLA IK . -68.01 -58.89 -22.77
C1D CLA IK . -67.22 -59.65 -23.56
C2D CLA IK . -67.98 -60.51 -24.37
C3D CLA IK . -69.30 -60.23 -24.05
C4D CLA IK . -69.29 -59.22 -23.07
C1 PQN JK . -35.94 -41.53 -16.50
O1 PQN JK . -36.51 -40.89 -17.62
C2 PQN JK . -35.19 -40.76 -15.54
C2M PQN JK . -35.02 -39.42 -15.75
C3 PQN JK . -34.61 -41.43 -14.37
C4 PQN JK . -34.79 -42.85 -14.20
O4 PQN JK . -34.25 -43.50 -13.07
C5 PQN JK . -35.52 -43.61 -15.17
C6 PQN JK . -35.69 -45.04 -15.01
C7 PQN JK . -36.40 -45.79 -15.98
C8 PQN JK . -36.96 -45.13 -17.14
C9 PQN JK . -36.81 -43.72 -17.32
C10 PQN JK . -36.09 -42.95 -16.34
MG CLA KK . -83.02 -68.76 -28.31
CHA CLA KK . -86.24 -68.81 -26.99
CHB CLA KK . -82.72 -65.51 -27.39
CHC CLA KK . -80.12 -68.41 -30.21
CHD CLA KK . -83.63 -71.81 -29.81
NA CLA KK . -84.33 -67.32 -27.30
C1A CLA KK . -85.58 -67.61 -26.78
C2A CLA KK . -86.05 -66.42 -25.96
C3A CLA KK . -84.94 -65.40 -26.13
C4A CLA KK . -83.92 -66.10 -26.99
NB CLA KK . -81.66 -67.19 -28.73
C1B CLA KK . -81.73 -65.98 -28.16
C2B CLA KK . -80.56 -65.20 -28.56
C3B CLA KK . -79.79 -66.00 -29.36
C4B CLA KK . -80.51 -67.29 -29.48
NC CLA KK . -82.04 -69.92 -29.78
C1C CLA KK . -80.85 -69.61 -30.37
C2C CLA KK . -80.46 -70.73 -31.22
C3C CLA KK . -81.42 -71.69 -31.11
C4C CLA KK . -82.45 -71.16 -30.20
ND CLA KK . -84.56 -70.06 -28.43
C1D CLA KK . -84.65 -71.28 -28.98
C2D CLA KK . -85.87 -71.92 -28.66
C3D CLA KK . -86.54 -70.99 -27.87
C4D CLA KK . -85.72 -69.87 -27.75
FE1 SF4 LK . -30.00 -64.28 -14.69
FE2 SF4 LK . -28.78 -66.54 -13.63
FE3 SF4 LK . -31.16 -66.72 -14.77
FE4 SF4 LK . -30.86 -65.36 -12.38
S1 SF4 LK . -30.50 -67.61 -12.78
S2 SF4 LK . -32.13 -64.68 -14.14
S3 SF4 LK . -28.87 -64.41 -12.67
S4 SF4 LK . -29.29 -66.20 -15.83
FE1 SF4 MK . -33.61 -75.33 -20.40
FE2 SF4 MK . -31.49 -75.34 -18.73
FE3 SF4 MK . -31.36 -76.76 -21.07
FE4 SF4 MK . -32.93 -77.60 -19.02
S1 SF4 MK . -30.67 -77.46 -18.99
S2 SF4 MK . -33.53 -77.47 -21.23
S3 SF4 MK . -33.65 -75.62 -18.11
S4 SF4 MK . -31.55 -74.46 -20.85
MG CLA NK . -61.50 -48.44 -48.55
CHA CLA NK . -60.30 -51.25 -46.85
CHB CLA NK . -58.34 -47.68 -49.44
CHC CLA NK . -62.63 -46.17 -50.97
CHD CLA NK . -64.71 -49.68 -48.21
NA CLA NK . -59.56 -49.37 -48.19
C1A CLA NK . -59.32 -50.45 -47.38
C2A CLA NK . -57.84 -50.66 -47.21
C3A CLA NK . -57.23 -49.50 -48.01
C4A CLA NK . -58.43 -48.77 -48.58
NB CLA NK . -60.61 -47.16 -49.97
C1B CLA NK . -59.28 -46.98 -50.08
C2B CLA NK . -59.00 -45.96 -51.07
C3B CLA NK . -60.19 -45.52 -51.55
C4B CLA NK . -61.26 -46.26 -50.81
NC CLA NK . -63.37 -48.02 -49.48
C1C CLA NK . -63.62 -46.99 -50.34
C2C CLA NK . -65.05 -46.86 -50.49
C3C CLA NK . -65.65 -47.83 -49.72
C4C CLA NK . -64.56 -48.58 -49.07
ND CLA NK . -62.37 -50.10 -47.76
C1D CLA NK . -63.66 -50.42 -47.60
C2D CLA NK . -63.82 -51.58 -46.79
C3D CLA NK . -62.51 -51.95 -46.45
C4D CLA NK . -61.66 -51.03 -47.06
MG CLA OK . -54.17 -52.93 -57.91
CHA CLA OK . -55.40 -55.46 -59.98
CHB CLA OK . -56.46 -50.75 -59.17
CHC CLA OK . -53.37 -50.57 -55.45
CHD CLA OK . -52.23 -55.28 -56.25
NA CLA OK . -55.78 -53.10 -59.40
C1A CLA OK . -56.02 -54.20 -60.19
C2A CLA OK . -57.04 -53.82 -61.28
C3A CLA OK . -57.33 -52.34 -61.00
C4A CLA OK . -56.48 -52.02 -59.79
NB CLA OK . -54.84 -50.99 -57.39
C1B CLA OK . -55.77 -50.30 -58.12
C2B CLA OK . -55.91 -48.96 -57.52
C3B CLA OK . -55.04 -48.88 -56.47
C4B CLA OK . -54.35 -50.18 -56.39
NC CLA OK . -53.01 -52.94 -56.12
C1C CLA OK . -52.76 -51.86 -55.32
C2C CLA OK . -51.81 -52.25 -54.29
C3C CLA OK . -51.49 -53.56 -54.49
C4C CLA OK . -52.24 -54.00 -55.67
ND CLA OK . -53.86 -54.93 -58.01
C1D CLA OK . -53.00 -55.73 -57.35
C2D CLA OK . -53.01 -57.04 -57.86
C3D CLA OK . -53.94 -57.01 -58.91
C4D CLA OK . -54.44 -55.70 -58.98
MG CLA PK . -82.17 -46.78 -46.89
CHA CLA PK . -84.01 -44.51 -48.83
CHB CLA PK . -82.93 -44.97 -44.13
CHC CLA PK . -79.83 -48.52 -45.01
CHD CLA PK . -80.88 -48.14 -49.79
NA CLA PK . -83.34 -44.94 -46.51
C1A CLA PK . -84.06 -44.24 -47.46
C2A CLA PK . -84.91 -43.19 -46.75
C3A CLA PK . -84.53 -43.36 -45.29
C4A CLA PK . -83.54 -44.49 -45.29
NB CLA PK . -81.49 -46.72 -44.89
C1B CLA PK . -82.02 -45.93 -43.94
C2B CLA PK . -81.42 -46.27 -42.67
C3B CLA PK . -80.53 -47.28 -42.88
C4B CLA PK . -80.58 -47.58 -44.33
NC CLA PK . -80.61 -48.10 -47.33
C1C CLA PK . -79.82 -48.74 -46.42
C2C CLA PK . -78.96 -49.67 -47.14
C3C CLA PK . -79.25 -49.59 -48.46
C4C CLA PK . -80.30 -48.58 -48.59
ND CLA PK . -82.35 -46.44 -48.88
C1D CLA PK . -81.85 -47.12 -49.94
C2D CLA PK . -82.39 -46.65 -51.15
C3D CLA PK . -83.25 -45.61 -50.78
C4D CLA PK . -83.20 -45.51 -49.39
MG CLA QK . -81.75 -55.71 -59.54
CHA CLA QK . -85.03 -56.55 -58.68
CHB CLA QK . -81.71 -53.44 -57.02
CHC CLA QK . -78.81 -54.31 -60.75
CHD CLA QK . -82.11 -57.50 -62.48
NA CLA QK . -83.20 -55.07 -58.01
C1A CLA QK . -84.45 -55.63 -57.81
C2A CLA QK . -85.05 -55.07 -56.52
C3A CLA QK . -83.98 -54.09 -56.04
C4A CLA QK . -82.89 -54.19 -57.07
NB CLA QK . -80.49 -54.12 -58.96
C1B CLA QK . -80.66 -53.40 -57.85
C2B CLA QK . -79.53 -52.50 -57.68
C3B CLA QK . -78.67 -52.72 -58.73
C4B CLA QK . -79.30 -53.77 -59.56
NC CLA QK . -80.64 -55.87 -61.31
C1C CLA QK . -79.46 -55.26 -61.57
C2C CLA QK . -78.96 -55.75 -62.85
C3C CLA QK . -79.86 -56.64 -63.35
C4C CLA QK . -80.95 -56.72 -62.37
ND CLA QK . -83.21 -56.79 -60.44
C1D CLA QK . -83.19 -57.54 -61.57
C2D CLA QK . -84.39 -58.27 -61.71
C3D CLA QK . -85.16 -57.94 -60.60
C4D CLA QK . -84.41 -57.02 -59.85
MG CLA RK . -71.48 -59.13 -44.25
CHA CLA RK . -73.58 -61.93 -44.16
CHB CLA RK . -74.20 -57.13 -43.90
CHC CLA RK . -69.61 -56.32 -45.04
CHD CLA RK . -68.88 -61.17 -45.30
NA CLA RK . -73.64 -59.49 -44.05
C1A CLA RK . -74.24 -60.73 -43.95
C2A CLA RK . -75.71 -60.54 -43.58
C3A CLA RK . -75.87 -59.02 -43.53
C4A CLA RK . -74.50 -58.50 -43.84
NB CLA RK . -71.87 -57.07 -44.45
C1B CLA RK . -73.05 -56.50 -44.17
C2B CLA RK . -72.92 -55.06 -44.28
C3B CLA RK . -71.62 -54.78 -44.59
C4B CLA RK . -70.93 -56.09 -44.71
NC CLA RK . -69.56 -58.80 -45.05
C1C CLA RK . -68.98 -57.59 -45.24
C2C CLA RK . -67.61 -57.80 -45.68
C3C CLA RK . -67.40 -59.14 -45.74
C4C CLA RK . -68.65 -59.79 -45.35
ND CLA RK . -71.22 -61.11 -44.67
C1D CLA RK . -70.12 -61.79 -44.98
C2D CLA RK . -70.37 -63.19 -45.00
C3D CLA RK . -71.72 -63.30 -44.68
C4D CLA RK . -72.21 -62.02 -44.49
MG CLA SK . -71.43 -55.29 -65.27
CHA CLA SK . -74.76 -56.29 -65.61
CHB CLA SK . -72.41 -52.05 -65.50
CHC CLA SK . -68.14 -54.23 -65.65
CHD CLA SK . -70.44 -58.57 -65.72
NA CLA SK . -73.36 -54.28 -65.53
C1A CLA SK . -74.60 -54.90 -65.56
C2A CLA SK . -75.70 -53.84 -65.52
C3A CLA SK . -74.92 -52.53 -65.50
C4A CLA SK . -73.48 -52.95 -65.51
NB CLA SK . -70.46 -53.43 -65.55
C1B CLA SK . -71.10 -52.25 -65.54
C2B CLA SK . -70.11 -51.18 -65.61
C3B CLA SK . -68.87 -51.77 -65.64
C4B CLA SK . -69.10 -53.23 -65.61
NC CLA SK . -69.60 -56.24 -65.64
C1C CLA SK . -68.39 -55.64 -65.70
C2C CLA SK . -67.36 -56.67 -65.83
C3C CLA SK . -67.98 -57.88 -65.85
C4C CLA SK . -69.42 -57.61 -65.73
ND CLA SK . -72.34 -57.06 -65.61
C1D CLA SK . -71.83 -58.31 -65.68
C2D CLA SK . -72.86 -59.27 -65.75
C3D CLA SK . -74.05 -58.54 -65.72
C4D CLA SK . -73.69 -57.19 -65.64
MG CLA TK . -101.38 -44.70 -24.18
CHA CLA TK . -101.47 -42.54 -21.44
CHB CLA TK . -97.98 -44.77 -24.05
CHC CLA TK . -101.27 -47.21 -26.58
CHD CLA TK . -104.82 -44.96 -24.06
NA CLA TK . -99.90 -43.78 -22.86
C1A CLA TK . -100.16 -42.86 -21.85
C2A CLA TK . -98.84 -42.30 -21.31
C3A CLA TK . -97.78 -43.01 -22.16
C4A CLA TK . -98.56 -43.91 -23.09
NB CLA TK . -99.87 -45.82 -25.13
C1B CLA TK . -98.54 -45.63 -24.93
C2B CLA TK . -97.79 -46.56 -25.78
C3B CLA TK . -98.71 -47.29 -26.49
C4B CLA TK . -100.04 -46.77 -26.10
NC CLA TK . -102.83 -45.92 -25.14
C1C CLA TK . -102.56 -46.80 -26.14
C2C CLA TK . -103.84 -47.28 -26.68
C3C CLA TK . -104.84 -46.66 -25.98
C4C CLA TK . -104.19 -45.78 -25.00
ND CLA TK . -102.87 -43.99 -23.01
C1D CLA TK . -104.22 -44.12 -23.11
C2D CLA TK . -104.88 -43.31 -22.16
C3D CLA TK . -103.86 -42.66 -21.45
C4D CLA TK . -102.64 -43.10 -22.01
MG CLA UK . -106.54 -66.17 7.21
CHA CLA UK . -104.72 -66.02 10.19
CHB CLA UK . -108.13 -63.30 8.09
CHC CLA UK . -108.87 -66.58 4.67
CHD CLA UK . -105.41 -69.38 6.71
NA CLA UK . -106.44 -64.81 8.94
C1A CLA UK . -105.55 -64.92 9.99
C2A CLA UK . -105.64 -63.67 10.87
C3A CLA UK . -106.72 -62.86 10.18
C4A CLA UK . -107.13 -63.68 9.00
NB CLA UK . -108.24 -65.10 6.52
C1B CLA UK . -108.62 -63.93 7.02
C2B CLA UK . -109.72 -63.40 6.21
C3B CLA UK . -109.96 -64.32 5.22
C4B CLA UK . -109.00 -65.42 5.41
NC CLA UK . -107.05 -67.73 5.92
C1C CLA UK . -107.99 -67.67 4.93
C2C CLA UK . -107.95 -68.92 4.17
C3C CLA UK . -106.98 -69.71 4.73
C4C CLA UK . -106.42 -68.95 5.84
ND CLA UK . -105.35 -67.47 8.19
C1D CLA UK . -104.90 -68.70 7.84
C2D CLA UK . -103.93 -69.17 8.75
C3D CLA UK . -103.81 -68.16 9.70
C4D CLA UK . -104.69 -67.14 9.34
MG CLA VK . -11.66 -15.11 20.23
CHA CLA VK . -14.90 -13.83 19.78
CHB CLA VK . -12.32 -15.56 23.53
CHC CLA VK . -8.30 -15.70 20.90
CHD CLA VK . -10.83 -13.99 17.07
NA CLA VK . -13.41 -14.74 21.51
C1A CLA VK . -14.65 -14.28 21.08
C2A CLA VK . -15.65 -14.40 22.23
C3A CLA VK . -14.80 -14.92 23.38
C4A CLA VK . -13.43 -15.09 22.79
NB CLA VK . -10.53 -15.54 21.96
C1B CLA VK . -11.06 -15.74 23.16
C2B CLA VK . -10.00 -16.17 24.08
C3B CLA VK . -8.84 -16.23 23.38
C4B CLA VK . -9.17 -15.82 21.99
NC CLA VK . -9.86 -14.86 19.17
C1C CLA VK . -8.64 -15.22 19.61
C2C CLA VK . -7.68 -15.02 18.51
C3C CLA VK . -8.37 -14.56 17.44
C4C CLA VK . -9.76 -14.45 17.86
ND CLA VK . -12.59 -14.12 18.73
C1D CLA VK . -12.18 -13.81 17.48
C2D CLA VK . -13.23 -13.28 16.71
C3D CLA VK . -14.33 -13.27 17.56
C4D CLA VK . -13.90 -13.78 18.79
MG CLA WK . -35.12 -53.98 -50.20
CHA CLA WK . -38.31 -54.94 -49.13
CHB CLA WK . -36.08 -50.74 -50.06
CHC CLA WK . -32.27 -52.99 -51.93
CHD CLA WK . -34.45 -57.28 -51.00
NA CLA WK . -36.98 -52.95 -49.66
C1A CLA WK . -38.12 -53.56 -49.17
C2A CLA WK . -39.09 -52.48 -48.68
C3A CLA WK . -38.36 -51.19 -49.01
C4A CLA WK . -37.06 -51.63 -49.61
NB CLA WK . -34.34 -52.14 -50.89
C1B CLA WK . -34.89 -50.96 -50.63
C2B CLA WK . -34.01 -49.90 -51.11
C3B CLA WK . -32.91 -50.50 -51.65
C4B CLA WK . -33.12 -51.96 -51.51
NC CLA WK . -33.61 -54.97 -51.30
C1C CLA WK . -32.53 -54.38 -51.86
C2C CLA WK . -31.66 -55.42 -52.39
C3C CLA WK . -32.25 -56.63 -52.13
C4C CLA WK . -33.50 -56.34 -51.44
ND CLA WK . -36.11 -55.75 -50.13
C1D CLA WK . -35.70 -57.00 -50.39
C2D CLA WK . -36.67 -57.96 -50.01
C3D CLA WK . -37.72 -57.20 -49.50
C4D CLA WK . -37.35 -55.85 -49.59
MG CLA XK . -49.51 -41.75 -71.95
CHA CLA XK . -50.79 -39.86 -74.62
CHB CLA XK . -52.02 -44.02 -72.32
CHC CLA XK . -48.47 -43.46 -69.09
CHD CLA XK . -47.26 -39.19 -71.25
NA CLA XK . -51.25 -41.92 -73.32
C1A CLA XK . -51.54 -41.04 -74.35
C2A CLA XK . -52.75 -41.57 -75.12
C3A CLA XK . -53.12 -42.86 -74.35
C4A CLA XK . -52.08 -42.95 -73.25
NB CLA XK . -50.19 -43.47 -70.86
C1B CLA XK . -51.18 -44.25 -71.29
C2B CLA XK . -51.18 -45.46 -70.48
C3B CLA XK . -50.16 -45.34 -69.57
C4B CLA XK . -49.54 -44.03 -69.80
NC CLA XK . -48.08 -41.38 -70.38
C1C CLA XK . -47.83 -42.21 -69.36
C2C CLA XK . -46.77 -41.58 -68.53
C3C CLA XK . -46.44 -40.38 -69.12
C4C CLA XK . -47.27 -40.26 -70.32
ND CLA XK . -49.09 -39.87 -72.72
C1D CLA XK . -48.12 -39.02 -72.38
C2D CLA XK . -48.06 -37.97 -73.31
C3D CLA XK . -49.08 -38.24 -74.24
C4D CLA XK . -49.71 -39.42 -73.82
MG CLA YK . -32.95 -51.82 -67.25
CHA CLA YK . -36.39 -51.48 -67.75
CHB CLA YK . -33.18 -49.78 -64.54
CHC CLA YK . -29.49 -51.50 -67.09
CHD CLA YK . -32.67 -53.29 -70.36
NA CLA YK . -34.59 -50.75 -66.25
C1A CLA YK . -35.93 -50.85 -66.60
C2A CLA YK . -36.78 -50.14 -65.54
C3A CLA YK . -35.73 -49.62 -64.57
C4A CLA YK . -34.42 -50.07 -65.13
NB CLA YK . -31.58 -50.78 -66.01
C1B CLA YK . -31.94 -50.08 -64.93
C2B CLA YK . -30.74 -49.64 -64.23
C3B CLA YK . -29.66 -50.12 -64.92
C4B CLA YK . -30.20 -50.86 -66.09
NC CLA YK . -31.35 -52.31 -68.51
C1C CLA YK . -30.03 -52.14 -68.23
C2C CLA YK . -29.24 -52.74 -69.32
C3C CLA YK . -30.12 -53.25 -70.23
C4C CLA YK . -31.47 -52.96 -69.73
ND CLA YK . -34.20 -52.30 -68.77
C1D CLA YK . -33.98 -52.96 -69.91
C2D CLA YK . -35.19 -53.23 -70.60
C3D CLA YK . -36.18 -52.67 -69.79
C4D CLA YK . -35.54 -52.10 -68.68
MG CLA ZK . 7.38 -12.37 -42.74
CHA CLA ZK . 4.06 -11.27 -42.47
CHB CLA ZK . 8.47 -9.29 -41.78
CHC CLA ZK . 10.62 -13.57 -42.23
CHD CLA ZK . 6.22 -15.63 -42.98
NA CLA ZK . 6.36 -10.51 -42.14
C1A CLA ZK . 5.01 -10.27 -42.20
C2A CLA ZK . 4.73 -8.78 -41.93
C3A CLA ZK . 6.12 -8.20 -41.74
C4A CLA ZK . 7.06 -9.37 -41.89
NB CLA ZK . 9.21 -11.56 -42.06
C1B CLA ZK . 9.40 -10.23 -41.84
C2B CLA ZK . 10.83 -9.97 -41.74
C3B CLA ZK . 11.48 -11.18 -41.87
C4B CLA ZK . 10.43 -12.19 -42.06
NC CLA ZK . 8.26 -14.29 -42.57
C1C CLA ZK . 9.60 -14.54 -42.46
C2C CLA ZK . 9.82 -15.98 -42.60
C3C CLA ZK . 8.60 -16.57 -42.80
C4C CLA ZK . 7.61 -15.49 -42.81
ND CLA ZK . 5.56 -13.31 -42.68
C1D CLA ZK . 5.25 -14.60 -42.93
C2D CLA ZK . 3.84 -14.76 -43.11
C3D CLA ZK . 3.32 -13.47 -42.94
C4D CLA ZK . 4.40 -12.62 -42.67
MG CLA AL . 23.11 -23.35 -40.42
CHA CLA AL . 21.27 -25.51 -38.39
CHB CLA AL . 20.33 -21.47 -40.89
CHC CLA AL . 24.65 -21.58 -42.99
CHD CLA AL . 25.68 -25.67 -40.47
NA CLA AL . 21.04 -23.48 -39.72
C1A CLA AL . 20.54 -24.41 -38.83
C2A CLA AL . 19.13 -24.01 -38.41
C3A CLA AL . 18.87 -22.75 -39.23
C4A CLA AL . 20.14 -22.54 -39.99
NB CLA AL . 22.55 -21.79 -41.73
C1B CLA AL . 21.38 -21.15 -41.65
C2B CLA AL . 21.38 -20.04 -42.59
C3B CLA AL . 22.60 -20.03 -43.22
C4B CLA AL . 23.36 -21.17 -42.65
NC CLA AL . 24.87 -23.60 -41.55
C1C CLA AL . 25.32 -22.73 -42.49
C2C CLA AL . 26.65 -23.19 -42.94
C3C CLA AL . 26.95 -24.32 -42.24
C4C CLA AL . 25.81 -24.58 -41.36
ND CLA AL . 23.45 -25.19 -39.65
C1D CLA AL . 24.56 -25.97 -39.67
C2D CLA AL . 24.41 -27.10 -38.83
C3D CLA AL . 23.13 -26.98 -38.29
C4D CLA AL . 22.57 -25.81 -38.82
MG CLA BL . 27.14 -34.20 -55.76
CHA CLA BL . 26.32 -37.16 -57.43
CHB CLA BL . 27.31 -32.61 -58.76
CHC CLA BL . 28.64 -31.42 -54.30
CHD CLA BL . 27.63 -36.01 -52.87
NA CLA BL . 26.86 -34.81 -57.87
C1A CLA BL . 26.44 -36.06 -58.28
C2A CLA BL . 26.13 -36.01 -59.77
C3A CLA BL . 26.46 -34.57 -60.15
C4A CLA BL . 26.90 -33.94 -58.86
NB CLA BL . 27.87 -32.34 -56.45
C1B CLA BL . 27.74 -31.90 -57.71
C2B CLA BL . 28.21 -30.52 -57.79
C3B CLA BL . 28.59 -30.15 -56.53
C4B CLA BL . 28.37 -31.32 -55.65
NC CLA BL . 28.00 -33.79 -53.89
C1C CLA BL . 28.49 -32.59 -53.49
C2C CLA BL . 28.86 -32.70 -52.08
C3C CLA BL . 28.58 -33.97 -51.66
C4C CLA BL . 28.04 -34.67 -52.83
ND CLA BL . 27.04 -36.15 -55.21
C1D CLA BL . 27.17 -36.72 -54.00
C2D CLA BL . 26.83 -38.09 -54.05
C3D CLA BL . 26.48 -38.33 -55.38
C4D CLA BL . 26.63 -37.12 -56.06
MG CLA CL . -10.95 -20.80 11.53
CHA CLA CL . -12.92 -18.36 13.07
CHB CLA CL . -13.83 -22.22 10.25
CHC CLA CL . -9.10 -22.81 9.36
CHD CLA CL . -8.16 -18.77 12.02
NA CLA CL . -13.12 -20.32 11.63
C1A CLA CL . -13.68 -19.34 12.43
C2A CLA CL . -15.20 -19.48 12.43
C3A CLA CL . -15.47 -20.72 11.55
C4A CLA CL . -14.07 -21.15 11.11
NB CLA CL . -11.40 -22.25 10.06
C1B CLA CL . -12.66 -22.71 9.77
C2B CLA CL . -12.58 -23.82 8.82
C3B CLA CL . -11.23 -24.01 8.53
C4B CLA CL . -10.48 -23.02 9.34
NC CLA CL . -8.96 -20.75 10.78
C1C CLA CL . -8.40 -21.74 10.03
C2C CLA CL . -6.94 -21.50 9.98
C3C CLA CL . -6.68 -20.38 10.70
C4C CLA CL . -7.96 -19.90 11.23
ND CLA CL . -10.57 -18.95 12.31
C1D CLA CL . -9.39 -18.30 12.55
C2D CLA CL . -9.59 -17.14 13.36
C3D CLA CL . -10.96 -17.12 13.61
C4D CLA CL . -11.52 -18.23 12.95
MG CLA DL . -19.60 -25.49 3.13
CHA CLA DL . -16.59 -25.63 4.84
CHB CLA DL . -18.46 -22.71 1.42
CHC CLA DL . -22.16 -25.69 0.79
CHD CLA DL . -20.34 -28.68 4.30
NA CLA DL . -17.73 -24.36 3.10
C1A CLA DL . -16.67 -24.56 3.94
C2A CLA DL . -15.59 -23.51 3.71
C3A CLA DL . -16.25 -22.58 2.68
C4A CLA DL . -17.57 -23.22 2.37
NB CLA DL . -20.19 -24.40 1.41
C1B CLA DL . -19.59 -23.23 0.98
C2B CLA DL . -20.42 -22.63 -0.06
C3B CLA DL . -21.49 -23.47 -0.28
C4B CLA DL . -21.33 -24.60 0.66
NC CLA DL . -21.01 -26.97 2.61
C1C CLA DL . -21.98 -26.82 1.68
C2C CLA DL . -22.80 -28.03 1.67
C3C CLA DL . -22.30 -28.87 2.64
C4C CLA DL . -21.18 -28.18 3.27
ND CLA DL . -18.67 -26.92 4.27
C1D CLA DL . -19.17 -28.08 4.79
C2D CLA DL . -18.34 -28.54 5.84
C3D CLA DL . -17.29 -27.61 5.91
C4D CLA DL . -17.53 -26.66 4.92
MG CLA EL . -20.60 -12.49 -0.01
CHA CLA EL . -19.45 -9.78 1.84
CHB CLA EL . -23.11 -10.49 -1.27
CHC CLA EL . -21.41 -14.86 -2.44
CHD CLA EL . -17.65 -14.15 0.65
NA CLA EL . -21.18 -10.37 0.23
C1A CLA EL . -20.62 -9.50 1.12
C2A CLA EL . -21.41 -8.21 1.18
C3A CLA EL . -22.58 -8.49 0.25
C4A CLA EL . -22.30 -9.86 -0.31
NB CLA EL . -22.02 -12.64 -1.58
C1B CLA EL . -22.96 -11.69 -1.87
C2B CLA EL . -23.78 -12.16 -2.97
C3B CLA EL . -23.31 -13.41 -3.33
C4B CLA EL . -22.20 -13.72 -2.42
NC CLA EL . -19.65 -14.21 -0.79
C1C CLA EL . -20.21 -15.08 -1.68
C2C CLA EL . -19.36 -16.28 -1.75
C3C CLA EL . -18.30 -16.08 -0.91
C4C CLA EL . -18.49 -14.76 -0.29
ND CLA EL . -18.86 -12.08 0.96
C1D CLA EL . -17.82 -12.89 1.25
C2D CLA EL . -16.95 -12.29 2.21
C3D CLA EL . -17.55 -11.04 2.50
C4D CLA EL . -18.71 -10.96 1.70
MG CLA FL . -12.31 -21.68 -10.05
CHA CLA FL . -14.63 -20.96 -7.54
CHB CLA FL . -13.87 -19.46 -12.09
CHC CLA FL . -10.54 -22.84 -12.81
CHD CLA FL . -11.23 -24.39 -8.21
NA CLA FL . -14.05 -20.36 -9.84
C1A CLA FL . -14.80 -20.17 -8.68
C2A CLA FL . -15.74 -19.00 -8.88
C3A CLA FL . -15.49 -18.58 -10.32
C4A CLA FL . -14.41 -19.51 -10.79
NB CLA FL . -12.25 -21.21 -12.11
C1B CLA FL . -12.93 -20.22 -12.67
C2B CLA FL . -12.54 -20.08 -14.06
C3B CLA FL . -11.58 -21.03 -14.31
C4B CLA FL . -11.39 -21.77 -13.04
NC CLA FL . -11.09 -23.35 -10.44
C1C CLA FL . -10.43 -23.60 -11.61
C2C CLA FL . -9.59 -24.78 -11.41
C3C CLA FL . -9.76 -25.21 -10.13
C4C CLA FL . -10.74 -24.31 -9.52
ND CLA FL . -12.80 -22.54 -8.28
C1D CLA FL . -12.21 -23.57 -7.62
C2D CLA FL . -12.76 -23.71 -6.32
C3D CLA FL . -13.72 -22.70 -6.23
C4D CLA FL . -13.72 -22.02 -7.44
MG CLA GL . -111.79 -76.56 -31.14
CHA CLA GL . -112.97 -74.94 -28.27
CHB CLA GL . -113.68 -74.47 -33.04
CHC CLA GL . -111.26 -78.52 -33.96
CHD CLA GL . -110.47 -79.05 -29.14
NA CLA GL . -113.17 -74.89 -30.71
C1A CLA GL . -113.43 -74.36 -29.46
C2A CLA GL . -114.24 -73.08 -29.61
C3A CLA GL . -114.45 -72.98 -31.11
C4A CLA GL . -113.72 -74.18 -31.68
NB CLA GL . -112.40 -76.49 -33.17
C1B CLA GL . -113.11 -75.49 -33.70
C2B CLA GL . -113.21 -75.69 -35.14
C3B CLA GL . -112.53 -76.83 -35.44
C4B CLA GL . -111.99 -77.36 -34.16
NC CLA GL . -111.00 -78.47 -31.49
C1C CLA GL . -110.82 -79.04 -32.71
C2C CLA GL . -110.12 -80.31 -32.52
C3C CLA GL . -109.89 -80.47 -31.19
C4C CLA GL . -110.46 -79.29 -30.53
ND CLA GL . -111.72 -76.97 -29.16
C1D CLA GL . -111.08 -77.94 -28.48
C2D CLA GL . -111.15 -77.74 -27.09
C3D CLA GL . -111.88 -76.57 -26.94
C4D CLA GL . -112.23 -76.12 -28.22
MG CLA HL . -113.35 -77.25 -44.00
CHA CLA HL . -115.18 -77.89 -41.08
CHB CLA HL . -114.25 -73.98 -43.80
CHC CLA HL . -112.20 -76.65 -47.22
CHD CLA HL . -113.07 -80.65 -44.52
NA CLA HL . -114.57 -76.06 -42.60
C1A CLA HL . -115.15 -76.54 -41.43
C2A CLA HL . -115.69 -75.36 -40.63
C3A CLA HL . -115.40 -74.17 -41.53
C4A CLA HL . -114.70 -74.74 -42.72
NB CLA HL . -113.27 -75.57 -45.29
C1B CLA HL . -113.64 -74.33 -44.93
C2B CLA HL . -113.30 -73.42 -46.00
C3B CLA HL . -112.71 -74.13 -47.00
C4B CLA HL . -112.69 -75.54 -46.53
NC CLA HL . -112.75 -78.45 -45.61
C1C CLA HL . -112.27 -78.01 -46.79
C2C CLA HL . -111.83 -79.16 -47.58
C3C CLA HL . -112.06 -80.28 -46.83
C4C CLA HL . -112.65 -79.83 -45.58
ND CLA HL . -113.97 -78.94 -43.07
C1D CLA HL . -113.71 -80.23 -43.33
C2D CLA HL . -114.20 -81.07 -42.30
C3D CLA HL . -114.78 -80.21 -41.38
C4D CLA HL . -114.63 -78.91 -41.88
MG CLA IL . -103.66 -61.52 -49.12
CHA CLA IL . -106.45 -61.89 -51.19
CHB CLA IL . -102.65 -58.88 -51.04
CHC CLA IL . -100.53 -61.51 -47.61
CHD CLA IL . -104.35 -64.57 -47.68
NA CLA IL . -104.46 -60.50 -50.90
C1A CLA IL . -105.67 -60.79 -51.52
C2A CLA IL . -105.97 -59.72 -52.56
C3A CLA IL . -104.76 -58.81 -52.49
C4A CLA IL . -103.89 -59.42 -51.42
NB CLA IL . -101.88 -60.38 -49.32
C1B CLA IL . -101.77 -59.31 -50.13
C2B CLA IL . -100.47 -58.69 -49.90
C3B CLA IL . -99.83 -59.40 -48.92
C4B CLA IL . -100.76 -60.50 -48.55
NC CLA IL . -102.61 -62.82 -47.87
C1C CLA IL . -101.38 -62.60 -47.32
C2C CLA IL . -101.08 -63.69 -46.40
C3C CLA IL . -102.14 -64.55 -46.40
C4C CLA IL . -103.12 -64.00 -47.35
ND CLA IL . -105.06 -62.96 -49.35
C1D CLA IL . -105.27 -64.08 -48.64
C2D CLA IL . -106.48 -64.70 -49.03
C3D CLA IL . -107.01 -63.89 -50.03
C4D CLA IL . -106.10 -62.83 -50.20
MG CLA JL . -96.34 -75.64 -37.09
CHA CLA JL . -97.60 -77.80 -39.54
CHB CLA JL . -99.17 -73.79 -37.34
CHC CLA JL . -94.91 -73.07 -35.24
CHD CLA JL . -93.25 -77.13 -37.41
NA CLA JL . -98.18 -75.77 -38.30
C1A CLA JL . -98.49 -76.80 -39.18
C2A CLA JL . -99.94 -76.65 -39.63
C3A CLA JL . -100.39 -75.37 -38.93
C4A CLA JL . -99.20 -74.94 -38.14
NB CLA JL . -96.97 -73.73 -36.43
C1B CLA JL . -98.20 -73.25 -36.60
C2B CLA JL . -98.32 -71.99 -35.89
C3B CLA JL . -97.13 -71.75 -35.26
C4B CLA JL . -96.24 -72.89 -35.62
NC CLA JL . -94.40 -75.17 -36.44
C1C CLA JL . -94.05 -74.12 -35.66
C2C CLA JL . -92.64 -74.25 -35.32
C3C CLA JL . -92.16 -75.38 -35.91
C4C CLA JL . -93.29 -75.97 -36.64
ND CLA JL . -95.53 -77.12 -38.22
C1D CLA JL . -94.31 -77.68 -38.17
C2D CLA JL . -94.24 -78.83 -39.01
C3D CLA JL . -95.51 -78.94 -39.57
C4D CLA JL . -96.28 -77.87 -39.07
MG CLA KL . -97.62 -65.08 -29.57
CHA CLA KL . -97.55 -65.89 -26.18
CHB CLA KL . -95.61 -67.74 -30.22
CHC CLA KL . -97.03 -63.96 -32.81
CHD CLA KL . -99.06 -62.04 -28.78
NA CLA KL . -96.68 -66.64 -28.33
C1A CLA KL . -96.88 -66.81 -26.97
C2A CLA KL . -96.26 -68.13 -26.54
C3A CLA KL . -95.65 -68.67 -27.83
C4A CLA KL . -95.99 -67.63 -28.87
NB CLA KL . -96.48 -65.75 -31.22
C1B CLA KL . -95.81 -66.90 -31.24
C2B CLA KL . -95.27 -67.12 -32.58
C3B CLA KL . -95.66 -66.07 -33.35
C4B CLA KL . -96.44 -65.17 -32.47
NC CLA KL . -97.97 -63.29 -30.61
C1C CLA KL . -97.72 -63.07 -31.93
C2C CLA KL . -98.24 -61.76 -32.29
C3C CLA KL . -98.82 -61.22 -31.19
C4C CLA KL . -98.64 -62.19 -30.11
ND CLA KL . -98.18 -64.11 -27.89
C1D CLA KL . -98.83 -62.95 -27.71
C2D CLA KL . -99.20 -62.75 -26.36
C3D CLA KL . -98.72 -63.89 -25.70
C4D CLA KL . -98.10 -64.70 -26.66
MG CLA LL . -118.26 -61.92 -31.18
CHA CLA LL . -115.75 -60.85 -29.02
CHB CLA LL . -118.17 -58.91 -32.74
CHC CLA LL . -121.22 -62.62 -32.89
CHD CLA LL . -118.80 -64.65 -29.14
NA CLA LL . -117.09 -60.08 -30.91
C1A CLA LL . -116.06 -59.91 -30.00
C2A CLA LL . -115.35 -58.60 -30.29
C3A CLA LL . -116.15 -58.02 -31.45
C4A CLA LL . -117.20 -59.05 -31.73
NB CLA LL . -119.48 -60.90 -32.58
C1B CLA LL . -119.17 -59.71 -33.10
C2B CLA LL . -120.15 -59.39 -34.13
C3B CLA LL . -121.03 -60.42 -34.21
C4B CLA LL . -120.60 -61.41 -33.19
NC CLA LL . -119.76 -63.39 -31.03
C1C CLA LL . -120.84 -63.52 -31.86
C2C CLA LL . -121.55 -64.75 -31.50
C3C CLA LL . -120.88 -65.33 -30.46
C4C CLA LL . -119.74 -64.46 -30.15
ND CLA LL . -117.50 -62.64 -29.44
C1D CLA LL . -117.73 -63.79 -28.79
C2D CLA LL . -116.83 -63.96 -27.72
C3D CLA LL . -116.01 -62.83 -27.75
C4D CLA LL . -116.46 -62.04 -28.82
MG CLA ML . -106.77 -54.01 -30.36
CHA CLA ML . -109.51 -55.96 -31.31
CHB CLA ML . -107.17 -52.13 -33.16
CHC CLA ML . -103.67 -52.49 -29.88
CHD CLA ML . -105.99 -56.35 -27.94
NA CLA ML . -108.18 -54.04 -32.05
C1A CLA ML . -109.26 -54.89 -32.17
C2A CLA ML . -110.12 -54.44 -33.35
C3A CLA ML . -109.35 -53.26 -33.91
C4A CLA ML . -108.15 -53.12 -33.00
NB CLA ML . -105.62 -52.56 -31.39
C1B CLA ML . -106.05 -51.90 -32.47
C2B CLA ML . -105.07 -50.87 -32.82
C3B CLA ML . -104.07 -50.94 -31.90
C4B CLA ML . -104.41 -52.04 -30.97
NC CLA ML . -105.10 -54.37 -29.13
C1C CLA ML . -103.99 -53.60 -29.04
C2C CLA ML . -103.15 -54.11 -27.97
C3C CLA ML . -103.79 -55.18 -27.42
C4C CLA ML . -105.03 -55.36 -28.16
ND CLA ML . -107.52 -55.78 -29.73
C1D CLA ML . -107.18 -56.56 -28.69
C2D CLA ML . -108.11 -57.62 -28.51
C3D CLA ML . -109.06 -57.43 -29.52
C4D CLA ML . -108.66 -56.31 -30.25
MG CLA NL . -110.00 -73.17 -23.39
CHA CLA NL . -110.65 -73.78 -20.01
CHB CLA NL . -112.63 -70.86 -23.34
CHC CLA NL . -110.00 -72.82 -26.84
CHD CLA NL . -107.93 -75.78 -23.53
NA CLA NL . -111.48 -72.40 -21.85
C1A CLA NL . -111.47 -72.77 -20.52
C2A CLA NL . -112.47 -71.91 -19.74
C3A CLA NL . -113.08 -71.03 -20.82
C4A CLA NL . -112.36 -71.44 -22.09
NB CLA NL . -111.17 -72.01 -24.82
C1B CLA NL . -112.12 -71.13 -24.54
C2B CLA NL . -112.56 -70.49 -25.77
C3B CLA NL . -111.84 -71.01 -26.79
C4B CLA NL . -110.92 -72.00 -26.19
NC CLA NL . -109.13 -74.13 -24.93
C1C CLA NL . -109.19 -73.82 -26.25
C2C CLA NL . -108.30 -74.72 -26.97
C3C CLA NL . -107.70 -75.55 -26.07
C4C CLA NL . -108.23 -75.17 -24.75
ND CLA NL . -109.40 -74.50 -22.11
C1D CLA NL . -108.48 -75.48 -22.27
C2D CLA NL . -108.21 -76.14 -21.05
C3D CLA NL . -109.03 -75.51 -20.11
C4D CLA NL . -109.76 -74.52 -20.80
MG CLA OL . -105.07 -79.76 -48.28
CHA CLA OL . -104.45 -79.08 -51.65
CHB CLA OL . -104.61 -83.06 -48.89
CHC CLA OL . -106.36 -80.61 -45.16
CHD CLA OL . -106.20 -76.52 -47.88
NA CLA OL . -104.59 -80.94 -50.08
C1A CLA OL . -104.30 -80.43 -51.32
C2A CLA OL . -103.78 -81.54 -52.21
C3A CLA OL . -103.86 -82.77 -51.33
C4A CLA OL . -104.38 -82.25 -50.02
NB CLA OL . -105.44 -81.56 -47.22
C1B CLA OL . -105.08 -82.77 -47.69
C2B CLA OL . -105.34 -83.75 -46.65
C3B CLA OL . -105.83 -83.09 -45.56
C4B CLA OL . -105.89 -81.66 -45.94
NC CLA OL . -106.12 -78.73 -46.77
C1C CLA OL . -106.49 -79.25 -45.58
C2C CLA OL . -107.06 -78.17 -44.77
C3C CLA OL . -107.02 -77.03 -45.51
C4C CLA OL . -106.42 -77.39 -46.80
ND CLA OL . -105.31 -78.13 -49.46
C1D CLA OL . -105.69 -76.87 -49.15
C2D CLA OL . -105.54 -76.01 -50.26
C3D CLA OL . -105.05 -76.82 -51.28
C4D CLA OL . -104.93 -78.11 -50.76
MG CLA PL . -106.89 -64.54 -59.28
CHA CLA PL . -110.38 -64.70 -59.48
CHB CLA PL . -106.67 -66.68 -61.90
CHC CLA PL . -103.50 -65.03 -58.70
CHD CLA PL . -107.18 -62.96 -56.22
NA CLA PL . -108.36 -65.58 -60.55
C1A CLA PL . -109.73 -65.41 -60.49
C2A CLA PL . -110.37 -66.10 -61.69
C3A CLA PL . -109.18 -66.73 -62.40
C4A CLA PL . -107.99 -66.31 -61.58
NB CLA PL . -105.35 -65.69 -60.16
C1B CLA PL . -105.52 -66.43 -61.27
C2B CLA PL . -104.23 -66.95 -61.69
C3B CLA PL . -103.29 -66.49 -60.81
C4B CLA PL . -104.03 -65.67 -59.82
NC CLA PL . -105.56 -64.08 -57.72
C1C CLA PL . -104.22 -64.32 -57.72
C2C CLA PL . -103.65 -63.71 -56.51
C3C CLA PL . -104.66 -63.12 -55.82
C4C CLA PL . -105.89 -63.36 -56.57
ND CLA PL . -108.40 -63.95 -58.06
C1D CLA PL . -108.38 -63.24 -56.91
C2D CLA PL . -109.69 -62.89 -56.51
C3D CLA PL . -110.53 -63.43 -57.48
C4D CLA PL . -109.70 -64.08 -58.41
MG CLA QL . -102.24 -67.18 -22.99
CHA CLA QL . -105.10 -65.78 -24.42
CHB CLA QL . -102.32 -64.81 -20.57
CHC CLA QL . -99.03 -68.04 -21.94
CHD CLA QL . -101.82 -69.11 -25.83
NA CLA QL . -103.56 -65.49 -22.54
C1A CLA QL . -104.72 -65.17 -23.23
C2A CLA QL . -105.47 -64.09 -22.46
C3A CLA QL . -104.56 -63.80 -21.28
C4A CLA QL . -103.40 -64.75 -21.46
NB CLA QL . -100.91 -66.50 -21.50
C1B CLA QL . -101.21 -65.57 -20.60
C2B CLA QL . -100.13 -65.46 -19.63
C3B CLA QL . -99.18 -66.36 -19.98
C4B CLA QL . -99.68 -67.05 -21.20
NC CLA QL . -100.69 -68.36 -23.76
C1C CLA QL . -99.50 -68.62 -23.15
C2C CLA QL . -98.76 -69.60 -23.95
C3C CLA QL . -99.53 -69.92 -25.03
C4C CLA QL . -100.75 -69.12 -24.92
ND CLA QL . -103.19 -67.43 -24.76
C1D CLA QL . -102.97 -68.29 -25.77
C2D CLA QL . -104.00 -68.24 -26.73
C3D CLA QL . -104.89 -67.27 -26.25
C4D CLA QL . -104.36 -66.78 -25.05
MG CLA RL . -113.76 -58.00 -24.31
CHA CLA RL . -117.01 -58.99 -23.49
CHB CLA RL . -114.87 -54.83 -24.77
CHC CLA RL . -110.76 -57.08 -25.82
CHD CLA RL . -112.84 -61.32 -24.51
NA CLA RL . -115.72 -57.01 -24.15
C1A CLA RL . -116.89 -57.62 -23.72
C2A CLA RL . -117.96 -56.55 -23.53
C3A CLA RL . -117.26 -55.28 -23.95
C4A CLA RL . -115.87 -55.71 -24.31
NB CLA RL . -112.98 -56.22 -25.17
C1B CLA RL . -113.62 -55.06 -25.16
C2B CLA RL . -112.74 -54.03 -25.69
C3B CLA RL . -111.54 -54.63 -25.99
C4B CLA RL . -111.70 -56.06 -25.65
NC CLA RL . -112.08 -59.03 -25.05
C1C CLA RL . -110.96 -58.46 -25.56
C2C CLA RL . -109.99 -59.52 -25.83
C3C CLA RL . -110.55 -60.71 -25.45
C4C CLA RL . -111.90 -60.40 -24.97
ND CLA RL . -114.67 -59.79 -24.08
C1D CLA RL . -114.16 -61.05 -24.09
C2D CLA RL . -115.13 -62.00 -23.69
C3D CLA RL . -116.28 -61.25 -23.44
C4D CLA RL . -115.97 -59.91 -23.69
MG CLA SL . -86.27 -74.74 -38.32
CHA CLA SL . -88.17 -73.69 -41.07
CHB CLA SL . -83.50 -73.44 -39.78
CHC CLA SL . -84.21 -76.35 -36.04
CHD CLA SL . -88.96 -76.63 -37.25
NA CLA SL . -85.88 -73.69 -40.21
C1A CLA SL . -86.84 -73.30 -41.13
C2A CLA SL . -86.19 -72.39 -42.17
C3A CLA SL . -84.74 -72.35 -41.75
C4A CLA SL . -84.68 -73.20 -40.51
NB CLA SL . -84.19 -74.87 -38.00
C1B CLA SL . -83.29 -74.18 -38.70
C2B CLA SL . -81.97 -74.39 -38.11
C3B CLA SL . -82.13 -75.21 -37.02
C4B CLA SL . -83.58 -75.52 -36.96
NC CLA SL . -86.55 -76.25 -36.89
C1C CLA SL . -85.59 -76.71 -36.03
C2C CLA SL . -86.22 -77.64 -35.10
C3C CLA SL . -87.55 -77.73 -35.42
C4C CLA SL . -87.75 -76.84 -36.57
ND CLA SL . -88.16 -75.13 -38.97
C1D CLA SL . -89.16 -75.83 -38.39
C2D CLA SL . -90.36 -75.68 -39.13
C3D CLA SL . -90.05 -74.84 -40.18
C4D CLA SL . -88.68 -74.53 -40.07
MG CLA TL . -63.06 -52.78 -73.27
CHA CLA TL . -65.11 -55.33 -72.05
CHB CLA TL . -64.38 -50.66 -70.98
CHC CLA TL . -61.64 -50.03 -74.87
CHD CLA TL . -62.29 -54.77 -76.00
NA CLA TL . -64.57 -52.97 -71.69
C1A CLA TL . -65.21 -54.14 -71.33
C2A CLA TL . -65.99 -53.91 -70.04
C3A CLA TL . -65.76 -52.43 -69.75
C4A CLA TL . -64.84 -51.97 -70.87
NB CLA TL . -63.04 -50.69 -72.96
C1B CLA TL . -63.60 -50.09 -71.90
C2B CLA TL . -63.26 -48.68 -71.92
C3B CLA TL . -62.47 -48.46 -73.02
C4B CLA TL . -62.33 -49.77 -73.69
NC CLA TL . -62.13 -52.45 -75.13
C1C CLA TL . -61.57 -51.28 -75.55
C2C CLA TL . -60.90 -51.52 -76.82
C3C CLA TL . -61.07 -52.83 -77.14
C4C CLA TL . -61.86 -53.43 -76.07
ND CLA TL . -63.57 -54.63 -73.94
C1D CLA TL . -63.11 -55.33 -75.00
C2D CLA TL . -63.60 -56.66 -74.96
C3D CLA TL . -64.39 -56.73 -73.82
C4D CLA TL . -64.36 -55.46 -73.22
MG CLA UL . -38.86 -68.20 -97.16
CHA CLA UL . -36.62 -65.55 -96.77
CHB CLA UL . -40.73 -66.27 -99.23
CHC CLA UL . -41.49 -70.49 -97.05
CHD CLA UL . -37.31 -69.85 -94.55
NA CLA UL . -38.70 -66.14 -97.91
C1A CLA UL . -37.64 -65.28 -97.67
C2A CLA UL . -37.79 -64.05 -98.56
C3A CLA UL . -39.10 -64.30 -99.30
C4A CLA UL . -39.55 -65.65 -98.80
NB CLA UL . -40.79 -68.32 -98.00
C1B CLA UL . -41.29 -67.43 -98.86
C2B CLA UL . -42.58 -67.90 -99.35
C3B CLA UL . -42.82 -69.11 -98.76
C4B CLA UL . -41.66 -69.39 -97.87
NC CLA UL . -39.32 -69.88 -95.98
C1C CLA UL . -40.40 -70.70 -96.15
C2C CLA UL . -40.28 -71.82 -95.22
C3C CLA UL . -39.12 -71.66 -94.52
C4C CLA UL . -38.51 -70.41 -95.01
ND CLA UL . -37.32 -67.83 -95.89
C1D CLA UL . -36.75 -68.61 -94.96
C2D CLA UL . -35.57 -68.01 -94.45
C3D CLA UL . -35.47 -66.81 -95.12
C4D CLA UL . -36.56 -66.72 -95.99
MG CLA VL . -28.27 -59.91 -101.61
CHA CLA VL . -31.34 -61.05 -100.39
CHB CLA VL . -29.78 -57.05 -102.62
CHC CLA VL . -25.47 -59.00 -103.47
CHD CLA VL . -26.96 -63.07 -101.19
NA CLA VL . -30.32 -59.13 -101.52
C1A CLA VL . -31.39 -59.76 -100.89
C2A CLA VL . -32.57 -58.80 -100.84
C3A CLA VL . -32.05 -57.57 -101.56
C4A CLA VL . -30.63 -57.91 -101.93
NB CLA VL . -27.74 -58.28 -102.85
C1B CLA VL . -28.52 -57.21 -103.04
C2B CLA VL . -27.79 -56.23 -103.83
C3B CLA VL . -26.55 -56.74 -104.08
C4B CLA VL . -26.52 -58.09 -103.45
NC CLA VL . -26.51 -60.89 -102.24
C1C CLA VL . -25.49 -60.32 -102.93
C2C CLA VL . -24.41 -61.29 -103.03
C3C CLA VL . -24.80 -62.43 -102.40
C4C CLA VL . -26.15 -62.17 -101.89
ND CLA VL . -28.94 -61.71 -100.96
C1D CLA VL . -28.29 -62.87 -100.75
C2D CLA VL . -29.12 -63.82 -100.10
C3D CLA VL . -30.34 -63.17 -99.92
C4D CLA VL . -30.19 -61.88 -100.47
MG CLA WL . -26.95 -42.36 -90.88
CHA CLA WL . -25.52 -40.56 -93.51
CHB CLA WL . -26.17 -39.82 -88.76
CHC CLA WL . -27.67 -44.34 -88.11
CHD CLA WL . -27.08 -45.15 -92.91
NA CLA WL . -25.96 -40.41 -91.10
C1A CLA WL . -25.54 -39.86 -92.30
C2A CLA WL . -25.13 -38.41 -92.06
C3A CLA WL . -25.33 -38.23 -90.58
C4A CLA WL . -25.86 -39.55 -90.09
NB CLA WL . -26.90 -42.10 -88.78
C1B CLA WL . -26.61 -40.94 -88.18
C2B CLA WL . -26.83 -41.08 -86.75
C3B CLA WL . -27.27 -42.35 -86.51
C4B CLA WL . -27.32 -43.02 -87.84
NC CLA WL . -27.31 -44.40 -90.56
C1C CLA WL . -27.64 -44.98 -89.38
C2C CLA WL . -27.94 -46.39 -89.61
C3C CLA WL . -27.78 -46.63 -90.95
C4C CLA WL . -27.37 -45.36 -91.55
ND CLA WL . -26.43 -42.82 -92.77
C1D CLA WL . -26.62 -43.95 -93.49
C2D CLA WL . -26.26 -43.76 -94.84
C3D CLA WL . -25.82 -42.44 -94.92
C4D CLA WL . -25.93 -41.90 -93.63
MG CLA XL . -27.77 -61.98 -83.95
CHA CLA XL . -30.44 -60.10 -82.71
CHB CLA XL . -27.51 -63.54 -80.94
CHC CLA XL . -24.70 -63.38 -84.83
CHD CLA XL . -27.64 -59.91 -86.70
NA CLA XL . -28.85 -61.85 -82.04
C1A CLA XL . -29.96 -61.06 -81.80
C2A CLA XL . -30.56 -61.42 -80.44
C3A CLA XL . -29.60 -62.48 -79.92
C4A CLA XL . -28.59 -62.65 -81.02
NB CLA XL . -26.35 -63.24 -83.01
C1B CLA XL . -26.52 -63.80 -81.80
C2B CLA XL . -25.43 -64.72 -81.54
C3B CLA XL . -24.61 -64.70 -82.63
C4B CLA XL . -25.21 -63.75 -83.59
NC CLA XL . -26.39 -61.68 -85.50
C1C CLA XL . -25.26 -62.39 -85.70
C2C CLA XL . -24.66 -61.96 -86.97
C3C CLA XL . -25.47 -61.00 -87.51
C4C CLA XL . -26.57 -60.82 -86.56
ND CLA XL . -28.77 -60.36 -84.61
C1D CLA XL . -28.67 -59.68 -85.77
C2D CLA XL . -29.70 -58.71 -85.88
C3D CLA XL . -30.44 -58.83 -84.70
C4D CLA XL . -29.83 -59.84 -83.94
MG CLA YL . -37.41 -52.83 -80.82
CHA CLA YL . -39.69 -55.21 -79.66
CHB CLA YL . -39.88 -50.52 -80.85
CHC CLA YL . -35.43 -50.62 -82.65
CHD CLA YL . -35.14 -55.37 -81.43
NA CLA YL . -39.55 -52.86 -80.32
C1A CLA YL . -40.23 -53.93 -79.78
C2A CLA YL . -41.62 -53.48 -79.35
C3A CLA YL . -41.65 -52.02 -79.75
C4A CLA YL . -40.29 -51.76 -80.34
NB CLA YL . -37.65 -50.89 -81.62
C1B CLA YL . -38.74 -50.14 -81.42
C2B CLA YL . -38.51 -48.81 -81.98
C3B CLA YL . -37.25 -48.80 -82.50
C4B CLA YL . -36.69 -50.16 -82.26
NC CLA YL . -35.60 -52.98 -81.87
C1C CLA YL . -34.95 -51.95 -82.48
C2C CLA YL . -33.66 -52.45 -82.97
C3C CLA YL . -33.56 -53.76 -82.62
C4C CLA YL . -34.80 -54.11 -81.94
ND CLA YL . -37.37 -54.85 -80.62
C1D CLA YL . -36.37 -55.73 -80.82
C2D CLA YL . -36.73 -57.03 -80.38
C3D CLA YL . -38.03 -56.89 -79.90
C4D CLA YL . -38.39 -55.55 -80.08
MG CLA ZL . -45.77 -50.62 -97.98
CHA CLA ZL . -44.98 -50.42 -94.58
CHB CLA ZL . -45.82 -47.23 -98.13
CHC CLA ZL . -47.25 -50.69 -101.12
CHD CLA ZL . -46.38 -54.00 -97.60
NA CLA ZL . -45.44 -49.01 -96.51
C1A CLA ZL . -45.04 -49.19 -95.20
C2A CLA ZL . -44.69 -47.83 -94.60
C3A CLA ZL . -44.98 -46.86 -95.73
C4A CLA ZL . -45.43 -47.73 -96.87
NB CLA ZL . -46.43 -49.17 -99.37
C1B CLA ZL . -46.27 -47.86 -99.21
C2B CLA ZL . -46.70 -47.18 -100.42
C3B CLA ZL . -47.11 -48.13 -101.30
C4B CLA ZL . -46.94 -49.43 -100.63
NC CLA ZL . -46.67 -52.10 -99.16
C1C CLA ZL . -47.15 -51.93 -100.42
C2C CLA ZL . -47.56 -53.23 -100.94
C3C CLA ZL . -47.32 -54.16 -99.98
C4C CLA ZL . -46.75 -53.44 -98.83
ND CLA ZL . -45.72 -51.96 -96.46
C1D CLA ZL . -45.90 -53.30 -96.47
C2D CLA ZL . -45.59 -53.86 -95.21
C3D CLA ZL . -45.21 -52.78 -94.42
C4D CLA ZL . -45.31 -51.63 -95.21
MG CLA AM . -47.30 -46.65 -87.52
CHA CLA AM . -47.46 -49.65 -89.29
CHB CLA AM . -50.69 -46.50 -87.50
CHC CLA AM . -47.23 -43.34 -86.42
CHD CLA AM . -43.91 -46.49 -88.18
NA CLA AM . -48.90 -47.93 -88.30
C1A CLA AM . -48.71 -49.15 -88.92
C2A CLA AM . -50.06 -49.84 -89.10
C3A CLA AM . -51.04 -48.81 -88.54
C4A CLA AM . -50.18 -47.67 -88.08
NB CLA AM . -48.74 -45.18 -87.05
C1B CLA AM . -50.06 -45.41 -87.07
C2B CLA AM . -50.75 -44.23 -86.54
C3B CLA AM . -49.80 -43.31 -86.21
C4B CLA AM . -48.49 -43.92 -86.55
NC CLA AM . -45.82 -45.16 -87.34
C1C CLA AM . -45.99 -43.92 -86.81
C2C CLA AM . -44.69 -43.26 -86.74
C3C CLA AM . -43.76 -44.12 -87.22
C4C CLA AM . -44.48 -45.34 -87.61
ND CLA AM . -45.94 -47.77 -88.52
C1D CLA AM . -44.60 -47.65 -88.62
C2D CLA AM . -44.03 -48.77 -89.26
C3D CLA AM . -45.11 -49.60 -89.54
C4D CLA AM . -46.26 -48.96 -89.08
MG CLA BM . -46.79 -65.59 -90.84
CHA CLA BM . -49.95 -67.08 -90.65
CHB CLA BM . -45.93 -67.09 -87.91
CHC CLA BM . -43.95 -63.61 -90.54
CHD CLA BM . -47.95 -63.56 -93.38
NA CLA BM . -47.82 -66.94 -89.43
C1A CLA BM . -49.08 -67.47 -89.62
C2A CLA BM . -49.33 -68.55 -88.56
C3A CLA BM . -48.07 -68.50 -87.72
C4A CLA BM . -47.21 -67.46 -88.38
NB CLA BM . -45.22 -65.39 -89.43
C1B CLA BM . -45.07 -66.18 -88.37
C2B CLA BM . -43.81 -65.87 -87.71
C3B CLA BM . -43.20 -64.89 -88.44
C4B CLA BM . -44.12 -64.57 -89.56
NC CLA BM . -46.08 -63.86 -91.80
C1C CLA BM . -44.87 -63.26 -91.57
C2C CLA BM . -44.71 -62.19 -92.54
C3C CLA BM . -45.81 -62.17 -93.34
C4C CLA BM . -46.69 -63.23 -92.86
ND CLA BM . -48.54 -65.32 -91.82
C1D CLA BM . -48.84 -64.54 -92.88
C2D CLA BM . -50.14 -64.82 -93.36
C3D CLA BM . -50.63 -65.82 -92.52
C4D CLA BM . -49.62 -66.10 -91.59
MG CLA CM . -20.49 -60.38 -95.82
CHA CLA CM . -22.19 -62.68 -97.84
CHB CLA CM . -23.48 -59.32 -94.57
CHC CLA CM . -18.99 -57.61 -94.34
CHD CLA CM . -17.61 -60.99 -97.60
NA CLA CM . -22.60 -60.93 -96.16
C1A CLA CM . -23.03 -61.96 -96.98
C2A CLA CM . -24.53 -62.17 -96.76
C3A CLA CM . -24.88 -61.10 -95.75
C4A CLA CM . -23.59 -60.40 -95.46
NB CLA CM . -21.16 -58.73 -94.66
C1B CLA CM . -22.42 -58.58 -94.24
C2B CLA CM . -22.48 -57.43 -93.34
C3B CLA CM . -21.22 -56.91 -93.24
C4B CLA CM . -20.35 -57.76 -94.10
NC CLA CM . -18.62 -59.45 -95.96
C1C CLA CM . -18.20 -58.39 -95.23
C2C CLA CM . -16.79 -58.15 -95.53
C3C CLA CM . -16.39 -59.08 -96.43
C4C CLA CM . -17.56 -59.92 -96.71
ND CLA CM . -19.96 -61.54 -97.38
C1D CLA CM . -18.75 -61.77 -97.94
C2D CLA CM . -18.81 -62.81 -98.89
C3D CLA CM . -20.14 -63.21 -98.90
C4D CLA CM . -20.82 -62.41 -97.97
MG CLA DM . -20.24 -43.69 -96.72
CHA CLA DM . -20.75 -44.19 -100.13
CHB CLA DM . -22.98 -45.59 -96.07
CHC CLA DM . -20.25 -42.68 -93.39
CHD CLA DM . -17.92 -41.23 -97.45
NA CLA DM . -21.69 -44.76 -97.96
C1A CLA DM . -21.64 -44.88 -99.33
C2A CLA DM . -22.69 -45.90 -99.79
C3A CLA DM . -23.37 -46.30 -98.49
C4A CLA DM . -22.65 -45.51 -97.43
NB CLA DM . -21.44 -44.07 -95.02
C1B CLA DM . -22.46 -44.95 -95.01
C2B CLA DM . -22.96 -45.07 -93.66
C3B CLA DM . -22.20 -44.26 -92.85
C4B CLA DM . -21.21 -43.61 -93.74
NC CLA DM . -19.26 -42.20 -95.61
C1C CLA DM . -19.36 -42.00 -94.27
C2C CLA DM . -18.41 -40.96 -93.87
C3C CLA DM . -17.75 -40.55 -94.99
C4C CLA DM . -18.30 -41.33 -96.11
ND CLA DM . -19.47 -42.84 -98.39
C1D CLA DM . -18.49 -41.94 -98.54
C2D CLA DM . -18.15 -41.78 -99.91
C3D CLA DM . -19.01 -42.64 -100.60
C4D CLA DM . -19.80 -43.27 -99.64
MG CLA EM . -45.35 -59.63 -81.89
CHA CLA EM . -43.64 -61.77 -84.06
CHB CLA EM . -48.18 -60.11 -83.70
CHC CLA EM . -46.93 -57.00 -80.25
CHD CLA EM . -42.32 -58.66 -80.53
NA CLA EM . -45.86 -60.80 -83.67
C1A CLA EM . -45.01 -61.67 -84.34
C2A CLA EM . -45.80 -62.47 -85.37
C3A CLA EM . -47.20 -61.90 -85.24
C4A CLA EM . -47.10 -60.88 -84.14
NB CLA EM . -47.25 -58.71 -81.99
C1B CLA EM . -48.25 -59.14 -82.77
C2B CLA EM . -49.44 -58.38 -82.48
C3B CLA EM . -49.14 -57.49 -81.49
C4B CLA EM . -47.70 -57.70 -81.17
NC CLA EM . -44.72 -58.08 -80.61
C1C CLA EM . -45.54 -57.17 -80.02
C2C CLA EM . -44.73 -56.36 -79.10
C3C CLA EM . -43.45 -56.82 -79.17
C4C CLA EM . -43.44 -57.92 -80.14
ND CLA EM . -43.39 -60.07 -82.19
C1D CLA EM . -42.30 -59.67 -81.52
C2D CLA EM . -41.14 -60.38 -81.96
C3D CLA EM . -41.61 -61.22 -82.96
C4D CLA EM . -42.99 -61.01 -83.08
MG CLA FM . -54.03 -53.62 -93.76
CHA CLA FM . -55.30 -50.42 -94.39
CHB CLA FM . -51.42 -52.25 -92.10
CHC CLA FM . -52.35 -56.65 -93.73
CHD CLA FM . -56.31 -54.90 -96.03
NA CLA FM . -53.43 -51.56 -93.29
C1A CLA FM . -54.15 -50.42 -93.59
C2A CLA FM . -53.51 -49.23 -92.89
C3A CLA FM . -52.30 -49.83 -92.19
C4A CLA FM . -52.37 -51.30 -92.54
NB CLA FM . -52.18 -54.31 -93.03
C1B CLA FM . -51.33 -53.54 -92.33
C2B CLA FM . -50.23 -54.38 -91.86
C3B CLA FM . -50.46 -55.66 -92.30
C4B CLA FM . -51.73 -55.60 -93.07
NC CLA FM . -54.28 -55.47 -94.73
C1C CLA FM . -53.52 -56.58 -94.53
C2C CLA FM . -54.12 -57.69 -95.28
C3C CLA FM . -55.22 -57.21 -95.92
C4C CLA FM . -55.33 -55.79 -95.58
ND CLA FM . -55.48 -52.88 -94.98
C1D CLA FM . -56.37 -53.52 -95.76
C2D CLA FM . -57.33 -52.60 -96.28
C3D CLA FM . -56.96 -51.36 -95.77
C4D CLA FM . -55.82 -51.57 -94.98
MG CLA GM . -25.69 -60.33 -75.35
CHA CLA GM . -29.03 -61.05 -76.05
CHB CLA GM . -25.80 -62.51 -72.76
CHC CLA GM . -22.65 -59.18 -74.15
CHD CLA GM . -25.85 -57.66 -77.53
NA CLA GM . -27.24 -61.64 -74.50
C1A CLA GM . -28.51 -61.82 -75.02
C2A CLA GM . -29.18 -62.98 -74.29
C3A CLA GM . -28.15 -63.39 -73.26
C4A CLA GM . -26.99 -62.47 -73.50
NB CLA GM . -24.45 -60.78 -73.70
C1B CLA GM . -24.69 -61.76 -72.83
C2B CLA GM . -23.56 -61.88 -71.92
C3B CLA GM . -22.64 -60.96 -72.29
C4B CLA GM . -23.21 -60.23 -73.45
NC CLA GM . -24.46 -58.68 -75.76
C1C CLA GM . -23.24 -58.44 -75.21
C2C CLA GM . -22.66 -57.27 -75.87
C3C CLA GM . -23.54 -56.84 -76.81
C4C CLA GM . -24.69 -57.74 -76.75
ND CLA GM . -27.10 -59.49 -76.54
C1D CLA GM . -27.01 -58.48 -77.43
C2D CLA GM . -28.20 -58.34 -78.18
C3D CLA GM . -29.04 -59.33 -77.68
C4D CLA GM . -28.34 -60.01 -76.69
MG CLA HM . -59.93 -70.41 -79.29
CHA CLA HM . -58.17 -72.05 -81.82
CHB CLA HM . -59.86 -67.56 -81.13
CHC CLA HM . -61.03 -68.53 -76.58
CHD CLA HM . -59.37 -73.11 -77.20
NA CLA HM . -59.10 -69.87 -81.25
C1A CLA HM . -58.49 -70.74 -82.14
C2A CLA HM . -58.28 -70.03 -83.46
C3A CLA HM . -58.81 -68.62 -83.20
C4A CLA HM . -59.30 -68.67 -81.78
NB CLA HM . -60.35 -68.37 -78.93
C1B CLA HM . -60.30 -67.43 -79.88
C2B CLA HM . -60.81 -66.18 -79.33
C3B CLA HM . -61.16 -66.41 -78.02
C4B CLA HM . -60.86 -67.85 -77.77
NC CLA HM . -60.15 -70.77 -77.23
C1C CLA HM . -60.67 -69.90 -76.32
C2C CLA HM . -60.77 -70.57 -75.03
C3C CLA HM . -60.32 -71.85 -75.20
C4C CLA HM . -59.91 -71.97 -76.59
ND CLA HM . -58.98 -72.20 -79.41
C1D CLA HM . -58.90 -73.21 -78.54
C2D CLA HM . -58.29 -74.36 -79.12
C3D CLA HM . -57.97 -73.96 -80.42
C4D CLA HM . -58.40 -72.62 -80.57
MG CLA IM . 10.93 -49.97 -85.20
CHA CLA IM . 8.24 -48.75 -83.33
CHB CLA IM . 12.54 -47.02 -84.74
CHC CLA IM . 13.30 -50.79 -87.61
CHD CLA IM . 8.97 -52.63 -86.21
NA CLA IM . 10.45 -48.09 -84.15
C1A CLA IM . 9.32 -47.86 -83.39
C2A CLA IM . 9.47 -46.55 -82.64
C3A CLA IM . 10.82 -46.04 -83.12
C4A CLA IM . 11.33 -47.09 -84.06
NB CLA IM . 12.63 -49.03 -86.03
C1B CLA IM . 13.11 -47.85 -85.62
C2B CLA IM . 14.37 -47.58 -86.29
C3B CLA IM . 14.63 -48.65 -87.12
C4B CLA IM . 13.49 -49.59 -86.95
NC CLA IM . 11.09 -51.46 -86.67
C1C CLA IM . 12.16 -51.65 -87.50
C2C CLA IM . 11.94 -52.87 -88.26
C3C CLA IM . 10.74 -53.39 -87.88
C4C CLA IM . 10.20 -52.49 -86.87
ND CLA IM . 9.02 -50.60 -84.89
C1D CLA IM . 8.40 -51.73 -85.27
C2D CLA IM . 7.13 -51.83 -84.67
C3D CLA IM . 7.00 -50.69 -83.88
C4D CLA IM . 8.18 -49.95 -84.04
MG CLA JM . 19.07 -39.60 -84.56
CHA CLA JM . 16.17 -40.42 -86.31
CHB CLA JM . 17.80 -36.51 -83.96
CHC CLA JM . 22.16 -38.45 -83.44
CHD CLA JM . 20.57 -42.46 -85.79
NA CLA JM . 17.19 -38.57 -85.08
C1A CLA JM . 16.13 -39.15 -85.74
C2A CLA JM . 14.93 -38.20 -85.68
C3A CLA JM . 15.49 -36.98 -84.96
C4A CLA JM . 16.92 -37.36 -84.63
NB CLA JM . 19.83 -37.76 -83.83
C1B CLA JM . 19.09 -36.67 -83.63
C2B CLA JM . 19.90 -35.65 -82.99
C3B CLA JM . 21.15 -36.17 -82.81
C4B CLA JM . 21.11 -37.54 -83.37
NC CLA JM . 21.04 -40.34 -84.62
C1C CLA JM . 22.13 -39.74 -84.05
C2C CLA JM . 23.27 -40.64 -84.20
C3C CLA JM . 22.84 -41.77 -84.84
C4C CLA JM . 21.42 -41.57 -85.12
ND CLA JM . 18.55 -41.13 -85.79
C1D CLA JM . 19.21 -42.25 -86.12
C2D CLA JM . 18.39 -43.13 -86.85
C3D CLA JM . 17.16 -42.47 -86.97
C4D CLA JM . 17.31 -41.24 -86.31
MG CLA KM . 10.07 -43.84 -69.76
CHA CLA KM . 13.27 -44.82 -70.76
CHB CLA KM . 10.52 -40.87 -71.34
CHC CLA KM . 7.23 -42.51 -68.25
CHD CLA KM . 9.94 -46.55 -67.64
NA CLA KM . 11.71 -42.95 -70.92
C1A CLA KM . 12.89 -43.58 -71.26
C2A CLA KM . 13.66 -42.71 -72.26
C3A CLA KM . 12.78 -41.48 -72.39
C4A CLA KM . 11.59 -41.76 -71.50
NB CLA KM . 9.07 -41.97 -69.80
C1B CLA KM . 9.43 -40.96 -70.58
C2B CLA KM . 8.44 -39.89 -70.46
C3B CLA KM . 7.47 -40.33 -69.60
C4B CLA KM . 7.89 -41.68 -69.16
NC CLA KM . 8.81 -44.43 -68.20
C1C CLA KM . 7.68 -43.78 -67.79
C2C CLA KM . 7.02 -44.59 -66.77
C3C CLA KM . 7.76 -45.72 -66.60
C4C CLA KM . 8.91 -45.62 -67.50
ND CLA KM . 11.29 -45.37 -69.25
C1D CLA KM . 11.09 -46.44 -68.45
C2D CLA KM . 12.16 -47.35 -68.54
C3D CLA KM . 13.06 -46.77 -69.44
C4D CLA KM . 12.50 -45.56 -69.84
MG CLA LM . 0.21 -38.96 -73.68
CHA CLA LM . 2.36 -40.45 -71.35
CHB CLA LM . 1.65 -35.96 -73.01
CHC CLA LM . -2.31 -37.30 -75.39
CHD CLA LM . -1.63 -41.88 -73.78
NA CLA LM . 1.82 -38.27 -72.34
C1A CLA LM . 2.61 -39.09 -71.54
C2A CLA LM . 3.76 -38.27 -70.96
C3A CLA LM . 3.49 -36.87 -71.49
C4A CLA LM . 2.25 -37.02 -72.34
NB CLA LM . -0.24 -36.94 -74.10
C1B CLA LM . 0.55 -35.91 -73.78
C2B CLA LM . 0.01 -34.69 -74.36
C3B CLA LM . -1.12 -35.03 -75.05
C4B CLA LM . -1.29 -36.50 -74.89
NC CLA LM . -1.66 -39.50 -74.44
C1C CLA LM . -2.49 -38.68 -75.15
C2C CLA LM . -3.63 -39.48 -75.63
C3C CLA LM . -3.44 -40.75 -75.19
C4C CLA LM . -2.19 -40.77 -74.43
ND CLA LM . 0.29 -40.78 -72.78
C1D CLA LM . -0.46 -41.88 -72.98
C2D CLA LM . 0.06 -42.99 -72.27
C3D CLA LM . 1.18 -42.49 -71.60
C4D CLA LM . 1.28 -41.13 -71.94
MG CLA MM . 0.83 -35.88 -90.40
CHA CLA MM . -0.27 -36.40 -87.12
CHB CLA MM . -1.09 -33.08 -90.56
CHC CLA MM . 1.28 -35.66 -93.84
CHD CLA MM . 2.18 -39.05 -90.42
NA CLA MM . -0.53 -34.85 -89.00
C1A CLA MM . -0.74 -35.22 -87.69
C2A CLA MM . -1.56 -34.12 -87.00
C3A CLA MM . -1.80 -33.12 -88.10
C4A CLA MM . -1.10 -33.70 -89.31
NB CLA MM . 0.17 -34.58 -91.94
C1B CLA MM . -0.54 -33.47 -91.72
C2B CLA MM . -0.68 -32.74 -92.97
C3B CLA MM . -0.02 -33.44 -93.94
C4B CLA MM . 0.55 -34.64 -93.26
NC CLA MM . 1.60 -37.15 -91.88
C1C CLA MM . 1.74 -36.85 -93.20
C2C CLA MM . 2.44 -37.95 -93.86
C3C CLA MM . 2.70 -38.90 -92.92
C4C CLA MM . 2.15 -38.39 -91.65
ND CLA MM . 0.95 -37.43 -89.11
C1D CLA MM . 1.61 -38.60 -89.20
C2D CLA MM . 1.58 -39.31 -87.97
C3D CLA MM . 0.86 -38.49 -87.11
C4D CLA MM . 0.48 -37.35 -87.84
MG CLA NM . -8.14 -31.24 -80.20
CHA CLA NM . -8.52 -28.37 -78.25
CHB CLA NM . -5.01 -31.65 -78.95
CHC CLA NM . -7.40 -33.65 -82.60
CHD CLA NM . -11.00 -30.39 -81.94
NA CLA NM . -6.91 -30.13 -78.76
C1A CLA NM . -7.32 -29.03 -78.03
C2A CLA NM . -6.26 -28.71 -76.98
C3A CLA NM . -5.18 -29.74 -77.24
C4A CLA NM . -5.71 -30.57 -78.38
NB CLA NM . -6.46 -32.42 -80.68
C1B CLA NM . -5.33 -32.45 -79.96
C2B CLA NM . -4.45 -33.48 -80.48
C3B CLA NM . -5.09 -34.09 -81.53
C4B CLA NM . -6.40 -33.40 -81.66
NC CLA NM . -9.04 -31.91 -81.98
C1C CLA NM . -8.61 -32.92 -82.76
C2C CLA NM . -9.60 -33.16 -83.82
C3C CLA NM . -10.61 -32.26 -83.64
C4C CLA NM . -10.26 -31.45 -82.47
ND CLA NM . -9.49 -29.73 -80.16
C1D CLA NM . -10.63 -29.56 -80.85
C2D CLA NM . -11.37 -28.45 -80.37
C3D CLA NM . -10.58 -27.94 -79.33
C4D CLA NM . -9.44 -28.74 -79.24
MG CLA OM . 0.15 -50.66 -86.97
CHA CLA OM . 0.42 -52.88 -84.29
CHB CLA OM . -1.84 -52.88 -88.57
CHC CLA OM . 0.40 -48.88 -89.95
CHD CLA OM . 2.72 -48.78 -85.62
NA CLA OM . -0.63 -52.66 -86.48
C1A CLA OM . -0.44 -53.32 -85.29
C2A CLA OM . -1.34 -54.56 -85.26
C3A CLA OM . -2.01 -54.53 -86.62
C4A CLA OM . -1.48 -53.29 -87.28
NB CLA OM . -0.60 -50.88 -88.94
C1B CLA OM . -1.45 -51.84 -89.31
C2B CLA OM . -1.87 -51.60 -90.67
C3B CLA OM . -1.26 -50.45 -91.10
C4B CLA OM . -0.43 -49.98 -89.97
NC CLA OM . 1.36 -49.09 -87.66
C1C CLA OM . 1.26 -48.48 -88.88
C2C CLA OM . 2.19 -47.36 -88.91
C3C CLA OM . 2.84 -47.32 -87.71
C4C CLA OM . 2.32 -48.42 -86.91
ND CLA OM . 1.35 -50.76 -85.34
C1D CLA OM . 2.26 -49.89 -84.87
C2D CLA OM . 2.73 -50.28 -83.59
C3D CLA OM . 2.03 -51.46 -83.30
C4D CLA OM . 1.21 -51.72 -84.40
MG CLA PM . 22.71 -39.88 -76.02
CHA CLA PM . 22.37 -41.09 -79.27
CHB CLA PM . 20.28 -37.59 -76.63
CHC CLA PM . 23.47 -38.17 -73.09
CHD CLA PM . 25.61 -41.74 -75.68
NA CLA PM . 21.47 -39.40 -77.75
C1A CLA PM . 21.45 -40.08 -78.95
C2A CLA PM . 20.29 -39.58 -79.80
C3A CLA PM . 19.68 -38.48 -78.95
C4A CLA PM . 20.51 -38.47 -77.70
NB CLA PM . 21.99 -38.15 -75.04
C1B CLA PM . 20.94 -37.43 -75.48
C2B CLA PM . 20.62 -36.41 -74.50
C3B CLA PM . 21.50 -36.54 -73.46
C4B CLA PM . 22.40 -37.67 -73.82
NC CLA PM . 24.29 -39.93 -74.62
C1C CLA PM . 24.37 -39.20 -73.48
C2C CLA PM . 25.54 -39.64 -72.73
C3C CLA PM . 26.14 -40.63 -73.43
C4C CLA PM . 25.35 -40.82 -74.65
ND CLA PM . 23.80 -41.13 -77.18
C1D CLA PM . 24.88 -41.88 -76.89
C2D CLA PM . 25.20 -42.75 -77.96
C3D CLA PM . 24.25 -42.49 -78.93
C4D CLA PM . 23.41 -41.49 -78.42
MG CLA QM . -4.07 -45.79 -78.38
CHA CLA QM . -5.31 -44.02 -75.64
CHB CLA QM . -2.61 -48.00 -76.27
CHC CLA QM . -2.21 -47.18 -80.97
CHD CLA QM . -4.97 -43.16 -80.43
NA CLA QM . -3.97 -45.98 -76.20
C1A CLA QM . -4.63 -45.19 -75.29
C2A CLA QM . -4.51 -45.79 -73.90
C3A CLA QM . -3.64 -47.02 -74.13
C4A CLA QM . -3.38 -47.03 -75.61
NB CLA QM . -2.64 -47.33 -78.56
C1B CLA QM . -2.27 -48.12 -77.55
C2B CLA QM . -1.39 -49.17 -78.05
C3B CLA QM . -1.25 -48.98 -79.40
C4B CLA QM . -2.06 -47.78 -79.73
NC CLA QM . -3.65 -45.25 -80.37
C1C CLA QM . -2.93 -45.98 -81.26
C2C CLA QM . -3.00 -45.32 -82.57
C3C CLA QM . -3.77 -44.21 -82.43
C4C CLA QM . -4.19 -44.15 -81.03
ND CLA QM . -4.92 -43.97 -78.15
C1D CLA QM . -5.32 -43.05 -79.07
C2D CLA QM . -6.05 -42.02 -78.46
C3D CLA QM . -6.09 -42.33 -77.11
C4D CLA QM . -5.39 -43.54 -76.95
MG CLA RM . -6.01 -37.10 -89.55
CHA CLA RM . -5.88 -38.17 -92.88
CHB CLA RM . -6.02 -33.88 -90.62
CHC CLA RM . -5.42 -35.94 -86.33
CHD CLA RM . -5.31 -40.33 -88.53
NA CLA RM . -5.95 -36.13 -91.52
C1A CLA RM . -5.99 -36.79 -92.74
C2A CLA RM . -6.17 -35.76 -93.85
C3A CLA RM . -6.20 -34.44 -93.11
C4A CLA RM . -6.06 -34.81 -91.67
NB CLA RM . -5.75 -35.20 -88.65
C1B CLA RM . -5.87 -34.04 -89.30
C2B CLA RM . -5.78 -32.95 -88.35
C3B CLA RM . -5.62 -33.49 -87.11
C4B CLA RM . -5.60 -34.97 -87.31
NC CLA RM . -5.45 -37.98 -87.73
C1C CLA RM . -5.32 -37.34 -86.54
C2C CLA RM . -5.06 -38.35 -85.51
C3C CLA RM . -5.03 -39.57 -86.11
C4C CLA RM . -5.27 -39.35 -87.53
ND CLA RM . -5.64 -38.88 -90.45
C1D CLA RM . -5.48 -40.10 -89.92
C2D CLA RM . -5.44 -41.10 -90.93
C3D CLA RM . -5.60 -40.40 -92.12
C4D CLA RM . -5.72 -39.04 -91.79
MG CLA SM . 10.48 -44.46 -60.06
CHA CLA SM . 7.74 -46.51 -60.80
CHB CLA SM . 8.86 -43.35 -57.30
CHC CLA SM . 12.79 -41.90 -59.63
CHD CLA SM . 11.76 -45.10 -63.20
NA CLA SM . 8.52 -44.88 -59.15
C1A CLA SM . 7.61 -45.82 -59.60
C2A CLA SM . 6.50 -45.97 -58.56
C3A CLA SM . 6.88 -44.96 -57.50
C4A CLA SM . 8.16 -44.35 -57.99
NB CLA SM . 10.74 -42.88 -58.68
C1B CLA SM . 9.97 -42.70 -57.60
C2B CLA SM . 10.53 -41.61 -56.81
C3B CLA SM . 11.66 -41.18 -57.43
C4B CLA SM . 11.80 -42.00 -58.66
NC CLA SM . 12.01 -43.63 -61.23
C1C CLA SM . 12.87 -42.65 -60.84
C2C CLA SM . 13.87 -42.46 -61.89
C3C CLA SM . 13.59 -43.35 -62.88
C4C CLA SM . 12.40 -44.09 -62.47
ND CLA SM . 9.92 -45.54 -61.68
C1D CLA SM . 10.57 -45.78 -62.84
C2D CLA SM . 9.89 -46.74 -63.61
C3D CLA SM . 8.77 -47.08 -62.87
C4D CLA SM . 8.81 -46.32 -61.69
MG CLA TM . -13.88 -49.91 -77.85
CHA CLA TM . -11.18 -48.38 -76.24
CHB CLA TM . -14.24 -47.15 -79.79
CHC CLA TM . -16.98 -51.01 -78.99
CHD CLA TM . -13.91 -52.34 -75.40
NA CLA TM . -12.84 -47.98 -78.00
C1A CLA TM . -11.70 -47.62 -77.29
C2A CLA TM . -11.15 -46.32 -77.86
C3A CLA TM . -12.14 -45.96 -78.95
C4A CLA TM . -13.14 -47.09 -78.94
NB CLA TM . -15.36 -49.16 -79.17
C1B CLA TM . -15.23 -48.05 -79.89
C2B CLA TM . -16.35 -47.92 -80.80
C3B CLA TM . -17.16 -49.01 -80.60
C4B CLA TM . -16.51 -49.83 -79.54
NC CLA TM . -15.23 -51.42 -77.28
C1C CLA TM . -16.38 -51.73 -77.91
C2C CLA TM . -16.95 -52.93 -77.29
C3C CLA TM . -16.10 -53.32 -76.29
C4C CLA TM . -14.99 -52.35 -76.28
ND CLA TM . -12.83 -50.31 -76.17
C1D CLA TM . -12.88 -51.37 -75.34
C2D CLA TM . -11.82 -51.33 -74.40
C3D CLA TM . -11.10 -50.17 -74.71
C4D CLA TM . -11.75 -49.57 -75.79
MG CLA UM . -16.96 -57.54 -85.96
CHA CLA UM . -20.12 -56.56 -84.82
CHB CLA UM . -15.67 -54.65 -84.71
CHC CLA UM . -13.97 -58.05 -87.64
CHD CLA UM . -18.44 -60.07 -87.77
NA CLA UM . -17.79 -55.81 -84.89
C1A CLA UM . -19.11 -55.68 -84.46
C2A CLA UM . -19.23 -54.45 -83.56
C3A CLA UM . -17.82 -53.88 -83.57
C4A CLA UM . -17.03 -54.82 -84.43
NB CLA UM . -15.13 -56.50 -86.14
C1B CLA UM . -14.84 -55.38 -85.47
C2B CLA UM . -13.45 -55.02 -85.72
C3B CLA UM . -12.93 -55.97 -86.55
C4B CLA UM . -14.02 -56.93 -86.82
NC CLA UM . -16.31 -58.84 -87.46
C1C CLA UM . -15.05 -58.92 -87.96
C2C CLA UM . -14.99 -60.05 -88.89
C3C CLA UM . -16.22 -60.63 -88.93
C4C CLA UM . -17.07 -59.85 -88.02
ND CLA UM . -18.85 -58.21 -86.28
C1D CLA UM . -19.28 -59.29 -86.95
C2D CLA UM . -20.67 -59.48 -86.76
C3D CLA UM . -21.07 -58.44 -85.92
C4D CLA UM . -19.92 -57.68 -85.66
MG CLA VM . 16.71 -22.35 -75.00
CHA CLA VM . 13.70 -24.06 -74.56
CHB CLA VM . 17.92 -24.99 -76.74
CHC CLA VM . 19.93 -21.06 -74.87
CHD CLA VM . 15.69 -20.02 -72.65
NA CLA VM . 15.90 -24.31 -75.59
C1A CLA VM . 14.60 -24.73 -75.36
C2A CLA VM . 14.37 -26.04 -76.13
C3A CLA VM . 15.72 -26.31 -76.78
C4A CLA VM . 16.57 -25.14 -76.36
NB CLA VM . 18.61 -22.96 -75.69
C1B CLA VM . 18.81 -24.05 -76.43
C2B CLA VM . 20.20 -24.08 -76.86
C3B CLA VM . 20.82 -22.97 -76.35
C4B CLA VM . 19.77 -22.23 -75.59
NC CLA VM . 17.65 -20.80 -73.93
C1C CLA VM . 18.94 -20.42 -74.07
C2C CLA VM . 19.17 -19.22 -73.26
C3C CLA VM . 17.99 -18.92 -72.64
C4C CLA VM . 17.02 -19.93 -73.07
ND CLA VM . 15.08 -22.06 -73.83
C1D CLA VM . 14.76 -21.04 -73.01
C2D CLA VM . 13.43 -21.15 -72.53
C3D CLA VM . 12.95 -22.33 -73.11
C4D CLA VM . 13.99 -22.86 -73.90
MG CLA WM . -91.76 -52.71 -53.27
CHA CLA WM . -89.94 -54.09 -55.91
CHB CLA WM . -89.55 -50.13 -53.14
CHC CLA WM . -93.05 -51.65 -50.22
CHD CLA WM . -93.52 -55.67 -52.99
NA CLA WM . -89.95 -52.17 -54.39
C1A CLA WM . -89.45 -52.86 -55.50
C2A CLA WM . -88.34 -52.03 -56.13
C3A CLA WM . -88.24 -50.81 -55.23
C4A CLA WM . -89.31 -51.02 -54.19
NB CLA WM . -91.33 -51.15 -51.90
C1B CLA WM . -90.43 -50.19 -52.13
C2B CLA WM . -90.51 -49.20 -51.07
C3B CLA WM . -91.50 -49.60 -50.21
C4B CLA WM . -92.04 -50.87 -50.76
NC CLA WM . -93.05 -53.53 -51.84
C1C CLA WM . -93.49 -52.91 -50.71
C2C CLA WM . -94.49 -53.76 -50.06
C3C CLA WM . -94.64 -54.88 -50.83
C4C CLA WM . -93.71 -54.73 -51.96
ND CLA WM . -91.76 -54.51 -54.20
C1D CLA WM . -92.59 -55.57 -54.05
C2D CLA WM . -92.34 -56.55 -55.04
C3D CLA WM . -91.31 -56.02 -55.82
C4D CLA WM . -90.97 -54.78 -55.27
MG CLA XM . -84.36 -77.20 -75.35
CHA CLA XM . -84.23 -80.07 -73.37
CHB CLA XM . -81.61 -78.27 -77.04
CHC CLA XM . -83.96 -74.09 -76.88
CHD CLA XM . -86.67 -75.84 -73.18
NA CLA XM . -83.07 -78.97 -75.22
C1A CLA XM . -83.27 -80.05 -74.38
C2A CLA XM . -82.30 -81.17 -74.76
C3A CLA XM . -81.50 -80.56 -75.90
C4A CLA XM . -82.08 -79.19 -76.09
NB CLA XM . -82.98 -76.34 -76.73
C1B CLA XM . -82.00 -77.03 -77.31
C2B CLA XM . -81.36 -76.18 -78.31
C3B CLA XM . -82.00 -74.97 -78.30
C4B CLA XM . -83.07 -75.08 -77.27
NC CLA XM . -85.17 -75.28 -75.07
C1C CLA XM . -84.93 -74.18 -75.83
C2C CLA XM . -85.79 -73.10 -75.38
C3C CLA XM . -86.56 -73.58 -74.36
C4C CLA XM . -86.16 -74.97 -74.15
ND CLA XM . -85.27 -77.76 -73.64
C1D CLA XM . -86.24 -77.16 -72.93
C2D CLA XM . -86.71 -78.01 -71.90
C3D CLA XM . -85.97 -79.19 -72.02
C4D CLA XM . -85.08 -78.99 -73.09
MG CLA YM . -78.41 -70.06 -85.58
CHA CLA YM . -79.02 -72.95 -83.72
CHB CLA YM . -80.77 -68.43 -83.75
CHC CLA YM . -78.43 -67.38 -87.81
CHD CLA YM . -76.58 -71.93 -87.83
NA CLA YM . -79.74 -70.62 -83.93
C1A CLA YM . -79.75 -71.84 -83.28
C2A CLA YM . -80.64 -71.75 -82.04
C3A CLA YM . -81.17 -70.34 -82.10
C4A CLA YM . -80.53 -69.74 -83.33
NB CLA YM . -79.46 -68.22 -85.74
C1B CLA YM . -80.31 -67.76 -84.82
C2B CLA YM . -80.72 -66.41 -85.17
C3B CLA YM . -80.06 -66.07 -86.32
C4B CLA YM . -79.24 -67.25 -86.70
NC CLA YM . -77.64 -69.72 -87.50
C1C CLA YM . -77.71 -68.55 -88.20
C2C CLA YM . -76.91 -68.69 -89.42
C3C CLA YM . -76.40 -69.95 -89.44
C4C CLA YM . -76.86 -70.61 -88.21
ND CLA YM . -77.89 -72.00 -85.80
C1D CLA YM . -77.07 -72.59 -86.69
C2D CLA YM . -76.85 -73.95 -86.33
C3D CLA YM . -77.58 -74.16 -85.17
C4D CLA YM . -78.22 -72.94 -84.86
MG CLA ZM . -71.75 -57.00 -82.90
CHA CLA ZM . -73.95 -56.95 -85.62
CHB CLA ZM . -70.00 -54.46 -84.32
CHC CLA ZM . -69.13 -57.44 -80.66
CHD CLA ZM . -73.13 -60.00 -81.89
NA CLA ZM . -71.95 -55.83 -84.76
C1A CLA ZM . -72.99 -55.95 -85.67
C2A CLA ZM . -72.88 -54.81 -86.68
C3A CLA ZM . -71.63 -54.07 -86.26
C4A CLA ZM . -71.15 -54.81 -85.04
NB CLA ZM . -69.86 -56.09 -82.58
C1B CLA ZM . -69.43 -55.03 -83.26
C2B CLA ZM . -68.17 -54.58 -82.68
C3B CLA ZM . -67.89 -55.40 -81.61
C4B CLA ZM . -68.99 -56.39 -81.55
NC CLA ZM . -71.21 -58.48 -81.51
C1C CLA ZM . -70.15 -58.43 -80.67
C2C CLA ZM . -70.22 -59.58 -79.77
C3C CLA ZM . -71.33 -60.30 -80.10
C4C CLA ZM . -71.96 -59.60 -81.21
ND CLA ZM . -73.20 -58.25 -83.56
C1D CLA ZM . -73.72 -59.37 -83.01
C2D CLA ZM . -74.85 -59.81 -83.73
C3D CLA ZM . -75.00 -58.89 -84.77
C4D CLA ZM . -73.97 -57.96 -84.64
MG CLA AN . -69.72 -72.53 -70.48
CHA CLA AN . -67.73 -75.37 -70.94
CHB CLA AN . -69.62 -71.95 -73.82
CHC CLA AN . -71.06 -69.35 -70.05
CHD CLA AN . -69.19 -72.77 -67.07
NA CLA AN . -68.78 -73.55 -72.19
C1A CLA AN . -68.08 -74.75 -72.14
C2A CLA AN . -67.82 -75.23 -73.56
C3A CLA AN . -68.41 -74.12 -74.42
C4A CLA AN . -68.98 -73.14 -73.44
NB CLA AN . -70.23 -70.92 -71.75
C1B CLA AN . -70.15 -70.98 -73.08
C2B CLA AN . -70.73 -69.76 -73.64
C3B CLA AN . -71.16 -68.99 -72.60
C4B CLA AN . -70.83 -69.75 -71.36
NC CLA AN . -70.05 -71.27 -68.83
C1C CLA AN . -70.66 -70.05 -68.87
C2C CLA AN . -70.83 -69.58 -67.50
C3C CLA AN . -70.32 -70.53 -66.67
C4C CLA AN . -69.82 -71.61 -67.51
ND CLA AN . -68.69 -73.76 -69.23
C1D CLA AN . -68.64 -73.80 -67.89
C2D CLA AN . -67.94 -74.95 -67.43
C3D CLA AN . -67.57 -75.61 -68.59
C4D CLA AN . -68.03 -74.86 -69.68
MG CLA BN . -77.37 -64.78 -64.92
CHA CLA BN . -77.92 -62.18 -67.18
CHB CLA BN . -79.00 -63.01 -62.54
CHC CLA BN . -76.27 -66.95 -62.44
CHD CLA BN . -75.15 -66.20 -67.15
NA CLA BN . -78.35 -62.81 -64.86
C1A CLA BN . -78.51 -61.96 -65.95
C2A CLA BN . -79.44 -60.82 -65.55
C3A CLA BN . -79.75 -61.12 -64.09
C4A CLA BN . -79.00 -62.39 -63.79
NB CLA BN . -77.60 -64.92 -62.82
C1B CLA BN . -78.39 -64.11 -62.10
C2B CLA BN . -78.43 -64.58 -60.74
C3B CLA BN . -77.67 -65.72 -60.66
C4B CLA BN . -77.13 -65.93 -62.02
NC CLA BN . -75.94 -66.31 -64.81
C1C CLA BN . -75.70 -67.10 -63.73
C2C CLA BN . -74.74 -68.13 -64.11
C3C CLA BN . -74.42 -67.94 -65.43
C4C CLA BN . -75.19 -66.77 -65.87
ND CLA BN . -76.65 -64.34 -66.75
C1D CLA BN . -75.83 -65.03 -67.58
C2D CLA BN . -75.74 -64.42 -68.85
C3D CLA BN . -76.54 -63.29 -68.76
C4D CLA BN . -77.07 -63.26 -67.46
MG CLA CN . -92.50 -62.88 -76.21
CHA CLA CN . -92.96 -60.83 -73.42
CHB CLA CN . -92.82 -60.17 -78.22
CHC CLA CN . -92.77 -64.90 -79.03
CHD CLA CN . -92.89 -65.66 -74.18
NA CLA CN . -92.85 -60.74 -75.86
C1A CLA CN . -92.91 -60.13 -74.63
C2A CLA CN . -92.92 -58.62 -74.82
C3A CLA CN . -92.90 -58.45 -76.32
C4A CLA CN . -92.84 -59.87 -76.86
NB CLA CN . -92.77 -62.56 -78.28
C1B CLA CN . -92.80 -61.35 -78.84
C2B CLA CN . -92.84 -61.50 -80.29
C3B CLA CN . -92.82 -62.84 -80.57
C4B CLA CN . -92.77 -63.54 -79.26
NC CLA CN . -92.79 -64.94 -76.55
C1C CLA CN . -92.81 -65.55 -77.76
C2C CLA CN . -92.89 -66.99 -77.55
C3C CLA CN . -92.91 -67.22 -76.21
C4C CLA CN . -92.86 -65.91 -75.56
ND CLA CN . -92.86 -63.24 -74.26
C1D CLA CN . -92.89 -64.39 -73.56
C2D CLA CN . -92.99 -64.14 -72.17
C3D CLA CN . -93.01 -62.76 -72.05
C4D CLA CN . -92.94 -62.24 -73.34
MG CLA DN . -88.66 -54.99 -67.49
CHA CLA DN . -89.42 -55.24 -64.09
CHB CLA DN . -87.20 -58.05 -67.35
CHC CLA DN . -87.24 -54.55 -70.63
CHD CLA DN . -89.51 -51.65 -67.40
NA CLA DN . -88.35 -56.48 -65.90
C1A CLA DN . -88.83 -56.38 -64.61
C2A CLA DN . -88.61 -57.71 -63.90
C3A CLA DN . -87.90 -58.55 -64.94
C4A CLA DN . -87.80 -57.66 -66.14
NB CLA DN . -87.40 -56.13 -68.75
C1B CLA DN . -87.02 -57.38 -68.48
C2B CLA DN . -86.30 -57.91 -69.63
C3B CLA DN . -86.29 -56.94 -70.61
C4B CLA DN . -87.02 -55.78 -70.03
NC CLA DN . -88.41 -53.37 -68.79
C1C CLA DN . -87.86 -53.41 -70.03
C2C CLA DN . -88.01 -52.10 -70.66
C3C CLA DN . -88.65 -51.29 -69.78
C4C CLA DN . -88.90 -52.09 -68.58
ND CLA DN . -89.32 -53.68 -66.09
C1D CLA DN . -89.71 -52.39 -66.21
C2D CLA DN . -90.27 -51.92 -65.00
C3D CLA DN . -90.20 -52.99 -64.12
C4D CLA DN . -89.60 -54.05 -64.83
MG CLA EN . -88.08 -75.30 -67.45
CHA CLA EN . -90.88 -76.25 -65.59
CHB CLA EN . -89.95 -72.93 -68.99
CHC CLA EN . -85.60 -74.77 -69.84
CHD CLA EN . -86.44 -78.15 -66.38
NA CLA EN . -90.17 -74.67 -67.31
C1A CLA EN . -91.10 -75.16 -66.40
C2A CLA EN . -92.36 -74.30 -66.47
C3A CLA EN . -92.04 -73.28 -67.55
C4A CLA EN . -90.64 -73.63 -67.98
NB CLA EN . -87.85 -74.05 -69.15
C1B CLA EN . -88.74 -73.13 -69.50
C2B CLA EN . -88.19 -72.35 -70.61
C3B CLA EN . -86.94 -72.83 -70.87
C4B CLA EN . -86.72 -73.95 -69.92
NC CLA EN . -86.32 -76.30 -68.02
C1C CLA EN . -85.43 -75.88 -68.96
C2C CLA EN . -84.28 -76.77 -68.95
C3C CLA EN . -84.50 -77.72 -67.99
C4C CLA EN . -85.80 -77.43 -67.40
ND CLA EN . -88.51 -76.89 -66.27
C1D CLA EN . -87.73 -77.91 -65.85
C2D CLA EN . -88.40 -78.69 -64.87
C3D CLA EN . -89.64 -78.08 -64.72
C4D CLA EN . -89.67 -77.00 -65.60
MG CLA FN . -69.54 -72.63 -86.24
CHA CLA FN . -68.39 -75.89 -86.71
CHB CLA FN . -67.05 -71.49 -88.25
CHC CLA FN . -70.14 -69.34 -85.28
CHD CLA FN . -71.57 -73.75 -83.68
NA CLA FN . -67.90 -73.58 -87.36
C1A CLA FN . -67.69 -74.94 -87.46
C2A CLA FN . -66.61 -75.21 -88.50
C3A CLA FN . -66.21 -73.80 -88.94
C4A CLA FN . -67.10 -72.89 -88.15
NB CLA FN . -68.70 -70.73 -86.70
C1B CLA FN . -67.75 -70.56 -87.61
C2B CLA FN . -67.52 -69.12 -87.78
C3B CLA FN . -68.39 -68.47 -86.95
C4B CLA FN . -69.17 -69.52 -86.25
NC CLA FN . -70.67 -71.70 -84.73
C1C CLA FN . -70.82 -70.36 -84.56
C2C CLA FN . -71.79 -70.15 -83.49
C3C CLA FN . -72.20 -71.36 -83.05
C4C CLA FN . -71.48 -72.36 -83.83
ND CLA FN . -69.93 -74.40 -85.34
C1D CLA FN . -70.82 -74.73 -84.39
C2D CLA FN . -70.88 -76.13 -84.20
C3D CLA FN . -69.94 -76.65 -85.09
C4D CLA FN . -69.37 -75.56 -85.77
MG CLA GN . -69.95 -58.05 -90.77
CHA CLA GN . -68.43 -58.42 -93.90
CHB CLA GN . -67.09 -56.64 -89.60
CHC CLA GN . -71.08 -58.31 -87.49
CHD CLA GN . -72.53 -60.10 -91.82
NA CLA GN . -67.99 -57.59 -91.64
C1A CLA GN . -67.64 -57.76 -92.97
C2A CLA GN . -66.29 -57.09 -93.22
C3A CLA GN . -65.90 -56.56 -91.85
C4A CLA GN . -67.06 -56.94 -90.96
NB CLA GN . -69.18 -57.56 -88.86
C1B CLA GN . -68.02 -56.93 -88.67
C2B CLA GN . -67.87 -56.61 -87.26
C3B CLA GN . -69.00 -57.07 -86.62
C4B CLA GN . -69.84 -57.68 -87.66
NC CLA GN . -71.53 -59.05 -89.82
C1C CLA GN . -71.84 -58.97 -88.50
C2C CLA GN . -73.10 -59.69 -88.26
C3C CLA GN . -73.51 -60.18 -89.46
C4C CLA GN . -72.51 -59.79 -90.45
ND CLA GN . -70.43 -59.07 -92.45
C1D CLA GN . -71.53 -59.78 -92.77
C2D CLA GN . -71.52 -60.16 -94.13
C3D CLA GN . -70.33 -59.65 -94.64
C4D CLA GN . -69.68 -59.00 -93.58
MG CLA HN . -83.01 -69.13 -61.61
CHA CLA HN . -84.03 -67.37 -64.44
CHB CLA HN . -86.14 -68.84 -60.33
CHC CLA HN . -81.92 -70.22 -58.49
CHD CLA HN . -79.72 -68.78 -62.63
NA CLA HN . -84.87 -68.21 -62.30
C1A CLA HN . -85.07 -67.62 -63.54
C2A CLA HN . -86.55 -67.32 -63.73
C3A CLA HN . -87.17 -67.78 -62.42
C4A CLA HN . -86.00 -68.32 -61.63
NB CLA HN . -83.90 -69.46 -59.72
C1B CLA HN . -85.21 -69.33 -59.49
C2B CLA HN . -85.51 -69.78 -58.14
C3B CLA HN . -84.33 -70.19 -57.57
C4B CLA HN . -83.28 -69.97 -58.61
NC CLA HN . -81.13 -69.44 -60.71
C1C CLA HN . -80.92 -69.94 -59.47
C2C CLA HN . -79.48 -70.13 -59.28
C3C CLA HN . -78.86 -69.74 -60.42
C4C CLA HN . -79.91 -69.29 -61.34
ND CLA HN . -82.03 -68.27 -63.15
C1D CLA HN . -80.72 -68.28 -63.49
C2D CLA HN . -80.52 -67.71 -64.77
C3D CLA HN . -81.79 -67.33 -65.20
C4D CLA HN . -82.69 -67.67 -64.19
MG CLA IN . -95.45 -62.42 -68.41
CHA CLA IN . -98.25 -64.02 -69.75
CHB CLA IN . -96.80 -59.42 -69.27
CHC CLA IN . -92.45 -60.79 -67.76
CHD CLA IN . -93.85 -65.47 -68.19
NA CLA IN . -97.31 -61.79 -69.40
C1A CLA IN . -98.34 -62.63 -69.79
C2A CLA IN . -99.54 -61.79 -70.21
C3A CLA IN . -99.03 -60.37 -70.07
C4A CLA IN . -97.64 -60.52 -69.54
NB CLA IN . -94.76 -60.43 -68.52
C1B CLA IN . -95.54 -59.38 -68.84
C2B CLA IN . -94.77 -58.15 -68.67
C3B CLA IN . -93.52 -58.50 -68.23
C4B CLA IN . -93.52 -59.98 -68.14
NC CLA IN . -93.48 -63.03 -68.05
C1C CLA IN . -92.44 -62.22 -67.75
C2C CLA IN . -91.27 -63.05 -67.44
C3C CLA IN . -91.65 -64.35 -67.55
C4C CLA IN . -93.06 -64.34 -67.94
ND CLA IN . -95.88 -64.35 -68.87
C1D CLA IN . -95.20 -65.48 -68.64
C2D CLA IN . -95.97 -66.62 -68.97
C3D CLA IN . -97.19 -66.11 -69.40
C4D CLA IN . -97.11 -64.72 -69.34
MG CLA JN . -62.39 -70.84 -66.89
CHA CLA JN . -60.04 -73.42 -66.68
CHB CLA JN . -61.77 -70.59 -70.22
CHC CLA JN . -64.13 -67.83 -67.07
CHD CLA JN . -62.46 -70.67 -63.44
NA CLA JN . -61.06 -71.88 -68.30
C1A CLA JN . -60.25 -72.97 -67.98
C2A CLA JN . -59.67 -73.56 -69.27
C3A CLA JN . -60.23 -72.63 -70.34
C4A CLA JN . -61.08 -71.64 -69.60
NB CLA JN . -62.85 -69.45 -68.42
C1B CLA JN . -62.54 -69.62 -69.71
C2B CLA JN . -63.13 -68.56 -70.49
C3B CLA JN . -63.83 -67.75 -69.63
C4B CLA JN . -63.64 -68.33 -68.27
NC CLA JN . -63.15 -69.48 -65.49
C1C CLA JN . -63.88 -68.36 -65.78
C2C CLA JN . -64.34 -67.77 -64.52
C3C CLA JN . -63.89 -68.56 -63.50
C4C CLA JN . -63.12 -69.64 -64.12
ND CLA JN . -61.47 -71.78 -65.36
C1D CLA JN . -61.66 -71.69 -64.03
C2D CLA JN . -60.93 -72.68 -63.33
C3D CLA JN . -60.28 -73.40 -64.33
C4D CLA JN . -60.62 -72.82 -65.55
MG CLA KN . -89.90 -66.41 -50.67
CHA CLA KN . -92.40 -66.69 -48.24
CHB CLA KN . -89.48 -69.78 -50.57
CHC CLA KN . -86.97 -66.19 -52.52
CHD CLA KN . -89.90 -62.99 -50.23
NA CLA KN . -90.83 -68.05 -49.54
C1A CLA KN . -91.89 -67.92 -48.66
C2A CLA KN . -92.39 -69.31 -48.26
C3A CLA KN . -91.45 -70.24 -48.99
C4A CLA KN . -90.53 -69.32 -49.76
NB CLA KN . -88.46 -67.78 -51.40
C1B CLA KN . -88.57 -69.11 -51.27
C2B CLA KN . -87.49 -69.74 -52.02
C3B CLA KN . -86.75 -68.75 -52.60
C4B CLA KN . -87.38 -67.46 -52.20
NC CLA KN . -88.64 -64.84 -51.26
C1C CLA KN . -87.55 -64.97 -52.06
C2C CLA KN . -87.04 -63.62 -52.34
C3C CLA KN . -87.85 -62.73 -51.72
C4C CLA KN . -88.87 -63.50 -51.02
ND CLA KN . -90.89 -65.08 -49.50
C1D CLA KN . -90.86 -63.73 -49.50
C2D CLA KN . -91.86 -63.21 -48.64
C3D CLA KN . -92.50 -64.33 -48.11
C4D CLA KN . -91.88 -65.46 -48.66
MG CLA LN . -94.51 -76.47 -49.79
CHA CLA LN . -94.52 -77.57 -46.47
CHB CLA LN . -95.90 -73.54 -48.79
CHC CLA LN . -95.20 -75.59 -53.08
CHD CLA LN . -93.75 -79.69 -50.81
NA CLA LN . -95.14 -75.65 -47.85
C1A CLA LN . -94.98 -76.26 -46.62
C2A CLA LN . -95.32 -75.27 -45.51
C3A CLA LN . -95.77 -74.04 -46.29
C4A CLA LN . -95.60 -74.41 -47.72
NB CLA LN . -95.42 -74.82 -50.75
C1B CLA LN . -95.85 -73.73 -50.10
C2B CLA LN . -96.28 -72.74 -51.09
C3B CLA LN . -96.09 -73.29 -52.33
C4B CLA LN . -95.54 -74.65 -52.11
NC CLA LN . -94.49 -77.48 -51.63
C1C CLA LN . -94.74 -76.91 -52.84
C2C CLA LN . -94.49 -77.91 -53.88
C3C CLA LN . -94.08 -79.06 -53.26
C4C CLA LN . -94.09 -78.78 -51.82
ND CLA LN . -94.22 -78.27 -48.90
C1D CLA LN . -93.83 -79.45 -49.41
C2D CLA LN . -93.56 -80.39 -48.39
C3D CLA LN . -93.81 -79.71 -47.20
C4D CLA LN . -94.22 -78.42 -47.55
#